data_2LUE
#
_entry.id   2LUE
#
loop_
_entity.id
_entity.type
_entity.pdbx_description
1 polymer 'Microtubule-associated proteins 1A/1B light chain 3B'
2 polymer Optineurin
#
loop_
_entity_poly.entity_id
_entity_poly.type
_entity_poly.pdbx_seq_one_letter_code
_entity_poly.pdbx_strand_id
1 'polypeptide(L)'
;GAMGKTFKQRRTFEQRVEDVRLIREQHPTKIPVIIERYKGEKQLPVLDKTKFLVPDHVNMSELIKIIRRRLQLNANQAFF
LLVNGHSMVSVSTPISEVYESEKDEDGFLYMVYASQETF
;
A
2 'polypeptide(L)' N(SEP)(SEP)G(SEP)(SEP)ED(SEP)FVEIRMAE B
#
# COMPACT_ATOMS: atom_id res chain seq x y z
N GLY A 1 4.54 -26.59 11.62
CA GLY A 1 4.36 -26.17 10.24
C GLY A 1 4.09 -24.67 10.19
N ALA A 2 4.87 -23.97 9.37
CA ALA A 2 4.78 -22.53 9.16
C ALA A 2 3.45 -22.14 8.52
N MET A 3 3.10 -20.86 8.60
CA MET A 3 1.89 -20.30 8.04
C MET A 3 2.08 -18.79 7.93
N GLY A 4 2.29 -18.29 6.71
CA GLY A 4 2.49 -16.88 6.48
C GLY A 4 1.13 -16.22 6.39
N LYS A 5 0.67 -15.63 7.49
CA LYS A 5 -0.62 -14.97 7.57
C LYS A 5 -0.51 -13.49 7.18
N THR A 6 -1.14 -13.11 6.06
CA THR A 6 -1.14 -11.74 5.57
C THR A 6 -1.90 -10.84 6.56
N PHE A 7 -1.87 -9.53 6.32
CA PHE A 7 -2.55 -8.52 7.14
C PHE A 7 -4.03 -8.88 7.29
N LYS A 8 -4.71 -9.26 6.21
CA LYS A 8 -6.14 -9.58 6.29
C LYS A 8 -6.45 -10.83 7.12
N GLN A 9 -5.47 -11.74 7.26
CA GLN A 9 -5.64 -12.95 8.05
C GLN A 9 -5.42 -12.62 9.52
N ARG A 10 -4.44 -11.77 9.83
CA ARG A 10 -4.15 -11.38 11.22
C ARG A 10 -5.11 -10.29 11.73
N ARG A 11 -5.95 -9.71 10.87
CA ARG A 11 -6.91 -8.68 11.24
C ARG A 11 -8.21 -9.03 10.53
N THR A 12 -9.20 -9.51 11.29
CA THR A 12 -10.50 -9.91 10.77
C THR A 12 -11.18 -8.72 10.09
N PHE A 13 -12.28 -8.94 9.37
CA PHE A 13 -13.01 -7.89 8.67
C PHE A 13 -13.42 -6.76 9.63
N GLU A 14 -13.93 -7.10 10.82
CA GLU A 14 -14.33 -6.12 11.83
C GLU A 14 -13.14 -5.24 12.20
N GLN A 15 -12.02 -5.87 12.56
CA GLN A 15 -10.79 -5.19 12.92
C GLN A 15 -10.34 -4.29 11.76
N ARG A 16 -10.61 -4.69 10.51
CA ARG A 16 -10.23 -3.95 9.32
C ARG A 16 -11.03 -2.66 9.19
N VAL A 17 -12.37 -2.70 9.24
CA VAL A 17 -13.16 -1.47 9.10
C VAL A 17 -12.82 -0.50 10.23
N GLU A 18 -12.68 -1.03 11.45
CA GLU A 18 -12.34 -0.30 12.67
C GLU A 18 -10.97 0.36 12.50
N ASP A 19 -10.00 -0.35 11.95
CA ASP A 19 -8.64 0.15 11.72
C ASP A 19 -8.68 1.28 10.70
N VAL A 20 -9.39 1.10 9.59
CA VAL A 20 -9.49 2.11 8.55
C VAL A 20 -10.12 3.38 9.11
N ARG A 21 -11.30 3.29 9.72
CA ARG A 21 -11.97 4.47 10.26
C ARG A 21 -11.12 5.13 11.35
N LEU A 22 -10.50 4.35 12.24
CA LEU A 22 -9.67 4.92 13.30
C LEU A 22 -8.50 5.65 12.66
N ILE A 23 -7.89 5.08 11.61
CA ILE A 23 -6.79 5.71 10.89
C ILE A 23 -7.30 7.01 10.27
N ARG A 24 -8.51 7.04 9.72
CA ARG A 24 -9.09 8.25 9.13
C ARG A 24 -9.31 9.31 10.21
N GLU A 25 -9.52 8.91 11.46
CA GLU A 25 -9.75 9.79 12.60
C GLU A 25 -8.42 10.37 13.12
N GLN A 26 -7.44 9.52 13.45
CA GLN A 26 -6.14 9.93 13.98
C GLN A 26 -5.28 10.58 12.90
N HIS A 27 -5.30 10.04 11.68
CA HIS A 27 -4.53 10.51 10.53
C HIS A 27 -5.47 10.85 9.37
N PRO A 28 -6.28 11.91 9.51
CA PRO A 28 -7.22 12.34 8.48
C PRO A 28 -6.50 12.86 7.23
N THR A 29 -5.23 13.22 7.35
CA THR A 29 -4.38 13.74 6.29
C THR A 29 -3.66 12.61 5.54
N LYS A 30 -3.89 11.33 5.89
CA LYS A 30 -3.27 10.17 5.26
C LYS A 30 -4.34 9.21 4.79
N ILE A 31 -4.07 8.51 3.70
CA ILE A 31 -4.97 7.55 3.09
C ILE A 31 -4.37 6.15 3.31
N PRO A 32 -5.15 5.21 3.89
CA PRO A 32 -4.76 3.82 4.13
C PRO A 32 -4.82 3.00 2.83
N VAL A 33 -3.65 2.66 2.29
CA VAL A 33 -3.50 1.89 1.07
C VAL A 33 -2.63 0.67 1.37
N ILE A 34 -3.02 -0.49 0.85
CA ILE A 34 -2.34 -1.78 0.98
C ILE A 34 -1.44 -1.91 -0.23
N ILE A 35 -0.18 -2.27 -0.01
CA ILE A 35 0.81 -2.48 -1.05
C ILE A 35 1.24 -3.92 -0.87
N GLU A 36 0.87 -4.79 -1.81
CA GLU A 36 1.19 -6.22 -1.77
C GLU A 36 1.97 -6.63 -3.03
N ARG A 37 2.89 -7.57 -2.85
CA ARG A 37 3.73 -8.11 -3.92
C ARG A 37 2.87 -9.04 -4.76
N TYR A 38 2.94 -8.95 -6.09
CA TYR A 38 2.17 -9.81 -6.98
C TYR A 38 2.53 -11.27 -6.73
N LYS A 39 1.55 -12.17 -6.85
CA LYS A 39 1.71 -13.60 -6.64
C LYS A 39 2.72 -14.27 -7.58
N GLY A 40 3.05 -13.65 -8.71
CA GLY A 40 4.00 -14.16 -9.69
C GLY A 40 5.28 -13.33 -9.73
N GLU A 41 5.44 -12.36 -8.84
CA GLU A 41 6.60 -11.49 -8.75
C GLU A 41 7.76 -12.31 -8.18
N LYS A 42 8.65 -12.76 -9.05
CA LYS A 42 9.80 -13.58 -8.66
C LYS A 42 11.10 -12.80 -8.73
N GLN A 43 11.19 -11.86 -9.66
CA GLN A 43 12.37 -11.04 -9.83
C GLN A 43 12.43 -10.03 -8.69
N LEU A 44 11.35 -9.25 -8.54
CA LEU A 44 11.30 -8.20 -7.54
C LEU A 44 11.11 -8.76 -6.12
N PRO A 45 11.68 -8.09 -5.11
CA PRO A 45 11.59 -8.51 -3.72
C PRO A 45 10.23 -8.19 -3.10
N VAL A 46 9.97 -8.74 -1.91
CA VAL A 46 8.73 -8.51 -1.19
C VAL A 46 8.88 -7.24 -0.35
N LEU A 47 7.83 -6.43 -0.28
CA LEU A 47 7.83 -5.19 0.48
C LEU A 47 7.91 -5.55 1.98
N ASP A 48 8.68 -4.79 2.76
CA ASP A 48 8.86 -5.03 4.20
C ASP A 48 7.56 -5.00 5.00
N LYS A 49 6.58 -4.23 4.55
CA LYS A 49 5.28 -4.08 5.19
C LYS A 49 4.20 -4.07 4.12
N THR A 50 2.94 -3.94 4.53
CA THR A 50 1.80 -3.95 3.61
C THR A 50 0.89 -2.73 3.82
N LYS A 51 0.67 -2.25 5.05
CA LYS A 51 -0.21 -1.09 5.30
C LYS A 51 0.60 0.20 5.16
N PHE A 52 0.25 1.09 4.22
CA PHE A 52 0.93 2.38 4.00
C PHE A 52 -0.02 3.55 4.27
N LEU A 53 0.54 4.73 4.62
CA LEU A 53 -0.18 5.97 4.90
C LEU A 53 0.37 7.01 3.95
N VAL A 54 -0.37 7.34 2.90
CA VAL A 54 0.11 8.31 1.92
C VAL A 54 -0.67 9.62 2.07
N PRO A 55 -0.03 10.79 1.97
CA PRO A 55 -0.75 12.05 2.08
C PRO A 55 -1.54 12.26 0.80
N ASP A 56 -2.77 12.73 0.91
CA ASP A 56 -3.64 12.97 -0.23
C ASP A 56 -3.08 14.00 -1.19
N HIS A 57 -2.15 14.87 -0.77
CA HIS A 57 -1.54 15.89 -1.63
C HIS A 57 -0.48 15.36 -2.59
N VAL A 58 -0.16 14.06 -2.57
CA VAL A 58 0.87 13.49 -3.45
C VAL A 58 0.30 12.78 -4.69
N ASN A 59 1.21 12.47 -5.60
CA ASN A 59 1.05 11.82 -6.89
C ASN A 59 1.79 10.50 -6.89
N MET A 60 1.40 9.65 -7.85
CA MET A 60 2.00 8.35 -7.97
C MET A 60 3.49 8.39 -8.30
N SER A 61 3.99 9.38 -9.06
CA SER A 61 5.42 9.44 -9.37
C SER A 61 6.24 9.40 -8.06
N GLU A 62 5.80 10.16 -7.06
CA GLU A 62 6.41 10.23 -5.76
C GLU A 62 6.22 8.93 -4.99
N LEU A 63 4.99 8.41 -4.89
CA LEU A 63 4.77 7.16 -4.17
C LEU A 63 5.65 6.05 -4.74
N ILE A 64 5.75 5.97 -6.08
CA ILE A 64 6.58 5.02 -6.81
C ILE A 64 8.01 5.21 -6.30
N LYS A 65 8.55 6.43 -6.33
CA LYS A 65 9.91 6.69 -5.87
C LYS A 65 10.08 6.33 -4.39
N ILE A 66 9.09 6.51 -3.52
CA ILE A 66 9.22 6.19 -2.09
C ILE A 66 9.42 4.67 -1.97
N ILE A 67 8.59 3.88 -2.65
CA ILE A 67 8.72 2.44 -2.62
C ILE A 67 10.07 2.11 -3.23
N ARG A 68 10.49 2.75 -4.33
CA ARG A 68 11.78 2.48 -4.94
C ARG A 68 12.89 2.77 -3.94
N ARG A 69 12.82 3.86 -3.15
CA ARG A 69 13.84 4.19 -2.17
C ARG A 69 14.01 3.08 -1.14
N ARG A 70 12.95 2.72 -0.39
CA ARG A 70 13.13 1.67 0.64
C ARG A 70 13.34 0.28 0.06
N LEU A 71 12.70 -0.05 -1.06
CA LEU A 71 12.85 -1.36 -1.70
C LEU A 71 14.18 -1.45 -2.47
N GLN A 72 14.92 -0.34 -2.59
CA GLN A 72 16.21 -0.19 -3.26
C GLN A 72 16.17 -0.81 -4.66
N LEU A 73 15.11 -0.49 -5.40
CA LEU A 73 14.85 -0.96 -6.76
C LEU A 73 16.00 -0.63 -7.69
N ASN A 74 16.36 -1.55 -8.58
CA ASN A 74 17.44 -1.37 -9.55
C ASN A 74 17.05 -0.28 -10.55
N ALA A 75 18.03 0.28 -11.23
CA ALA A 75 17.84 1.31 -12.24
C ALA A 75 17.80 0.65 -13.62
N ASN A 76 18.43 -0.51 -13.76
CA ASN A 76 18.49 -1.28 -14.99
C ASN A 76 17.19 -2.06 -15.19
N GLN A 77 16.37 -2.21 -14.15
CA GLN A 77 15.09 -2.93 -14.22
C GLN A 77 13.96 -1.94 -13.92
N ALA A 78 12.79 -2.18 -14.49
CA ALA A 78 11.61 -1.34 -14.33
C ALA A 78 10.46 -2.14 -13.70
N PHE A 79 9.38 -1.48 -13.29
CA PHE A 79 8.21 -2.14 -12.70
C PHE A 79 6.98 -1.25 -12.88
N PHE A 80 5.81 -1.80 -12.57
CA PHE A 80 4.53 -1.12 -12.65
C PHE A 80 3.75 -1.47 -11.39
N LEU A 81 2.77 -0.62 -11.10
CA LEU A 81 1.88 -0.73 -9.95
C LEU A 81 0.47 -0.79 -10.49
N LEU A 82 -0.28 -1.79 -10.06
CA LEU A 82 -1.64 -2.05 -10.45
C LEU A 82 -2.51 -1.67 -9.25
N VAL A 83 -3.56 -0.88 -9.47
CA VAL A 83 -4.46 -0.44 -8.41
C VAL A 83 -5.64 -1.40 -8.36
N ASN A 84 -5.94 -1.94 -7.18
CA ASN A 84 -7.00 -2.92 -6.90
C ASN A 84 -6.79 -4.23 -7.68
N GLY A 85 -5.75 -4.31 -8.53
CA GLY A 85 -5.37 -5.43 -9.37
C GLY A 85 -5.39 -5.04 -10.85
N HIS A 86 -5.60 -3.76 -11.18
CA HIS A 86 -5.69 -3.21 -12.53
C HIS A 86 -4.79 -1.99 -12.72
N SER A 87 -3.94 -2.01 -13.73
CA SER A 87 -3.00 -0.96 -14.10
C SER A 87 -3.65 -0.03 -15.13
N MET A 88 -4.42 0.97 -14.68
CA MET A 88 -5.11 1.93 -15.56
C MET A 88 -4.94 3.40 -15.16
N VAL A 89 -4.25 3.68 -14.06
CA VAL A 89 -4.02 5.03 -13.57
C VAL A 89 -2.70 5.58 -14.12
N SER A 90 -2.63 6.88 -14.36
CA SER A 90 -1.43 7.53 -14.84
C SER A 90 -0.55 7.89 -13.63
N VAL A 91 0.76 7.87 -13.85
CA VAL A 91 1.76 8.15 -12.82
C VAL A 91 1.64 9.59 -12.27
N SER A 92 1.00 10.49 -13.02
CA SER A 92 0.83 11.88 -12.63
C SER A 92 -0.54 12.18 -12.01
N THR A 93 -1.36 11.19 -11.66
CA THR A 93 -2.67 11.41 -11.07
C THR A 93 -2.53 11.52 -9.53
N PRO A 94 -3.22 12.50 -8.88
CA PRO A 94 -3.15 12.63 -7.44
C PRO A 94 -3.88 11.47 -6.77
N ILE A 95 -3.26 10.94 -5.71
CA ILE A 95 -3.81 9.81 -4.99
C ILE A 95 -5.18 10.11 -4.36
N SER A 96 -5.55 11.38 -4.16
CA SER A 96 -6.85 11.76 -3.59
C SER A 96 -7.99 11.24 -4.48
N GLU A 97 -7.98 11.64 -5.76
CA GLU A 97 -8.98 11.20 -6.70
C GLU A 97 -8.81 9.71 -6.96
N VAL A 98 -7.56 9.20 -7.03
CA VAL A 98 -7.41 7.76 -7.28
C VAL A 98 -8.09 6.97 -6.14
N TYR A 99 -7.90 7.41 -4.88
CA TYR A 99 -8.46 6.81 -3.69
C TYR A 99 -9.97 6.73 -3.82
N GLU A 100 -10.64 7.86 -4.04
CA GLU A 100 -12.10 7.77 -4.15
C GLU A 100 -12.59 7.06 -5.43
N SER A 101 -11.73 6.88 -6.43
CA SER A 101 -12.13 6.18 -7.65
C SER A 101 -11.96 4.67 -7.47
N GLU A 102 -11.14 4.20 -6.53
CA GLU A 102 -10.88 2.77 -6.30
C GLU A 102 -11.23 2.29 -4.89
N LYS A 103 -11.81 3.13 -4.03
CA LYS A 103 -12.20 2.75 -2.65
C LYS A 103 -12.95 1.41 -2.53
N ASP A 104 -12.50 0.54 -1.62
CA ASP A 104 -13.10 -0.76 -1.38
C ASP A 104 -14.31 -0.60 -0.46
N GLU A 105 -15.10 -1.67 -0.33
CA GLU A 105 -16.29 -1.71 0.52
C GLU A 105 -15.93 -1.54 2.01
N ASP A 106 -14.74 -1.97 2.44
CA ASP A 106 -14.28 -1.83 3.83
C ASP A 106 -13.68 -0.44 4.05
N GLY A 107 -13.48 0.31 2.97
CA GLY A 107 -12.93 1.65 2.97
C GLY A 107 -11.41 1.68 2.83
N PHE A 108 -10.74 0.54 2.68
CA PHE A 108 -9.30 0.46 2.52
C PHE A 108 -8.96 0.60 1.02
N LEU A 109 -7.73 0.95 0.62
CA LEU A 109 -7.34 1.04 -0.80
C LEU A 109 -6.43 -0.15 -1.12
N TYR A 110 -6.60 -0.96 -2.18
CA TYR A 110 -5.67 -2.07 -2.46
C TYR A 110 -4.77 -1.70 -3.64
N MET A 111 -3.52 -2.14 -3.61
CA MET A 111 -2.54 -1.92 -4.66
C MET A 111 -1.62 -3.13 -4.66
N VAL A 112 -1.20 -3.55 -5.84
CA VAL A 112 -0.31 -4.68 -6.05
C VAL A 112 0.76 -4.23 -7.02
N TYR A 113 1.99 -4.72 -6.89
CA TYR A 113 3.08 -4.33 -7.80
C TYR A 113 3.73 -5.56 -8.44
N ALA A 114 4.37 -5.38 -9.60
CA ALA A 114 5.07 -6.43 -10.34
C ALA A 114 6.01 -5.83 -11.38
N SER A 115 6.94 -6.63 -11.92
CA SER A 115 7.87 -6.18 -12.94
C SER A 115 7.36 -6.75 -14.26
N GLN A 116 6.32 -6.14 -14.82
CA GLN A 116 5.68 -6.50 -16.08
C GLN A 116 4.57 -5.49 -16.36
N GLU A 117 4.38 -5.13 -17.63
CA GLU A 117 3.35 -4.18 -18.05
C GLU A 117 2.04 -4.90 -18.43
N THR A 118 2.12 -6.22 -18.63
CA THR A 118 1.00 -7.09 -18.98
C THR A 118 1.17 -8.38 -18.19
N PHE A 119 0.08 -8.84 -17.59
CA PHE A 119 0.03 -10.07 -16.81
C PHE A 119 -0.30 -11.20 -17.77
N ASN B 1 -2.29 -14.70 21.09
CA ASN B 1 -2.63 -13.28 20.83
C ASN B 1 -3.14 -12.57 22.09
N SEP B 2 -2.72 -13.01 23.28
CA SEP B 2 -3.09 -12.45 24.57
CB SEP B 2 -2.64 -13.40 25.67
OG SEP B 2 -3.14 -14.71 25.43
C SEP B 2 -2.50 -11.04 24.69
O SEP B 2 -3.24 -10.07 24.75
P SEP B 2 -2.16 -15.93 25.03
O1P SEP B 2 -1.24 -16.01 26.18
O2P SEP B 2 -3.10 -17.07 24.89
O3P SEP B 2 -1.55 -15.49 23.75
H SEP B 2 -2.06 -13.78 23.36
HA SEP B 2 -4.18 -12.36 24.60
HB2 SEP B 2 -1.55 -13.41 25.73
HB3 SEP B 2 -3.03 -13.05 26.62
N SEP B 3 -1.16 -10.93 24.67
CA SEP B 3 -0.54 -9.61 24.75
CB SEP B 3 0.96 -9.76 25.06
OG SEP B 3 1.16 -10.46 26.26
C SEP B 3 -0.73 -8.97 23.38
O SEP B 3 -0.51 -9.63 22.36
P SEP B 3 1.27 -9.71 27.66
O1P SEP B 3 2.41 -8.80 27.49
O2P SEP B 3 -0.05 -9.06 27.81
O3P SEP B 3 1.50 -10.84 28.58
H SEP B 3 -0.57 -11.74 24.62
HA SEP B 3 -1.02 -9.01 25.52
HB2 SEP B 3 1.44 -10.31 24.25
HB3 SEP B 3 1.42 -8.77 25.11
N GLY B 4 -0.98 -7.66 23.34
CA GLY B 4 -1.19 -6.89 22.13
C GLY B 4 -1.04 -5.42 22.48
N SEP B 5 -0.24 -4.70 21.71
CA SEP B 5 0.07 -3.29 21.84
CB SEP B 5 1.39 -3.11 22.61
OG SEP B 5 1.20 -2.44 23.85
C SEP B 5 0.14 -2.67 20.43
O SEP B 5 0.03 -3.38 19.43
P SEP B 5 1.11 -0.84 23.95
O1P SEP B 5 0.03 -0.49 23.01
O2P SEP B 5 0.78 -0.62 25.36
O3P SEP B 5 2.46 -0.37 23.53
H SEP B 5 0.24 -5.14 20.92
HA SEP B 5 -0.74 -2.81 22.39
HB2 SEP B 5 1.82 -4.09 22.83
HB3 SEP B 5 2.12 -2.56 22.01
N SEP B 6 0.27 -1.36 20.35
CA SEP B 6 0.38 -0.61 19.11
CB SEP B 6 0.13 0.87 19.35
OG SEP B 6 -1.19 1.06 19.80
C SEP B 6 1.75 -0.83 18.50
O SEP B 6 2.73 -0.16 18.88
P SEP B 6 -1.84 2.50 19.86
O1P SEP B 6 -3.02 2.24 20.69
O2P SEP B 6 -0.80 3.35 20.47
O3P SEP B 6 -2.10 2.78 18.43
H SEP B 6 0.35 -0.82 21.22
HA SEP B 6 -0.39 -0.96 18.42
HB2 SEP B 6 0.83 1.27 20.10
HB3 SEP B 6 0.27 1.41 18.41
N GLU B 7 1.88 -1.89 17.71
CA GLU B 7 3.12 -2.23 17.01
C GLU B 7 3.17 -1.38 15.74
N ASP B 8 4.31 -1.35 15.06
CA ASP B 8 4.47 -0.59 13.83
C ASP B 8 3.63 -1.33 12.79
N SEP B 9 2.43 -0.89 12.48
CA SEP B 9 1.55 -1.55 11.52
CB SEP B 9 0.16 -1.77 12.12
OG SEP B 9 0.23 -2.82 13.07
C SEP B 9 1.49 -0.78 10.21
O SEP B 9 1.65 -1.39 9.16
P SEP B 9 -1.09 -3.45 13.75
O1P SEP B 9 -1.21 -2.80 15.06
O2P SEP B 9 -2.20 -3.18 12.80
O3P SEP B 9 -0.76 -4.89 13.84
H SEP B 9 2.06 -0.07 12.98
HA SEP B 9 1.95 -2.53 11.28
HB2 SEP B 9 -0.22 -0.82 12.52
HB3 SEP B 9 -0.49 -2.08 11.31
N PHE B 10 1.39 0.56 10.24
CA PHE B 10 1.32 1.36 9.04
C PHE B 10 2.67 2.01 8.79
N VAL B 11 2.97 2.33 7.52
CA VAL B 11 4.21 2.98 7.13
C VAL B 11 3.90 4.17 6.24
N GLU B 12 4.00 5.34 6.84
CA GLU B 12 3.76 6.63 6.22
C GLU B 12 4.83 6.97 5.18
N ILE B 13 4.46 7.82 4.24
CA ILE B 13 5.34 8.27 3.17
C ILE B 13 6.31 9.34 3.72
N ARG B 14 7.50 9.38 3.12
CA ARG B 14 8.57 10.31 3.45
C ARG B 14 8.40 11.51 2.53
N MET B 15 8.20 12.68 3.11
CA MET B 15 7.97 13.95 2.43
C MET B 15 8.60 15.09 3.23
N ALA B 16 8.38 16.34 2.84
CA ALA B 16 8.90 17.52 3.51
C ALA B 16 7.77 18.53 3.72
N GLU B 17 7.40 18.70 4.98
CA GLU B 17 6.37 19.61 5.46
C GLU B 17 7.16 20.75 6.09
N GLY A 1 5.84 -24.19 10.69
CA GLY A 1 4.97 -24.25 9.51
C GLY A 1 4.77 -22.85 8.98
N ALA A 2 5.78 -22.31 8.29
CA ALA A 2 5.79 -20.98 7.71
C ALA A 2 4.65 -20.82 6.70
N MET A 3 3.55 -20.22 7.16
CA MET A 3 2.36 -19.96 6.37
C MET A 3 1.88 -18.58 6.81
N GLY A 4 2.24 -17.56 6.05
CA GLY A 4 1.91 -16.19 6.32
C GLY A 4 0.48 -15.86 5.91
N LYS A 5 -0.40 -15.66 6.89
CA LYS A 5 -1.79 -15.31 6.64
C LYS A 5 -1.79 -13.86 6.19
N THR A 6 -2.49 -13.54 5.11
CA THR A 6 -2.57 -12.17 4.59
C THR A 6 -3.44 -11.31 5.53
N PHE A 7 -3.48 -10.00 5.30
CA PHE A 7 -4.26 -9.05 6.09
C PHE A 7 -5.74 -9.47 6.21
N LYS A 8 -6.40 -9.89 5.11
CA LYS A 8 -7.80 -10.31 5.18
C LYS A 8 -7.96 -11.60 5.99
N GLN A 9 -6.97 -12.51 5.94
CA GLN A 9 -7.02 -13.76 6.68
C GLN A 9 -6.85 -13.48 8.19
N ARG A 10 -5.96 -12.56 8.58
CA ARG A 10 -5.75 -12.25 10.01
C ARG A 10 -6.82 -11.36 10.63
N ARG A 11 -7.59 -10.59 9.84
CA ARG A 11 -8.66 -9.73 10.33
C ARG A 11 -9.81 -9.81 9.33
N THR A 12 -10.90 -10.45 9.72
CA THR A 12 -12.12 -10.63 8.91
C THR A 12 -12.71 -9.27 8.52
N PHE A 13 -13.69 -9.24 7.62
CA PHE A 13 -14.35 -8.03 7.13
C PHE A 13 -14.76 -7.05 8.23
N GLU A 14 -15.37 -7.52 9.32
CA GLU A 14 -15.79 -6.66 10.43
C GLU A 14 -14.59 -5.86 10.94
N GLN A 15 -13.50 -6.59 11.18
CA GLN A 15 -12.25 -6.04 11.65
C GLN A 15 -11.61 -5.19 10.53
N ARG A 16 -11.85 -5.53 9.26
CA ARG A 16 -11.32 -4.79 8.11
C ARG A 16 -11.91 -3.39 8.11
N VAL A 17 -13.25 -3.27 8.20
CA VAL A 17 -13.88 -1.96 8.23
C VAL A 17 -13.50 -1.27 9.55
N GLU A 18 -13.26 -2.02 10.64
CA GLU A 18 -12.85 -1.48 11.95
C GLU A 18 -11.43 -0.88 11.81
N ASP A 19 -10.54 -1.51 11.07
CA ASP A 19 -9.15 -1.10 10.81
C ASP A 19 -9.15 0.21 10.03
N VAL A 20 -10.00 0.28 9.00
CA VAL A 20 -10.14 1.46 8.16
C VAL A 20 -10.72 2.61 8.98
N ARG A 21 -11.93 2.49 9.53
CA ARG A 21 -12.55 3.56 10.32
C ARG A 21 -11.62 4.08 11.42
N LEU A 22 -10.88 3.18 12.08
CA LEU A 22 -9.99 3.50 13.17
C LEU A 22 -8.91 4.45 12.66
N ILE A 23 -8.20 4.03 11.62
CA ILE A 23 -7.14 4.88 11.12
C ILE A 23 -7.67 6.16 10.50
N ARG A 24 -8.86 6.15 9.88
CA ARG A 24 -9.46 7.34 9.28
C ARG A 24 -9.83 8.33 10.40
N GLU A 25 -10.15 7.84 11.59
CA GLU A 25 -10.54 8.68 12.71
C GLU A 25 -9.33 9.38 13.33
N GLN A 26 -8.27 8.65 13.66
CA GLN A 26 -7.07 9.30 14.23
C GLN A 26 -6.28 10.04 13.16
N HIS A 27 -6.27 9.54 11.92
CA HIS A 27 -5.54 10.11 10.79
C HIS A 27 -6.47 10.36 9.61
N PRO A 28 -7.34 11.39 9.67
CA PRO A 28 -8.27 11.69 8.59
C PRO A 28 -7.55 12.17 7.33
N THR A 29 -6.31 12.66 7.43
CA THR A 29 -5.58 13.12 6.25
C THR A 29 -4.79 11.98 5.60
N LYS A 30 -4.89 10.75 6.12
CA LYS A 30 -4.19 9.60 5.57
C LYS A 30 -5.21 8.71 4.88
N ILE A 31 -4.76 8.12 3.79
CA ILE A 31 -5.52 7.22 2.95
C ILE A 31 -4.92 5.83 3.26
N PRO A 32 -5.70 4.88 3.81
CA PRO A 32 -5.23 3.53 4.11
C PRO A 32 -5.15 2.69 2.82
N VAL A 33 -3.94 2.41 2.35
CA VAL A 33 -3.69 1.66 1.12
C VAL A 33 -2.98 0.33 1.42
N ILE A 34 -3.18 -0.68 0.58
CA ILE A 34 -2.60 -2.02 0.66
C ILE A 34 -1.64 -2.15 -0.52
N ILE A 35 -0.37 -2.43 -0.28
CA ILE A 35 0.64 -2.62 -1.33
C ILE A 35 1.09 -4.06 -1.21
N GLU A 36 0.76 -4.92 -2.18
CA GLU A 36 1.14 -6.34 -2.16
C GLU A 36 1.89 -6.70 -3.46
N ARG A 37 2.65 -7.80 -3.43
CA ARG A 37 3.43 -8.27 -4.57
C ARG A 37 2.52 -9.06 -5.52
N TYR A 38 2.78 -9.01 -6.83
CA TYR A 38 1.98 -9.80 -7.76
C TYR A 38 2.32 -11.28 -7.55
N LYS A 39 1.37 -12.19 -7.78
CA LYS A 39 1.61 -13.63 -7.60
C LYS A 39 2.71 -14.20 -8.50
N GLY A 40 2.95 -13.60 -9.66
CA GLY A 40 3.97 -14.04 -10.61
C GLY A 40 5.29 -13.31 -10.43
N GLU A 41 5.36 -12.33 -9.53
CA GLU A 41 6.56 -11.56 -9.28
C GLU A 41 7.59 -12.44 -8.55
N LYS A 42 8.69 -12.75 -9.24
CA LYS A 42 9.77 -13.59 -8.71
C LYS A 42 11.14 -12.93 -8.77
N GLN A 43 11.25 -11.73 -9.31
CA GLN A 43 12.50 -11.01 -9.39
C GLN A 43 12.49 -9.93 -8.32
N LEU A 44 11.40 -9.19 -8.17
CA LEU A 44 11.34 -8.12 -7.18
C LEU A 44 11.10 -8.71 -5.78
N PRO A 45 11.70 -8.15 -4.72
CA PRO A 45 11.50 -8.66 -3.37
C PRO A 45 10.14 -8.20 -2.82
N VAL A 46 9.74 -8.76 -1.69
CA VAL A 46 8.47 -8.44 -1.02
C VAL A 46 8.67 -7.23 -0.10
N LEU A 47 7.57 -6.64 0.35
CA LEU A 47 7.54 -5.51 1.27
C LEU A 47 7.34 -6.13 2.64
N ASP A 48 8.03 -5.59 3.65
CA ASP A 48 7.97 -6.06 5.03
C ASP A 48 6.54 -6.11 5.57
N LYS A 49 5.71 -5.15 5.16
CA LYS A 49 4.32 -4.99 5.57
C LYS A 49 3.46 -4.74 4.35
N THR A 50 2.15 -4.80 4.52
CA THR A 50 1.20 -4.60 3.42
C THR A 50 0.35 -3.34 3.61
N LYS A 51 0.08 -2.91 4.84
CA LYS A 51 -0.72 -1.72 5.15
C LYS A 51 0.14 -0.46 5.10
N PHE A 52 -0.25 0.57 4.34
CA PHE A 52 0.47 1.83 4.23
C PHE A 52 -0.51 2.99 4.48
N LEU A 53 0.00 4.14 4.94
CA LEU A 53 -0.79 5.35 5.23
C LEU A 53 -0.15 6.46 4.44
N VAL A 54 -0.79 6.80 3.33
CA VAL A 54 -0.30 7.83 2.44
C VAL A 54 -1.11 9.10 2.68
N PRO A 55 -0.49 10.28 2.88
CA PRO A 55 -1.25 11.48 3.09
C PRO A 55 -1.83 11.93 1.75
N ASP A 56 -3.01 12.53 1.80
CA ASP A 56 -3.68 13.02 0.59
C ASP A 56 -2.90 14.14 -0.13
N HIS A 57 -1.89 14.75 0.50
CA HIS A 57 -1.09 15.80 -0.14
C HIS A 57 -0.02 15.23 -1.10
N VAL A 58 0.24 13.93 -1.07
CA VAL A 58 1.25 13.26 -1.89
C VAL A 58 0.69 12.69 -3.20
N ASN A 59 1.49 12.71 -4.27
CA ASN A 59 1.16 12.19 -5.61
C ASN A 59 1.93 10.90 -5.87
N MET A 60 1.42 10.13 -6.85
CA MET A 60 1.94 8.86 -7.31
C MET A 60 3.46 8.91 -7.58
N SER A 61 4.00 9.99 -8.17
CA SER A 61 5.43 10.09 -8.48
C SER A 61 6.31 9.86 -7.24
N GLU A 62 6.08 10.66 -6.19
CA GLU A 62 6.87 10.52 -4.97
C GLU A 62 6.52 9.21 -4.25
N LEU A 63 5.26 8.76 -4.25
CA LEU A 63 4.87 7.49 -3.60
C LEU A 63 5.75 6.40 -4.17
N ILE A 64 5.77 6.30 -5.50
CA ILE A 64 6.56 5.34 -6.26
C ILE A 64 8.00 5.45 -5.73
N LYS A 65 8.61 6.64 -5.76
CA LYS A 65 9.97 6.90 -5.28
C LYS A 65 10.19 6.38 -3.85
N ILE A 66 9.35 6.75 -2.88
CA ILE A 66 9.42 6.37 -1.47
C ILE A 66 9.49 4.84 -1.38
N ILE A 67 8.67 4.15 -2.17
CA ILE A 67 8.63 2.70 -2.23
C ILE A 67 9.96 2.23 -2.82
N ARG A 68 10.45 2.78 -3.95
CA ARG A 68 11.72 2.34 -4.53
C ARG A 68 12.87 2.51 -3.54
N ARG A 69 12.79 3.52 -2.68
CA ARG A 69 13.80 3.86 -1.69
C ARG A 69 13.89 2.80 -0.60
N ARG A 70 12.81 2.54 0.15
CA ARG A 70 12.93 1.52 1.22
C ARG A 70 13.12 0.13 0.64
N LEU A 71 12.45 -0.17 -0.47
CA LEU A 71 12.55 -1.47 -1.14
C LEU A 71 13.95 -1.70 -1.73
N GLN A 72 14.63 -0.61 -2.12
CA GLN A 72 15.95 -0.62 -2.73
C GLN A 72 15.88 -1.36 -4.07
N LEU A 73 14.96 -0.90 -4.94
CA LEU A 73 14.76 -1.47 -6.28
C LEU A 73 16.02 -1.34 -7.12
N ASN A 74 16.08 -2.11 -8.22
CA ASN A 74 17.22 -2.09 -9.13
C ASN A 74 17.28 -0.75 -9.86
N ALA A 75 18.41 -0.48 -10.50
CA ALA A 75 18.69 0.73 -11.28
C ALA A 75 18.80 0.39 -12.77
N ASN A 76 18.72 -0.90 -13.09
CA ASN A 76 18.79 -1.48 -14.43
C ASN A 76 17.46 -2.10 -14.85
N GLN A 77 16.51 -2.25 -13.92
CA GLN A 77 15.19 -2.80 -14.15
C GLN A 77 14.18 -1.85 -13.53
N ALA A 78 12.96 -1.83 -14.05
CA ALA A 78 11.88 -0.97 -13.57
C ALA A 78 10.79 -1.81 -12.92
N PHE A 79 9.79 -1.15 -12.37
CA PHE A 79 8.66 -1.80 -11.73
C PHE A 79 7.44 -0.91 -11.97
N PHE A 80 6.26 -1.51 -11.92
CA PHE A 80 4.99 -0.83 -12.12
C PHE A 80 4.10 -1.15 -10.93
N LEU A 81 3.15 -0.26 -10.69
CA LEU A 81 2.18 -0.28 -9.62
C LEU A 81 0.81 -0.23 -10.31
N LEU A 82 0.06 -1.32 -10.16
CA LEU A 82 -1.27 -1.55 -10.71
C LEU A 82 -2.26 -1.22 -9.61
N VAL A 83 -3.35 -0.53 -9.96
CA VAL A 83 -4.37 -0.14 -9.01
C VAL A 83 -5.45 -1.20 -9.05
N ASN A 84 -5.71 -1.86 -7.92
CA ASN A 84 -6.69 -2.94 -7.78
C ASN A 84 -6.35 -4.12 -8.72
N GLY A 85 -5.14 -4.17 -9.28
CA GLY A 85 -4.67 -5.19 -10.22
C GLY A 85 -4.79 -4.75 -11.67
N HIS A 86 -5.07 -3.46 -11.91
CA HIS A 86 -5.26 -2.85 -13.21
C HIS A 86 -4.43 -1.56 -13.34
N SER A 87 -3.39 -1.59 -14.18
CA SER A 87 -2.52 -0.45 -14.46
C SER A 87 -3.16 0.30 -15.63
N MET A 88 -4.09 1.22 -15.34
CA MET A 88 -4.75 2.01 -16.39
C MET A 88 -4.82 3.50 -16.07
N VAL A 89 -4.07 3.97 -15.07
CA VAL A 89 -4.03 5.36 -14.64
C VAL A 89 -2.60 5.92 -14.73
N SER A 90 -2.49 7.24 -14.66
CA SER A 90 -1.23 7.96 -14.70
C SER A 90 -0.42 7.78 -13.42
N VAL A 91 0.85 8.20 -13.49
CA VAL A 91 1.83 8.11 -12.40
C VAL A 91 2.13 9.42 -11.66
N SER A 92 1.45 10.52 -11.97
CA SER A 92 1.65 11.84 -11.33
C SER A 92 0.37 12.36 -10.64
N THR A 93 -0.68 11.56 -10.66
CA THR A 93 -2.00 11.78 -10.14
C THR A 93 -1.99 11.63 -8.61
N PRO A 94 -2.92 12.30 -7.90
CA PRO A 94 -3.01 12.22 -6.46
C PRO A 94 -3.77 10.95 -6.05
N ILE A 95 -3.31 10.33 -4.96
CA ILE A 95 -3.95 9.14 -4.42
C ILE A 95 -5.36 9.47 -3.94
N SER A 96 -5.68 10.75 -3.66
CA SER A 96 -7.01 11.14 -3.24
C SER A 96 -8.01 10.76 -4.33
N GLU A 97 -7.81 11.20 -5.58
CA GLU A 97 -8.72 10.87 -6.67
C GLU A 97 -8.61 9.38 -7.01
N VAL A 98 -7.39 8.80 -7.00
CA VAL A 98 -7.26 7.37 -7.30
C VAL A 98 -8.10 6.54 -6.30
N TYR A 99 -8.10 6.94 -5.02
CA TYR A 99 -8.84 6.32 -3.94
C TYR A 99 -10.32 6.36 -4.28
N GLU A 100 -10.89 7.56 -4.45
CA GLU A 100 -12.30 7.65 -4.77
C GLU A 100 -12.66 7.00 -6.10
N SER A 101 -11.71 6.71 -6.99
CA SER A 101 -12.01 6.08 -8.27
C SER A 101 -12.06 4.55 -8.21
N GLU A 102 -11.27 3.88 -7.36
CA GLU A 102 -11.26 2.41 -7.30
C GLU A 102 -11.50 1.87 -5.86
N LYS A 103 -11.93 2.72 -4.93
CA LYS A 103 -12.20 2.37 -3.52
C LYS A 103 -13.01 1.07 -3.36
N ASP A 104 -12.45 0.14 -2.60
CA ASP A 104 -13.05 -1.13 -2.26
C ASP A 104 -14.24 -0.86 -1.36
N GLU A 105 -15.16 -1.82 -1.29
CA GLU A 105 -16.36 -1.76 -0.45
C GLU A 105 -15.97 -1.68 1.05
N ASP A 106 -14.75 -2.09 1.39
CA ASP A 106 -14.18 -2.10 2.75
C ASP A 106 -13.60 -0.73 3.10
N GLY A 107 -13.46 0.17 2.13
CA GLY A 107 -12.90 1.52 2.29
C GLY A 107 -11.37 1.54 2.25
N PHE A 108 -10.74 0.39 2.01
CA PHE A 108 -9.29 0.20 1.87
C PHE A 108 -8.95 0.39 0.40
N LEU A 109 -7.73 0.80 0.07
CA LEU A 109 -7.29 1.00 -1.31
C LEU A 109 -6.31 -0.12 -1.71
N TYR A 110 -6.70 -1.07 -2.55
CA TYR A 110 -5.80 -2.17 -2.95
C TYR A 110 -4.91 -1.84 -4.16
N MET A 111 -3.64 -2.23 -4.12
CA MET A 111 -2.67 -2.04 -5.21
C MET A 111 -1.69 -3.21 -5.20
N VAL A 112 -1.16 -3.55 -6.36
CA VAL A 112 -0.18 -4.63 -6.52
C VAL A 112 0.95 -4.13 -7.42
N TYR A 113 2.15 -4.65 -7.23
CA TYR A 113 3.30 -4.23 -8.03
C TYR A 113 4.09 -5.43 -8.57
N ALA A 114 4.74 -5.22 -9.71
CA ALA A 114 5.59 -6.20 -10.40
C ALA A 114 6.48 -5.52 -11.44
N SER A 115 7.40 -6.26 -12.06
CA SER A 115 8.28 -5.75 -13.09
C SER A 115 7.65 -6.19 -14.42
N GLN A 116 6.58 -5.53 -14.84
CA GLN A 116 5.83 -5.77 -16.08
C GLN A 116 4.82 -4.63 -16.20
N GLU A 117 4.72 -4.01 -17.37
CA GLU A 117 3.84 -2.89 -17.64
C GLU A 117 2.38 -3.31 -17.88
N THR A 118 2.15 -4.43 -18.57
CA THR A 118 0.81 -4.93 -18.89
C THR A 118 0.74 -6.40 -18.51
N PHE A 119 -0.12 -6.71 -17.54
CA PHE A 119 -0.36 -8.06 -17.05
C PHE A 119 -1.27 -8.78 -18.02
N ASN B 1 5.14 -1.19 33.51
CA ASN B 1 4.17 -2.18 33.00
C ASN B 1 3.39 -1.70 31.77
N SEP B 2 3.42 -0.42 31.37
CA SEP B 2 2.70 0.04 30.17
CB SEP B 2 2.22 1.49 30.34
OG SEP B 2 2.86 2.14 31.42
C SEP B 2 3.58 -0.14 28.91
O SEP B 2 3.24 0.35 27.83
P SEP B 2 2.57 3.67 31.76
O1P SEP B 2 3.34 4.40 30.73
O2P SEP B 2 1.10 3.81 31.65
O3P SEP B 2 3.11 3.76 33.14
H SEP B 2 3.96 0.32 31.82
HA SEP B 2 1.82 -0.58 30.02
HB2 SEP B 2 2.36 2.06 29.43
HB3 SEP B 2 1.15 1.46 30.55
N SEP B 3 4.76 -0.73 29.07
CA SEP B 3 5.72 -1.01 28.02
CB SEP B 3 7.00 -1.54 28.68
OG SEP B 3 8.16 -0.83 28.25
C SEP B 3 5.15 -2.03 27.03
O SEP B 3 4.21 -2.77 27.36
P SEP B 3 9.44 -0.71 29.20
O1P SEP B 3 8.93 0.02 30.37
O2P SEP B 3 9.78 -2.12 29.46
O3P SEP B 3 10.42 0.02 28.37
H SEP B 3 4.98 -1.12 29.96
HA SEP B 3 5.94 -0.07 27.49
HB2 SEP B 3 6.91 -1.43 29.77
HB3 SEP B 3 7.12 -2.59 28.48
N GLY B 4 5.74 -2.10 25.85
CA GLY B 4 5.43 -3.00 24.74
C GLY B 4 6.36 -2.59 23.60
N SEP B 5 6.53 -3.42 22.57
CA SEP B 5 7.39 -3.04 21.46
CB SEP B 5 7.77 -4.27 20.63
OG SEP B 5 8.95 -4.01 19.91
C SEP B 5 6.58 -2.04 20.61
O SEP B 5 5.34 -2.00 20.71
P SEP B 5 9.47 -5.01 18.78
O1P SEP B 5 8.59 -4.74 17.64
O2P SEP B 5 10.88 -4.61 18.58
O3P SEP B 5 9.30 -6.33 19.41
H SEP B 5 6.00 -4.29 22.52
HA SEP B 5 8.29 -2.56 21.83
HB2 SEP B 5 7.94 -5.11 21.30
HB3 SEP B 5 6.95 -4.52 19.94
N SEP B 6 7.24 -1.22 19.80
CA SEP B 6 6.54 -0.26 18.96
CB SEP B 6 7.43 0.93 18.63
OG SEP B 6 7.89 1.52 19.83
C SEP B 6 6.02 -1.03 17.72
O SEP B 6 6.68 -1.12 16.69
P SEP B 6 8.29 3.07 19.88
O1P SEP B 6 6.97 3.74 19.91
O2P SEP B 6 9.06 3.17 21.14
O3P SEP B 6 9.09 3.26 18.66
H SEP B 6 8.25 -1.26 19.72
HA SEP B 6 5.67 0.13 19.50
HB2 SEP B 6 8.27 0.61 18.01
HB3 SEP B 6 6.83 1.65 18.06
N GLU B 7 4.93 -1.78 17.95
CA GLU B 7 4.23 -2.61 17.01
C GLU B 7 3.60 -1.72 15.94
N ASP B 8 4.19 -1.75 14.74
CA ASP B 8 3.72 -0.99 13.60
C ASP B 8 2.54 -1.74 12.98
N SEP B 9 1.45 -1.05 12.64
CA SEP B 9 0.28 -1.65 12.01
CB SEP B 9 -1.05 -1.21 12.65
OG SEP B 9 -1.64 -2.31 13.34
C SEP B 9 0.33 -1.24 10.54
O SEP B 9 0.20 -2.10 9.68
P SEP B 9 -3.19 -2.29 13.76
O1P SEP B 9 -3.19 -2.78 15.16
O2P SEP B 9 -3.61 -0.90 13.59
O3P SEP B 9 -3.78 -3.24 12.80
H SEP B 9 1.41 -0.07 12.89
HA SEP B 9 0.35 -2.73 12.06
HB2 SEP B 9 -0.92 -0.34 13.30
HB3 SEP B 9 -1.72 -0.91 11.85
N PHE B 10 0.62 0.03 10.25
CA PHE B 10 0.72 0.56 8.90
C PHE B 10 2.16 1.02 8.67
N VAL B 11 2.44 1.47 7.44
CA VAL B 11 3.72 2.01 7.02
C VAL B 11 3.36 3.37 6.43
N GLU B 12 3.63 4.42 7.18
CA GLU B 12 3.32 5.77 6.77
C GLU B 12 4.31 6.26 5.72
N ILE B 13 3.87 7.21 4.89
CA ILE B 13 4.71 7.79 3.85
C ILE B 13 5.67 8.81 4.46
N ARG B 14 6.95 8.61 4.17
CA ARG B 14 8.06 9.46 4.60
C ARG B 14 8.20 10.60 3.61
N MET B 15 8.79 11.71 4.04
CA MET B 15 9.05 12.87 3.22
C MET B 15 10.17 13.65 3.92
N ALA B 16 10.44 14.88 3.47
CA ALA B 16 11.46 15.74 4.03
C ALA B 16 10.86 17.14 4.20
N GLU B 17 11.52 17.99 4.96
CA GLU B 17 11.08 19.37 5.21
C GLU B 17 11.58 20.24 4.07
N GLY A 1 4.96 -27.25 11.05
CA GLY A 1 4.33 -26.50 9.97
C GLY A 1 3.90 -25.11 10.44
N ALA A 2 3.72 -24.20 9.50
CA ALA A 2 3.31 -22.81 9.71
C ALA A 2 2.67 -22.34 8.40
N MET A 3 2.02 -21.18 8.39
CA MET A 3 1.39 -20.65 7.19
C MET A 3 1.49 -19.13 7.18
N GLY A 4 1.54 -18.54 5.99
CA GLY A 4 1.61 -17.11 5.79
C GLY A 4 0.19 -16.59 5.96
N LYS A 5 -0.13 -16.08 7.14
CA LYS A 5 -1.45 -15.53 7.43
C LYS A 5 -1.42 -14.08 6.98
N THR A 6 -2.17 -13.78 5.94
CA THR A 6 -2.29 -12.46 5.35
C THR A 6 -3.02 -11.52 6.32
N PHE A 7 -3.00 -10.20 6.08
CA PHE A 7 -3.64 -9.20 6.94
C PHE A 7 -5.11 -9.56 7.15
N LYS A 8 -5.83 -9.89 6.07
CA LYS A 8 -7.24 -10.27 6.13
C LYS A 8 -7.49 -11.48 7.03
N GLN A 9 -6.50 -12.34 7.27
CA GLN A 9 -6.64 -13.49 8.15
C GLN A 9 -6.43 -13.02 9.59
N ARG A 10 -5.38 -12.24 9.86
CA ARG A 10 -5.09 -11.75 11.22
C ARG A 10 -6.01 -10.60 11.68
N ARG A 11 -6.87 -10.07 10.80
CA ARG A 11 -7.83 -9.01 11.08
C ARG A 11 -9.07 -9.39 10.30
N THR A 12 -10.13 -9.83 10.99
CA THR A 12 -11.40 -10.20 10.39
C THR A 12 -12.03 -8.98 9.68
N PHE A 13 -13.09 -9.16 8.90
CA PHE A 13 -13.76 -8.08 8.17
C PHE A 13 -14.10 -6.90 9.08
N GLU A 14 -14.67 -7.19 10.25
CA GLU A 14 -15.07 -6.20 11.24
C GLU A 14 -13.86 -5.37 11.65
N GLN A 15 -12.80 -6.04 12.11
CA GLN A 15 -11.56 -5.40 12.52
C GLN A 15 -10.93 -4.64 11.35
N ARG A 16 -11.12 -5.08 10.09
CA ARG A 16 -10.57 -4.40 8.93
C ARG A 16 -11.32 -3.10 8.75
N VAL A 17 -12.66 -3.10 8.69
CA VAL A 17 -13.38 -1.84 8.52
C VAL A 17 -13.07 -0.93 9.72
N GLU A 18 -12.92 -1.50 10.92
CA GLU A 18 -12.59 -0.79 12.14
C GLU A 18 -11.19 -0.18 11.99
N ASP A 19 -10.25 -0.87 11.35
CA ASP A 19 -8.89 -0.38 11.14
C ASP A 19 -8.97 0.84 10.21
N VAL A 20 -9.85 0.82 9.21
CA VAL A 20 -10.01 1.93 8.29
C VAL A 20 -10.45 3.16 9.08
N ARG A 21 -11.62 3.10 9.74
CA ARG A 21 -12.11 4.25 10.51
C ARG A 21 -11.13 4.66 11.59
N LEU A 22 -10.46 3.73 12.29
CA LEU A 22 -9.53 4.03 13.36
C LEU A 22 -8.41 4.92 12.82
N ILE A 23 -7.80 4.52 11.69
CA ILE A 23 -6.74 5.28 11.05
C ILE A 23 -7.30 6.62 10.54
N ARG A 24 -8.53 6.64 9.99
CA ARG A 24 -9.13 7.89 9.50
C ARG A 24 -9.42 8.86 10.66
N GLU A 25 -9.61 8.35 11.88
CA GLU A 25 -9.90 9.14 13.08
C GLU A 25 -8.61 9.79 13.57
N GLN A 26 -7.51 9.03 13.69
CA GLN A 26 -6.22 9.60 14.15
C GLN A 26 -5.50 10.39 13.04
N HIS A 27 -5.65 9.98 11.78
CA HIS A 27 -4.99 10.60 10.64
C HIS A 27 -5.97 10.87 9.49
N PRO A 28 -6.89 11.84 9.66
CA PRO A 28 -7.87 12.19 8.64
C PRO A 28 -7.26 12.82 7.40
N THR A 29 -6.04 13.38 7.45
CA THR A 29 -5.41 14.00 6.28
C THR A 29 -4.61 12.95 5.49
N LYS A 30 -4.61 11.69 5.93
CA LYS A 30 -3.93 10.58 5.29
C LYS A 30 -5.00 9.64 4.77
N ILE A 31 -4.63 8.80 3.82
CA ILE A 31 -5.49 7.82 3.21
C ILE A 31 -4.83 6.45 3.45
N PRO A 32 -5.58 5.40 3.80
CA PRO A 32 -5.07 4.04 4.02
C PRO A 32 -5.03 3.26 2.69
N VAL A 33 -3.85 2.75 2.30
CA VAL A 33 -3.62 1.98 1.07
C VAL A 33 -2.94 0.65 1.46
N ILE A 34 -3.18 -0.38 0.66
CA ILE A 34 -2.64 -1.71 0.80
C ILE A 34 -1.75 -1.89 -0.43
N ILE A 35 -0.46 -2.11 -0.21
CA ILE A 35 0.56 -2.30 -1.23
C ILE A 35 0.99 -3.76 -1.09
N GLU A 36 0.71 -4.57 -2.11
CA GLU A 36 1.07 -5.99 -2.12
C GLU A 36 1.92 -6.30 -3.36
N ARG A 37 2.77 -7.32 -3.26
CA ARG A 37 3.63 -7.74 -4.36
C ARG A 37 2.78 -8.65 -5.23
N TYR A 38 2.91 -8.56 -6.55
CA TYR A 38 2.15 -9.42 -7.44
C TYR A 38 2.45 -10.89 -7.12
N LYS A 39 1.49 -11.77 -7.39
CA LYS A 39 1.68 -13.18 -7.11
C LYS A 39 2.79 -13.80 -7.95
N GLY A 40 2.92 -13.41 -9.22
CA GLY A 40 3.95 -13.92 -10.10
C GLY A 40 5.30 -13.25 -9.93
N GLU A 41 5.42 -12.24 -9.05
CA GLU A 41 6.66 -11.54 -8.84
C GLU A 41 7.68 -12.44 -8.14
N LYS A 42 8.92 -12.40 -8.63
CA LYS A 42 10.06 -13.14 -8.11
C LYS A 42 11.35 -12.33 -8.21
N GLN A 43 11.39 -11.38 -9.14
CA GLN A 43 12.54 -10.51 -9.38
C GLN A 43 12.58 -9.37 -8.37
N LEU A 44 11.45 -8.86 -7.92
CA LEU A 44 11.42 -7.78 -6.95
C LEU A 44 11.20 -8.36 -5.55
N PRO A 45 11.73 -7.73 -4.50
CA PRO A 45 11.55 -8.21 -3.13
C PRO A 45 10.13 -7.91 -2.65
N VAL A 46 9.64 -8.71 -1.70
CA VAL A 46 8.31 -8.54 -1.14
C VAL A 46 8.36 -7.35 -0.17
N LEU A 47 7.24 -6.66 0.02
CA LEU A 47 7.17 -5.52 0.92
C LEU A 47 7.30 -6.03 2.36
N ASP A 48 7.85 -5.19 3.23
CA ASP A 48 8.04 -5.47 4.64
C ASP A 48 6.67 -5.58 5.34
N LYS A 49 5.77 -4.65 5.00
CA LYS A 49 4.39 -4.51 5.50
C LYS A 49 3.52 -4.18 4.31
N THR A 50 2.21 -4.38 4.41
CA THR A 50 1.29 -4.11 3.29
C THR A 50 0.48 -2.84 3.53
N LYS A 51 0.10 -2.54 4.77
CA LYS A 51 -0.69 -1.37 5.12
C LYS A 51 0.22 -0.14 5.13
N PHE A 52 -0.11 0.90 4.35
CA PHE A 52 0.64 2.13 4.26
C PHE A 52 -0.31 3.33 4.45
N LEU A 53 0.27 4.50 4.75
CA LEU A 53 -0.41 5.76 4.98
C LEU A 53 0.21 6.83 4.09
N VAL A 54 -0.61 7.47 3.26
CA VAL A 54 -0.16 8.50 2.32
C VAL A 54 -1.12 9.68 2.39
N PRO A 55 -0.64 10.95 2.39
CA PRO A 55 -1.53 12.09 2.44
C PRO A 55 -2.22 12.26 1.09
N ASP A 56 -3.42 12.83 1.12
CA ASP A 56 -4.22 13.05 -0.09
C ASP A 56 -3.61 14.11 -1.03
N HIS A 57 -2.55 14.79 -0.61
CA HIS A 57 -1.86 15.80 -1.40
C HIS A 57 -0.61 15.24 -2.10
N VAL A 58 -0.29 13.95 -1.98
CA VAL A 58 0.88 13.34 -2.61
C VAL A 58 0.52 12.66 -3.93
N ASN A 59 1.50 12.62 -4.84
CA ASN A 59 1.38 11.98 -6.15
C ASN A 59 2.01 10.60 -6.09
N MET A 60 1.45 9.73 -6.93
CA MET A 60 1.88 8.35 -7.07
C MET A 60 3.38 8.31 -7.39
N SER A 61 3.89 9.28 -8.15
CA SER A 61 5.28 9.42 -8.55
C SER A 61 6.23 9.37 -7.35
N GLU A 62 6.09 10.28 -6.38
CA GLU A 62 6.96 10.30 -5.20
C GLU A 62 6.68 9.09 -4.31
N LEU A 63 5.41 8.68 -4.19
CA LEU A 63 5.06 7.51 -3.37
C LEU A 63 5.87 6.33 -3.89
N ILE A 64 5.84 6.12 -5.21
CA ILE A 64 6.53 5.07 -5.92
C ILE A 64 8.01 5.20 -5.58
N LYS A 65 8.62 6.38 -5.71
CA LYS A 65 10.03 6.58 -5.39
C LYS A 65 10.34 6.09 -3.96
N ILE A 66 9.56 6.51 -2.96
CA ILE A 66 9.75 6.08 -1.57
C ILE A 66 9.71 4.54 -1.50
N ILE A 67 8.74 3.91 -2.16
CA ILE A 67 8.61 2.45 -2.19
C ILE A 67 9.88 1.84 -2.81
N ARG A 68 10.37 2.35 -3.94
CA ARG A 68 11.57 1.81 -4.58
C ARG A 68 12.78 2.01 -3.67
N ARG A 69 12.83 3.09 -2.91
CA ARG A 69 13.93 3.39 -2.00
C ARG A 69 14.08 2.35 -0.92
N ARG A 70 13.04 2.14 -0.10
CA ARG A 70 13.11 1.14 0.98
C ARG A 70 13.36 -0.25 0.42
N LEU A 71 12.75 -0.59 -0.72
CA LEU A 71 12.94 -1.91 -1.32
C LEU A 71 14.32 -2.05 -1.98
N GLN A 72 15.12 -0.96 -2.03
CA GLN A 72 16.44 -0.90 -2.63
C GLN A 72 16.35 -1.36 -4.09
N LEU A 73 15.25 -1.03 -4.77
CA LEU A 73 14.99 -1.39 -6.16
C LEU A 73 16.08 -0.78 -7.02
N ASN A 74 16.64 -1.63 -7.89
CA ASN A 74 17.72 -1.37 -8.84
C ASN A 74 17.60 -0.08 -9.64
N ALA A 75 18.74 0.35 -10.18
CA ALA A 75 18.93 1.54 -10.99
C ALA A 75 19.04 1.15 -12.47
N ASN A 76 18.94 -0.15 -12.76
CA ASN A 76 18.98 -0.74 -14.09
C ASN A 76 17.70 -1.54 -14.35
N GLN A 77 16.84 -1.73 -13.34
CA GLN A 77 15.59 -2.47 -13.51
C GLN A 77 14.38 -1.55 -13.31
N ALA A 78 13.26 -1.83 -13.98
CA ALA A 78 12.04 -1.06 -13.92
C ALA A 78 10.90 -1.88 -13.33
N PHE A 79 9.85 -1.20 -12.83
CA PHE A 79 8.68 -1.83 -12.26
C PHE A 79 7.42 -1.00 -12.59
N PHE A 80 6.24 -1.52 -12.25
CA PHE A 80 4.95 -0.90 -12.46
C PHE A 80 4.11 -1.13 -11.20
N LEU A 81 3.03 -0.35 -11.07
CA LEU A 81 2.11 -0.38 -9.95
C LEU A 81 0.68 -0.37 -10.50
N LEU A 82 -0.04 -1.46 -10.28
CA LEU A 82 -1.42 -1.63 -10.73
C LEU A 82 -2.33 -1.30 -9.57
N VAL A 83 -3.54 -0.82 -9.85
CA VAL A 83 -4.51 -0.46 -8.84
C VAL A 83 -5.67 -1.41 -9.02
N ASN A 84 -6.16 -2.02 -7.93
CA ASN A 84 -7.24 -3.01 -7.89
C ASN A 84 -6.85 -4.33 -8.59
N GLY A 85 -5.72 -4.35 -9.29
CA GLY A 85 -5.16 -5.45 -10.05
C GLY A 85 -4.99 -5.05 -11.52
N HIS A 86 -5.24 -3.78 -11.89
CA HIS A 86 -5.13 -3.27 -13.25
C HIS A 86 -4.42 -1.93 -13.29
N SER A 87 -3.42 -1.79 -14.15
CA SER A 87 -2.64 -0.57 -14.33
C SER A 87 -3.35 0.30 -15.38
N MET A 88 -4.20 1.25 -14.98
CA MET A 88 -4.89 2.11 -15.96
C MET A 88 -4.80 3.60 -15.65
N VAL A 89 -4.03 4.01 -14.63
CA VAL A 89 -3.88 5.40 -14.25
C VAL A 89 -2.37 5.70 -14.19
N SER A 90 -1.99 6.91 -14.59
CA SER A 90 -0.62 7.37 -14.62
C SER A 90 -0.01 7.51 -13.22
N VAL A 91 1.30 7.77 -13.17
CA VAL A 91 2.04 7.97 -11.93
C VAL A 91 2.13 9.46 -11.56
N SER A 92 1.91 10.37 -12.50
CA SER A 92 1.97 11.81 -12.26
C SER A 92 0.78 12.33 -11.43
N THR A 93 -0.30 11.54 -11.34
CA THR A 93 -1.58 11.73 -10.70
C THR A 93 -1.52 11.61 -9.16
N PRO A 94 -2.48 12.21 -8.44
CA PRO A 94 -2.54 12.20 -6.98
C PRO A 94 -3.33 11.01 -6.41
N ILE A 95 -2.88 10.55 -5.25
CA ILE A 95 -3.53 9.44 -4.57
C ILE A 95 -4.96 9.81 -4.14
N SER A 96 -5.29 11.10 -4.04
CA SER A 96 -6.61 11.55 -3.66
C SER A 96 -7.62 11.01 -4.68
N GLU A 97 -7.46 11.34 -5.97
CA GLU A 97 -8.38 10.86 -6.98
C GLU A 97 -8.21 9.36 -7.15
N VAL A 98 -6.99 8.80 -7.02
CA VAL A 98 -6.86 7.34 -7.16
C VAL A 98 -7.76 6.66 -6.10
N TYR A 99 -7.77 7.18 -4.86
CA TYR A 99 -8.58 6.65 -3.77
C TYR A 99 -10.05 6.71 -4.15
N GLU A 100 -10.59 7.90 -4.38
CA GLU A 100 -12.01 8.01 -4.70
C GLU A 100 -12.42 7.30 -6.00
N SER A 101 -11.48 6.90 -6.87
CA SER A 101 -11.81 6.21 -8.10
C SER A 101 -11.76 4.67 -7.98
N GLU A 102 -10.98 4.13 -7.04
CA GLU A 102 -10.80 2.68 -6.85
C GLU A 102 -11.18 2.20 -5.44
N LYS A 103 -11.67 3.09 -4.58
CA LYS A 103 -12.03 2.81 -3.20
C LYS A 103 -12.94 1.62 -2.99
N ASP A 104 -12.57 0.72 -2.08
CA ASP A 104 -13.38 -0.44 -1.76
C ASP A 104 -14.51 0.01 -0.86
N GLU A 105 -15.52 -0.84 -0.67
CA GLU A 105 -16.63 -0.52 0.23
C GLU A 105 -16.06 -0.46 1.66
N ASP A 106 -14.99 -1.18 1.99
CA ASP A 106 -14.45 -1.13 3.35
C ASP A 106 -13.57 0.12 3.54
N GLY A 107 -13.12 0.71 2.43
CA GLY A 107 -12.30 1.90 2.31
C GLY A 107 -10.80 1.66 2.18
N PHE A 108 -10.29 0.42 2.23
CA PHE A 108 -8.86 0.17 2.04
C PHE A 108 -8.58 0.35 0.55
N LEU A 109 -7.50 1.06 0.18
CA LEU A 109 -7.17 1.27 -1.22
C LEU A 109 -6.29 0.11 -1.66
N TYR A 110 -6.74 -0.78 -2.53
CA TYR A 110 -5.95 -1.94 -2.97
C TYR A 110 -5.01 -1.63 -4.14
N MET A 111 -3.71 -1.88 -3.97
CA MET A 111 -2.69 -1.68 -5.01
C MET A 111 -1.72 -2.85 -5.00
N VAL A 112 -1.12 -3.15 -6.14
CA VAL A 112 -0.15 -4.22 -6.32
C VAL A 112 1.02 -3.73 -7.18
N TYR A 113 2.21 -4.34 -7.08
CA TYR A 113 3.38 -3.97 -7.88
C TYR A 113 4.08 -5.19 -8.48
N ALA A 114 4.74 -5.03 -9.63
CA ALA A 114 5.50 -6.06 -10.33
C ALA A 114 6.43 -5.47 -11.38
N SER A 115 7.29 -6.29 -11.97
CA SER A 115 8.20 -5.88 -13.03
C SER A 115 7.66 -6.55 -14.30
N GLN A 116 6.60 -5.97 -14.86
CA GLN A 116 5.87 -6.35 -16.06
C GLN A 116 4.95 -5.17 -16.32
N GLU A 117 4.82 -4.70 -17.57
CA GLU A 117 3.93 -3.58 -17.86
C GLU A 117 2.48 -4.09 -17.87
N THR A 118 2.27 -5.30 -18.37
CA THR A 118 1.00 -5.99 -18.45
C THR A 118 1.31 -7.47 -18.16
N PHE A 119 0.38 -8.16 -17.52
CA PHE A 119 0.51 -9.57 -17.17
C PHE A 119 0.16 -10.47 -18.34
N ASN B 1 2.56 -5.32 26.58
CA ASN B 1 3.91 -5.04 26.09
C ASN B 1 3.94 -4.69 24.61
N SEP B 2 2.80 -4.29 24.01
CA SEP B 2 2.72 -3.95 22.60
CB SEP B 2 1.56 -4.74 21.97
OG SEP B 2 0.33 -4.36 22.54
C SEP B 2 2.64 -2.44 22.37
O SEP B 2 2.18 -2.02 21.31
P SEP B 2 -1.02 -5.15 22.20
O1P SEP B 2 -0.83 -5.65 20.83
O2P SEP B 2 -1.02 -6.17 23.28
O3P SEP B 2 -2.04 -4.10 22.37
H SEP B 2 1.92 -4.22 24.49
HA SEP B 2 3.62 -4.29 22.08
HB2 SEP B 2 1.54 -4.57 20.90
HB3 SEP B 2 1.71 -5.81 22.16
N SEP B 3 2.93 -1.60 23.38
CA SEP B 3 2.90 -0.15 23.25
CB SEP B 3 2.72 0.50 24.63
OG SEP B 3 2.21 1.83 24.52
C SEP B 3 4.16 0.32 22.50
O SEP B 3 4.96 1.12 23.00
P SEP B 3 1.98 2.77 25.80
O1P SEP B 3 1.69 4.09 25.22
O2P SEP B 3 0.84 2.17 26.50
O3P SEP B 3 3.26 2.68 26.56
H SEP B 3 3.31 -2.00 24.22
HA SEP B 3 2.04 0.13 22.65
HB2 SEP B 3 2.00 -0.09 25.20
HB3 SEP B 3 3.67 0.51 25.16
N GLY B 4 4.42 -0.27 21.34
CA GLY B 4 5.52 -0.04 20.44
C GLY B 4 5.24 -0.87 19.17
N SEP B 5 5.92 -0.55 18.09
CA SEP B 5 5.79 -1.23 16.80
CB SEP B 5 6.56 -0.41 15.76
OG SEP B 5 7.75 0.12 16.35
C SEP B 5 6.30 -2.67 16.93
O SEP B 5 7.46 -2.88 17.24
P SEP B 5 8.54 1.34 15.69
O1P SEP B 5 8.67 0.96 14.28
O2P SEP B 5 7.65 2.49 15.94
O3P SEP B 5 9.80 1.37 16.46
H SEP B 5 6.63 0.17 18.10
HA SEP B 5 4.74 -1.24 16.51
HB2 SEP B 5 6.81 -1.02 14.89
HB3 SEP B 5 5.93 0.43 15.44
N SEP B 6 5.39 -3.64 16.90
CA SEP B 6 5.77 -5.05 17.03
CB SEP B 6 5.88 -5.43 18.52
OG SEP B 6 6.89 -6.40 18.70
C SEP B 6 4.86 -6.00 16.24
O SEP B 6 5.06 -7.20 16.30
P SEP B 6 7.45 -6.80 20.15
O1P SEP B 6 7.91 -5.51 20.71
O2P SEP B 6 6.29 -7.37 20.85
O3P SEP B 6 8.53 -7.75 19.83
H SEP B 6 4.43 -3.42 16.65
HA SEP B 6 6.77 -5.15 16.61
HB2 SEP B 6 6.15 -4.54 19.10
HB3 SEP B 6 4.92 -5.80 18.88
N GLU B 7 3.86 -5.51 15.53
CA GLU B 7 2.94 -6.32 14.73
C GLU B 7 3.00 -5.79 13.30
N ASP B 8 2.48 -6.55 12.32
CA ASP B 8 2.47 -6.16 10.90
C ASP B 8 1.36 -5.12 10.76
N SEP B 9 1.73 -3.86 11.05
CA SEP B 9 0.87 -2.68 11.05
CB SEP B 9 0.94 -2.03 12.44
OG SEP B 9 0.40 -2.90 13.41
C SEP B 9 1.10 -1.74 9.87
O SEP B 9 1.44 -2.16 8.77
P SEP B 9 -1.18 -2.87 13.74
O1P SEP B 9 -1.27 -1.74 14.67
O2P SEP B 9 -1.82 -2.66 12.43
O3P SEP B 9 -1.45 -4.20 14.34
H SEP B 9 2.69 -3.73 11.33
HA SEP B 9 -0.13 -3.04 10.92
HB2 SEP B 9 1.97 -1.76 12.67
HB3 SEP B 9 0.35 -1.11 12.46
N PHE B 10 0.62 -0.51 10.04
CA PHE B 10 0.63 0.57 9.08
C PHE B 10 1.93 1.36 9.11
N VAL B 11 2.40 1.79 7.93
CA VAL B 11 3.61 2.57 7.79
C VAL B 11 3.38 3.82 6.95
N GLU B 12 3.57 4.98 7.56
CA GLU B 12 3.41 6.27 6.91
C GLU B 12 4.59 6.52 5.98
N ILE B 13 4.36 7.34 4.96
CA ILE B 13 5.37 7.71 3.99
C ILE B 13 6.31 8.74 4.61
N ARG B 14 7.59 8.69 4.25
CA ARG B 14 8.61 9.61 4.75
C ARG B 14 8.45 10.89 3.93
N MET B 15 8.07 11.99 4.58
CA MET B 15 7.84 13.29 3.96
C MET B 15 8.16 14.42 4.94
N ALA B 16 7.78 15.67 4.65
CA ALA B 16 7.99 16.88 5.46
C ALA B 16 6.67 17.65 5.60
N GLU B 17 6.64 18.67 6.47
CA GLU B 17 5.46 19.48 6.70
C GLU B 17 5.23 20.40 5.52
N GLY A 1 6.17 -24.72 13.67
CA GLY A 1 5.98 -25.07 12.25
C GLY A 1 6.24 -23.87 11.37
N ALA A 2 5.42 -23.66 10.34
CA ALA A 2 5.53 -22.54 9.42
C ALA A 2 4.13 -22.19 8.92
N MET A 3 3.82 -20.91 8.80
CA MET A 3 2.54 -20.38 8.33
C MET A 3 2.67 -18.86 8.25
N GLY A 4 2.97 -18.32 7.07
CA GLY A 4 3.10 -16.88 6.87
C GLY A 4 1.79 -16.36 6.29
N LYS A 5 0.90 -15.80 7.12
CA LYS A 5 -0.38 -15.28 6.66
C LYS A 5 -0.32 -13.77 6.48
N THR A 6 -1.13 -13.26 5.57
CA THR A 6 -1.26 -11.84 5.22
C THR A 6 -1.96 -11.08 6.36
N PHE A 7 -1.85 -9.74 6.38
CA PHE A 7 -2.46 -8.86 7.37
C PHE A 7 -3.97 -9.12 7.48
N LYS A 8 -4.69 -9.15 6.35
CA LYS A 8 -6.13 -9.40 6.36
C LYS A 8 -6.49 -10.80 6.82
N GLN A 9 -5.57 -11.74 6.75
CA GLN A 9 -5.84 -13.09 7.22
C GLN A 9 -5.75 -13.02 8.76
N ARG A 10 -4.71 -12.38 9.33
CA ARG A 10 -4.57 -12.28 10.79
C ARG A 10 -5.50 -11.27 11.47
N ARG A 11 -6.23 -10.42 10.74
CA ARG A 11 -7.15 -9.42 11.30
C ARG A 11 -8.48 -9.60 10.62
N THR A 12 -9.52 -9.98 11.37
CA THR A 12 -10.85 -10.17 10.80
C THR A 12 -11.38 -8.87 10.17
N PHE A 13 -12.47 -8.99 9.42
CA PHE A 13 -13.12 -7.89 8.72
C PHE A 13 -13.47 -6.78 9.71
N GLU A 14 -14.13 -7.11 10.81
CA GLU A 14 -14.54 -6.16 11.85
C GLU A 14 -13.36 -5.34 12.35
N GLN A 15 -12.31 -6.01 12.84
CA GLN A 15 -11.14 -5.31 13.34
C GLN A 15 -10.48 -4.51 12.19
N ARG A 16 -10.55 -4.95 10.94
CA ARG A 16 -9.95 -4.18 9.83
C ARG A 16 -10.74 -2.90 9.61
N VAL A 17 -12.06 -2.90 9.73
CA VAL A 17 -12.83 -1.68 9.55
C VAL A 17 -12.38 -0.74 10.69
N GLU A 18 -12.18 -1.28 11.90
CA GLU A 18 -11.74 -0.54 13.08
C GLU A 18 -10.32 0.01 12.89
N ASP A 19 -9.44 -0.75 12.22
CA ASP A 19 -8.05 -0.41 11.92
C ASP A 19 -8.03 0.75 10.91
N VAL A 20 -8.88 0.68 9.88
CA VAL A 20 -8.98 1.73 8.87
C VAL A 20 -9.46 3.02 9.54
N ARG A 21 -10.62 2.99 10.22
CA ARG A 21 -11.15 4.18 10.87
C ARG A 21 -10.20 4.71 11.94
N LEU A 22 -9.47 3.85 12.67
CA LEU A 22 -8.52 4.25 13.69
C LEU A 22 -7.40 5.03 13.04
N ILE A 23 -6.78 4.49 11.98
CA ILE A 23 -5.70 5.20 11.32
C ILE A 23 -6.23 6.49 10.70
N ARG A 24 -7.46 6.50 10.15
CA ARG A 24 -8.04 7.71 9.57
C ARG A 24 -8.29 8.72 10.70
N GLU A 25 -8.47 8.27 11.94
CA GLU A 25 -8.74 9.11 13.08
C GLU A 25 -7.46 9.82 13.54
N GLN A 26 -6.39 9.08 13.82
CA GLN A 26 -5.11 9.65 14.26
C GLN A 26 -4.35 10.33 13.12
N HIS A 27 -4.55 9.89 11.89
CA HIS A 27 -3.92 10.44 10.69
C HIS A 27 -5.00 10.72 9.64
N PRO A 28 -5.84 11.74 9.82
CA PRO A 28 -6.89 12.08 8.85
C PRO A 28 -6.29 12.63 7.55
N THR A 29 -5.00 12.94 7.56
CA THR A 29 -4.23 13.45 6.45
C THR A 29 -3.43 12.33 5.76
N LYS A 30 -3.68 11.05 6.10
CA LYS A 30 -3.00 9.91 5.49
C LYS A 30 -4.05 8.95 4.94
N ILE A 31 -3.71 8.33 3.82
CA ILE A 31 -4.51 7.38 3.09
C ILE A 31 -3.89 6.00 3.33
N PRO A 32 -4.63 5.08 4.01
CA PRO A 32 -4.17 3.73 4.28
C PRO A 32 -4.20 2.89 2.99
N VAL A 33 -3.02 2.59 2.46
CA VAL A 33 -2.83 1.81 1.25
C VAL A 33 -2.15 0.50 1.64
N ILE A 34 -2.42 -0.56 0.89
CA ILE A 34 -1.92 -1.90 1.01
C ILE A 34 -1.05 -2.07 -0.22
N ILE A 35 0.23 -2.39 -0.03
CA ILE A 35 1.17 -2.58 -1.13
C ILE A 35 1.65 -4.02 -1.00
N GLU A 36 1.23 -4.87 -1.94
CA GLU A 36 1.58 -6.28 -1.95
C GLU A 36 2.30 -6.64 -3.26
N ARG A 37 3.22 -7.60 -3.18
CA ARG A 37 3.97 -8.07 -4.32
C ARG A 37 3.05 -9.00 -5.10
N TYR A 38 3.03 -8.87 -6.43
CA TYR A 38 2.20 -9.74 -7.25
C TYR A 38 2.66 -11.18 -7.04
N LYS A 39 1.72 -12.14 -6.96
CA LYS A 39 2.05 -13.55 -6.76
C LYS A 39 2.97 -14.07 -7.87
N GLY A 40 2.92 -13.47 -9.06
CA GLY A 40 3.72 -13.83 -10.22
C GLY A 40 4.95 -12.96 -10.39
N GLU A 41 5.41 -12.26 -9.35
CA GLU A 41 6.58 -11.41 -9.41
C GLU A 41 7.80 -12.22 -8.95
N LYS A 42 8.74 -12.50 -9.86
CA LYS A 42 9.94 -13.30 -9.58
C LYS A 42 11.23 -12.50 -9.62
N GLN A 43 11.26 -11.30 -10.18
CA GLN A 43 12.47 -10.48 -10.26
C GLN A 43 12.47 -9.34 -9.26
N LEU A 44 11.31 -8.79 -8.90
CA LEU A 44 11.32 -7.70 -7.92
C LEU A 44 11.33 -8.34 -6.52
N PRO A 45 11.98 -7.74 -5.50
CA PRO A 45 12.03 -8.29 -4.17
C PRO A 45 10.70 -8.09 -3.43
N VAL A 46 10.48 -8.92 -2.41
CA VAL A 46 9.29 -8.88 -1.56
C VAL A 46 9.41 -7.61 -0.73
N LEU A 47 8.31 -6.87 -0.56
CA LEU A 47 8.30 -5.64 0.22
C LEU A 47 8.42 -6.05 1.69
N ASP A 48 9.19 -5.30 2.49
CA ASP A 48 9.41 -5.60 3.92
C ASP A 48 8.18 -5.52 4.82
N LYS A 49 7.11 -4.86 4.37
CA LYS A 49 5.84 -4.70 5.09
C LYS A 49 4.71 -4.59 4.07
N THR A 50 3.46 -4.50 4.51
CA THR A 50 2.31 -4.46 3.62
C THR A 50 1.39 -3.25 3.88
N LYS A 51 1.30 -2.69 5.10
CA LYS A 51 0.44 -1.53 5.40
C LYS A 51 1.26 -0.24 5.28
N PHE A 52 0.75 0.78 4.58
CA PHE A 52 1.46 2.05 4.41
C PHE A 52 0.50 3.24 4.53
N LEU A 53 1.04 4.45 4.73
CA LEU A 53 0.27 5.70 4.87
C LEU A 53 0.81 6.79 3.94
N VAL A 54 0.07 7.11 2.87
CA VAL A 54 0.45 8.15 1.88
C VAL A 54 -0.35 9.42 2.18
N PRO A 55 0.25 10.62 2.24
CA PRO A 55 -0.55 11.82 2.48
C PRO A 55 -1.39 12.06 1.22
N ASP A 56 -2.61 12.56 1.35
CA ASP A 56 -3.50 12.76 0.18
C ASP A 56 -3.01 13.73 -0.89
N HIS A 57 -2.07 14.63 -0.59
CA HIS A 57 -1.56 15.58 -1.58
C HIS A 57 -0.50 14.95 -2.50
N VAL A 58 0.10 13.82 -2.10
CA VAL A 58 1.15 13.14 -2.84
C VAL A 58 0.59 12.41 -4.08
N ASN A 59 1.22 12.61 -5.24
CA ASN A 59 0.80 11.93 -6.48
C ASN A 59 1.46 10.57 -6.62
N MET A 60 0.86 9.72 -7.47
CA MET A 60 1.35 8.37 -7.75
C MET A 60 2.82 8.38 -8.17
N SER A 61 3.27 9.39 -8.92
CA SER A 61 4.63 9.57 -9.41
C SER A 61 5.63 9.53 -8.26
N GLU A 62 5.48 10.43 -7.27
CA GLU A 62 6.35 10.49 -6.12
C GLU A 62 6.11 9.29 -5.19
N LEU A 63 4.88 8.81 -5.03
CA LEU A 63 4.53 7.65 -4.21
C LEU A 63 5.40 6.48 -4.68
N ILE A 64 5.40 6.23 -6.00
CA ILE A 64 6.17 5.19 -6.67
C ILE A 64 7.65 5.45 -6.37
N LYS A 65 8.13 6.70 -6.51
CA LYS A 65 9.52 7.07 -6.23
C LYS A 65 9.89 6.70 -4.79
N ILE A 66 9.11 7.10 -3.80
CA ILE A 66 9.39 6.81 -2.39
C ILE A 66 9.45 5.29 -2.22
N ILE A 67 8.61 4.51 -2.91
CA ILE A 67 8.68 3.06 -2.82
C ILE A 67 10.03 2.64 -3.41
N ARG A 68 10.46 3.13 -4.58
CA ARG A 68 11.76 2.71 -5.12
C ARG A 68 12.88 3.14 -4.19
N ARG A 69 12.73 4.24 -3.45
CA ARG A 69 13.71 4.75 -2.49
C ARG A 69 13.94 3.70 -1.42
N ARG A 70 12.90 3.22 -0.74
CA ARG A 70 13.08 2.21 0.31
C ARG A 70 13.39 0.81 -0.23
N LEU A 71 12.85 0.41 -1.39
CA LEU A 71 13.08 -0.91 -2.01
C LEU A 71 14.48 -1.03 -2.64
N GLN A 72 15.05 0.08 -3.13
CA GLN A 72 16.37 0.17 -3.78
C GLN A 72 16.57 -0.89 -4.88
N LEU A 73 15.67 -0.89 -5.86
CA LEU A 73 15.69 -1.81 -6.99
C LEU A 73 16.79 -1.47 -7.99
N ASN A 74 16.95 -2.35 -8.98
CA ASN A 74 17.92 -2.18 -10.05
C ASN A 74 17.55 -0.96 -10.87
N ALA A 75 18.57 -0.39 -11.51
CA ALA A 75 18.44 0.80 -12.36
C ALA A 75 18.13 0.35 -13.78
N ASN A 76 18.60 -0.86 -14.12
CA ASN A 76 18.41 -1.50 -15.41
C ASN A 76 17.02 -2.12 -15.51
N GLN A 77 16.26 -2.20 -14.40
CA GLN A 77 14.91 -2.77 -14.39
C GLN A 77 13.85 -1.75 -14.02
N ALA A 78 12.66 -1.91 -14.60
CA ALA A 78 11.50 -1.07 -14.37
C ALA A 78 10.35 -1.88 -13.79
N PHE A 79 9.31 -1.20 -13.30
CA PHE A 79 8.13 -1.85 -12.74
C PHE A 79 6.90 -0.97 -12.87
N PHE A 80 5.75 -1.52 -12.49
CA PHE A 80 4.46 -0.88 -12.49
C PHE A 80 3.76 -1.24 -11.17
N LEU A 81 2.77 -0.43 -10.85
CA LEU A 81 1.94 -0.47 -9.66
C LEU A 81 0.49 -0.36 -10.11
N LEU A 82 -0.27 -1.44 -9.98
CA LEU A 82 -1.68 -1.52 -10.36
C LEU A 82 -2.53 -1.32 -9.12
N VAL A 83 -3.76 -0.82 -9.27
CA VAL A 83 -4.70 -0.58 -8.20
C VAL A 83 -5.78 -1.65 -8.31
N ASN A 84 -6.15 -2.35 -7.23
CA ASN A 84 -7.14 -3.44 -7.26
C ASN A 84 -6.81 -4.53 -8.30
N GLY A 85 -5.57 -4.55 -8.83
CA GLY A 85 -5.12 -5.49 -9.83
C GLY A 85 -5.15 -4.93 -11.26
N HIS A 86 -5.40 -3.62 -11.47
CA HIS A 86 -5.45 -2.99 -12.78
C HIS A 86 -4.89 -1.56 -12.72
N SER A 87 -3.96 -1.21 -13.61
CA SER A 87 -3.37 0.12 -13.67
C SER A 87 -4.19 0.88 -14.70
N MET A 88 -5.34 1.45 -14.28
CA MET A 88 -6.23 2.19 -15.19
C MET A 88 -6.16 3.70 -15.01
N VAL A 89 -5.42 4.16 -14.02
CA VAL A 89 -5.28 5.58 -13.70
C VAL A 89 -3.87 6.04 -14.05
N SER A 90 -3.71 7.34 -14.38
CA SER A 90 -2.43 7.94 -14.76
C SER A 90 -1.46 7.98 -13.58
N VAL A 91 -0.16 8.04 -13.88
CA VAL A 91 0.89 8.08 -12.85
C VAL A 91 1.03 9.47 -12.18
N SER A 92 0.46 10.54 -12.74
CA SER A 92 0.57 11.87 -12.14
C SER A 92 -0.60 12.22 -11.20
N THR A 93 -1.62 11.37 -11.15
CA THR A 93 -2.83 11.51 -10.36
C THR A 93 -2.55 11.57 -8.86
N PRO A 94 -3.21 12.48 -8.11
CA PRO A 94 -3.04 12.57 -6.66
C PRO A 94 -3.68 11.33 -6.02
N ILE A 95 -3.02 10.83 -4.96
CA ILE A 95 -3.51 9.65 -4.25
C ILE A 95 -4.90 9.91 -3.67
N SER A 96 -5.30 11.18 -3.49
CA SER A 96 -6.59 11.58 -2.96
C SER A 96 -7.71 10.99 -3.82
N GLU A 97 -7.75 11.33 -5.12
CA GLU A 97 -8.76 10.86 -6.03
C GLU A 97 -8.53 9.39 -6.40
N VAL A 98 -7.26 8.92 -6.43
CA VAL A 98 -7.03 7.50 -6.72
C VAL A 98 -7.73 6.69 -5.61
N TYR A 99 -7.60 7.12 -4.35
CA TYR A 99 -8.20 6.48 -3.19
C TYR A 99 -9.71 6.47 -3.24
N GLU A 100 -10.35 7.65 -3.29
CA GLU A 100 -11.82 7.66 -3.29
C GLU A 100 -12.43 6.93 -4.49
N SER A 101 -11.70 6.77 -5.59
CA SER A 101 -12.21 6.09 -6.77
C SER A 101 -12.01 4.58 -6.65
N GLU A 102 -10.92 4.09 -6.05
CA GLU A 102 -10.65 2.66 -5.94
C GLU A 102 -10.79 2.03 -4.54
N LYS A 103 -11.27 2.77 -3.55
CA LYS A 103 -11.45 2.29 -2.16
C LYS A 103 -12.26 0.99 -2.05
N ASP A 104 -11.85 0.08 -1.17
CA ASP A 104 -12.61 -1.17 -0.97
C ASP A 104 -13.78 -0.87 -0.04
N GLU A 105 -14.64 -1.86 0.23
CA GLU A 105 -15.77 -1.72 1.12
C GLU A 105 -15.28 -1.44 2.54
N ASP A 106 -14.11 -1.98 2.91
CA ASP A 106 -13.58 -1.77 4.26
C ASP A 106 -12.85 -0.43 4.37
N GLY A 107 -12.53 0.19 3.24
CA GLY A 107 -11.86 1.48 3.15
C GLY A 107 -10.37 1.40 2.89
N PHE A 108 -9.71 0.24 2.98
CA PHE A 108 -8.28 0.17 2.67
C PHE A 108 -8.14 0.31 1.14
N LEU A 109 -6.97 0.76 0.68
CA LEU A 109 -6.67 0.95 -0.74
C LEU A 109 -5.72 -0.16 -1.23
N TYR A 110 -6.15 -1.12 -2.05
CA TYR A 110 -5.29 -2.18 -2.54
C TYR A 110 -4.44 -1.77 -3.75
N MET A 111 -3.18 -2.13 -3.73
CA MET A 111 -2.22 -1.89 -4.80
C MET A 111 -1.30 -3.10 -4.87
N VAL A 112 -0.93 -3.51 -6.08
CA VAL A 112 -0.06 -4.65 -6.31
C VAL A 112 1.03 -4.21 -7.27
N TYR A 113 2.26 -4.70 -7.10
CA TYR A 113 3.35 -4.30 -7.99
C TYR A 113 4.05 -5.48 -8.66
N ALA A 114 4.55 -5.24 -9.88
CA ALA A 114 5.27 -6.24 -10.69
C ALA A 114 6.08 -5.56 -11.79
N SER A 115 6.95 -6.31 -12.48
CA SER A 115 7.78 -5.81 -13.57
C SER A 115 7.15 -6.30 -14.87
N GLN A 116 6.08 -5.64 -15.30
CA GLN A 116 5.28 -5.88 -16.49
C GLN A 116 4.15 -4.84 -16.49
N GLU A 117 3.69 -4.43 -17.66
CA GLU A 117 2.62 -3.43 -17.82
C GLU A 117 1.21 -4.06 -17.97
N THR A 118 1.13 -5.36 -18.27
CA THR A 118 -0.14 -6.08 -18.47
C THR A 118 -0.06 -7.51 -17.95
N PHE A 119 -1.07 -7.94 -17.17
CA PHE A 119 -1.17 -9.28 -16.59
C PHE A 119 -1.60 -10.26 -17.66
N ASN B 1 -11.10 -8.84 26.70
CA ASN B 1 -11.56 -9.69 25.59
C ASN B 1 -10.53 -9.68 24.47
N SEP B 2 -10.13 -8.52 23.96
CA SEP B 2 -9.16 -8.38 22.88
CB SEP B 2 -9.91 -8.09 21.58
OG SEP B 2 -10.95 -7.17 21.84
C SEP B 2 -8.08 -7.35 23.23
O SEP B 2 -7.70 -6.52 22.40
P SEP B 2 -11.77 -6.50 20.66
O1P SEP B 2 -12.88 -5.84 21.37
O2P SEP B 2 -10.79 -5.62 20.01
O3P SEP B 2 -12.22 -7.66 19.86
H SEP B 2 -10.55 -7.64 24.25
HA SEP B 2 -8.63 -9.34 22.74
HB2 SEP B 2 -9.23 -7.70 20.83
HB3 SEP B 2 -10.34 -9.01 21.20
N SEP B 3 -7.72 -7.23 24.52
CA SEP B 3 -6.70 -6.30 24.98
CB SEP B 3 -6.67 -6.23 26.51
OG SEP B 3 -6.91 -7.50 27.12
C SEP B 3 -5.34 -6.70 24.38
O SEP B 3 -5.09 -7.89 24.12
P SEP B 3 -7.05 -7.62 28.72
O1P SEP B 3 -5.98 -6.75 29.25
O2P SEP B 3 -8.43 -7.13 28.94
O3P SEP B 3 -6.89 -9.07 28.93
H SEP B 3 -8.05 -7.91 25.19
HA SEP B 3 -6.95 -5.30 24.60
HB2 SEP B 3 -5.71 -5.84 26.83
HB3 SEP B 3 -7.44 -5.54 26.82
N GLY B 4 -4.50 -5.72 24.09
CA GLY B 4 -3.18 -5.87 23.51
C GLY B 4 -2.61 -4.46 23.28
N SEP B 5 -1.38 -4.36 22.79
CA SEP B 5 -0.71 -3.08 22.54
CB SEP B 5 0.52 -2.98 23.43
OG SEP B 5 0.10 -2.90 24.78
C SEP B 5 -0.39 -2.91 21.05
O SEP B 5 -0.64 -3.80 20.23
P SEP B 5 1.13 -2.54 25.95
O1P SEP B 5 1.74 -1.27 25.51
O2P SEP B 5 0.23 -2.41 27.12
O3P SEP B 5 2.03 -3.69 26.01
H SEP B 5 -0.85 -5.20 22.60
HA SEP B 5 -1.37 -2.27 22.81
HB2 SEP B 5 1.16 -3.85 23.30
HB3 SEP B 5 1.09 -2.07 23.17
N SEP B 6 0.01 -1.69 20.69
CA SEP B 6 0.35 -1.31 19.33
CB SEP B 6 0.50 0.20 19.26
OG SEP B 6 -0.65 0.83 19.79
C SEP B 6 1.66 -1.98 18.91
O SEP B 6 2.57 -2.13 19.72
P SEP B 6 -0.67 2.40 20.02
O1P SEP B 6 -2.03 2.62 20.55
O2P SEP B 6 0.43 2.61 20.97
O3P SEP B 6 -0.44 2.94 18.66
H SEP B 6 0.18 -0.99 21.40
HA SEP B 6 -0.46 -1.62 18.66
HB2 SEP B 6 1.38 0.50 19.83
HB3 SEP B 6 0.65 0.51 18.23
N GLU B 7 1.83 -2.15 17.62
CA GLU B 7 3.00 -2.78 17.02
C GLU B 7 3.35 -2.05 15.71
N ASP B 8 4.39 -2.54 15.03
CA ASP B 8 4.82 -2.00 13.75
C ASP B 8 3.74 -2.48 12.78
N SEP B 9 2.87 -1.56 12.38
CA SEP B 9 1.77 -1.84 11.48
CB SEP B 9 0.44 -1.56 12.15
OG SEP B 9 0.23 -2.59 13.09
C SEP B 9 2.00 -1.10 10.19
O SEP B 9 2.40 -1.72 9.21
P SEP B 9 -1.23 -3.09 13.48
O1P SEP B 9 -1.90 -1.87 13.98
O2P SEP B 9 -1.73 -3.59 12.18
O3P SEP B 9 -0.94 -4.13 14.48
H SEP B 9 3.03 -0.61 12.68
HA SEP B 9 1.77 -2.89 11.23
HB2 SEP B 9 0.42 -0.58 12.62
HB3 SEP B 9 -0.35 -1.60 11.39
N PHE B 10 1.64 0.18 10.14
CA PHE B 10 1.81 0.97 8.94
C PHE B 10 3.18 1.62 8.90
N VAL B 11 3.66 1.90 7.69
CA VAL B 11 4.92 2.56 7.45
C VAL B 11 4.54 3.85 6.73
N GLU B 12 4.77 4.98 7.38
CA GLU B 12 4.42 6.28 6.79
C GLU B 12 5.45 6.65 5.73
N ILE B 13 4.97 7.34 4.70
CA ILE B 13 5.81 7.79 3.60
C ILE B 13 6.49 9.10 4.00
N ARG B 14 7.66 9.36 3.42
CA ARG B 14 8.46 10.56 3.64
C ARG B 14 7.92 11.65 2.69
N MET B 15 8.60 12.78 2.57
CA MET B 15 8.18 13.86 1.68
C MET B 15 9.40 14.32 0.87
N ALA B 16 9.19 15.28 -0.01
CA ALA B 16 10.20 15.86 -0.88
C ALA B 16 10.11 17.39 -0.79
N GLU B 17 10.05 17.91 0.43
CA GLU B 17 10.00 19.35 0.67
C GLU B 17 11.46 19.77 0.62
N GLY A 1 2.34 -28.47 4.16
CA GLY A 1 1.22 -27.55 4.02
C GLY A 1 1.77 -26.14 3.90
N ALA A 2 1.24 -25.36 2.96
CA ALA A 2 1.65 -24.00 2.69
C ALA A 2 0.39 -23.18 2.42
N MET A 3 0.32 -21.98 2.97
CA MET A 3 -0.78 -21.04 2.82
C MET A 3 -0.19 -19.64 2.90
N GLY A 4 -0.73 -18.69 2.16
CA GLY A 4 -0.26 -17.31 2.14
C GLY A 4 -1.31 -16.54 2.91
N LYS A 5 -1.06 -16.26 4.19
CA LYS A 5 -2.01 -15.55 5.03
C LYS A 5 -1.67 -14.07 5.17
N THR A 6 -2.38 -13.23 4.42
CA THR A 6 -2.20 -11.79 4.43
C THR A 6 -2.95 -11.16 5.62
N PHE A 7 -2.80 -9.83 5.75
CA PHE A 7 -3.41 -9.00 6.78
C PHE A 7 -4.93 -9.25 6.83
N LYS A 8 -5.60 -9.32 5.67
CA LYS A 8 -7.05 -9.53 5.59
C LYS A 8 -7.52 -10.88 6.12
N GLN A 9 -6.64 -11.89 6.11
CA GLN A 9 -6.95 -13.22 6.64
C GLN A 9 -6.79 -13.22 8.16
N ARG A 10 -5.68 -12.65 8.65
CA ARG A 10 -5.37 -12.61 10.09
C ARG A 10 -6.19 -11.57 10.86
N ARG A 11 -7.02 -10.76 10.21
CA ARG A 11 -7.87 -9.74 10.82
C ARG A 11 -9.17 -9.84 10.04
N THR A 12 -10.26 -10.34 10.65
CA THR A 12 -11.55 -10.50 9.97
C THR A 12 -12.10 -9.16 9.47
N PHE A 13 -13.17 -9.20 8.67
CA PHE A 13 -13.82 -8.03 8.09
C PHE A 13 -14.17 -6.98 9.14
N GLU A 14 -14.85 -7.37 10.22
CA GLU A 14 -15.23 -6.43 11.27
C GLU A 14 -14.00 -5.71 11.81
N GLN A 15 -12.97 -6.50 12.17
CA GLN A 15 -11.72 -6.00 12.71
C GLN A 15 -11.04 -5.06 11.71
N ARG A 16 -11.08 -5.39 10.41
CA ARG A 16 -10.47 -4.57 9.38
C ARG A 16 -11.17 -3.25 9.27
N VAL A 17 -12.50 -3.22 9.13
CA VAL A 17 -13.26 -1.98 9.04
C VAL A 17 -12.93 -1.12 10.27
N GLU A 18 -12.71 -1.75 11.44
CA GLU A 18 -12.36 -1.07 12.69
C GLU A 18 -10.98 -0.43 12.56
N ASP A 19 -9.99 -1.15 12.04
CA ASP A 19 -8.62 -0.66 11.85
C ASP A 19 -8.57 0.47 10.82
N VAL A 20 -9.29 0.34 9.72
CA VAL A 20 -9.33 1.37 8.67
C VAL A 20 -10.03 2.63 9.19
N ARG A 21 -11.17 2.50 9.87
CA ARG A 21 -11.87 3.66 10.40
C ARG A 21 -11.04 4.28 11.53
N LEU A 22 -10.42 3.48 12.40
CA LEU A 22 -9.60 3.97 13.50
C LEU A 22 -8.47 4.78 12.91
N ILE A 23 -7.76 4.25 11.91
CA ILE A 23 -6.68 5.00 11.32
C ILE A 23 -7.19 6.30 10.70
N ARG A 24 -8.41 6.33 10.13
CA ARG A 24 -8.93 7.60 9.59
C ARG A 24 -9.25 8.56 10.72
N GLU A 25 -9.57 8.08 11.92
CA GLU A 25 -9.91 8.91 13.06
C GLU A 25 -8.69 9.64 13.61
N GLN A 26 -7.57 8.92 13.79
CA GLN A 26 -6.32 9.48 14.28
C GLN A 26 -5.54 10.16 13.15
N HIS A 27 -5.59 9.60 11.94
CA HIS A 27 -4.90 10.11 10.76
C HIS A 27 -5.88 10.35 9.59
N PRO A 28 -6.82 11.31 9.71
CA PRO A 28 -7.77 11.63 8.66
C PRO A 28 -7.08 12.34 7.48
N THR A 29 -5.78 12.55 7.59
CA THR A 29 -4.90 13.20 6.64
C THR A 29 -4.00 12.18 5.91
N LYS A 30 -4.20 10.89 6.16
CA LYS A 30 -3.48 9.78 5.54
C LYS A 30 -4.50 8.85 4.93
N ILE A 31 -4.17 8.34 3.76
CA ILE A 31 -4.99 7.46 2.95
C ILE A 31 -4.49 6.03 3.18
N PRO A 32 -5.33 5.13 3.72
CA PRO A 32 -4.99 3.73 3.96
C PRO A 32 -5.01 2.92 2.64
N VAL A 33 -3.82 2.54 2.17
CA VAL A 33 -3.60 1.77 0.98
C VAL A 33 -2.88 0.46 1.34
N ILE A 34 -3.12 -0.59 0.57
CA ILE A 34 -2.55 -1.93 0.70
C ILE A 34 -1.61 -2.09 -0.49
N ILE A 35 -0.39 -2.59 -0.27
CA ILE A 35 0.59 -2.80 -1.33
C ILE A 35 1.08 -4.24 -1.17
N GLU A 36 0.81 -5.12 -2.13
CA GLU A 36 1.25 -6.53 -2.06
C GLU A 36 2.02 -6.91 -3.34
N ARG A 37 3.10 -7.67 -3.17
CA ARG A 37 3.94 -8.13 -4.28
C ARG A 37 3.12 -9.11 -5.10
N TYR A 38 3.03 -8.92 -6.42
CA TYR A 38 2.27 -9.81 -7.28
C TYR A 38 2.70 -11.27 -7.05
N LYS A 39 1.75 -12.19 -7.08
CA LYS A 39 1.99 -13.62 -6.85
C LYS A 39 2.91 -14.29 -7.88
N GLY A 40 3.11 -13.65 -9.03
CA GLY A 40 3.97 -14.14 -10.10
C GLY A 40 5.30 -13.38 -10.16
N GLU A 41 5.52 -12.42 -9.26
CA GLU A 41 6.73 -11.63 -9.20
C GLU A 41 7.85 -12.55 -8.71
N LYS A 42 8.97 -12.59 -9.43
CA LYS A 42 10.13 -13.42 -9.11
C LYS A 42 11.45 -12.66 -9.24
N GLN A 43 11.47 -11.49 -9.86
CA GLN A 43 12.67 -10.68 -10.02
C GLN A 43 12.72 -9.61 -8.95
N LEU A 44 11.57 -9.12 -8.45
CA LEU A 44 11.57 -8.08 -7.43
C LEU A 44 11.45 -8.69 -6.04
N PRO A 45 12.01 -8.02 -5.02
CA PRO A 45 11.94 -8.45 -3.64
C PRO A 45 10.57 -8.11 -3.04
N VAL A 46 10.14 -8.88 -2.04
CA VAL A 46 8.87 -8.66 -1.36
C VAL A 46 9.07 -7.53 -0.33
N LEU A 47 8.05 -6.72 -0.11
CA LEU A 47 8.13 -5.63 0.86
C LEU A 47 7.98 -6.19 2.28
N ASP A 48 8.53 -5.47 3.26
CA ASP A 48 8.50 -5.87 4.67
C ASP A 48 7.10 -5.89 5.30
N LYS A 49 6.15 -5.13 4.77
CA LYS A 49 4.78 -5.06 5.28
C LYS A 49 3.80 -4.86 4.11
N THR A 50 2.51 -4.77 4.40
CA THR A 50 1.47 -4.61 3.40
C THR A 50 0.63 -3.33 3.57
N LYS A 51 0.47 -2.79 4.79
CA LYS A 51 -0.34 -1.58 5.02
C LYS A 51 0.50 -0.29 4.91
N PHE A 52 0.08 0.66 4.08
CA PHE A 52 0.77 1.94 3.86
C PHE A 52 -0.19 3.10 4.09
N LEU A 53 0.36 4.26 4.44
CA LEU A 53 -0.35 5.51 4.71
C LEU A 53 0.27 6.59 3.85
N VAL A 54 -0.41 6.93 2.76
CA VAL A 54 0.01 7.93 1.79
C VAL A 54 -0.78 9.20 2.11
N PRO A 55 -0.14 10.36 2.31
CA PRO A 55 -0.90 11.58 2.60
C PRO A 55 -1.77 11.94 1.40
N ASP A 56 -2.93 12.53 1.65
CA ASP A 56 -3.87 12.93 0.60
C ASP A 56 -3.34 13.96 -0.40
N HIS A 57 -2.28 14.68 -0.06
CA HIS A 57 -1.74 15.72 -0.91
C HIS A 57 -0.70 15.23 -1.93
N VAL A 58 -0.15 14.00 -1.82
CA VAL A 58 0.86 13.54 -2.79
C VAL A 58 0.25 12.75 -3.95
N ASN A 59 1.07 12.68 -5.00
CA ASN A 59 0.85 12.04 -6.28
C ASN A 59 1.61 10.72 -6.40
N MET A 60 1.23 9.94 -7.41
CA MET A 60 1.83 8.64 -7.67
C MET A 60 3.33 8.71 -7.90
N SER A 61 3.85 9.76 -8.54
CA SER A 61 5.29 9.90 -8.80
C SER A 61 6.05 9.73 -7.48
N GLU A 62 5.56 10.36 -6.41
CA GLU A 62 6.13 10.30 -5.08
C GLU A 62 5.89 8.93 -4.45
N LEU A 63 4.66 8.38 -4.51
CA LEU A 63 4.39 7.06 -3.92
C LEU A 63 5.38 6.05 -4.50
N ILE A 64 5.48 6.02 -5.83
CA ILE A 64 6.36 5.14 -6.59
C ILE A 64 7.81 5.40 -6.11
N LYS A 65 8.24 6.66 -6.07
CA LYS A 65 9.58 7.04 -5.64
C LYS A 65 9.90 6.55 -4.22
N ILE A 66 9.07 6.80 -3.20
CA ILE A 66 9.36 6.35 -1.83
C ILE A 66 9.44 4.82 -1.80
N ILE A 67 8.57 4.11 -2.54
CA ILE A 67 8.59 2.65 -2.60
C ILE A 67 9.96 2.24 -3.13
N ARG A 68 10.45 2.84 -4.23
CA ARG A 68 11.75 2.49 -4.79
C ARG A 68 12.88 2.82 -3.84
N ARG A 69 12.76 3.91 -3.08
CA ARG A 69 13.76 4.36 -2.13
C ARG A 69 14.06 3.30 -1.09
N ARG A 70 13.03 2.82 -0.37
CA ARG A 70 13.28 1.79 0.64
C ARG A 70 13.54 0.43 0.02
N LEU A 71 12.85 0.07 -1.08
CA LEU A 71 13.06 -1.24 -1.72
C LEU A 71 14.43 -1.37 -2.39
N GLN A 72 15.07 -0.23 -2.69
CA GLN A 72 16.40 -0.12 -3.32
C GLN A 72 16.54 -0.93 -4.61
N LEU A 73 15.45 -1.03 -5.39
CA LEU A 73 15.34 -1.75 -6.66
C LEU A 73 16.39 -1.27 -7.68
N ASN A 74 16.60 -2.01 -8.77
CA ASN A 74 17.57 -1.62 -9.79
C ASN A 74 17.02 -0.51 -10.65
N ALA A 75 17.90 0.22 -11.36
CA ALA A 75 17.50 1.29 -12.26
C ALA A 75 17.43 0.77 -13.68
N ASN A 76 18.18 -0.30 -13.98
CA ASN A 76 18.22 -0.93 -15.31
C ASN A 76 16.95 -1.75 -15.54
N GLN A 77 16.25 -2.08 -14.45
CA GLN A 77 14.99 -2.82 -14.44
C GLN A 77 13.87 -1.80 -14.26
N ALA A 78 12.65 -2.08 -14.72
CA ALA A 78 11.50 -1.18 -14.55
C ALA A 78 10.44 -1.88 -13.73
N PHE A 79 9.58 -1.13 -13.04
CA PHE A 79 8.51 -1.69 -12.23
C PHE A 79 7.29 -0.80 -12.32
N PHE A 80 6.13 -1.39 -12.02
CA PHE A 80 4.86 -0.73 -12.06
C PHE A 80 4.05 -1.12 -10.83
N LEU A 81 3.17 -0.20 -10.46
CA LEU A 81 2.25 -0.26 -9.35
C LEU A 81 0.88 -0.24 -9.99
N LEU A 82 0.11 -1.24 -9.63
CA LEU A 82 -1.24 -1.50 -10.11
C LEU A 82 -2.24 -1.20 -9.02
N VAL A 83 -3.39 -0.67 -9.39
CA VAL A 83 -4.46 -0.33 -8.45
C VAL A 83 -5.49 -1.44 -8.62
N ASN A 84 -5.81 -2.16 -7.55
CA ASN A 84 -6.76 -3.29 -7.52
C ASN A 84 -6.37 -4.39 -8.52
N GLY A 85 -5.12 -4.38 -9.02
CA GLY A 85 -4.58 -5.34 -9.98
C GLY A 85 -4.58 -4.80 -11.41
N HIS A 86 -4.79 -3.49 -11.59
CA HIS A 86 -4.85 -2.80 -12.88
C HIS A 86 -3.94 -1.57 -12.94
N SER A 87 -2.87 -1.65 -13.72
CA SER A 87 -1.93 -0.55 -13.92
C SER A 87 -2.62 0.38 -14.93
N MET A 88 -3.49 1.28 -14.45
CA MET A 88 -4.21 2.19 -15.35
C MET A 88 -4.16 3.66 -14.98
N VAL A 89 -3.64 3.96 -13.80
CA VAL A 89 -3.53 5.31 -13.28
C VAL A 89 -2.26 5.97 -13.86
N SER A 90 -2.18 7.29 -13.80
CA SER A 90 -1.04 8.04 -14.30
C SER A 90 -0.13 8.37 -13.12
N VAL A 91 1.15 8.58 -13.41
CA VAL A 91 2.15 8.92 -12.40
C VAL A 91 1.86 10.29 -11.75
N SER A 92 0.97 11.09 -12.33
CA SER A 92 0.62 12.41 -11.83
C SER A 92 -0.73 12.48 -11.10
N THR A 93 -1.45 11.37 -10.93
CA THR A 93 -2.76 11.37 -10.27
C THR A 93 -2.61 11.34 -8.74
N PRO A 94 -3.33 12.18 -7.96
CA PRO A 94 -3.24 12.17 -6.50
C PRO A 94 -3.88 10.91 -5.90
N ILE A 95 -3.30 10.42 -4.80
CA ILE A 95 -3.80 9.21 -4.16
C ILE A 95 -5.21 9.42 -3.61
N SER A 96 -5.60 10.66 -3.27
CA SER A 96 -6.92 10.98 -2.74
C SER A 96 -7.99 10.59 -3.77
N GLU A 97 -7.84 11.00 -5.03
CA GLU A 97 -8.84 10.65 -6.04
C GLU A 97 -8.72 9.17 -6.42
N VAL A 98 -7.50 8.60 -6.46
CA VAL A 98 -7.35 7.17 -6.80
C VAL A 98 -8.11 6.34 -5.76
N TYR A 99 -7.99 6.73 -4.49
CA TYR A 99 -8.62 6.13 -3.33
C TYR A 99 -10.13 6.13 -3.54
N GLU A 100 -10.75 7.30 -3.71
CA GLU A 100 -12.21 7.27 -3.91
C GLU A 100 -12.62 6.60 -5.23
N SER A 101 -11.70 6.41 -6.18
CA SER A 101 -11.95 5.78 -7.48
C SER A 101 -11.83 4.25 -7.45
N GLU A 102 -11.13 3.66 -6.49
CA GLU A 102 -10.95 2.20 -6.42
C GLU A 102 -11.21 1.62 -5.02
N LYS A 103 -11.73 2.42 -4.08
CA LYS A 103 -12.00 1.96 -2.72
C LYS A 103 -12.88 0.71 -2.61
N ASP A 104 -12.52 -0.16 -1.67
CA ASP A 104 -13.20 -1.42 -1.36
C ASP A 104 -14.41 -1.16 -0.46
N GLU A 105 -15.21 -2.20 -0.18
CA GLU A 105 -16.34 -2.11 0.73
C GLU A 105 -15.77 -1.80 2.13
N ASP A 106 -14.54 -2.26 2.41
CA ASP A 106 -13.84 -2.04 3.68
C ASP A 106 -13.46 -0.57 3.78
N GLY A 107 -13.29 0.07 2.61
CA GLY A 107 -12.90 1.45 2.39
C GLY A 107 -11.41 1.56 2.10
N PHE A 108 -10.67 0.44 2.16
CA PHE A 108 -9.24 0.32 1.90
C PHE A 108 -8.98 0.48 0.41
N LEU A 109 -7.79 0.96 0.04
CA LEU A 109 -7.40 1.09 -1.38
C LEU A 109 -6.41 -0.04 -1.65
N TYR A 110 -6.74 -0.99 -2.54
CA TYR A 110 -5.86 -2.11 -2.84
C TYR A 110 -4.87 -1.77 -3.96
N MET A 111 -3.61 -2.17 -3.83
CA MET A 111 -2.57 -1.95 -4.82
C MET A 111 -1.62 -3.15 -4.80
N VAL A 112 -1.05 -3.48 -5.95
CA VAL A 112 -0.12 -4.59 -6.12
C VAL A 112 1.02 -4.14 -7.02
N TYR A 113 2.22 -4.73 -6.91
CA TYR A 113 3.35 -4.31 -7.76
C TYR A 113 4.09 -5.47 -8.39
N ALA A 114 4.69 -5.23 -9.56
CA ALA A 114 5.48 -6.20 -10.31
C ALA A 114 6.40 -5.49 -11.33
N SER A 115 7.27 -6.26 -11.98
CA SER A 115 8.21 -5.79 -13.00
C SER A 115 7.74 -6.37 -14.33
N GLN A 116 6.67 -5.77 -14.86
CA GLN A 116 6.03 -6.09 -16.13
C GLN A 116 5.00 -4.99 -16.31
N GLU A 117 4.92 -4.38 -17.48
CA GLU A 117 3.98 -3.30 -17.72
C GLU A 117 2.59 -3.81 -18.07
N THR A 118 2.47 -4.88 -18.87
CA THR A 118 1.20 -5.45 -19.26
C THR A 118 0.99 -6.78 -18.54
N PHE A 119 -0.04 -6.88 -17.70
CA PHE A 119 -0.36 -8.08 -16.96
C PHE A 119 -0.87 -9.18 -17.89
N ASN B 1 -2.24 -0.77 29.71
CA ASN B 1 -2.71 0.54 30.24
C ASN B 1 -1.49 1.36 30.66
N SEP B 2 -0.86 1.10 31.82
CA SEP B 2 0.34 1.80 32.24
CB SEP B 2 0.63 1.47 33.71
OG SEP B 2 1.90 1.93 34.09
C SEP B 2 1.39 1.27 31.27
O SEP B 2 1.88 2.01 30.41
P SEP B 2 2.44 1.66 35.58
O1P SEP B 2 3.79 2.25 35.52
O2P SEP B 2 1.47 2.39 36.41
O3P SEP B 2 2.38 0.20 35.67
H SEP B 2 -1.15 0.30 32.37
HA SEP B 2 0.23 2.88 32.13
HB2 SEP B 2 -0.12 1.93 34.35
HB3 SEP B 2 0.59 0.39 33.85
N SEP B 3 1.58 -0.05 31.29
CA SEP B 3 2.47 -0.75 30.39
CB SEP B 3 2.73 -2.15 30.94
OG SEP B 3 3.49 -2.88 30.01
C SEP B 3 1.72 -0.82 29.05
O SEP B 3 0.49 -0.76 29.00
P SEP B 3 3.14 -4.38 29.61
O1P SEP B 3 1.69 -4.35 29.32
O2P SEP B 3 3.98 -4.59 28.42
O3P SEP B 3 3.52 -5.14 30.83
H SEP B 3 1.14 -0.59 32.03
HA SEP B 3 3.41 -0.20 30.28
HB2 SEP B 3 3.29 -2.09 31.88
HB3 SEP B 3 1.78 -2.65 31.13
N GLY B 4 2.48 -1.03 27.97
CA GLY B 4 2.01 -1.15 26.61
C GLY B 4 3.19 -1.48 25.69
N SEP B 5 2.88 -1.95 24.49
CA SEP B 5 3.83 -2.34 23.46
CB SEP B 5 3.63 -3.83 23.14
OG SEP B 5 4.81 -4.41 22.63
C SEP B 5 3.63 -1.49 22.20
O SEP B 5 2.67 -0.73 22.10
P SEP B 5 4.79 -5.91 22.12
O1P SEP B 5 6.22 -6.16 21.87
O2P SEP B 5 4.23 -6.66 23.27
O3P SEP B 5 3.93 -5.91 20.93
H SEP B 5 1.90 -2.08 24.27
HA SEP B 5 4.85 -2.22 23.83
HB2 SEP B 5 3.36 -4.36 24.05
HB3 SEP B 5 2.81 -3.94 22.42
N SEP B 6 4.59 -1.56 21.29
CA SEP B 6 4.57 -0.84 20.02
CB SEP B 6 5.60 0.29 20.02
OG SEP B 6 5.63 1.03 18.81
C SEP B 6 4.80 -1.89 18.95
O SEP B 6 5.70 -2.73 19.08
P SEP B 6 4.45 2.03 18.36
O1P SEP B 6 5.05 2.58 17.13
O2P SEP B 6 3.29 1.15 18.12
O3P SEP B 6 4.32 2.98 19.49
H SEP B 6 5.36 -2.21 21.40
HA SEP B 6 3.58 -0.41 19.89
HB2 SEP B 6 5.40 0.98 20.85
HB3 SEP B 6 6.59 -0.14 20.18
N GLU B 7 3.83 -2.01 18.06
CA GLU B 7 3.82 -2.96 16.96
C GLU B 7 3.81 -2.19 15.66
N ASP B 8 4.24 -2.82 14.57
CA ASP B 8 4.25 -2.21 13.25
C ASP B 8 3.00 -2.72 12.53
N SEP B 9 2.33 -1.83 11.80
CA SEP B 9 1.16 -2.18 11.03
CB SEP B 9 -0.13 -1.90 11.80
OG SEP B 9 -0.20 -2.79 12.89
C SEP B 9 1.27 -1.41 9.73
O SEP B 9 1.77 -1.95 8.72
P SEP B 9 -1.39 -3.83 13.08
O1P SEP B 9 -1.31 -4.19 14.50
O2P SEP B 9 -2.60 -3.06 12.69
O3P SEP B 9 -1.09 -4.93 12.14
H SEP B 9 2.64 -0.88 11.80
HA SEP B 9 1.19 -3.24 10.79
HB2 SEP B 9 -0.14 -0.87 12.16
HB3 SEP B 9 -0.98 -2.05 11.14
N PHE B 10 0.83 -0.16 9.72
CA PHE B 10 0.91 0.65 8.53
C PHE B 10 2.26 1.35 8.48
N VAL B 11 2.61 1.90 7.32
CA VAL B 11 3.84 2.66 7.16
C VAL B 11 3.53 3.99 6.49
N GLU B 12 3.72 5.11 7.19
CA GLU B 12 3.48 6.46 6.71
C GLU B 12 4.61 6.85 5.76
N ILE B 13 4.31 7.64 4.73
CA ILE B 13 5.34 8.06 3.78
C ILE B 13 6.23 9.16 4.35
N ARG B 14 7.44 9.27 3.81
CA ARG B 14 8.45 10.25 4.16
C ARG B 14 8.34 11.36 3.13
N MET B 15 8.53 12.58 3.57
CA MET B 15 8.48 13.77 2.74
C MET B 15 9.60 14.68 3.23
N ALA B 16 9.99 15.64 2.41
CA ALA B 16 11.05 16.60 2.71
C ALA B 16 10.74 17.85 1.90
N GLU B 17 11.58 18.88 2.04
CA GLU B 17 11.40 20.13 1.32
C GLU B 17 12.41 20.14 0.20
N GLY A 1 -2.61 -26.32 8.35
CA GLY A 1 -1.54 -25.45 8.84
C GLY A 1 -1.91 -24.00 8.62
N ALA A 2 -0.96 -23.20 8.16
CA ALA A 2 -1.15 -21.78 7.91
C ALA A 2 -0.30 -21.33 6.73
N MET A 3 -0.61 -20.15 6.20
CA MET A 3 0.04 -19.47 5.09
C MET A 3 0.33 -18.03 5.54
N GLY A 4 0.75 -17.15 4.61
CA GLY A 4 1.05 -15.76 4.92
C GLY A 4 -0.18 -15.04 5.48
N LYS A 5 -0.25 -14.92 6.80
CA LYS A 5 -1.36 -14.30 7.52
C LYS A 5 -1.37 -12.81 7.23
N THR A 6 -2.28 -12.45 6.35
CA THR A 6 -2.51 -11.09 5.92
C THR A 6 -3.22 -10.30 7.02
N PHE A 7 -3.28 -8.98 6.86
CA PHE A 7 -3.92 -8.07 7.80
C PHE A 7 -5.38 -8.48 8.00
N LYS A 8 -6.08 -8.78 6.89
CA LYS A 8 -7.49 -9.19 6.93
C LYS A 8 -7.65 -10.52 7.67
N GLN A 9 -6.58 -11.31 7.81
CA GLN A 9 -6.65 -12.57 8.54
C GLN A 9 -6.55 -12.23 10.03
N ARG A 10 -5.63 -11.35 10.43
CA ARG A 10 -5.47 -10.98 11.85
C ARG A 10 -6.55 -10.01 12.38
N ARG A 11 -7.49 -9.53 11.54
CA ARG A 11 -8.57 -8.64 11.93
C ARG A 11 -9.80 -9.00 11.11
N THR A 12 -10.90 -9.34 11.76
CA THR A 12 -12.17 -9.71 11.14
C THR A 12 -12.69 -8.52 10.31
N PHE A 13 -13.68 -8.75 9.43
CA PHE A 13 -14.27 -7.72 8.58
C PHE A 13 -14.76 -6.53 9.39
N GLU A 14 -15.42 -6.78 10.52
CA GLU A 14 -15.94 -5.75 11.40
C GLU A 14 -14.80 -4.83 11.83
N GLN A 15 -13.68 -5.43 12.24
CA GLN A 15 -12.50 -4.71 12.65
C GLN A 15 -11.87 -4.00 11.45
N ARG A 16 -11.98 -4.50 10.22
CA ARG A 16 -11.39 -3.84 9.06
C ARG A 16 -12.10 -2.51 8.88
N VAL A 17 -13.43 -2.50 8.85
CA VAL A 17 -14.15 -1.24 8.69
C VAL A 17 -13.89 -0.32 9.91
N GLU A 18 -13.87 -0.85 11.14
CA GLU A 18 -13.61 -0.05 12.34
C GLU A 18 -12.18 0.52 12.34
N ASP A 19 -11.23 -0.21 11.79
CA ASP A 19 -9.82 0.17 11.67
C ASP A 19 -9.68 1.24 10.60
N VAL A 20 -10.37 1.11 9.47
CA VAL A 20 -10.33 2.09 8.40
C VAL A 20 -10.88 3.40 8.93
N ARG A 21 -12.08 3.42 9.52
CA ARG A 21 -12.63 4.66 10.07
C ARG A 21 -11.70 5.19 11.15
N LEU A 22 -11.07 4.36 12.00
CA LEU A 22 -10.15 4.86 13.02
C LEU A 22 -8.98 5.57 12.34
N ILE A 23 -8.39 4.98 11.30
CA ILE A 23 -7.28 5.60 10.58
C ILE A 23 -7.75 6.93 9.98
N ARG A 24 -8.93 6.95 9.34
CA ARG A 24 -9.48 8.16 8.74
C ARG A 24 -9.81 9.20 9.83
N GLU A 25 -10.04 8.79 11.07
CA GLU A 25 -10.35 9.64 12.19
C GLU A 25 -9.05 10.25 12.73
N GLN A 26 -8.06 9.44 13.12
CA GLN A 26 -6.78 9.93 13.65
C GLN A 26 -5.95 10.67 12.60
N HIS A 27 -6.07 10.30 11.33
CA HIS A 27 -5.36 10.88 10.20
C HIS A 27 -6.34 11.12 9.05
N PRO A 28 -7.19 12.17 9.11
CA PRO A 28 -8.16 12.44 8.06
C PRO A 28 -7.54 12.88 6.74
N THR A 29 -6.30 13.37 6.77
CA THR A 29 -5.60 13.84 5.60
C THR A 29 -4.81 12.70 4.92
N LYS A 30 -4.90 11.46 5.44
CA LYS A 30 -4.22 10.31 4.88
C LYS A 30 -5.23 9.37 4.27
N ILE A 31 -4.76 8.66 3.26
CA ILE A 31 -5.50 7.70 2.49
C ILE A 31 -4.92 6.33 2.88
N PRO A 32 -5.75 5.37 3.34
CA PRO A 32 -5.32 4.02 3.71
C PRO A 32 -5.14 3.14 2.46
N VAL A 33 -3.89 2.85 2.09
CA VAL A 33 -3.53 2.05 0.93
C VAL A 33 -2.70 0.86 1.38
N ILE A 34 -2.89 -0.32 0.80
CA ILE A 34 -2.14 -1.52 1.17
C ILE A 34 -1.35 -1.89 -0.07
N ILE A 35 -0.03 -1.89 0.07
CA ILE A 35 0.94 -2.18 -0.95
C ILE A 35 1.54 -3.54 -0.66
N GLU A 36 1.57 -4.43 -1.65
CA GLU A 36 2.16 -5.76 -1.48
C GLU A 36 2.84 -6.17 -2.78
N ARG A 37 3.87 -7.01 -2.68
CA ARG A 37 4.59 -7.47 -3.86
C ARG A 37 3.71 -8.54 -4.51
N TYR A 38 3.56 -8.49 -5.83
CA TYR A 38 2.76 -9.47 -6.55
C TYR A 38 3.20 -10.87 -6.15
N LYS A 39 2.25 -11.77 -5.93
CA LYS A 39 2.56 -13.14 -5.54
C LYS A 39 3.50 -13.82 -6.54
N GLY A 40 3.35 -13.48 -7.83
CA GLY A 40 4.16 -14.02 -8.91
C GLY A 40 5.53 -13.38 -9.06
N GLU A 41 5.81 -12.26 -8.37
CA GLU A 41 7.09 -11.58 -8.45
C GLU A 41 8.17 -12.48 -7.88
N LYS A 42 9.36 -12.41 -8.49
CA LYS A 42 10.53 -13.19 -8.14
C LYS A 42 11.78 -12.31 -8.17
N GLN A 43 11.91 -11.42 -9.15
CA GLN A 43 13.06 -10.55 -9.24
C GLN A 43 12.97 -9.45 -8.20
N LEU A 44 11.78 -8.86 -7.96
CA LEU A 44 11.73 -7.77 -6.97
C LEU A 44 11.61 -8.30 -5.53
N PRO A 45 12.20 -7.60 -4.54
CA PRO A 45 12.13 -8.00 -3.15
C PRO A 45 10.74 -7.71 -2.55
N VAL A 46 10.48 -8.21 -1.34
CA VAL A 46 9.22 -8.06 -0.62
C VAL A 46 9.23 -6.82 0.26
N LEU A 47 8.12 -6.07 0.25
CA LEU A 47 7.95 -4.86 1.04
C LEU A 47 7.92 -5.27 2.52
N ASP A 48 8.69 -4.53 3.31
CA ASP A 48 8.91 -4.66 4.76
C ASP A 48 7.70 -4.33 5.63
N LYS A 49 6.68 -3.69 5.07
CA LYS A 49 5.42 -3.31 5.71
C LYS A 49 4.33 -3.69 4.72
N THR A 50 3.07 -3.45 5.06
CA THR A 50 1.96 -3.79 4.17
C THR A 50 1.04 -2.57 4.04
N LYS A 51 0.44 -2.11 5.15
CA LYS A 51 -0.45 -0.94 5.15
C LYS A 51 0.35 0.36 5.18
N PHE A 52 0.06 1.28 4.27
CA PHE A 52 0.70 2.59 4.15
C PHE A 52 -0.34 3.71 4.32
N LEU A 53 0.13 4.87 4.74
CA LEU A 53 -0.63 6.11 4.96
C LEU A 53 -0.04 7.11 3.98
N VAL A 54 -0.77 7.33 2.88
CA VAL A 54 -0.35 8.26 1.83
C VAL A 54 -1.16 9.54 1.95
N PRO A 55 -0.54 10.73 2.01
CA PRO A 55 -1.28 11.97 2.11
C PRO A 55 -1.93 12.24 0.74
N ASP A 56 -3.13 12.78 0.75
CA ASP A 56 -3.90 13.09 -0.46
C ASP A 56 -3.24 14.13 -1.39
N HIS A 57 -2.12 14.76 -1.03
CA HIS A 57 -1.44 15.75 -1.86
C HIS A 57 -0.23 15.18 -2.65
N VAL A 58 0.24 13.95 -2.41
CA VAL A 58 1.36 13.39 -3.19
C VAL A 58 0.90 12.45 -4.31
N ASN A 59 1.43 12.60 -5.52
CA ASN A 59 1.08 11.75 -6.67
C ASN A 59 1.76 10.37 -6.56
N MET A 60 1.39 9.46 -7.46
CA MET A 60 1.94 8.12 -7.49
C MET A 60 3.43 8.10 -7.75
N SER A 61 3.96 9.05 -8.54
CA SER A 61 5.39 9.07 -8.81
C SER A 61 6.13 9.08 -7.45
N GLU A 62 5.64 9.88 -6.51
CA GLU A 62 6.19 10.00 -5.17
C GLU A 62 5.94 8.75 -4.36
N LEU A 63 4.72 8.20 -4.35
CA LEU A 63 4.50 6.96 -3.58
C LEU A 63 5.53 5.92 -4.05
N ILE A 64 5.64 5.71 -5.36
CA ILE A 64 6.59 4.78 -5.97
C ILE A 64 7.98 5.12 -5.45
N LYS A 65 8.41 6.38 -5.52
CA LYS A 65 9.72 6.82 -5.06
C LYS A 65 9.95 6.45 -3.60
N ILE A 66 9.02 6.70 -2.66
CA ILE A 66 9.21 6.36 -1.25
C ILE A 66 9.43 4.84 -1.17
N ILE A 67 8.62 4.06 -1.88
CA ILE A 67 8.73 2.61 -1.89
C ILE A 67 10.11 2.23 -2.43
N ARG A 68 10.61 2.83 -3.52
CA ARG A 68 11.94 2.48 -4.01
C ARG A 68 13.03 2.91 -3.02
N ARG A 69 12.82 3.97 -2.24
CA ARG A 69 13.79 4.46 -1.26
C ARG A 69 14.02 3.39 -0.20
N ARG A 70 12.97 2.97 0.52
CA ARG A 70 13.11 1.95 1.58
C ARG A 70 13.49 0.58 1.01
N LEU A 71 12.94 0.22 -0.14
CA LEU A 71 13.19 -1.07 -0.80
C LEU A 71 14.57 -1.13 -1.47
N GLN A 72 15.29 0.00 -1.56
CA GLN A 72 16.62 0.15 -2.19
C GLN A 72 16.64 -0.48 -3.59
N LEU A 73 15.61 -0.15 -4.37
CA LEU A 73 15.42 -0.63 -5.74
C LEU A 73 16.63 -0.28 -6.60
N ASN A 74 16.99 -1.17 -7.55
CA ASN A 74 18.11 -0.98 -8.45
C ASN A 74 17.84 0.17 -9.41
N ALA A 75 18.88 0.59 -10.14
CA ALA A 75 18.82 1.67 -11.11
C ALA A 75 18.70 1.11 -12.52
N ASN A 76 19.15 -0.13 -12.74
CA ASN A 76 19.08 -0.77 -14.06
C ASN A 76 17.75 -1.47 -14.26
N GLN A 77 17.04 -1.75 -13.17
CA GLN A 77 15.78 -2.45 -13.26
C GLN A 77 14.63 -1.47 -13.12
N ALA A 78 13.55 -1.73 -13.85
CA ALA A 78 12.34 -0.92 -13.84
C ALA A 78 11.20 -1.79 -13.37
N PHE A 79 10.18 -1.21 -12.76
CA PHE A 79 9.02 -1.94 -12.27
C PHE A 79 7.76 -1.10 -12.50
N PHE A 80 6.60 -1.67 -12.20
CA PHE A 80 5.30 -1.05 -12.35
C PHE A 80 4.50 -1.33 -11.08
N LEU A 81 3.48 -0.50 -10.85
CA LEU A 81 2.56 -0.59 -9.72
C LEU A 81 1.19 -0.60 -10.36
N LEU A 82 0.48 -1.69 -10.13
CA LEU A 82 -0.85 -1.96 -10.66
C LEU A 82 -1.85 -1.83 -9.50
N VAL A 83 -3.03 -1.27 -9.74
CA VAL A 83 -4.06 -1.07 -8.71
C VAL A 83 -4.97 -2.27 -8.79
N ASN A 84 -5.28 -2.93 -7.68
CA ASN A 84 -6.10 -4.16 -7.61
C ASN A 84 -5.51 -5.32 -8.41
N GLY A 85 -4.40 -5.10 -9.13
CA GLY A 85 -3.69 -6.05 -9.96
C GLY A 85 -3.68 -5.61 -11.42
N HIS A 86 -4.14 -4.40 -11.78
CA HIS A 86 -4.18 -3.87 -13.14
C HIS A 86 -3.86 -2.36 -13.14
N SER A 87 -3.04 -1.85 -14.07
CA SER A 87 -2.69 -0.44 -14.14
C SER A 87 -3.58 0.20 -15.21
N MET A 88 -4.80 0.62 -14.86
CA MET A 88 -5.72 1.25 -15.82
C MET A 88 -5.76 2.77 -15.66
N VAL A 89 -5.02 3.35 -14.72
CA VAL A 89 -4.97 4.78 -14.47
C VAL A 89 -3.58 5.30 -14.85
N SER A 90 -3.50 6.59 -15.14
CA SER A 90 -2.32 7.34 -15.55
C SER A 90 -1.20 7.34 -14.48
N VAL A 91 -0.06 7.96 -14.76
CA VAL A 91 1.11 8.03 -13.86
C VAL A 91 1.32 9.37 -13.12
N SER A 92 0.44 10.35 -13.32
CA SER A 92 0.50 11.68 -12.68
C SER A 92 -0.80 12.10 -11.98
N THR A 93 -1.68 11.13 -11.75
CA THR A 93 -2.99 11.26 -11.12
C THR A 93 -2.86 11.27 -9.59
N PRO A 94 -3.73 11.97 -8.86
CA PRO A 94 -3.66 11.95 -7.41
C PRO A 94 -4.29 10.66 -6.84
N ILE A 95 -3.71 10.22 -5.72
CA ILE A 95 -4.17 9.03 -5.04
C ILE A 95 -5.56 9.26 -4.44
N SER A 96 -5.99 10.52 -4.23
CA SER A 96 -7.30 10.84 -3.69
C SER A 96 -8.37 10.35 -4.67
N GLU A 97 -8.26 10.72 -5.96
CA GLU A 97 -9.23 10.27 -6.93
C GLU A 97 -9.09 8.77 -7.14
N VAL A 98 -7.84 8.25 -7.22
CA VAL A 98 -7.73 6.79 -7.38
C VAL A 98 -8.42 6.10 -6.20
N TYR A 99 -8.31 6.64 -4.99
CA TYR A 99 -8.93 6.07 -3.80
C TYR A 99 -10.44 5.96 -3.99
N GLU A 100 -11.14 7.07 -4.21
CA GLU A 100 -12.60 7.00 -4.38
C GLU A 100 -13.02 6.25 -5.66
N SER A 101 -12.10 6.01 -6.61
CA SER A 101 -12.39 5.30 -7.85
C SER A 101 -12.26 3.77 -7.67
N GLU A 102 -11.28 3.31 -6.90
CA GLU A 102 -10.99 1.89 -6.67
C GLU A 102 -11.25 1.44 -5.23
N LYS A 103 -11.85 2.28 -4.38
CA LYS A 103 -12.15 1.95 -2.98
C LYS A 103 -12.86 0.62 -2.88
N ASP A 104 -12.29 -0.28 -2.10
CA ASP A 104 -12.88 -1.59 -1.88
C ASP A 104 -14.01 -1.38 -0.88
N GLU A 105 -14.95 -2.31 -0.76
CA GLU A 105 -16.07 -2.19 0.18
C GLU A 105 -15.55 -2.02 1.63
N ASP A 106 -14.34 -2.48 1.96
CA ASP A 106 -13.77 -2.34 3.31
C ASP A 106 -13.40 -0.86 3.57
N GLY A 107 -13.15 -0.10 2.49
CA GLY A 107 -12.76 1.30 2.45
C GLY A 107 -11.25 1.46 2.22
N PHE A 108 -10.52 0.36 2.00
CA PHE A 108 -9.08 0.34 1.73
C PHE A 108 -8.79 0.42 0.22
N LEU A 109 -7.56 0.82 -0.13
CA LEU A 109 -7.06 0.87 -1.52
C LEU A 109 -6.11 -0.31 -1.66
N TYR A 110 -6.27 -1.13 -2.69
CA TYR A 110 -5.44 -2.31 -2.95
C TYR A 110 -4.42 -1.97 -4.04
N MET A 111 -3.12 -2.14 -3.76
CA MET A 111 -2.04 -1.86 -4.69
C MET A 111 -1.04 -3.01 -4.70
N VAL A 112 -0.63 -3.45 -5.88
CA VAL A 112 0.31 -4.56 -6.04
C VAL A 112 1.45 -4.10 -6.96
N TYR A 113 2.69 -4.51 -6.70
CA TYR A 113 3.81 -4.12 -7.56
C TYR A 113 4.55 -5.33 -8.12
N ALA A 114 5.04 -5.21 -9.36
CA ALA A 114 5.78 -6.26 -10.06
C ALA A 114 6.62 -5.64 -11.19
N SER A 115 7.45 -6.44 -11.85
CA SER A 115 8.28 -6.01 -12.95
C SER A 115 7.63 -6.57 -14.24
N GLN A 116 6.54 -5.91 -14.67
CA GLN A 116 5.73 -6.19 -15.84
C GLN A 116 4.62 -5.13 -15.85
N GLU A 117 4.33 -4.52 -16.99
CA GLU A 117 3.27 -3.51 -17.12
C GLU A 117 1.92 -4.23 -17.31
N THR A 118 1.95 -5.37 -17.98
CA THR A 118 0.82 -6.20 -18.32
C THR A 118 1.15 -7.63 -17.89
N PHE A 119 0.35 -8.18 -16.98
CA PHE A 119 0.50 -9.53 -16.46
C PHE A 119 0.03 -10.56 -17.47
N ASN B 1 5.79 -9.86 25.03
CA ASN B 1 7.15 -10.16 24.55
C ASN B 1 7.13 -10.24 23.04
N SEP B 2 7.14 -11.44 22.41
CA SEP B 2 7.10 -11.58 20.95
CB SEP B 2 7.23 -13.05 20.56
OG SEP B 2 8.39 -13.56 21.21
C SEP B 2 5.85 -10.85 20.41
O SEP B 2 5.95 -10.12 19.42
P SEP B 2 8.90 -15.07 21.00
O1P SEP B 2 7.78 -15.89 21.50
O2P SEP B 2 9.14 -15.21 19.55
O3P SEP B 2 10.12 -15.15 21.81
H SEP B 2 7.18 -12.31 22.91
HA SEP B 2 7.98 -11.06 20.55
HB2 SEP B 2 6.35 -13.60 20.86
HB3 SEP B 2 7.36 -13.12 19.48
N SEP B 3 4.73 -10.92 21.14
CA SEP B 3 3.50 -10.23 20.82
CB SEP B 3 2.28 -11.13 20.65
OG SEP B 3 1.90 -11.84 21.83
C SEP B 3 3.39 -9.17 21.93
O SEP B 3 3.71 -9.43 23.09
P SEP B 3 0.40 -12.41 21.96
O1P SEP B 3 0.33 -13.42 20.90
O2P SEP B 3 0.34 -12.97 23.33
O3P SEP B 3 -0.45 -11.23 21.76
H SEP B 3 4.69 -11.53 21.94
HA SEP B 3 3.62 -9.71 19.87
HB2 SEP B 3 1.45 -10.50 20.34
HB3 SEP B 3 2.47 -11.86 19.86
N GLY B 4 3.20 -7.91 21.53
CA GLY B 4 3.08 -6.77 22.43
C GLY B 4 2.95 -5.48 21.62
N SEP B 5 2.98 -4.33 22.27
CA SEP B 5 2.85 -3.00 21.67
CB SEP B 5 2.40 -2.04 22.79
OG SEP B 5 1.31 -2.62 23.50
C SEP B 5 4.15 -2.56 20.97
O SEP B 5 4.79 -1.59 21.39
P SEP B 5 -0.21 -2.31 23.09
O1P SEP B 5 -0.99 -3.27 23.91
O2P SEP B 5 -0.38 -0.89 23.45
O3P SEP B 5 -0.27 -2.58 21.64
H SEP B 5 3.04 -4.32 23.28
HA SEP B 5 2.07 -3.02 20.92
HB2 SEP B 5 3.23 -1.91 23.49
HB3 SEP B 5 2.13 -1.07 22.37
N SEP B 6 4.57 -3.28 19.92
CA SEP B 6 5.77 -3.06 19.12
CB SEP B 6 6.81 -4.12 19.52
OG SEP B 6 7.51 -3.82 20.72
C SEP B 6 5.55 -3.20 17.60
O SEP B 6 6.48 -3.04 16.82
P SEP B 6 8.95 -3.13 20.69
O1P SEP B 6 8.64 -1.74 20.36
O2P SEP B 6 9.41 -3.36 22.07
O3P SEP B 6 9.70 -3.89 19.66
H SEP B 6 3.97 -4.06 19.66
HA SEP B 6 6.18 -2.06 19.31
HB2 SEP B 6 6.30 -5.08 19.64
HB3 SEP B 6 7.53 -4.25 18.72
N GLU B 7 4.38 -3.68 17.17
CA GLU B 7 4.08 -3.86 15.77
C GLU B 7 3.26 -2.69 15.28
N ASP B 8 3.90 -1.77 14.55
CA ASP B 8 3.22 -0.62 13.97
C ASP B 8 2.16 -1.21 13.05
N SEP B 9 1.02 -0.55 12.84
CA SEP B 9 -0.03 -1.11 12.00
CB SEP B 9 -1.39 -0.88 12.68
OG SEP B 9 -1.55 -1.77 13.76
C SEP B 9 -0.03 -0.48 10.62
O SEP B 9 -0.23 -1.20 9.65
P SEP B 9 -2.34 -3.15 13.58
O1P SEP B 9 -3.76 -2.76 13.70
O2P SEP B 9 -1.96 -3.64 12.24
O3P SEP B 9 -1.87 -3.97 14.70
H SEP B 9 0.79 0.24 13.44
HA SEP B 9 0.11 -2.18 11.88
HB2 SEP B 9 -1.42 0.15 13.06
HB3 SEP B 9 -2.19 -1.01 11.96
N PHE B 10 0.40 0.77 10.48
CA PHE B 10 0.47 1.47 9.20
C PHE B 10 1.81 2.18 9.13
N VAL B 11 2.25 2.52 7.92
CA VAL B 11 3.50 3.22 7.73
C VAL B 11 3.28 4.44 6.82
N GLU B 12 3.46 5.63 7.37
CA GLU B 12 3.29 6.88 6.66
C GLU B 12 4.37 7.08 5.58
N ILE B 13 4.05 7.88 4.56
CA ILE B 13 5.01 8.16 3.50
C ILE B 13 6.04 9.16 4.04
N ARG B 14 7.31 8.97 3.69
CA ARG B 14 8.39 9.88 4.07
C ARG B 14 8.43 10.92 2.96
N MET B 15 7.49 11.85 3.06
CA MET B 15 7.28 12.97 2.15
C MET B 15 8.46 13.94 2.24
N ALA B 16 8.32 15.09 1.58
CA ALA B 16 9.29 16.16 1.56
C ALA B 16 8.74 17.34 2.39
N GLU B 17 9.52 18.40 2.46
CA GLU B 17 9.23 19.64 3.14
C GLU B 17 10.01 20.71 2.39
N GLY A 1 -0.82 -24.70 13.16
CA GLY A 1 0.19 -24.91 12.12
C GLY A 1 0.89 -23.61 11.77
N ALA A 2 2.15 -23.71 11.37
CA ALA A 2 2.98 -22.57 10.99
C ALA A 2 2.45 -21.99 9.68
N MET A 3 2.00 -20.73 9.66
CA MET A 3 1.48 -20.11 8.46
C MET A 3 1.57 -18.58 8.57
N GLY A 4 1.74 -17.91 7.43
CA GLY A 4 1.80 -16.46 7.34
C GLY A 4 0.38 -15.90 7.31
N LYS A 5 0.07 -15.02 8.26
CA LYS A 5 -1.23 -14.38 8.42
C LYS A 5 -1.26 -12.97 7.83
N THR A 6 -1.92 -12.83 6.69
CA THR A 6 -2.11 -11.58 5.95
C THR A 6 -2.94 -10.61 6.85
N PHE A 7 -3.01 -9.33 6.51
CA PHE A 7 -3.76 -8.31 7.28
C PHE A 7 -5.20 -8.77 7.53
N LYS A 8 -5.93 -9.21 6.50
CA LYS A 8 -7.30 -9.66 6.66
C LYS A 8 -7.42 -10.92 7.53
N GLN A 9 -6.37 -11.73 7.67
CA GLN A 9 -6.44 -12.91 8.53
C GLN A 9 -6.38 -12.40 9.97
N ARG A 10 -5.48 -11.44 10.28
CA ARG A 10 -5.36 -10.90 11.63
C ARG A 10 -6.50 -9.94 11.98
N ARG A 11 -7.27 -9.43 11.00
CA ARG A 11 -8.39 -8.52 11.21
C ARG A 11 -9.55 -8.89 10.27
N THR A 12 -10.61 -9.44 10.86
CA THR A 12 -11.84 -9.86 10.19
C THR A 12 -12.50 -8.69 9.46
N PHE A 13 -13.52 -8.95 8.63
CA PHE A 13 -14.22 -7.91 7.87
C PHE A 13 -14.70 -6.78 8.80
N GLU A 14 -15.32 -7.12 9.94
CA GLU A 14 -15.82 -6.13 10.90
C GLU A 14 -14.68 -5.24 11.36
N GLN A 15 -13.59 -5.86 11.81
CA GLN A 15 -12.42 -5.13 12.26
C GLN A 15 -11.82 -4.31 11.11
N ARG A 16 -11.93 -4.76 9.86
CA ARG A 16 -11.39 -4.04 8.71
C ARG A 16 -12.20 -2.78 8.52
N VAL A 17 -13.54 -2.84 8.47
CA VAL A 17 -14.33 -1.62 8.30
C VAL A 17 -14.06 -0.69 9.49
N GLU A 18 -13.95 -1.23 10.71
CA GLU A 18 -13.68 -0.45 11.92
C GLU A 18 -12.27 0.17 11.85
N ASP A 19 -11.29 -0.53 11.25
CA ASP A 19 -9.92 -0.02 11.11
C ASP A 19 -9.95 1.13 10.11
N VAL A 20 -10.76 1.04 9.05
CA VAL A 20 -10.88 2.09 8.05
C VAL A 20 -11.45 3.35 8.67
N ARG A 21 -12.64 3.30 9.25
CA ARG A 21 -13.24 4.48 9.87
C ARG A 21 -12.31 5.06 10.96
N LEU A 22 -11.64 4.21 11.74
CA LEU A 22 -10.72 4.65 12.78
C LEU A 22 -9.64 5.53 12.15
N ILE A 23 -8.95 4.98 11.14
CA ILE A 23 -7.89 5.67 10.42
C ILE A 23 -8.43 6.94 9.74
N ARG A 24 -9.66 6.93 9.22
CA ARG A 24 -10.24 8.10 8.57
C ARG A 24 -10.49 9.20 9.60
N GLU A 25 -10.71 8.86 10.88
CA GLU A 25 -10.95 9.85 11.93
C GLU A 25 -9.63 10.46 12.40
N GLN A 26 -8.61 9.66 12.72
CA GLN A 26 -7.31 10.16 13.21
C GLN A 26 -6.47 10.76 12.07
N HIS A 27 -6.65 10.27 10.83
CA HIS A 27 -5.91 10.72 9.65
C HIS A 27 -6.88 10.98 8.48
N PRO A 28 -7.75 12.00 8.56
CA PRO A 28 -8.69 12.32 7.48
C PRO A 28 -7.94 12.84 6.26
N THR A 29 -6.71 13.31 6.45
CA THR A 29 -5.81 13.85 5.44
C THR A 29 -4.96 12.74 4.80
N LYS A 30 -5.20 11.45 5.13
CA LYS A 30 -4.49 10.30 4.58
C LYS A 30 -5.50 9.41 3.88
N ILE A 31 -5.00 8.59 2.97
CA ILE A 31 -5.73 7.65 2.18
C ILE A 31 -5.22 6.27 2.62
N PRO A 32 -6.11 5.42 3.18
CA PRO A 32 -5.80 4.07 3.62
C PRO A 32 -5.67 3.14 2.40
N VAL A 33 -4.45 2.75 2.09
CA VAL A 33 -4.15 1.88 0.95
C VAL A 33 -3.44 0.63 1.46
N ILE A 34 -3.75 -0.49 0.83
CA ILE A 34 -3.20 -1.81 1.11
C ILE A 34 -2.27 -2.07 -0.06
N ILE A 35 -1.00 -2.35 0.22
CA ILE A 35 0.00 -2.65 -0.78
C ILE A 35 0.55 -4.03 -0.49
N GLU A 36 0.47 -4.90 -1.49
CA GLU A 36 1.01 -6.25 -1.36
C GLU A 36 1.84 -6.57 -2.62
N ARG A 37 2.65 -7.62 -2.53
CA ARG A 37 3.51 -8.03 -3.63
C ARG A 37 2.75 -8.97 -4.54
N TYR A 38 2.96 -8.87 -5.86
CA TYR A 38 2.29 -9.77 -6.79
C TYR A 38 2.64 -11.21 -6.40
N LYS A 39 1.68 -12.12 -6.55
CA LYS A 39 1.87 -13.52 -6.20
C LYS A 39 3.05 -14.15 -6.96
N GLY A 40 3.25 -13.79 -8.22
CA GLY A 40 4.30 -14.32 -9.06
C GLY A 40 5.62 -13.58 -8.96
N GLU A 41 5.76 -12.55 -8.12
CA GLU A 41 7.00 -11.80 -7.98
C GLU A 41 8.05 -12.75 -7.37
N LYS A 42 9.26 -12.75 -7.93
CA LYS A 42 10.38 -13.59 -7.52
C LYS A 42 11.73 -12.86 -7.58
N GLN A 43 11.81 -11.68 -8.20
CA GLN A 43 13.05 -10.91 -8.30
C GLN A 43 13.02 -9.71 -7.34
N LEU A 44 11.83 -9.16 -7.04
CA LEU A 44 11.75 -8.02 -6.13
C LEU A 44 11.41 -8.50 -4.71
N PRO A 45 11.87 -7.84 -3.64
CA PRO A 45 11.60 -8.23 -2.25
C PRO A 45 10.21 -7.77 -1.79
N VAL A 46 9.72 -8.32 -0.67
CA VAL A 46 8.41 -8.00 -0.11
C VAL A 46 8.51 -6.84 0.91
N LEU A 47 7.41 -6.08 1.11
CA LEU A 47 7.38 -4.99 2.10
C LEU A 47 7.25 -5.65 3.46
N ASP A 48 7.63 -4.94 4.52
CA ASP A 48 7.57 -5.44 5.89
C ASP A 48 6.16 -5.31 6.47
N LYS A 49 5.36 -4.40 5.92
CA LYS A 49 3.97 -4.13 6.31
C LYS A 49 3.12 -4.01 5.04
N THR A 50 1.80 -4.06 5.16
CA THR A 50 0.89 -3.97 4.00
C THR A 50 -0.02 -2.76 4.06
N LYS A 51 -0.38 -2.24 5.23
CA LYS A 51 -1.22 -1.04 5.36
C LYS A 51 -0.35 0.21 5.27
N PHE A 52 -0.73 1.19 4.45
CA PHE A 52 0.01 2.45 4.29
C PHE A 52 -0.95 3.63 4.34
N LEU A 53 -0.41 4.83 4.63
CA LEU A 53 -1.13 6.09 4.73
C LEU A 53 -0.47 7.09 3.79
N VAL A 54 -1.17 7.40 2.70
CA VAL A 54 -0.66 8.34 1.69
C VAL A 54 -1.49 9.61 1.78
N PRO A 55 -0.92 10.83 1.81
CA PRO A 55 -1.72 12.04 1.86
C PRO A 55 -2.56 12.18 0.60
N ASP A 56 -3.79 12.70 0.73
CA ASP A 56 -4.66 12.89 -0.44
C ASP A 56 -4.03 13.90 -1.43
N HIS A 57 -3.13 14.76 -0.92
CA HIS A 57 -2.44 15.79 -1.70
C HIS A 57 -1.18 15.26 -2.39
N VAL A 58 -0.75 14.01 -2.15
CA VAL A 58 0.45 13.42 -2.74
C VAL A 58 0.17 12.56 -3.98
N ASN A 59 1.01 12.77 -5.00
CA ASN A 59 0.99 12.06 -6.27
C ASN A 59 1.75 10.75 -6.19
N MET A 60 1.37 9.84 -7.09
CA MET A 60 1.99 8.53 -7.18
C MET A 60 3.50 8.67 -7.38
N SER A 61 3.97 9.71 -8.05
CA SER A 61 5.37 9.99 -8.33
C SER A 61 6.21 9.97 -7.04
N GLU A 62 5.90 10.83 -6.08
CA GLU A 62 6.65 10.88 -4.83
C GLU A 62 6.38 9.63 -3.99
N LEU A 63 5.12 9.14 -3.98
CA LEU A 63 4.81 7.94 -3.19
C LEU A 63 5.72 6.78 -3.66
N ILE A 64 5.75 6.52 -4.97
CA ILE A 64 6.54 5.50 -5.64
C ILE A 64 8.00 5.72 -5.26
N LYS A 65 8.53 6.94 -5.36
CA LYS A 65 9.92 7.23 -5.03
C LYS A 65 10.28 6.75 -3.62
N ILE A 66 9.47 7.11 -2.61
CA ILE A 66 9.71 6.71 -1.22
C ILE A 66 9.64 5.19 -1.09
N ILE A 67 8.68 4.56 -1.75
CA ILE A 67 8.54 3.13 -1.73
C ILE A 67 9.79 2.51 -2.35
N ARG A 68 10.33 3.03 -3.45
CA ARG A 68 11.53 2.47 -4.06
C ARG A 68 12.75 2.66 -3.17
N ARG A 69 12.75 3.72 -2.35
CA ARG A 69 13.82 4.01 -1.41
C ARG A 69 13.92 2.88 -0.40
N ARG A 70 12.84 2.62 0.34
CA ARG A 70 12.85 1.55 1.34
C ARG A 70 12.91 0.16 0.72
N LEU A 71 12.33 -0.05 -0.47
CA LEU A 71 12.37 -1.36 -1.13
C LEU A 71 13.77 -1.71 -1.65
N GLN A 72 14.70 -0.74 -1.72
CA GLN A 72 16.08 -0.88 -2.19
C GLN A 72 16.19 -1.67 -3.51
N LEU A 73 15.23 -1.47 -4.43
CA LEU A 73 15.20 -2.14 -5.72
C LEU A 73 16.39 -1.75 -6.60
N ASN A 74 16.62 -2.53 -7.66
CA ASN A 74 17.71 -2.34 -8.60
C ASN A 74 17.52 -1.12 -9.48
N ALA A 75 18.63 -0.71 -10.11
CA ALA A 75 18.71 0.41 -11.03
C ALA A 75 18.64 -0.12 -12.46
N ASN A 76 19.06 -1.37 -12.69
CA ASN A 76 19.01 -2.02 -13.99
C ASN A 76 17.60 -2.55 -14.27
N GLN A 77 16.68 -2.47 -13.29
CA GLN A 77 15.33 -2.93 -13.47
C GLN A 77 14.35 -1.83 -13.11
N ALA A 78 13.17 -1.86 -13.73
CA ALA A 78 12.09 -0.94 -13.46
C ALA A 78 11.05 -1.79 -12.72
N PHE A 79 10.08 -1.14 -12.09
CA PHE A 79 9.02 -1.84 -11.37
C PHE A 79 7.71 -1.10 -11.64
N PHE A 80 6.57 -1.69 -11.29
CA PHE A 80 5.26 -1.10 -11.54
C PHE A 80 4.37 -1.28 -10.31
N LEU A 81 3.43 -0.34 -10.16
CA LEU A 81 2.44 -0.21 -9.12
C LEU A 81 1.10 -0.32 -9.84
N LEU A 82 0.41 -1.44 -9.63
CA LEU A 82 -0.87 -1.75 -10.23
C LEU A 82 -1.95 -1.41 -9.20
N VAL A 83 -3.13 -0.98 -9.67
CA VAL A 83 -4.28 -0.61 -8.85
C VAL A 83 -5.36 -1.65 -9.17
N ASN A 84 -5.94 -2.28 -8.14
CA ASN A 84 -6.92 -3.35 -8.22
C ASN A 84 -6.44 -4.56 -9.04
N GLY A 85 -5.15 -4.60 -9.41
CA GLY A 85 -4.45 -5.62 -10.17
C GLY A 85 -4.09 -5.15 -11.58
N HIS A 86 -4.29 -3.86 -11.91
CA HIS A 86 -4.04 -3.31 -13.23
C HIS A 86 -3.26 -1.98 -13.20
N SER A 87 -2.17 -1.88 -13.95
CA SER A 87 -1.34 -0.69 -14.06
C SER A 87 -1.94 0.26 -15.11
N MET A 88 -2.82 1.17 -14.72
CA MET A 88 -3.40 2.17 -15.64
C MET A 88 -3.37 3.58 -15.06
N VAL A 89 -2.88 3.75 -13.84
CA VAL A 89 -2.79 5.03 -13.15
C VAL A 89 -1.42 5.63 -13.44
N SER A 90 -1.41 6.85 -13.99
CA SER A 90 -0.20 7.58 -14.33
C SER A 90 0.56 8.03 -13.08
N VAL A 91 1.85 8.31 -13.27
CA VAL A 91 2.77 8.73 -12.23
C VAL A 91 2.40 10.05 -11.56
N SER A 92 1.91 11.07 -12.28
CA SER A 92 1.57 12.35 -11.65
C SER A 92 0.18 12.37 -11.00
N THR A 93 -0.64 11.32 -11.19
CA THR A 93 -1.99 11.28 -10.63
C THR A 93 -2.00 11.36 -9.09
N PRO A 94 -2.88 12.19 -8.48
CA PRO A 94 -3.00 12.30 -7.04
C PRO A 94 -3.82 11.11 -6.52
N ILE A 95 -3.39 10.57 -5.38
CA ILE A 95 -4.09 9.44 -4.81
C ILE A 95 -5.55 9.81 -4.48
N SER A 96 -5.92 11.09 -4.34
CA SER A 96 -7.29 11.47 -4.06
C SER A 96 -8.20 10.96 -5.19
N GLU A 97 -7.90 11.32 -6.45
CA GLU A 97 -8.71 10.88 -7.58
C GLU A 97 -8.56 9.35 -7.71
N VAL A 98 -7.36 8.80 -7.44
CA VAL A 98 -7.24 7.32 -7.53
C VAL A 98 -8.21 6.67 -6.53
N TYR A 99 -8.28 7.20 -5.31
CA TYR A 99 -9.13 6.69 -4.25
C TYR A 99 -10.59 6.67 -4.63
N GLU A 100 -11.17 7.81 -4.98
CA GLU A 100 -12.60 7.83 -5.32
C GLU A 100 -12.93 7.09 -6.62
N SER A 101 -11.97 6.86 -7.51
CA SER A 101 -12.26 6.16 -8.75
C SER A 101 -11.97 4.64 -8.68
N GLU A 102 -11.13 4.17 -7.76
CA GLU A 102 -10.76 2.76 -7.63
C GLU A 102 -11.14 2.13 -6.27
N LYS A 103 -11.77 2.89 -5.36
CA LYS A 103 -12.18 2.47 -4.01
C LYS A 103 -12.91 1.14 -3.93
N ASP A 104 -12.62 0.37 -2.89
CA ASP A 104 -13.24 -0.91 -2.60
C ASP A 104 -14.47 -0.64 -1.73
N GLU A 105 -15.32 -1.66 -1.56
CA GLU A 105 -16.53 -1.58 -0.75
C GLU A 105 -16.21 -1.27 0.72
N ASP A 106 -15.08 -1.75 1.24
CA ASP A 106 -14.65 -1.54 2.62
C ASP A 106 -13.95 -0.19 2.83
N GLY A 107 -13.65 0.54 1.76
CA GLY A 107 -13.02 1.85 1.82
C GLY A 107 -11.49 1.82 1.83
N PHE A 108 -10.86 0.65 1.73
CA PHE A 108 -9.39 0.57 1.63
C PHE A 108 -9.11 0.65 0.11
N LEU A 109 -7.89 1.00 -0.29
CA LEU A 109 -7.51 1.03 -1.70
C LEU A 109 -6.59 -0.18 -1.96
N TYR A 110 -6.98 -1.17 -2.76
CA TYR A 110 -6.12 -2.33 -3.05
C TYR A 110 -5.10 -2.00 -4.14
N MET A 111 -3.82 -2.16 -3.83
CA MET A 111 -2.71 -1.91 -4.71
C MET A 111 -1.68 -3.05 -4.59
N VAL A 112 -1.01 -3.38 -5.69
CA VAL A 112 0.02 -4.42 -5.72
C VAL A 112 1.20 -3.92 -6.54
N TYR A 113 2.40 -4.42 -6.28
CA TYR A 113 3.60 -4.03 -7.05
C TYR A 113 4.42 -5.26 -7.48
N ALA A 114 4.99 -5.18 -8.69
CA ALA A 114 5.83 -6.22 -9.31
C ALA A 114 6.76 -5.65 -10.40
N SER A 115 7.63 -6.50 -10.96
CA SER A 115 8.56 -6.14 -12.03
C SER A 115 7.98 -6.71 -13.33
N GLN A 116 6.96 -6.04 -13.87
CA GLN A 116 6.24 -6.37 -15.10
C GLN A 116 5.21 -5.27 -15.32
N GLU A 117 4.94 -4.93 -16.58
CA GLU A 117 3.97 -3.90 -16.94
C GLU A 117 2.56 -4.52 -17.13
N THR A 118 2.50 -5.84 -17.31
CA THR A 118 1.29 -6.64 -17.53
C THR A 118 1.37 -7.94 -16.72
N PHE A 119 0.21 -8.45 -16.28
CA PHE A 119 0.06 -9.69 -15.52
C PHE A 119 -0.32 -10.82 -16.46
N ASN B 1 12.22 -14.29 16.25
CA ASN B 1 12.78 -13.99 17.58
C ASN B 1 13.45 -12.61 17.57
N SEP B 2 12.96 -11.70 16.74
CA SEP B 2 13.46 -10.34 16.57
CB SEP B 2 14.23 -10.28 15.24
OG SEP B 2 15.33 -11.19 15.28
C SEP B 2 12.30 -9.35 16.62
O SEP B 2 12.31 -8.48 17.48
P SEP B 2 15.41 -12.49 14.34
O1P SEP B 2 14.09 -13.13 14.48
O2P SEP B 2 15.68 -11.93 12.99
O3P SEP B 2 16.51 -13.25 14.93
H SEP B 2 12.11 -11.88 16.22
HA SEP B 2 14.15 -10.10 17.38
HB2 SEP B 2 13.56 -10.53 14.41
HB3 SEP B 2 14.60 -9.27 15.08
N SEP B 3 11.20 -9.62 15.89
CA SEP B 3 10.03 -8.77 15.87
CB SEP B 3 9.18 -9.08 14.63
OG SEP B 3 9.00 -10.48 14.41
C SEP B 3 9.21 -8.83 17.16
O SEP B 3 8.48 -9.80 17.40
P SEP B 3 9.66 -11.19 13.14
O1P SEP B 3 9.16 -10.37 12.03
O2P SEP B 3 11.10 -11.11 13.44
O3P SEP B 3 9.06 -12.55 13.20
H SEP B 3 11.23 -10.35 15.19
HA SEP B 3 10.39 -7.75 15.75
HB2 SEP B 3 8.20 -8.61 14.75
HB3 SEP B 3 9.66 -8.63 13.77
N GLY B 4 9.38 -7.82 18.01
CA GLY B 4 8.72 -7.61 19.29
C GLY B 4 7.28 -7.12 19.11
N SEP B 5 6.64 -6.75 20.22
CA SEP B 5 5.26 -6.25 20.26
CB SEP B 5 4.68 -6.39 21.66
OG SEP B 5 4.69 -7.74 22.10
C SEP B 5 5.10 -4.84 19.70
O SEP B 5 4.71 -3.91 20.43
P SEP B 5 3.79 -8.19 23.35
O1P SEP B 5 2.40 -7.97 22.90
O2P SEP B 5 4.17 -9.61 23.50
O3P SEP B 5 4.26 -7.29 24.42
H SEP B 5 7.11 -6.83 21.11
HA SEP B 5 4.67 -6.91 19.62
HB2 SEP B 5 5.25 -5.78 22.37
HB3 SEP B 5 3.65 -6.05 21.65
N SEP B 6 5.44 -4.62 18.43
CA SEP B 6 5.28 -3.33 17.75
CB SEP B 6 5.96 -3.29 16.38
OG SEP B 6 7.37 -3.31 16.44
C SEP B 6 3.79 -3.13 17.52
O SEP B 6 3.16 -4.00 16.87
P SEP B 6 8.22 -2.72 15.21
O1P SEP B 6 7.95 -1.28 15.24
O2P SEP B 6 9.60 -3.11 15.59
O3P SEP B 6 7.69 -3.45 14.03
H SEP B 6 5.76 -5.41 17.88
HA SEP B 6 5.68 -2.53 18.38
HB2 SEP B 6 5.61 -4.12 15.77
HB3 SEP B 6 5.64 -2.36 15.89
N GLU B 7 3.16 -2.15 18.15
CA GLU B 7 1.76 -1.85 17.94
C GLU B 7 1.77 -0.98 16.68
N ASP B 8 2.03 -1.58 15.51
CA ASP B 8 2.09 -0.84 14.27
C ASP B 8 1.52 -1.70 13.16
N SEP B 9 0.74 -1.08 12.29
CA SEP B 9 0.11 -1.69 11.13
CB SEP B 9 -1.38 -2.01 11.37
OG SEP B 9 -1.59 -2.95 12.40
C SEP B 9 0.22 -0.73 9.95
O SEP B 9 0.83 -1.09 8.93
P SEP B 9 -3.01 -3.67 12.54
O1P SEP B 9 -3.97 -2.56 12.46
O2P SEP B 9 -3.06 -4.56 11.36
O3P SEP B 9 -2.94 -4.35 13.85
H SEP B 9 0.54 -0.09 12.43
HA SEP B 9 0.62 -2.62 10.88
HB2 SEP B 9 -1.94 -1.09 11.56
HB3 SEP B 9 -1.75 -2.45 10.45
N PHE B 10 -0.30 0.49 10.10
CA PHE B 10 -0.26 1.49 9.04
C PHE B 10 1.04 2.27 9.07
N VAL B 11 1.69 2.43 7.91
CA VAL B 11 2.93 3.18 7.79
C VAL B 11 2.70 4.36 6.84
N GLU B 12 2.82 5.56 7.37
CA GLU B 12 2.63 6.79 6.62
C GLU B 12 3.84 7.08 5.72
N ILE B 13 3.64 7.87 4.67
CA ILE B 13 4.77 8.21 3.82
C ILE B 13 5.61 9.25 4.56
N ARG B 14 6.93 9.09 4.49
CA ARG B 14 7.93 9.93 5.13
C ARG B 14 8.11 11.23 4.37
N MET B 15 7.64 12.34 4.93
CA MET B 15 7.72 13.66 4.31
C MET B 15 7.60 14.76 5.39
N ALA B 16 7.88 16.00 4.99
CA ALA B 16 7.82 17.19 5.83
C ALA B 16 6.36 17.61 6.06
N GLU B 17 6.18 18.65 6.86
CA GLU B 17 4.92 19.28 7.26
C GLU B 17 5.11 20.77 7.05
N GLY A 1 2.12 -27.52 12.77
CA GLY A 1 1.73 -27.04 11.44
C GLY A 1 1.78 -25.52 11.40
N ALA A 2 2.02 -24.95 10.22
CA ALA A 2 2.09 -23.50 10.02
C ALA A 2 1.38 -23.12 8.74
N MET A 3 1.15 -21.82 8.55
CA MET A 3 0.47 -21.22 7.40
C MET A 3 0.80 -19.72 7.41
N GLY A 4 0.60 -18.98 6.33
CA GLY A 4 0.85 -17.54 6.29
C GLY A 4 -0.51 -16.88 6.10
N LYS A 5 -1.14 -16.42 7.19
CA LYS A 5 -2.46 -15.79 7.12
C LYS A 5 -2.24 -14.30 6.84
N THR A 6 -2.79 -13.80 5.74
CA THR A 6 -2.71 -12.42 5.28
C THR A 6 -3.35 -11.45 6.29
N PHE A 7 -3.11 -10.14 6.13
CA PHE A 7 -3.68 -9.09 7.00
C PHE A 7 -5.22 -9.22 6.97
N LYS A 8 -5.77 -9.52 5.78
CA LYS A 8 -7.19 -9.71 5.53
C LYS A 8 -7.72 -10.99 6.18
N GLN A 9 -6.86 -11.98 6.44
CA GLN A 9 -7.29 -13.22 7.10
C GLN A 9 -7.34 -13.02 8.61
N ARG A 10 -6.38 -12.30 9.20
CA ARG A 10 -6.34 -12.08 10.67
C ARG A 10 -7.39 -11.09 11.16
N ARG A 11 -8.17 -10.48 10.25
CA ARG A 11 -9.24 -9.53 10.53
C ARG A 11 -10.26 -9.75 9.41
N THR A 12 -11.39 -10.39 9.72
CA THR A 12 -12.50 -10.72 8.80
C THR A 12 -13.17 -9.44 8.27
N PHE A 13 -14.08 -9.52 7.29
CA PHE A 13 -14.76 -8.35 6.70
C PHE A 13 -15.26 -7.37 7.76
N GLU A 14 -15.97 -7.83 8.80
CA GLU A 14 -16.50 -6.95 9.86
C GLU A 14 -15.36 -6.10 10.44
N GLN A 15 -14.25 -6.79 10.74
CA GLN A 15 -13.05 -6.24 11.29
C GLN A 15 -12.29 -5.41 10.25
N ARG A 16 -12.40 -5.72 8.95
CA ARG A 16 -11.77 -5.01 7.85
C ARG A 16 -12.40 -3.62 7.82
N VAL A 17 -13.73 -3.54 7.82
CA VAL A 17 -14.41 -2.25 7.80
C VAL A 17 -14.12 -1.52 9.13
N GLU A 18 -13.96 -2.24 10.26
CA GLU A 18 -13.62 -1.61 11.55
C GLU A 18 -12.22 -1.00 11.44
N ASP A 19 -11.29 -1.68 10.77
CA ASP A 19 -9.92 -1.25 10.56
C ASP A 19 -9.89 0.04 9.74
N VAL A 20 -10.68 0.11 8.67
CA VAL A 20 -10.74 1.29 7.82
C VAL A 20 -11.34 2.47 8.60
N ARG A 21 -12.58 2.36 9.11
CA ARG A 21 -13.20 3.46 9.84
C ARG A 21 -12.34 3.93 11.01
N LEU A 22 -11.65 3.00 11.69
CA LEU A 22 -10.79 3.31 12.81
C LEU A 22 -9.68 4.22 12.33
N ILE A 23 -8.93 3.83 11.30
CA ILE A 23 -7.84 4.66 10.79
C ILE A 23 -8.38 5.98 10.27
N ARG A 24 -9.50 5.96 9.55
CA ARG A 24 -10.10 7.17 9.01
C ARG A 24 -10.53 8.13 10.12
N GLU A 25 -10.84 7.65 11.32
CA GLU A 25 -11.23 8.54 12.42
C GLU A 25 -10.00 9.18 13.06
N GLN A 26 -8.97 8.38 13.37
CA GLN A 26 -7.74 8.88 13.99
C GLN A 26 -6.92 9.73 13.03
N HIS A 27 -6.90 9.34 11.75
CA HIS A 27 -6.14 9.98 10.69
C HIS A 27 -7.07 10.23 9.48
N PRO A 28 -7.95 11.25 9.54
CA PRO A 28 -8.91 11.55 8.48
C PRO A 28 -8.30 11.97 7.15
N THR A 29 -7.13 12.62 7.16
CA THR A 29 -6.47 13.06 5.95
C THR A 29 -5.49 12.01 5.39
N LYS A 30 -5.48 10.79 5.95
CA LYS A 30 -4.62 9.71 5.48
C LYS A 30 -5.56 8.75 4.75
N ILE A 31 -5.07 8.19 3.67
CA ILE A 31 -5.78 7.27 2.83
C ILE A 31 -5.28 5.86 3.18
N PRO A 32 -6.18 4.92 3.54
CA PRO A 32 -5.84 3.55 3.86
C PRO A 32 -5.65 2.78 2.54
N VAL A 33 -4.41 2.45 2.18
CA VAL A 33 -4.08 1.75 0.95
C VAL A 33 -3.35 0.43 1.32
N ILE A 34 -3.48 -0.60 0.50
CA ILE A 34 -2.85 -1.90 0.64
C ILE A 34 -1.83 -1.96 -0.47
N ILE A 35 -0.60 -2.37 -0.17
CA ILE A 35 0.50 -2.50 -1.11
C ILE A 35 0.92 -3.95 -0.95
N GLU A 36 0.65 -4.78 -1.97
CA GLU A 36 0.98 -6.20 -1.97
C GLU A 36 1.81 -6.51 -3.23
N ARG A 37 2.81 -7.37 -3.07
CA ARG A 37 3.70 -7.82 -4.13
C ARG A 37 2.98 -8.91 -4.91
N TYR A 38 3.05 -8.88 -6.23
CA TYR A 38 2.39 -9.90 -7.03
C TYR A 38 2.92 -11.29 -6.67
N LYS A 39 2.06 -12.31 -6.75
CA LYS A 39 2.45 -13.68 -6.45
C LYS A 39 3.57 -14.16 -7.36
N GLY A 40 3.54 -13.77 -8.64
CA GLY A 40 4.54 -14.15 -9.62
C GLY A 40 5.81 -13.32 -9.52
N GLU A 41 5.83 -12.27 -8.69
CA GLU A 41 7.00 -11.44 -8.53
C GLU A 41 8.07 -12.25 -7.78
N LYS A 42 9.26 -12.28 -8.36
CA LYS A 42 10.41 -13.00 -7.86
C LYS A 42 11.71 -12.22 -8.04
N GLN A 43 11.75 -11.14 -8.83
CA GLN A 43 12.94 -10.34 -9.02
C GLN A 43 12.92 -9.15 -8.07
N LEU A 44 11.73 -8.63 -7.72
CA LEU A 44 11.60 -7.50 -6.82
C LEU A 44 11.42 -7.99 -5.39
N PRO A 45 11.96 -7.31 -4.36
CA PRO A 45 11.79 -7.73 -2.98
C PRO A 45 10.35 -7.43 -2.51
N VAL A 46 9.94 -7.99 -1.37
CA VAL A 46 8.60 -7.82 -0.78
C VAL A 46 8.64 -6.78 0.34
N LEU A 47 7.52 -6.09 0.58
CA LEU A 47 7.43 -5.09 1.64
C LEU A 47 7.32 -5.82 2.98
N ASP A 48 7.79 -5.15 4.02
CA ASP A 48 7.77 -5.66 5.40
C ASP A 48 6.36 -5.72 6.01
N LYS A 49 5.44 -4.91 5.48
CA LYS A 49 4.04 -4.78 5.88
C LYS A 49 3.20 -4.75 4.61
N THR A 50 1.88 -4.86 4.75
CA THR A 50 0.96 -4.84 3.63
C THR A 50 0.11 -3.57 3.60
N LYS A 51 -0.17 -2.93 4.73
CA LYS A 51 -1.00 -1.72 4.80
C LYS A 51 -0.15 -0.45 4.93
N PHE A 52 -0.52 0.63 4.24
CA PHE A 52 0.19 1.91 4.29
C PHE A 52 -0.82 3.04 4.49
N LEU A 53 -0.32 4.16 5.03
CA LEU A 53 -1.07 5.39 5.32
C LEU A 53 -0.44 6.46 4.46
N VAL A 54 -1.14 6.86 3.41
CA VAL A 54 -0.62 7.87 2.49
C VAL A 54 -1.46 9.15 2.59
N PRO A 55 -0.87 10.33 2.80
CA PRO A 55 -1.63 11.56 2.91
C PRO A 55 -2.39 11.86 1.61
N ASP A 56 -3.58 12.43 1.75
CA ASP A 56 -4.50 12.82 0.68
C ASP A 56 -3.97 13.88 -0.28
N HIS A 57 -2.79 14.43 -0.08
CA HIS A 57 -2.20 15.44 -0.96
C HIS A 57 -0.98 14.96 -1.75
N VAL A 58 -0.40 13.79 -1.46
CA VAL A 58 0.77 13.31 -2.21
C VAL A 58 0.37 12.57 -3.48
N ASN A 59 1.31 12.49 -4.43
CA ASN A 59 1.13 11.82 -5.71
C ASN A 59 1.76 10.43 -5.72
N MET A 60 1.41 9.67 -6.76
CA MET A 60 1.90 8.31 -6.92
C MET A 60 3.42 8.28 -7.08
N SER A 61 4.06 9.29 -7.70
CA SER A 61 5.50 9.31 -7.90
C SER A 61 6.24 9.30 -6.58
N GLU A 62 5.88 10.17 -5.62
CA GLU A 62 6.57 10.17 -4.34
C GLU A 62 6.23 8.92 -3.55
N LEU A 63 4.97 8.43 -3.63
CA LEU A 63 4.60 7.19 -2.94
C LEU A 63 5.56 6.11 -3.44
N ILE A 64 5.69 5.99 -4.76
CA ILE A 64 6.58 5.04 -5.44
C ILE A 64 8.01 5.33 -4.94
N LYS A 65 8.49 6.57 -4.90
CA LYS A 65 9.85 6.89 -4.43
C LYS A 65 10.04 6.37 -3.01
N ILE A 66 9.14 6.70 -2.09
CA ILE A 66 9.23 6.28 -0.69
C ILE A 66 9.32 4.76 -0.64
N ILE A 67 8.49 4.05 -1.41
CA ILE A 67 8.53 2.59 -1.42
C ILE A 67 9.88 2.16 -2.01
N ARG A 68 10.36 2.65 -3.16
CA ARG A 68 11.65 2.23 -3.71
C ARG A 68 12.77 2.49 -2.69
N ARG A 69 12.72 3.61 -1.98
CA ARG A 69 13.71 4.03 -0.98
C ARG A 69 13.86 3.01 0.14
N ARG A 70 12.79 2.75 0.88
CA ARG A 70 12.81 1.81 2.00
C ARG A 70 12.94 0.37 1.52
N LEU A 71 12.35 0.04 0.38
CA LEU A 71 12.42 -1.30 -0.17
C LEU A 71 13.82 -1.55 -0.79
N GLN A 72 14.68 -0.52 -0.83
CA GLN A 72 16.04 -0.53 -1.38
C GLN A 72 16.03 -1.08 -2.81
N LEU A 73 14.99 -0.74 -3.58
CA LEU A 73 14.79 -1.17 -4.96
C LEU A 73 16.03 -0.76 -5.77
N ASN A 74 16.49 -1.64 -6.66
CA ASN A 74 17.65 -1.45 -7.49
C ASN A 74 17.52 -0.20 -8.35
N ALA A 75 18.68 0.33 -8.72
CA ALA A 75 18.79 1.52 -9.54
C ALA A 75 18.82 1.11 -11.01
N ASN A 76 19.33 -0.09 -11.25
CA ASN A 76 19.46 -0.69 -12.58
C ASN A 76 18.16 -1.31 -13.05
N GLN A 77 17.16 -1.46 -12.16
CA GLN A 77 15.89 -2.05 -12.55
C GLN A 77 14.73 -1.11 -12.19
N ALA A 78 13.65 -1.21 -12.98
CA ALA A 78 12.43 -0.43 -12.82
C ALA A 78 11.29 -1.37 -12.46
N PHE A 79 10.11 -0.83 -12.15
CA PHE A 79 8.95 -1.63 -11.80
C PHE A 79 7.67 -0.87 -12.12
N PHE A 80 6.52 -1.53 -12.00
CA PHE A 80 5.21 -0.95 -12.23
C PHE A 80 4.29 -1.31 -11.08
N LEU A 81 3.23 -0.53 -10.98
CA LEU A 81 2.20 -0.61 -9.96
C LEU A 81 0.86 -0.66 -10.69
N LEU A 82 0.04 -1.65 -10.38
CA LEU A 82 -1.28 -1.85 -10.95
C LEU A 82 -2.27 -1.51 -9.85
N VAL A 83 -3.26 -0.69 -10.15
CA VAL A 83 -4.27 -0.26 -9.18
C VAL A 83 -5.45 -1.21 -9.33
N ASN A 84 -5.88 -1.86 -8.24
CA ASN A 84 -6.94 -2.86 -8.19
C ASN A 84 -6.60 -4.13 -9.00
N GLY A 85 -5.50 -4.09 -9.76
CA GLY A 85 -4.96 -5.13 -10.62
C GLY A 85 -4.87 -4.65 -12.09
N HIS A 86 -5.09 -3.34 -12.32
CA HIS A 86 -5.09 -2.69 -13.63
C HIS A 86 -4.14 -1.48 -13.61
N SER A 87 -3.11 -1.48 -14.46
CA SER A 87 -2.14 -0.40 -14.57
C SER A 87 -2.63 0.59 -15.63
N MET A 88 -3.46 1.58 -15.24
CA MET A 88 -3.97 2.58 -16.19
C MET A 88 -3.90 4.04 -15.72
N VAL A 89 -3.23 4.37 -14.62
CA VAL A 89 -3.16 5.76 -14.13
C VAL A 89 -1.72 6.29 -14.10
N SER A 90 -1.59 7.59 -14.37
CA SER A 90 -0.36 8.36 -14.42
C SER A 90 0.43 8.32 -13.11
N VAL A 91 1.66 8.82 -13.16
CA VAL A 91 2.56 8.86 -12.01
C VAL A 91 2.34 10.13 -11.16
N SER A 92 1.74 11.21 -11.68
CA SER A 92 1.53 12.45 -10.92
C SER A 92 0.16 12.60 -10.23
N THR A 93 -0.76 11.67 -10.45
CA THR A 93 -2.11 11.67 -9.91
C THR A 93 -2.13 11.72 -8.37
N PRO A 94 -2.97 12.57 -7.72
CA PRO A 94 -3.07 12.63 -6.27
C PRO A 94 -3.74 11.35 -5.79
N ILE A 95 -3.23 10.78 -4.68
CA ILE A 95 -3.78 9.54 -4.17
C ILE A 95 -5.21 9.72 -3.68
N SER A 96 -5.66 10.95 -3.37
CA SER A 96 -7.04 11.14 -2.94
C SER A 96 -7.97 10.91 -4.13
N GLU A 97 -7.63 11.34 -5.36
CA GLU A 97 -8.53 11.08 -6.49
C GLU A 97 -8.46 9.57 -6.79
N VAL A 98 -7.26 8.98 -6.70
CA VAL A 98 -7.14 7.54 -6.95
C VAL A 98 -8.05 6.81 -5.96
N TYR A 99 -8.10 7.27 -4.70
CA TYR A 99 -8.94 6.68 -3.68
C TYR A 99 -10.41 6.73 -4.04
N GLU A 100 -10.97 7.91 -4.33
CA GLU A 100 -12.40 7.97 -4.67
C GLU A 100 -12.76 7.24 -5.96
N SER A 101 -11.81 6.98 -6.87
CA SER A 101 -12.09 6.29 -8.11
C SER A 101 -11.82 4.77 -8.03
N GLU A 102 -10.99 4.30 -7.10
CA GLU A 102 -10.61 2.89 -6.95
C GLU A 102 -11.04 2.25 -5.62
N LYS A 103 -11.69 3.02 -4.75
CA LYS A 103 -12.21 2.63 -3.43
C LYS A 103 -13.03 1.35 -3.52
N ASP A 104 -12.82 0.43 -2.59
CA ASP A 104 -13.62 -0.79 -2.58
C ASP A 104 -14.88 -0.50 -1.75
N GLU A 105 -15.84 -1.42 -1.71
CA GLU A 105 -17.01 -1.20 -0.86
C GLU A 105 -16.51 -1.16 0.59
N ASP A 106 -15.45 -1.93 0.87
CA ASP A 106 -14.84 -2.05 2.17
C ASP A 106 -14.10 -0.77 2.56
N GLY A 107 -13.88 0.16 1.61
CA GLY A 107 -13.23 1.45 1.81
C GLY A 107 -11.71 1.42 1.74
N PHE A 108 -11.08 0.29 1.45
CA PHE A 108 -9.63 0.20 1.34
C PHE A 108 -9.25 0.46 -0.13
N LEU A 109 -7.99 0.85 -0.36
CA LEU A 109 -7.44 1.10 -1.69
C LEU A 109 -6.49 -0.07 -2.01
N TYR A 110 -6.83 -0.99 -2.90
CA TYR A 110 -5.96 -2.12 -3.22
C TYR A 110 -4.98 -1.75 -4.34
N MET A 111 -3.68 -1.89 -4.08
CA MET A 111 -2.61 -1.59 -5.04
C MET A 111 -1.64 -2.77 -5.01
N VAL A 112 -1.25 -3.25 -6.19
CA VAL A 112 -0.35 -4.40 -6.34
C VAL A 112 0.83 -3.97 -7.22
N TYR A 113 2.04 -4.50 -6.98
CA TYR A 113 3.21 -4.14 -7.78
C TYR A 113 4.01 -5.37 -8.22
N ALA A 114 4.71 -5.23 -9.34
CA ALA A 114 5.58 -6.22 -9.97
C ALA A 114 6.49 -5.54 -11.00
N SER A 115 7.35 -6.31 -11.64
CA SER A 115 8.29 -5.88 -12.66
C SER A 115 7.79 -6.48 -13.98
N GLN A 116 6.75 -5.87 -14.54
CA GLN A 116 6.10 -6.23 -15.80
C GLN A 116 5.11 -5.09 -16.07
N GLU A 117 5.12 -4.56 -17.29
CA GLU A 117 4.22 -3.47 -17.68
C GLU A 117 2.83 -4.05 -17.94
N THR A 118 2.76 -5.30 -18.41
CA THR A 118 1.57 -6.04 -18.70
C THR A 118 1.80 -7.44 -18.13
N PHE A 119 0.78 -8.06 -17.53
CA PHE A 119 0.92 -9.39 -16.97
C PHE A 119 0.64 -10.39 -18.07
N ASN B 1 11.96 -5.54 20.69
CA ASN B 1 12.32 -5.14 22.06
C ASN B 1 12.75 -3.69 21.99
N SEP B 2 14.03 -3.33 22.16
CA SEP B 2 14.57 -1.96 22.09
CB SEP B 2 15.97 -1.95 22.72
OG SEP B 2 16.77 -2.98 22.17
C SEP B 2 14.56 -1.39 20.65
O SEP B 2 15.59 -0.95 20.13
P SEP B 2 18.33 -3.07 22.48
O1P SEP B 2 18.70 -4.39 21.93
O2P SEP B 2 18.90 -1.93 21.72
O3P SEP B 2 18.44 -2.94 23.94
H SEP B 2 14.74 -4.02 22.35
HA SEP B 2 13.94 -1.31 22.70
HB2 SEP B 2 16.44 -0.98 22.56
HB3 SEP B 2 15.88 -2.11 23.80
N SEP B 3 13.48 -1.63 19.90
CA SEP B 3 13.29 -1.20 18.53
CB SEP B 3 12.53 -2.30 17.78
OG SEP B 3 13.42 -3.37 17.52
C SEP B 3 12.52 0.11 18.45
O SEP B 3 12.90 0.97 17.65
P SEP B 3 12.89 -4.75 16.90
O1P SEP B 3 12.42 -4.34 15.56
O2P SEP B 3 14.11 -5.57 16.93
O3P SEP B 3 11.83 -5.14 17.85
H SEP B 3 12.68 -1.99 20.40
HA SEP B 3 14.25 -1.07 18.05
HB2 SEP B 3 11.70 -2.64 18.40
HB3 SEP B 3 12.14 -1.90 16.85
N GLY B 4 11.38 0.22 19.12
CA GLY B 4 10.54 1.39 19.13
C GLY B 4 9.28 1.13 19.94
N SEP B 5 8.39 2.12 19.93
CA SEP B 5 7.09 2.11 20.59
CB SEP B 5 7.11 2.98 21.85
OG SEP B 5 8.03 2.47 22.80
C SEP B 5 6.12 2.67 19.54
O SEP B 5 6.13 3.87 19.28
P SEP B 5 8.15 3.08 24.27
O1P SEP B 5 8.55 4.48 24.05
O2P SEP B 5 6.81 2.88 24.87
O3P SEP B 5 9.20 2.26 24.89
H SEP B 5 8.60 2.93 19.37
HA SEP B 5 6.81 1.10 20.85
HB2 SEP B 5 7.40 4.00 21.59
HB3 SEP B 5 6.11 2.98 22.27
N SEP B 6 5.66 1.77 18.67
CA SEP B 6 4.72 2.06 17.59
CB SEP B 6 5.50 2.31 16.29
OG SEP B 6 6.14 3.58 16.28
C SEP B 6 3.77 0.86 17.48
O SEP B 6 3.85 -0.07 18.28
P SEP B 6 5.38 4.88 15.73
O1P SEP B 6 5.24 4.55 14.30
O2P SEP B 6 4.12 4.94 16.49
O3P SEP B 6 6.36 5.94 16.03
H SEP B 6 5.67 0.79 18.94
HA SEP B 6 4.15 2.95 17.85
HB2 SEP B 6 6.24 1.53 16.16
HB3 SEP B 6 4.82 2.24 15.43
N GLU B 7 2.79 0.94 16.59
CA GLU B 7 1.79 -0.08 16.36
C GLU B 7 2.01 -0.70 14.98
N ASP B 8 2.53 -1.92 14.95
CA ASP B 8 2.86 -2.73 13.78
C ASP B 8 1.59 -3.23 13.08
N SEP B 9 1.00 -2.38 12.23
CA SEP B 9 -0.20 -2.66 11.44
CB SEP B 9 -1.46 -2.26 12.22
OG SEP B 9 -2.32 -3.38 12.43
C SEP B 9 -0.08 -1.97 10.09
O SEP B 9 -0.24 -2.63 9.05
P SEP B 9 -3.73 -3.14 13.13
O1P SEP B 9 -3.42 -2.52 14.43
O2P SEP B 9 -4.42 -2.26 12.18
O3P SEP B 9 -4.31 -4.49 13.21
H SEP B 9 1.51 -1.52 12.04
HA SEP B 9 -0.24 -3.73 11.24
HB2 SEP B 9 -1.18 -1.84 13.19
HB3 SEP B 9 -2.00 -1.50 11.67
N PHE B 10 0.16 -0.65 10.07
CA PHE B 10 0.32 0.16 8.87
C PHE B 10 1.65 0.91 8.91
N VAL B 11 2.06 1.41 7.74
CA VAL B 11 3.28 2.16 7.54
C VAL B 11 2.94 3.49 6.87
N GLU B 12 3.04 4.60 7.62
CA GLU B 12 2.77 5.93 7.09
C GLU B 12 3.87 6.33 6.10
N ILE B 13 3.57 7.24 5.18
CA ILE B 13 4.51 7.72 4.16
C ILE B 13 5.49 8.71 4.78
N ARG B 14 6.77 8.34 4.76
CA ARG B 14 7.86 9.17 5.28
C ARG B 14 8.11 10.28 4.28
N MET B 15 8.10 11.52 4.74
CA MET B 15 8.30 12.68 3.89
C MET B 15 9.78 13.05 3.85
N ALA B 16 10.13 13.96 2.95
CA ALA B 16 11.48 14.43 2.73
C ALA B 16 11.55 15.94 2.90
N GLU B 17 12.01 16.37 4.07
CA GLU B 17 12.20 17.79 4.35
C GLU B 17 13.56 18.17 3.75
N GLY A 1 0.84 -22.71 17.54
CA GLY A 1 -0.51 -22.82 16.98
C GLY A 1 -0.89 -21.61 16.14
N ALA A 2 -0.05 -21.15 15.22
CA ALA A 2 -0.31 -20.01 14.36
C ALA A 2 0.56 -20.13 13.11
N MET A 3 0.27 -19.34 12.08
CA MET A 3 0.98 -19.30 10.81
C MET A 3 1.02 -17.84 10.35
N GLY A 4 1.78 -17.52 9.29
CA GLY A 4 1.87 -16.16 8.79
C GLY A 4 0.59 -15.87 8.01
N LYS A 5 -0.37 -15.20 8.64
CA LYS A 5 -1.65 -14.86 8.02
C LYS A 5 -1.64 -13.43 7.52
N THR A 6 -2.42 -13.14 6.48
CA THR A 6 -2.49 -11.80 5.91
C THR A 6 -3.22 -10.82 6.86
N PHE A 7 -3.19 -9.53 6.50
CA PHE A 7 -3.86 -8.48 7.26
C PHE A 7 -5.37 -8.80 7.22
N LYS A 8 -5.92 -9.08 6.03
CA LYS A 8 -7.33 -9.40 5.87
C LYS A 8 -7.68 -10.70 6.62
N GLN A 9 -6.79 -11.68 6.70
CA GLN A 9 -7.07 -12.90 7.43
C GLN A 9 -7.15 -12.63 8.94
N ARG A 10 -6.37 -11.69 9.49
CA ARG A 10 -6.44 -11.41 10.93
C ARG A 10 -7.66 -10.60 11.35
N ARG A 11 -8.41 -9.98 10.44
CA ARG A 11 -9.58 -9.17 10.75
C ARG A 11 -10.67 -9.44 9.71
N THR A 12 -11.80 -10.04 10.12
CA THR A 12 -12.90 -10.38 9.21
C THR A 12 -13.45 -9.12 8.51
N PHE A 13 -14.20 -9.29 7.41
CA PHE A 13 -14.78 -8.22 6.60
C PHE A 13 -15.36 -7.08 7.42
N GLU A 14 -16.17 -7.37 8.44
CA GLU A 14 -16.77 -6.36 9.30
C GLU A 14 -15.67 -5.49 9.92
N GLN A 15 -14.69 -6.14 10.55
CA GLN A 15 -13.55 -5.49 11.16
C GLN A 15 -12.74 -4.73 10.09
N ARG A 16 -12.72 -5.15 8.82
CA ARG A 16 -11.97 -4.47 7.77
C ARG A 16 -12.56 -3.10 7.51
N VAL A 17 -13.86 -3.03 7.25
CA VAL A 17 -14.50 -1.74 6.99
C VAL A 17 -14.43 -0.85 8.24
N GLU A 18 -14.57 -1.45 9.43
CA GLU A 18 -14.50 -0.74 10.70
C GLU A 18 -13.10 -0.14 10.92
N ASP A 19 -12.07 -0.86 10.52
CA ASP A 19 -10.67 -0.44 10.63
C ASP A 19 -10.42 0.74 9.70
N VAL A 20 -11.02 0.72 8.50
CA VAL A 20 -10.87 1.82 7.54
C VAL A 20 -11.45 3.07 8.22
N ARG A 21 -12.73 3.09 8.63
CA ARG A 21 -13.34 4.26 9.26
C ARG A 21 -12.57 4.73 10.49
N LEU A 22 -12.10 3.82 11.35
CA LEU A 22 -11.38 4.18 12.56
C LEU A 22 -10.17 5.02 12.19
N ILE A 23 -9.37 4.53 11.26
CA ILE A 23 -8.17 5.18 10.79
C ILE A 23 -8.51 6.47 10.07
N ARG A 24 -9.54 6.50 9.21
CA ARG A 24 -9.92 7.73 8.49
C ARG A 24 -10.40 8.81 9.46
N GLU A 25 -10.90 8.43 10.63
CA GLU A 25 -11.40 9.36 11.63
C GLU A 25 -10.21 9.96 12.38
N GLN A 26 -9.25 9.15 12.87
CA GLN A 26 -8.09 9.70 13.57
C GLN A 26 -7.14 10.42 12.60
N HIS A 27 -6.99 9.89 11.38
CA HIS A 27 -6.13 10.39 10.33
C HIS A 27 -6.96 10.69 9.06
N PRO A 28 -7.69 11.82 9.03
CA PRO A 28 -8.54 12.20 7.90
C PRO A 28 -7.76 12.58 6.65
N THR A 29 -6.50 13.00 6.80
CA THR A 29 -5.63 13.39 5.71
C THR A 29 -4.82 12.20 5.18
N LYS A 30 -5.15 10.96 5.58
CA LYS A 30 -4.47 9.76 5.13
C LYS A 30 -5.45 8.89 4.38
N ILE A 31 -4.90 8.21 3.37
CA ILE A 31 -5.59 7.31 2.50
C ILE A 31 -5.04 5.92 2.82
N PRO A 32 -5.84 5.07 3.49
CA PRO A 32 -5.46 3.72 3.82
C PRO A 32 -5.35 2.90 2.51
N VAL A 33 -4.15 2.36 2.23
CA VAL A 33 -3.87 1.56 1.03
C VAL A 33 -3.13 0.28 1.47
N ILE A 34 -3.33 -0.80 0.71
CA ILE A 34 -2.74 -2.10 0.87
C ILE A 34 -1.72 -2.25 -0.25
N ILE A 35 -0.48 -2.57 0.11
CA ILE A 35 0.60 -2.78 -0.84
C ILE A 35 0.90 -4.26 -0.67
N GLU A 36 0.56 -5.06 -1.68
CA GLU A 36 0.77 -6.48 -1.65
C GLU A 36 1.70 -6.89 -2.78
N ARG A 37 2.58 -7.82 -2.45
CA ARG A 37 3.54 -8.34 -3.40
C ARG A 37 2.74 -9.10 -4.45
N TYR A 38 2.92 -8.79 -5.74
CA TYR A 38 2.18 -9.51 -6.76
C TYR A 38 2.56 -10.98 -6.69
N LYS A 39 1.63 -11.88 -6.98
CA LYS A 39 1.88 -13.31 -6.95
C LYS A 39 3.03 -13.73 -7.89
N GLY A 40 3.31 -12.95 -8.92
CA GLY A 40 4.38 -13.21 -9.89
C GLY A 40 5.68 -12.44 -9.61
N GLU A 41 5.76 -11.71 -8.50
CA GLU A 41 6.96 -10.96 -8.13
C GLU A 41 8.01 -11.95 -7.62
N LYS A 42 9.22 -11.94 -8.18
CA LYS A 42 10.32 -12.81 -7.77
C LYS A 42 11.66 -12.10 -7.75
N GLN A 43 11.98 -11.27 -8.75
CA GLN A 43 13.30 -10.61 -8.75
C GLN A 43 13.35 -9.48 -7.73
N LEU A 44 12.20 -8.84 -7.46
CA LEU A 44 12.07 -7.73 -6.53
C LEU A 44 11.87 -8.24 -5.10
N PRO A 45 12.03 -7.41 -4.05
CA PRO A 45 11.85 -7.84 -2.68
C PRO A 45 10.41 -7.59 -2.17
N VAL A 46 9.98 -8.41 -1.22
CA VAL A 46 8.66 -8.32 -0.61
C VAL A 46 8.67 -7.09 0.31
N LEU A 47 7.52 -6.43 0.49
CA LEU A 47 7.45 -5.25 1.36
C LEU A 47 7.61 -5.68 2.83
N ASP A 48 8.14 -4.78 3.66
CA ASP A 48 8.37 -5.01 5.10
C ASP A 48 7.07 -5.17 5.89
N LYS A 49 5.97 -4.58 5.41
CA LYS A 49 4.64 -4.59 6.01
C LYS A 49 3.59 -4.42 4.90
N THR A 50 2.29 -4.39 5.20
CA THR A 50 1.25 -4.31 4.16
C THR A 50 0.31 -3.10 4.17
N LYS A 51 -0.10 -2.58 5.34
CA LYS A 51 -1.03 -1.45 5.41
C LYS A 51 -0.25 -0.14 5.46
N PHE A 52 -0.50 0.79 4.55
CA PHE A 52 0.18 2.07 4.48
C PHE A 52 -0.84 3.20 4.60
N LEU A 53 -0.37 4.36 5.03
CA LEU A 53 -1.16 5.57 5.19
C LEU A 53 -0.47 6.63 4.35
N VAL A 54 -1.06 6.93 3.19
CA VAL A 54 -0.48 7.89 2.27
C VAL A 54 -1.29 9.20 2.29
N PRO A 55 -0.64 10.37 2.38
CA PRO A 55 -1.35 11.65 2.38
C PRO A 55 -2.04 11.89 1.05
N ASP A 56 -3.30 12.31 1.10
CA ASP A 56 -4.17 12.57 -0.05
C ASP A 56 -3.69 13.69 -0.98
N HIS A 57 -2.85 14.60 -0.50
CA HIS A 57 -2.35 15.71 -1.30
C HIS A 57 -1.14 15.33 -2.17
N VAL A 58 -0.53 14.16 -1.97
CA VAL A 58 0.65 13.72 -2.71
C VAL A 58 0.29 12.94 -3.99
N ASN A 59 1.11 13.11 -5.03
CA ASN A 59 0.93 12.42 -6.31
C ASN A 59 1.68 11.11 -6.31
N MET A 60 1.28 10.21 -7.19
CA MET A 60 1.89 8.89 -7.31
C MET A 60 3.38 8.90 -7.61
N SER A 61 3.91 9.92 -8.30
CA SER A 61 5.34 9.96 -8.61
C SER A 61 6.15 9.90 -7.29
N GLU A 62 5.80 10.77 -6.33
CA GLU A 62 6.43 10.87 -5.02
C GLU A 62 6.16 9.62 -4.20
N LEU A 63 4.91 9.16 -4.22
CA LEU A 63 4.52 7.97 -3.46
C LEU A 63 5.39 6.78 -3.83
N ILE A 64 5.49 6.52 -5.14
CA ILE A 64 6.29 5.44 -5.71
C ILE A 64 7.73 5.62 -5.22
N LYS A 65 8.28 6.85 -5.29
CA LYS A 65 9.64 7.12 -4.84
C LYS A 65 9.82 6.75 -3.36
N ILE A 66 8.96 7.18 -2.44
CA ILE A 66 9.13 6.85 -1.01
C ILE A 66 9.13 5.32 -0.85
N ILE A 67 8.27 4.61 -1.59
CA ILE A 67 8.23 3.15 -1.53
C ILE A 67 9.59 2.62 -1.98
N ARG A 68 10.16 3.10 -3.10
CA ARG A 68 11.46 2.60 -3.57
C ARG A 68 12.57 2.92 -2.57
N ARG A 69 12.46 4.05 -1.86
CA ARG A 69 13.47 4.47 -0.88
C ARG A 69 13.55 3.44 0.24
N ARG A 70 12.44 3.18 0.94
CA ARG A 70 12.47 2.20 2.03
C ARG A 70 12.72 0.80 1.49
N LEU A 71 12.16 0.45 0.33
CA LEU A 71 12.32 -0.86 -0.29
C LEU A 71 13.71 -1.04 -0.92
N GLN A 72 14.63 -0.08 -0.74
CA GLN A 72 16.00 -0.06 -1.23
C GLN A 72 16.10 -0.50 -2.70
N LEU A 73 15.12 -0.09 -3.52
CA LEU A 73 15.04 -0.46 -4.92
C LEU A 73 16.28 0.01 -5.68
N ASN A 74 16.74 -0.88 -6.57
CA ASN A 74 17.88 -0.74 -7.44
C ASN A 74 17.66 0.41 -8.41
N ALA A 75 18.73 0.76 -9.11
CA ALA A 75 18.76 1.80 -10.11
C ALA A 75 18.77 1.13 -11.49
N ASN A 76 19.26 -0.11 -11.61
CA ASN A 76 19.30 -0.82 -12.88
C ASN A 76 17.94 -1.43 -13.22
N GLN A 77 16.99 -1.46 -12.27
CA GLN A 77 15.69 -2.06 -12.51
C GLN A 77 14.50 -1.18 -12.15
N ALA A 78 13.39 -1.44 -12.81
CA ALA A 78 12.13 -0.76 -12.63
C ALA A 78 11.07 -1.74 -12.15
N PHE A 79 9.96 -1.16 -11.67
CA PHE A 79 8.80 -1.86 -11.17
C PHE A 79 7.57 -0.99 -11.44
N PHE A 80 6.40 -1.57 -11.28
CA PHE A 80 5.12 -0.93 -11.48
C PHE A 80 4.24 -1.28 -10.29
N LEU A 81 3.31 -0.36 -10.04
CA LEU A 81 2.32 -0.39 -8.97
C LEU A 81 0.97 -0.37 -9.69
N LEU A 82 0.32 -1.52 -9.71
CA LEU A 82 -0.96 -1.80 -10.36
C LEU A 82 -2.03 -1.67 -9.28
N VAL A 83 -3.15 -1.03 -9.60
CA VAL A 83 -4.26 -0.81 -8.67
C VAL A 83 -5.22 -1.96 -8.93
N ASN A 84 -5.58 -2.74 -7.90
CA ASN A 84 -6.48 -3.89 -8.03
C ASN A 84 -5.91 -4.95 -9.00
N GLY A 85 -4.65 -4.83 -9.42
CA GLY A 85 -3.98 -5.72 -10.36
C GLY A 85 -4.02 -5.14 -11.77
N HIS A 86 -4.35 -3.85 -11.89
CA HIS A 86 -4.48 -3.10 -13.11
C HIS A 86 -3.65 -1.80 -13.12
N SER A 87 -2.62 -1.77 -13.95
CA SER A 87 -1.71 -0.67 -14.20
C SER A 87 -2.55 0.30 -15.07
N MET A 88 -3.34 1.13 -14.40
CA MET A 88 -4.22 2.12 -15.04
C MET A 88 -4.13 3.50 -14.41
N VAL A 89 -3.24 3.68 -13.43
CA VAL A 89 -3.04 4.92 -12.70
C VAL A 89 -1.89 5.75 -13.25
N SER A 90 -2.14 7.04 -13.46
CA SER A 90 -1.16 7.98 -13.96
C SER A 90 -0.14 8.33 -12.88
N VAL A 91 1.08 8.67 -13.27
CA VAL A 91 2.17 9.03 -12.35
C VAL A 91 1.91 10.40 -11.69
N SER A 92 1.42 11.38 -12.44
CA SER A 92 1.14 12.72 -11.92
C SER A 92 -0.15 12.85 -11.10
N THR A 93 -1.06 11.90 -11.21
CA THR A 93 -2.33 11.94 -10.51
C THR A 93 -2.24 11.84 -8.98
N PRO A 94 -3.07 12.62 -8.24
CA PRO A 94 -3.09 12.60 -6.79
C PRO A 94 -3.77 11.33 -6.31
N ILE A 95 -3.19 10.74 -5.26
CA ILE A 95 -3.71 9.53 -4.66
C ILE A 95 -5.17 9.71 -4.22
N SER A 96 -5.62 10.95 -4.01
CA SER A 96 -6.99 11.23 -3.62
C SER A 96 -7.92 10.73 -4.74
N GLU A 97 -7.79 11.20 -5.98
CA GLU A 97 -8.69 10.71 -7.03
C GLU A 97 -8.41 9.24 -7.34
N VAL A 98 -7.15 8.78 -7.20
CA VAL A 98 -6.89 7.36 -7.45
C VAL A 98 -7.76 6.53 -6.50
N TYR A 99 -7.76 6.92 -5.22
CA TYR A 99 -8.50 6.26 -4.17
C TYR A 99 -9.98 6.22 -4.47
N GLU A 100 -10.65 7.37 -4.59
CA GLU A 100 -12.09 7.37 -4.83
C GLU A 100 -12.51 6.70 -6.14
N SER A 101 -11.64 6.57 -7.15
CA SER A 101 -12.06 5.90 -8.38
C SER A 101 -11.89 4.37 -8.27
N GLU A 102 -10.93 3.87 -7.47
CA GLU A 102 -10.66 2.43 -7.31
C GLU A 102 -11.04 1.86 -5.94
N LYS A 103 -11.65 2.65 -5.06
CA LYS A 103 -12.08 2.29 -3.70
C LYS A 103 -12.78 0.94 -3.66
N ASP A 104 -12.29 0.05 -2.81
CA ASP A 104 -12.88 -1.27 -2.64
C ASP A 104 -14.20 -1.13 -1.87
N GLU A 105 -15.06 -2.15 -1.91
CA GLU A 105 -16.29 -2.14 -1.14
C GLU A 105 -15.94 -2.13 0.36
N ASP A 106 -14.73 -2.60 0.72
CA ASP A 106 -14.22 -2.63 2.08
C ASP A 106 -13.98 -1.18 2.51
N GLY A 107 -13.65 -0.31 1.55
CA GLY A 107 -13.33 1.11 1.71
C GLY A 107 -11.82 1.30 1.66
N PHE A 108 -11.04 0.22 1.79
CA PHE A 108 -9.59 0.18 1.75
C PHE A 108 -9.15 0.36 0.28
N LEU A 109 -7.93 0.82 0.02
CA LEU A 109 -7.43 0.98 -1.34
C LEU A 109 -6.51 -0.23 -1.60
N TYR A 110 -6.66 -0.97 -2.70
CA TYR A 110 -5.85 -2.15 -3.01
C TYR A 110 -4.87 -1.94 -4.16
N MET A 111 -3.60 -2.31 -3.95
CA MET A 111 -2.55 -2.22 -4.96
C MET A 111 -1.64 -3.43 -4.83
N VAL A 112 -1.03 -3.82 -5.96
CA VAL A 112 -0.10 -4.93 -6.07
C VAL A 112 1.09 -4.41 -6.87
N TYR A 113 2.30 -4.89 -6.57
CA TYR A 113 3.49 -4.39 -7.30
C TYR A 113 4.45 -5.49 -7.78
N ALA A 114 5.03 -5.30 -8.99
CA ALA A 114 6.00 -6.20 -9.65
C ALA A 114 6.74 -5.50 -10.80
N SER A 115 7.74 -6.16 -11.40
CA SER A 115 8.50 -5.64 -12.54
C SER A 115 7.78 -6.13 -13.80
N GLN A 116 6.68 -5.47 -14.17
CA GLN A 116 5.88 -5.76 -15.35
C GLN A 116 5.00 -4.53 -15.56
N GLU A 117 4.91 -3.99 -16.77
CA GLU A 117 4.06 -2.82 -17.00
C GLU A 117 2.60 -3.26 -17.05
N THR A 118 2.35 -4.50 -17.48
CA THR A 118 1.06 -5.15 -17.59
C THR A 118 1.25 -6.65 -17.29
N PHE A 119 0.17 -7.30 -16.86
CA PHE A 119 0.14 -8.73 -16.53
C PHE A 119 -0.29 -9.55 -17.73
N ASN B 1 15.87 -10.78 20.05
CA ASN B 1 16.30 -11.38 18.78
C ASN B 1 15.68 -10.64 17.61
N SEP B 2 14.43 -10.94 17.26
CA SEP B 2 13.72 -10.32 16.15
CB SEP B 2 12.88 -11.39 15.46
OG SEP B 2 13.75 -12.49 15.16
C SEP B 2 12.93 -9.11 16.68
O SEP B 2 11.69 -9.07 16.63
P SEP B 2 13.24 -13.78 14.36
O1P SEP B 2 14.48 -14.56 14.21
O2P SEP B 2 12.27 -14.39 15.28
O3P SEP B 2 12.67 -13.24 13.12
H SEP B 2 13.91 -11.66 17.75
HA SEP B 2 14.44 -9.94 15.41
HB2 SEP B 2 12.08 -11.74 16.12
HB3 SEP B 2 12.45 -11.00 14.54
N SEP B 3 13.61 -8.28 17.46
CA SEP B 3 13.13 -7.07 18.12
CB SEP B 3 14.24 -6.58 19.08
OG SEP B 3 15.32 -7.50 19.17
C SEP B 3 12.76 -6.02 17.06
O SEP B 3 13.43 -5.92 16.04
P SEP B 3 16.40 -7.43 20.33
O1P SEP B 3 16.72 -5.99 20.47
O2P SEP B 3 15.69 -8.04 21.47
O3P SEP B 3 17.49 -8.27 19.79
H SEP B 3 14.62 -8.35 17.48
HA SEP B 3 12.25 -7.32 18.70
HB2 SEP B 3 14.62 -5.61 18.75
HB3 SEP B 3 13.80 -6.45 20.07
N GLY B 4 11.71 -5.22 17.29
CA GLY B 4 11.23 -4.19 16.38
C GLY B 4 9.97 -3.53 16.93
N SEP B 5 9.03 -3.15 16.07
CA SEP B 5 7.76 -2.52 16.45
CB SEP B 5 6.92 -2.28 15.20
OG SEP B 5 7.55 -1.32 14.35
C SEP B 5 7.00 -3.41 17.44
O SEP B 5 7.11 -4.63 17.39
P SEP B 5 8.20 -1.74 12.93
O1P SEP B 5 8.40 -0.44 12.27
O2P SEP B 5 9.44 -2.45 13.32
O3P SEP B 5 7.19 -2.61 12.29
H SEP B 5 9.17 -3.32 15.08
HA SEP B 5 7.98 -1.57 16.94
HB2 SEP B 5 6.74 -3.22 14.68
HB3 SEP B 5 5.95 -1.88 15.50
N SEP B 6 6.06 -2.80 18.18
CA SEP B 6 5.26 -3.49 19.18
CB SEP B 6 5.49 -2.73 20.49
OG SEP B 6 5.23 -1.35 20.28
C SEP B 6 3.79 -3.53 18.76
O SEP B 6 3.34 -4.52 18.17
P SEP B 6 5.82 -0.22 21.22
O1P SEP B 6 7.13 0.03 20.61
O2P SEP B 6 4.83 0.86 21.04
O3P SEP B 6 5.85 -0.83 22.56
H SEP B 6 6.00 -1.80 18.19
HA SEP B 6 5.60 -4.51 19.31
HB2 SEP B 6 4.84 -3.12 21.28
HB3 SEP B 6 6.54 -2.87 20.79
N GLU B 7 3.07 -2.42 18.88
CA GLU B 7 1.68 -2.23 18.57
C GLU B 7 1.57 -1.34 17.34
N ASP B 8 1.63 -1.96 16.17
CA ASP B 8 1.53 -1.28 14.88
C ASP B 8 0.77 -2.14 13.88
N SEP B 9 0.16 -1.49 12.90
CA SEP B 9 -0.57 -2.10 11.81
CB SEP B 9 -2.07 -2.22 12.06
OG SEP B 9 -2.40 -3.37 12.85
C SEP B 9 -0.37 -1.34 10.52
O SEP B 9 -0.49 -1.96 9.48
P SEP B 9 -3.91 -3.76 13.15
O1P SEP B 9 -4.14 -3.15 14.48
O2P SEP B 9 -4.68 -3.19 12.03
O3P SEP B 9 -3.93 -5.24 13.19
H SEP B 9 0.27 -0.48 12.87
HA SEP B 9 -0.18 -3.12 11.66
HB2 SEP B 9 -2.47 -1.28 12.48
HB3 SEP B 9 -2.55 -2.35 11.10
N PHE B 10 -0.19 -0.01 10.57
CA PHE B 10 0.00 0.82 9.39
C PHE B 10 1.34 1.53 9.42
N VAL B 11 1.77 2.00 8.24
CA VAL B 11 3.00 2.75 8.09
C VAL B 11 2.75 4.06 7.31
N GLU B 12 2.87 5.21 7.96
CA GLU B 12 2.63 6.51 7.32
C GLU B 12 3.77 6.82 6.33
N ILE B 13 3.45 7.56 5.28
CA ILE B 13 4.41 7.97 4.25
C ILE B 13 5.25 9.13 4.75
N ARG B 14 6.55 8.90 4.83
CA ARG B 14 7.56 9.85 5.27
C ARG B 14 7.87 10.78 4.11
N MET B 15 7.38 12.00 4.15
CA MET B 15 7.63 12.98 3.11
C MET B 15 9.13 13.32 3.20
N ALA B 16 9.91 12.96 2.18
CA ALA B 16 11.33 13.22 2.15
C ALA B 16 11.60 14.38 1.22
N GLU B 17 11.77 15.55 1.82
CA GLU B 17 12.05 16.78 1.10
C GLU B 17 13.41 16.73 0.43
N GLY A 1 1.48 -26.14 3.92
CA GLY A 1 1.46 -26.33 5.37
C GLY A 1 1.42 -24.97 6.01
N ALA A 2 2.50 -24.56 6.69
CA ALA A 2 2.57 -23.25 7.31
C ALA A 2 2.79 -22.21 6.21
N MET A 3 2.19 -21.04 6.33
CA MET A 3 2.30 -19.94 5.39
C MET A 3 1.79 -18.68 6.10
N GLY A 4 2.39 -17.52 5.83
CA GLY A 4 2.02 -16.26 6.45
C GLY A 4 0.53 -15.94 6.24
N LYS A 5 -0.20 -15.76 7.34
CA LYS A 5 -1.62 -15.44 7.27
C LYS A 5 -1.74 -14.02 6.72
N THR A 6 -2.51 -13.85 5.64
CA THR A 6 -2.69 -12.54 5.03
C THR A 6 -3.31 -11.57 6.05
N PHE A 7 -3.22 -10.26 5.79
CA PHE A 7 -3.79 -9.26 6.69
C PHE A 7 -5.30 -9.53 6.86
N LYS A 8 -6.00 -9.86 5.77
CA LYS A 8 -7.44 -10.16 5.82
C LYS A 8 -7.73 -11.47 6.55
N GLN A 9 -6.78 -12.40 6.66
CA GLN A 9 -6.97 -13.66 7.38
C GLN A 9 -6.76 -13.40 8.87
N ARG A 10 -5.76 -12.59 9.28
CA ARG A 10 -5.52 -12.33 10.70
C ARG A 10 -6.54 -11.35 11.31
N ARG A 11 -7.36 -10.66 10.51
CA ARG A 11 -8.37 -9.71 10.98
C ARG A 11 -9.64 -9.91 10.16
N THR A 12 -10.75 -10.26 10.81
CA THR A 12 -12.05 -10.50 10.16
C THR A 12 -12.57 -9.27 9.40
N PHE A 13 -13.64 -9.44 8.61
CA PHE A 13 -14.24 -8.37 7.82
C PHE A 13 -14.66 -7.20 8.68
N GLU A 14 -15.36 -7.44 9.79
CA GLU A 14 -15.78 -6.35 10.67
C GLU A 14 -14.54 -5.63 11.17
N GLN A 15 -13.53 -6.40 11.58
CA GLN A 15 -12.27 -5.88 12.06
C GLN A 15 -11.59 -5.03 10.97
N ARG A 16 -11.79 -5.33 9.68
CA ARG A 16 -11.22 -4.60 8.57
C ARG A 16 -11.92 -3.25 8.43
N VAL A 17 -13.25 -3.17 8.53
CA VAL A 17 -13.91 -1.87 8.45
C VAL A 17 -13.52 -1.07 9.69
N GLU A 18 -13.37 -1.73 10.84
CA GLU A 18 -12.97 -1.14 12.12
C GLU A 18 -11.53 -0.62 12.03
N ASP A 19 -10.70 -1.27 11.23
CA ASP A 19 -9.31 -0.94 10.96
C ASP A 19 -9.29 0.33 10.10
N VAL A 20 -10.07 0.37 9.03
CA VAL A 20 -10.13 1.54 8.16
C VAL A 20 -10.65 2.74 8.95
N ARG A 21 -11.80 2.62 9.63
CA ARG A 21 -12.36 3.74 10.40
C ARG A 21 -11.39 4.19 11.49
N LEU A 22 -10.65 3.27 12.12
CA LEU A 22 -9.68 3.60 13.16
C LEU A 22 -8.63 4.51 12.53
N ILE A 23 -8.04 4.09 11.40
CA ILE A 23 -7.03 4.90 10.71
C ILE A 23 -7.62 6.22 10.29
N ARG A 24 -8.85 6.24 9.76
CA ARG A 24 -9.47 7.49 9.35
C ARG A 24 -9.64 8.45 10.53
N GLU A 25 -9.80 7.91 11.75
CA GLU A 25 -9.97 8.69 12.96
C GLU A 25 -8.63 9.22 13.48
N GLN A 26 -7.63 8.37 13.68
CA GLN A 26 -6.32 8.83 14.18
C GLN A 26 -5.50 9.57 13.12
N HIS A 27 -5.65 9.18 11.86
CA HIS A 27 -4.94 9.74 10.73
C HIS A 27 -5.88 10.12 9.57
N PRO A 28 -6.68 11.19 9.73
CA PRO A 28 -7.61 11.62 8.70
C PRO A 28 -6.92 12.14 7.43
N THR A 29 -5.64 12.52 7.48
CA THR A 29 -4.89 13.02 6.34
C THR A 29 -4.16 11.88 5.59
N LYS A 30 -4.33 10.62 6.02
CA LYS A 30 -3.69 9.47 5.39
C LYS A 30 -4.74 8.55 4.78
N ILE A 31 -4.30 7.75 3.81
CA ILE A 31 -5.11 6.78 3.11
C ILE A 31 -4.58 5.40 3.48
N PRO A 32 -5.44 4.51 4.01
CA PRO A 32 -5.07 3.15 4.32
C PRO A 32 -5.04 2.43 2.95
N VAL A 33 -3.83 2.14 2.46
CA VAL A 33 -3.60 1.49 1.17
C VAL A 33 -2.83 0.18 1.44
N ILE A 34 -3.05 -0.82 0.60
CA ILE A 34 -2.43 -2.14 0.64
C ILE A 34 -1.45 -2.18 -0.52
N ILE A 35 -0.20 -2.55 -0.27
CA ILE A 35 0.88 -2.68 -1.22
C ILE A 35 1.19 -4.16 -1.14
N GLU A 36 0.89 -4.90 -2.20
CA GLU A 36 1.11 -6.35 -2.24
C GLU A 36 1.87 -6.78 -3.50
N ARG A 37 2.75 -7.76 -3.34
CA ARG A 37 3.57 -8.31 -4.41
C ARG A 37 2.65 -9.09 -5.34
N TYR A 38 2.74 -8.91 -6.66
CA TYR A 38 1.88 -9.66 -7.58
C TYR A 38 2.22 -11.15 -7.54
N LYS A 39 1.28 -12.02 -7.96
CA LYS A 39 1.51 -13.46 -7.97
C LYS A 39 2.62 -13.86 -8.94
N GLY A 40 2.74 -13.15 -10.06
CA GLY A 40 3.74 -13.41 -11.09
C GLY A 40 5.07 -12.70 -10.85
N GLU A 41 5.18 -11.89 -9.79
CA GLU A 41 6.39 -11.16 -9.47
C GLU A 41 7.44 -12.18 -9.01
N LYS A 42 8.39 -12.50 -9.90
CA LYS A 42 9.46 -13.48 -9.67
C LYS A 42 10.87 -12.93 -9.90
N GLN A 43 10.95 -11.72 -10.44
CA GLN A 43 12.17 -11.03 -10.77
C GLN A 43 12.45 -9.93 -9.74
N LEU A 44 11.38 -9.33 -9.19
CA LEU A 44 11.48 -8.27 -8.21
C LEU A 44 11.30 -8.89 -6.82
N PRO A 45 11.83 -8.29 -5.75
CA PRO A 45 11.71 -8.82 -4.39
C PRO A 45 10.36 -8.51 -3.74
N VAL A 46 10.08 -9.23 -2.65
CA VAL A 46 8.87 -9.06 -1.87
C VAL A 46 9.09 -7.86 -0.95
N LEU A 47 7.99 -7.16 -0.63
CA LEU A 47 7.94 -5.98 0.22
C LEU A 47 8.05 -6.43 1.68
N ASP A 48 8.77 -5.68 2.50
CA ASP A 48 8.98 -5.94 3.94
C ASP A 48 7.74 -5.64 4.80
N LYS A 49 6.75 -4.97 4.23
CA LYS A 49 5.45 -4.60 4.84
C LYS A 49 4.35 -4.80 3.80
N THR A 50 3.09 -4.59 4.15
CA THR A 50 1.97 -4.74 3.22
C THR A 50 1.03 -3.55 3.34
N LYS A 51 0.62 -3.21 4.55
CA LYS A 51 -0.26 -2.09 4.79
C LYS A 51 0.56 -0.79 4.87
N PHE A 52 0.12 0.27 4.19
CA PHE A 52 0.79 1.56 4.16
C PHE A 52 -0.19 2.70 4.43
N LEU A 53 0.34 3.82 4.94
CA LEU A 53 -0.40 5.04 5.25
C LEU A 53 0.20 6.11 4.34
N VAL A 54 -0.50 6.41 3.24
CA VAL A 54 -0.02 7.40 2.27
C VAL A 54 -0.82 8.69 2.42
N PRO A 55 -0.18 9.88 2.52
CA PRO A 55 -0.89 11.14 2.64
C PRO A 55 -1.65 11.40 1.34
N ASP A 56 -2.92 11.78 1.46
CA ASP A 56 -3.82 12.02 0.32
C ASP A 56 -3.40 13.16 -0.61
N HIS A 57 -2.51 14.04 -0.17
CA HIS A 57 -2.03 15.16 -0.95
C HIS A 57 -0.76 14.85 -1.78
N VAL A 58 -0.18 13.64 -1.70
CA VAL A 58 1.05 13.28 -2.43
C VAL A 58 0.71 12.51 -3.71
N ASN A 59 1.68 12.47 -4.62
CA ASN A 59 1.63 11.82 -5.92
C ASN A 59 2.41 10.50 -5.95
N MET A 60 2.09 9.68 -6.95
CA MET A 60 2.73 8.39 -7.09
C MET A 60 4.22 8.52 -7.30
N SER A 61 4.77 9.63 -7.80
CA SER A 61 6.21 9.78 -7.97
C SER A 61 6.87 9.39 -6.63
N GLU A 62 6.45 10.03 -5.54
CA GLU A 62 6.94 9.77 -4.21
C GLU A 62 6.45 8.42 -3.68
N LEU A 63 5.18 8.01 -3.89
CA LEU A 63 4.77 6.68 -3.37
C LEU A 63 5.74 5.64 -3.93
N ILE A 64 5.97 5.69 -5.24
CA ILE A 64 6.87 4.82 -5.98
C ILE A 64 8.27 4.97 -5.37
N LYS A 65 8.73 6.21 -5.17
CA LYS A 65 10.05 6.48 -4.61
C LYS A 65 10.23 5.85 -3.22
N ILE A 66 9.33 6.06 -2.24
CA ILE A 66 9.52 5.46 -0.92
C ILE A 66 9.58 3.95 -1.10
N ILE A 67 8.71 3.39 -1.95
CA ILE A 67 8.70 1.96 -2.22
C ILE A 67 10.07 1.58 -2.77
N ARG A 68 10.62 2.26 -3.79
CA ARG A 68 11.92 1.93 -4.34
C ARG A 68 13.03 2.10 -3.32
N ARG A 69 12.87 3.03 -2.37
CA ARG A 69 13.84 3.30 -1.32
C ARG A 69 13.93 2.11 -0.37
N ARG A 70 12.83 1.69 0.25
CA ARG A 70 12.87 0.56 1.18
C ARG A 70 13.04 -0.77 0.45
N LEU A 71 12.43 -0.95 -0.73
CA LEU A 71 12.53 -2.17 -1.51
C LEU A 71 13.91 -2.29 -2.17
N GLN A 72 14.66 -1.18 -2.21
CA GLN A 72 15.99 -1.07 -2.80
C GLN A 72 15.94 -1.57 -4.25
N LEU A 73 14.90 -1.13 -4.98
CA LEU A 73 14.66 -1.47 -6.36
C LEU A 73 15.88 -1.07 -7.18
N ASN A 74 16.38 -1.99 -8.01
CA ASN A 74 17.55 -1.78 -8.86
C ASN A 74 17.38 -0.54 -9.70
N ALA A 75 18.50 0.04 -10.08
CA ALA A 75 18.53 1.24 -10.89
C ALA A 75 18.52 0.82 -12.36
N ASN A 76 19.06 -0.37 -12.62
CA ASN A 76 19.16 -0.93 -13.96
C ASN A 76 17.84 -1.55 -14.39
N GLN A 77 16.89 -1.77 -13.45
CA GLN A 77 15.59 -2.38 -13.77
C GLN A 77 14.44 -1.43 -13.41
N ALA A 78 13.31 -1.54 -14.10
CA ALA A 78 12.12 -0.72 -13.89
C ALA A 78 10.94 -1.60 -13.47
N PHE A 79 9.88 -1.00 -12.94
CA PHE A 79 8.68 -1.72 -12.52
C PHE A 79 7.41 -0.89 -12.68
N PHE A 80 6.26 -1.49 -12.43
CA PHE A 80 4.96 -0.85 -12.51
C PHE A 80 4.19 -1.14 -11.24
N LEU A 81 3.35 -0.18 -10.86
CA LEU A 81 2.47 -0.16 -9.70
C LEU A 81 1.07 -0.10 -10.30
N LEU A 82 0.26 -1.08 -9.95
CA LEU A 82 -1.11 -1.28 -10.40
C LEU A 82 -2.07 -0.92 -9.26
N VAL A 83 -3.26 -0.41 -9.59
CA VAL A 83 -4.29 -0.03 -8.61
C VAL A 83 -5.41 -1.04 -8.81
N ASN A 84 -5.83 -1.74 -7.75
CA ASN A 84 -6.86 -2.80 -7.79
C ASN A 84 -6.42 -3.94 -8.72
N GLY A 85 -5.14 -3.96 -9.13
CA GLY A 85 -4.56 -4.94 -10.03
C GLY A 85 -4.56 -4.45 -11.48
N HIS A 86 -4.89 -3.18 -11.71
CA HIS A 86 -4.97 -2.55 -13.01
C HIS A 86 -4.05 -1.32 -13.11
N SER A 87 -3.01 -1.40 -13.94
CA SER A 87 -2.10 -0.28 -14.16
C SER A 87 -2.83 0.63 -15.16
N MET A 88 -3.69 1.50 -14.66
CA MET A 88 -4.48 2.44 -15.45
C MET A 88 -4.45 3.86 -14.89
N VAL A 89 -3.54 4.13 -13.96
CA VAL A 89 -3.35 5.42 -13.30
C VAL A 89 -2.00 5.97 -13.75
N SER A 90 -1.71 7.24 -13.49
CA SER A 90 -0.45 7.86 -13.87
C SER A 90 0.39 8.25 -12.66
N VAL A 91 1.68 8.50 -12.91
CA VAL A 91 2.67 8.87 -11.91
C VAL A 91 2.51 10.33 -11.40
N SER A 92 1.62 11.12 -12.00
CA SER A 92 1.35 12.51 -11.62
C SER A 92 -0.11 12.79 -11.23
N THR A 93 -0.93 11.75 -11.08
CA THR A 93 -2.33 11.86 -10.67
C THR A 93 -2.31 11.87 -9.14
N PRO A 94 -2.90 12.83 -8.42
CA PRO A 94 -2.82 12.81 -6.96
C PRO A 94 -3.54 11.58 -6.38
N ILE A 95 -2.97 11.05 -5.29
CA ILE A 95 -3.55 9.89 -4.67
C ILE A 95 -4.95 10.22 -4.13
N SER A 96 -5.30 11.49 -3.87
CA SER A 96 -6.61 11.92 -3.39
C SER A 96 -7.69 11.42 -4.34
N GLU A 97 -7.60 11.83 -5.61
CA GLU A 97 -8.54 11.46 -6.64
C GLU A 97 -8.44 9.97 -6.96
N VAL A 98 -7.22 9.41 -7.01
CA VAL A 98 -7.13 7.98 -7.29
C VAL A 98 -7.81 7.19 -6.17
N TYR A 99 -7.69 7.63 -4.92
CA TYR A 99 -8.29 6.98 -3.76
C TYR A 99 -9.79 6.93 -3.91
N GLU A 100 -10.46 8.09 -3.99
CA GLU A 100 -11.91 8.04 -4.11
C GLU A 100 -12.37 7.38 -5.41
N SER A 101 -11.50 7.22 -6.42
CA SER A 101 -11.92 6.57 -7.65
C SER A 101 -11.79 5.04 -7.55
N GLU A 102 -10.77 4.51 -6.88
CA GLU A 102 -10.51 3.07 -6.76
C GLU A 102 -10.78 2.48 -5.37
N LYS A 103 -11.33 3.24 -4.42
CA LYS A 103 -11.63 2.76 -3.07
C LYS A 103 -12.64 1.62 -3.08
N ASP A 104 -12.49 0.68 -2.16
CA ASP A 104 -13.40 -0.45 -2.01
C ASP A 104 -14.59 0.03 -1.18
N GLU A 105 -15.66 -0.76 -1.07
CA GLU A 105 -16.80 -0.39 -0.22
C GLU A 105 -16.30 -0.35 1.23
N ASP A 106 -15.29 -1.17 1.56
CA ASP A 106 -14.74 -1.23 2.91
C ASP A 106 -13.94 0.04 3.21
N GLY A 107 -13.56 0.79 2.17
CA GLY A 107 -12.80 2.04 2.26
C GLY A 107 -11.29 1.80 2.10
N PHE A 108 -10.85 0.54 2.00
CA PHE A 108 -9.45 0.20 1.82
C PHE A 108 -9.07 0.40 0.36
N LEU A 109 -7.83 0.82 0.10
CA LEU A 109 -7.35 1.00 -1.27
C LEU A 109 -6.39 -0.15 -1.59
N TYR A 110 -6.57 -0.89 -2.68
CA TYR A 110 -5.67 -1.99 -3.03
C TYR A 110 -4.71 -1.56 -4.13
N MET A 111 -3.45 -1.96 -4.00
CA MET A 111 -2.39 -1.67 -4.95
C MET A 111 -1.47 -2.89 -4.99
N VAL A 112 -0.94 -3.20 -6.18
CA VAL A 112 -0.04 -4.35 -6.37
C VAL A 112 1.10 -3.92 -7.27
N TYR A 113 2.26 -4.56 -7.16
CA TYR A 113 3.41 -4.21 -7.99
C TYR A 113 4.01 -5.43 -8.68
N ALA A 114 4.57 -5.24 -9.88
CA ALA A 114 5.22 -6.28 -10.68
C ALA A 114 6.08 -5.66 -11.81
N SER A 115 7.11 -6.37 -12.28
CA SER A 115 7.91 -5.85 -13.38
C SER A 115 7.22 -6.29 -14.68
N GLN A 116 6.15 -5.60 -15.07
CA GLN A 116 5.43 -5.86 -16.30
C GLN A 116 4.46 -4.71 -16.53
N GLU A 117 4.45 -4.18 -17.74
CA GLU A 117 3.59 -3.07 -18.08
C GLU A 117 2.14 -3.50 -18.31
N THR A 118 1.92 -4.78 -18.59
CA THR A 118 0.62 -5.38 -18.85
C THR A 118 0.61 -6.80 -18.30
N PHE A 119 -0.55 -7.31 -17.89
CA PHE A 119 -0.69 -8.67 -17.37
C PHE A 119 -1.21 -9.51 -18.51
N ASN B 1 4.19 -1.57 29.33
CA ASN B 1 3.06 -0.86 28.71
C ASN B 1 3.35 0.61 28.51
N SEP B 2 4.05 1.27 29.45
CA SEP B 2 4.39 2.67 29.35
CB SEP B 2 4.99 3.16 30.68
OG SEP B 2 4.31 2.54 31.76
C SEP B 2 5.30 2.86 28.14
O SEP B 2 5.19 3.87 27.46
P SEP B 2 4.04 3.33 33.13
O1P SEP B 2 5.32 3.99 33.44
O2P SEP B 2 2.91 4.21 32.79
O3P SEP B 2 3.70 2.18 34.03
H SEP B 2 4.47 0.78 30.25
HA SEP B 2 3.48 3.25 29.17
HB2 SEP B 2 6.04 2.91 30.74
HB3 SEP B 2 4.89 4.25 30.74
N SEP B 3 6.32 2.02 27.97
CA SEP B 3 7.23 2.08 26.83
CB SEP B 3 8.60 2.57 27.27
OG SEP B 3 9.27 1.66 28.14
C SEP B 3 7.19 0.73 26.10
O SEP B 3 7.21 -0.33 26.73
P SEP B 3 10.69 2.03 28.79
O1P SEP B 3 11.27 0.68 29.00
O2P SEP B 3 11.36 2.86 27.76
O3P SEP B 3 10.33 2.74 30.03
H SEP B 3 6.42 1.18 28.54
HA SEP B 3 6.85 2.82 26.13
HB2 SEP B 3 9.21 2.74 26.38
HB3 SEP B 3 8.48 3.51 27.79
N GLY B 4 7.08 0.76 24.77
CA GLY B 4 7.02 -0.41 23.92
C GLY B 4 6.83 0.03 22.48
N SEP B 5 6.91 -0.91 21.54
CA SEP B 5 6.75 -0.67 20.12
CB SEP B 5 6.81 -2.01 19.34
OG SEP B 5 6.11 -3.06 20.00
C SEP B 5 5.45 0.09 19.86
O SEP B 5 4.36 -0.44 20.07
P SEP B 5 6.10 -4.54 19.41
O1P SEP B 5 5.09 -5.22 20.24
O2P SEP B 5 5.71 -4.37 18.00
O3P SEP B 5 7.47 -5.02 19.62
H SEP B 5 7.12 -1.86 21.81
HA SEP B 5 7.59 -0.06 19.78
HB2 SEP B 5 6.40 -1.86 18.34
HB3 SEP B 5 7.86 -2.29 19.22
N SEP B 6 5.60 1.34 19.38
CA SEP B 6 4.55 2.28 19.06
CB SEP B 6 5.19 3.44 18.28
OG SEP B 6 4.31 4.48 17.92
C SEP B 6 3.41 1.60 18.29
O SEP B 6 2.28 1.59 18.77
P SEP B 6 4.79 5.66 16.94
O1P SEP B 6 3.77 6.71 17.13
O2P SEP B 6 6.13 6.01 17.43
O3P SEP B 6 4.80 5.04 15.60
H SEP B 6 6.55 1.66 19.27
HA SEP B 6 4.16 2.67 20.00
HB2 SEP B 6 5.97 3.88 18.91
HB3 SEP B 6 5.66 3.05 17.38
N GLU B 7 3.72 1.08 17.11
CA GLU B 7 2.79 0.39 16.23
C GLU B 7 3.61 -0.57 15.36
N ASP B 8 3.05 -1.71 14.97
CA ASP B 8 3.72 -2.68 14.10
C ASP B 8 2.68 -3.29 13.16
N SEP B 9 1.93 -2.42 12.49
CA SEP B 9 0.85 -2.78 11.59
CB SEP B 9 -0.43 -2.55 12.40
OG SEP B 9 -0.81 -3.76 13.08
C SEP B 9 1.02 -2.08 10.22
O SEP B 9 1.52 -2.75 9.29
P SEP B 9 -1.88 -4.78 12.46
O1P SEP B 9 -3.14 -4.02 12.49
O2P SEP B 9 -1.38 -5.12 11.10
O3P SEP B 9 -1.86 -5.92 13.40
H SEP B 9 2.09 -1.44 12.66
HA SEP B 9 0.90 -3.85 11.36
HB2 SEP B 9 -0.25 -1.78 13.14
HB3 SEP B 9 -1.24 -2.19 11.80
N PHE B 10 0.59 -0.83 10.03
CA PHE B 10 0.78 -0.13 8.74
C PHE B 10 2.16 0.53 8.76
N VAL B 11 2.62 1.05 7.62
CA VAL B 11 3.89 1.75 7.50
C VAL B 11 3.63 3.07 6.77
N GLU B 12 3.73 4.19 7.49
CA GLU B 12 3.50 5.52 6.93
C GLU B 12 4.61 5.88 5.96
N ILE B 13 4.32 6.76 5.00
CA ILE B 13 5.33 7.21 4.04
C ILE B 13 6.21 8.24 4.77
N ARG B 14 7.41 8.47 4.25
CA ARG B 14 8.40 9.40 4.82
C ARG B 14 8.28 10.75 4.11
N MET B 15 7.76 11.73 4.84
CA MET B 15 7.52 13.12 4.46
C MET B 15 7.09 13.86 5.73
N ALA B 16 6.62 15.10 5.63
CA ALA B 16 6.16 15.92 6.74
C ALA B 16 4.95 16.72 6.28
N GLU B 17 4.40 17.53 7.18
CA GLU B 17 3.25 18.39 6.95
C GLU B 17 3.57 19.75 7.56
N GLY A 1 6.78 -21.55 12.35
CA GLY A 1 6.86 -22.09 10.99
C GLY A 1 6.94 -20.97 9.96
N ALA A 2 7.75 -21.15 8.91
CA ALA A 2 7.95 -20.19 7.85
C ALA A 2 6.67 -20.02 7.03
N MET A 3 6.00 -18.89 7.19
CA MET A 3 4.77 -18.53 6.49
C MET A 3 4.62 -17.02 6.65
N GLY A 4 4.25 -16.32 5.57
CA GLY A 4 4.05 -14.88 5.57
C GLY A 4 2.62 -14.57 6.02
N LYS A 5 2.43 -13.99 7.21
CA LYS A 5 1.08 -13.66 7.70
C LYS A 5 0.57 -12.48 6.89
N THR A 6 -0.70 -12.52 6.51
CA THR A 6 -1.31 -11.45 5.72
C THR A 6 -2.00 -10.42 6.64
N PHE A 7 -2.21 -9.20 6.12
CA PHE A 7 -2.86 -8.10 6.83
C PHE A 7 -4.28 -8.49 7.28
N LYS A 8 -5.10 -9.09 6.41
CA LYS A 8 -6.46 -9.49 6.78
C LYS A 8 -6.40 -10.62 7.82
N GLN A 9 -5.41 -11.51 7.77
CA GLN A 9 -5.28 -12.60 8.74
C GLN A 9 -5.01 -12.04 10.14
N ARG A 10 -4.18 -10.99 10.29
CA ARG A 10 -3.90 -10.42 11.61
C ARG A 10 -5.04 -9.54 12.16
N ARG A 11 -5.87 -8.97 11.28
CA ARG A 11 -7.01 -8.13 11.64
C ARG A 11 -8.07 -8.41 10.58
N THR A 12 -9.11 -9.15 10.96
CA THR A 12 -10.23 -9.52 10.08
C THR A 12 -11.00 -8.29 9.67
N PHE A 13 -11.94 -8.43 8.72
CA PHE A 13 -12.77 -7.34 8.20
C PHE A 13 -13.27 -6.40 9.29
N GLU A 14 -13.87 -6.86 10.39
CA GLU A 14 -14.38 -5.99 11.46
C GLU A 14 -13.26 -5.11 12.03
N GLN A 15 -12.15 -5.73 12.41
CA GLN A 15 -11.00 -5.04 12.95
C GLN A 15 -10.35 -4.18 11.85
N ARG A 16 -10.44 -4.57 10.58
CA ARG A 16 -9.86 -3.86 9.44
C ARG A 16 -10.63 -2.58 9.13
N VAL A 17 -11.95 -2.65 9.01
CA VAL A 17 -12.77 -1.47 8.76
C VAL A 17 -12.51 -0.53 9.95
N GLU A 18 -12.37 -1.08 11.17
CA GLU A 18 -12.08 -0.32 12.37
C GLU A 18 -10.66 0.27 12.28
N ASP A 19 -9.67 -0.48 11.76
CA ASP A 19 -8.29 0.00 11.63
C ASP A 19 -8.29 1.22 10.73
N VAL A 20 -9.07 1.20 9.65
CA VAL A 20 -9.16 2.31 8.71
C VAL A 20 -9.69 3.52 9.44
N ARG A 21 -10.91 3.47 9.99
CA ARG A 21 -11.49 4.61 10.70
C ARG A 21 -10.59 5.10 11.86
N LEU A 22 -9.93 4.21 12.60
CA LEU A 22 -9.04 4.63 13.69
C LEU A 22 -7.89 5.42 13.08
N ILE A 23 -7.25 4.89 12.04
CA ILE A 23 -6.15 5.55 11.34
C ILE A 23 -6.65 6.86 10.72
N ARG A 24 -7.92 6.96 10.34
CA ARG A 24 -8.50 8.18 9.77
C ARG A 24 -8.73 9.20 10.88
N GLU A 25 -8.89 8.78 12.12
CA GLU A 25 -9.08 9.68 13.26
C GLU A 25 -7.74 10.28 13.72
N GLN A 26 -6.68 9.49 13.78
CA GLN A 26 -5.34 9.96 14.20
C GLN A 26 -4.55 10.56 13.04
N HIS A 27 -4.79 10.10 11.81
CA HIS A 27 -4.11 10.59 10.60
C HIS A 27 -5.16 10.97 9.53
N PRO A 28 -6.04 11.96 9.77
CA PRO A 28 -7.08 12.40 8.85
C PRO A 28 -6.56 13.05 7.56
N THR A 29 -5.27 13.32 7.46
CA THR A 29 -4.60 13.92 6.30
C THR A 29 -3.83 12.87 5.49
N LYS A 30 -3.90 11.59 5.90
CA LYS A 30 -3.24 10.47 5.22
C LYS A 30 -4.33 9.54 4.70
N ILE A 31 -4.04 8.86 3.61
CA ILE A 31 -4.91 7.92 2.93
C ILE A 31 -4.35 6.50 3.16
N PRO A 32 -5.12 5.60 3.79
CA PRO A 32 -4.72 4.22 4.07
C PRO A 32 -4.80 3.28 2.85
N VAL A 33 -3.64 2.80 2.39
CA VAL A 33 -3.51 1.92 1.24
C VAL A 33 -2.72 0.66 1.61
N ILE A 34 -3.02 -0.44 0.93
CA ILE A 34 -2.39 -1.75 1.08
C ILE A 34 -1.47 -1.88 -0.12
N ILE A 35 -0.18 -2.15 0.10
CA ILE A 35 0.83 -2.34 -0.94
C ILE A 35 1.30 -3.77 -0.75
N GLU A 36 0.97 -4.64 -1.70
CA GLU A 36 1.32 -6.06 -1.65
C GLU A 36 2.10 -6.47 -2.92
N ARG A 37 2.96 -7.48 -2.83
CA ARG A 37 3.72 -7.97 -3.98
C ARG A 37 2.80 -8.92 -4.73
N TYR A 38 2.70 -8.84 -6.06
CA TYR A 38 1.85 -9.75 -6.83
C TYR A 38 2.25 -11.20 -6.59
N LYS A 39 1.31 -12.13 -6.70
CA LYS A 39 1.60 -13.55 -6.47
C LYS A 39 2.59 -14.09 -7.50
N GLY A 40 2.48 -13.67 -8.76
CA GLY A 40 3.34 -14.11 -9.83
C GLY A 40 4.69 -13.40 -9.85
N GLU A 41 4.89 -12.43 -8.96
CA GLU A 41 6.12 -11.67 -8.88
C GLU A 41 7.20 -12.56 -8.25
N LYS A 42 8.22 -12.90 -9.05
CA LYS A 42 9.33 -13.76 -8.64
C LYS A 42 10.71 -13.14 -8.81
N GLN A 43 10.80 -11.94 -9.37
CA GLN A 43 12.06 -11.24 -9.55
C GLN A 43 12.16 -10.14 -8.50
N LEU A 44 11.05 -9.44 -8.23
CA LEU A 44 11.09 -8.38 -7.24
C LEU A 44 10.85 -9.01 -5.86
N PRO A 45 11.45 -8.45 -4.79
CA PRO A 45 11.29 -8.97 -3.45
C PRO A 45 9.99 -8.54 -2.78
N VAL A 46 9.61 -9.25 -1.72
CA VAL A 46 8.41 -9.01 -0.93
C VAL A 46 8.62 -7.75 -0.10
N LEU A 47 7.59 -6.89 -0.01
CA LEU A 47 7.67 -5.64 0.74
C LEU A 47 7.68 -5.97 2.24
N ASP A 48 8.55 -5.29 2.99
CA ASP A 48 8.70 -5.48 4.44
C ASP A 48 7.47 -5.08 5.25
N LYS A 49 6.66 -4.17 4.73
CA LYS A 49 5.45 -3.67 5.36
C LYS A 49 4.38 -3.70 4.28
N THR A 50 3.11 -3.74 4.67
CA THR A 50 2.01 -3.82 3.73
C THR A 50 1.05 -2.64 3.85
N LYS A 51 0.91 -2.05 5.04
CA LYS A 51 0.01 -0.92 5.29
C LYS A 51 0.82 0.37 5.12
N PHE A 52 0.40 1.29 4.25
CA PHE A 52 1.08 2.56 4.00
C PHE A 52 0.07 3.70 4.22
N LEU A 53 0.59 4.90 4.46
CA LEU A 53 -0.18 6.12 4.71
C LEU A 53 0.32 7.18 3.74
N VAL A 54 -0.48 7.47 2.72
CA VAL A 54 -0.10 8.42 1.68
C VAL A 54 -0.78 9.77 1.92
N PRO A 55 -0.03 10.88 1.99
CA PRO A 55 -0.61 12.20 2.18
C PRO A 55 -1.42 12.58 0.94
N ASP A 56 -2.62 13.14 1.09
CA ASP A 56 -3.46 13.53 -0.06
C ASP A 56 -2.82 14.66 -0.85
N HIS A 57 -1.90 15.41 -0.25
CA HIS A 57 -1.23 16.51 -0.94
C HIS A 57 -0.20 16.00 -1.95
N VAL A 58 0.18 14.72 -1.92
CA VAL A 58 1.15 14.14 -2.85
C VAL A 58 0.44 13.39 -3.98
N ASN A 59 1.21 13.00 -4.99
CA ASN A 59 0.79 12.25 -6.17
C ASN A 59 1.55 10.92 -6.22
N MET A 60 1.01 10.03 -7.05
CA MET A 60 1.55 8.68 -7.25
C MET A 60 3.02 8.68 -7.65
N SER A 61 3.48 9.72 -8.33
CA SER A 61 4.86 9.91 -8.77
C SER A 61 5.79 9.68 -7.59
N GLU A 62 5.59 10.51 -6.55
CA GLU A 62 6.36 10.51 -5.33
C GLU A 62 6.06 9.31 -4.44
N LEU A 63 4.79 8.85 -4.40
CA LEU A 63 4.45 7.66 -3.61
C LEU A 63 5.36 6.51 -4.07
N ILE A 64 5.33 6.24 -5.38
CA ILE A 64 6.11 5.20 -6.00
C ILE A 64 7.60 5.50 -5.75
N LYS A 65 8.04 6.76 -5.80
CA LYS A 65 9.43 7.12 -5.55
C LYS A 65 9.89 6.58 -4.20
N ILE A 66 9.15 6.84 -3.10
CA ILE A 66 9.56 6.31 -1.80
C ILE A 66 9.58 4.79 -1.87
N ILE A 67 8.61 4.16 -2.55
CA ILE A 67 8.57 2.71 -2.67
C ILE A 67 9.85 2.22 -3.38
N ARG A 68 10.31 2.84 -4.48
CA ARG A 68 11.52 2.40 -5.15
C ARG A 68 12.75 2.69 -4.28
N ARG A 69 12.73 3.77 -3.49
CA ARG A 69 13.84 4.14 -2.62
C ARG A 69 14.15 3.03 -1.63
N ARG A 70 13.17 2.64 -0.81
CA ARG A 70 13.33 1.60 0.20
C ARG A 70 13.51 0.21 -0.42
N LEU A 71 12.90 -0.06 -1.59
CA LEU A 71 13.06 -1.35 -2.25
C LEU A 71 14.50 -1.54 -2.70
N GLN A 72 15.17 -0.46 -3.13
CA GLN A 72 16.55 -0.49 -3.60
C GLN A 72 16.73 -1.47 -4.78
N LEU A 73 15.73 -1.54 -5.67
CA LEU A 73 15.70 -2.39 -6.86
C LEU A 73 16.86 -2.10 -7.82
N ASN A 74 17.06 -2.98 -8.80
CA ASN A 74 18.12 -2.81 -9.78
C ASN A 74 17.83 -1.61 -10.67
N ALA A 75 18.91 -1.02 -11.19
CA ALA A 75 18.89 0.13 -12.08
C ALA A 75 18.52 -0.33 -13.48
N ASN A 76 18.99 -1.53 -13.83
CA ASN A 76 18.75 -2.16 -15.11
C ASN A 76 17.34 -2.76 -15.17
N GLN A 77 16.63 -2.86 -14.04
CA GLN A 77 15.28 -3.44 -14.03
C GLN A 77 14.22 -2.38 -13.71
N ALA A 78 12.99 -2.55 -14.20
CA ALA A 78 11.86 -1.65 -14.00
C ALA A 78 10.69 -2.35 -13.28
N PHE A 79 9.62 -1.60 -12.96
CA PHE A 79 8.42 -2.15 -12.33
C PHE A 79 7.19 -1.33 -12.69
N PHE A 80 6.02 -1.87 -12.35
CA PHE A 80 4.70 -1.28 -12.55
C PHE A 80 3.88 -1.54 -11.29
N LEU A 81 2.84 -0.74 -11.10
CA LEU A 81 1.96 -0.82 -9.96
C LEU A 81 0.53 -0.85 -10.48
N LEU A 82 -0.26 -1.77 -9.94
CA LEU A 82 -1.65 -2.00 -10.32
C LEU A 82 -2.55 -1.74 -9.11
N VAL A 83 -3.81 -1.38 -9.36
CA VAL A 83 -4.81 -1.10 -8.33
C VAL A 83 -5.84 -2.22 -8.44
N ASN A 84 -6.25 -2.83 -7.32
CA ASN A 84 -7.23 -3.93 -7.30
C ASN A 84 -6.91 -5.10 -8.28
N GLY A 85 -5.67 -5.21 -8.78
CA GLY A 85 -5.19 -6.21 -9.71
C GLY A 85 -5.15 -5.73 -11.16
N HIS A 86 -5.30 -4.42 -11.41
CA HIS A 86 -5.31 -3.83 -12.75
C HIS A 86 -4.78 -2.38 -12.74
N SER A 87 -3.90 -2.01 -13.66
CA SER A 87 -3.37 -0.64 -13.72
C SER A 87 -4.23 0.20 -14.69
N MET A 88 -5.33 0.78 -14.18
CA MET A 88 -6.24 1.59 -15.00
C MET A 88 -6.04 3.09 -14.85
N VAL A 89 -5.04 3.53 -14.09
CA VAL A 89 -4.80 4.96 -13.84
C VAL A 89 -3.37 5.39 -14.16
N SER A 90 -3.17 6.71 -14.29
CA SER A 90 -1.89 7.35 -14.57
C SER A 90 -0.96 7.32 -13.35
N VAL A 91 0.28 7.81 -13.52
CA VAL A 91 1.32 7.87 -12.49
C VAL A 91 1.54 9.27 -11.88
N SER A 92 0.83 10.29 -12.34
CA SER A 92 0.94 11.67 -11.85
C SER A 92 -0.32 12.13 -11.12
N THR A 93 -1.31 11.25 -11.00
CA THR A 93 -2.60 11.41 -10.37
C THR A 93 -2.52 11.41 -8.83
N PRO A 94 -3.49 12.03 -8.14
CA PRO A 94 -3.55 12.06 -6.69
C PRO A 94 -4.20 10.77 -6.19
N ILE A 95 -3.52 10.08 -5.26
CA ILE A 95 -4.08 8.83 -4.76
C ILE A 95 -5.41 9.10 -4.04
N SER A 96 -5.72 10.32 -3.61
CA SER A 96 -7.00 10.60 -2.95
C SER A 96 -8.16 10.38 -3.94
N GLU A 97 -8.02 10.81 -5.21
CA GLU A 97 -9.10 10.56 -6.16
C GLU A 97 -9.04 9.07 -6.51
N VAL A 98 -7.83 8.48 -6.63
CA VAL A 98 -7.75 7.04 -6.92
C VAL A 98 -8.48 6.28 -5.80
N TYR A 99 -8.32 6.71 -4.55
CA TYR A 99 -8.92 6.14 -3.36
C TYR A 99 -10.41 6.13 -3.56
N GLU A 100 -11.06 7.29 -3.72
CA GLU A 100 -12.51 7.29 -3.91
C GLU A 100 -12.97 6.64 -5.23
N SER A 101 -12.09 6.37 -6.19
CA SER A 101 -12.46 5.73 -7.46
C SER A 101 -12.28 4.21 -7.46
N GLU A 102 -11.41 3.65 -6.62
CA GLU A 102 -11.10 2.21 -6.56
C GLU A 102 -11.42 1.57 -5.20
N LYS A 103 -11.87 2.37 -4.24
CA LYS A 103 -12.23 2.03 -2.86
C LYS A 103 -13.15 0.84 -2.66
N ASP A 104 -12.75 -0.06 -1.78
CA ASP A 104 -13.53 -1.25 -1.42
C ASP A 104 -14.47 -0.89 -0.27
N GLU A 105 -15.39 -1.81 0.02
CA GLU A 105 -16.42 -1.77 1.06
C GLU A 105 -15.89 -1.57 2.47
N ASP A 106 -14.63 -1.89 2.70
CA ASP A 106 -13.94 -1.75 3.97
C ASP A 106 -13.40 -0.32 4.11
N GLY A 107 -13.11 0.31 2.97
CA GLY A 107 -12.59 1.66 2.83
C GLY A 107 -11.08 1.65 2.59
N PHE A 108 -10.33 0.58 2.94
CA PHE A 108 -8.89 0.48 2.71
C PHE A 108 -8.70 0.38 1.19
N LEU A 109 -7.64 0.95 0.61
CA LEU A 109 -7.42 0.87 -0.84
C LEU A 109 -6.42 -0.24 -1.18
N TYR A 110 -6.81 -1.23 -1.99
CA TYR A 110 -5.93 -2.34 -2.39
C TYR A 110 -5.03 -1.98 -3.58
N MET A 111 -3.73 -2.19 -3.44
CA MET A 111 -2.72 -1.92 -4.46
C MET A 111 -1.72 -3.08 -4.46
N VAL A 112 -1.21 -3.45 -5.64
CA VAL A 112 -0.24 -4.54 -5.79
C VAL A 112 0.83 -4.10 -6.78
N TYR A 113 2.04 -4.67 -6.75
CA TYR A 113 3.12 -4.32 -7.67
C TYR A 113 3.79 -5.55 -8.26
N ALA A 114 4.40 -5.40 -9.44
CA ALA A 114 5.12 -6.42 -10.17
C ALA A 114 6.07 -5.78 -11.20
N SER A 115 6.90 -6.58 -11.87
CA SER A 115 7.84 -6.16 -12.88
C SER A 115 7.33 -6.73 -14.22
N GLN A 116 6.31 -6.08 -14.77
CA GLN A 116 5.65 -6.38 -16.04
C GLN A 116 4.49 -5.38 -16.20
N GLU A 117 4.30 -4.83 -17.40
CA GLU A 117 3.24 -3.86 -17.70
C GLU A 117 1.86 -4.50 -17.82
N THR A 118 1.76 -5.76 -18.27
CA THR A 118 0.47 -6.42 -18.43
C THR A 118 0.42 -7.74 -17.66
N PHE A 119 -0.76 -8.05 -17.11
CA PHE A 119 -1.02 -9.25 -16.34
C PHE A 119 -1.70 -10.27 -17.22
N ASN B 1 -5.83 -10.59 16.95
CA ASN B 1 -7.30 -10.41 17.13
C ASN B 1 -7.60 -10.27 18.61
N SEP B 2 -7.76 -11.35 19.40
CA SEP B 2 -8.03 -11.23 20.83
CB SEP B 2 -8.12 -12.62 21.47
OG SEP B 2 -9.22 -13.34 20.95
C SEP B 2 -6.90 -10.41 21.47
O SEP B 2 -7.15 -9.38 22.09
P SEP B 2 -9.55 -14.79 21.53
O1P SEP B 2 -8.39 -15.61 21.13
O2P SEP B 2 -9.71 -14.56 22.98
O3P SEP B 2 -10.81 -15.10 20.81
H SEP B 2 -7.70 -12.29 19.02
HA SEP B 2 -8.97 -10.71 21.00
HB2 SEP B 2 -7.20 -13.18 21.25
HB3 SEP B 2 -8.21 -12.52 22.55
N SEP B 3 -5.65 -10.87 21.33
CA SEP B 3 -4.50 -10.15 21.84
CB SEP B 3 -3.31 -11.09 22.02
OG SEP B 3 -3.60 -12.09 22.98
C SEP B 3 -4.15 -9.05 20.82
O SEP B 3 -4.60 -9.10 19.67
P SEP B 3 -2.58 -12.39 24.17
O1P SEP B 3 -2.65 -11.17 24.99
O2P SEP B 3 -3.16 -13.61 24.77
O3P SEP B 3 -1.30 -12.59 23.44
H SEP B 3 -5.47 -11.72 20.81
HA SEP B 3 -4.74 -9.68 22.80
HB2 SEP B 3 -3.09 -11.56 21.06
HB3 SEP B 3 -2.47 -10.50 22.34
N GLY B 4 -3.22 -8.16 21.18
CA GLY B 4 -2.78 -7.08 20.33
C GLY B 4 -1.43 -6.54 20.79
N SEP B 5 -0.97 -5.47 20.16
CA SEP B 5 0.28 -4.81 20.50
CB SEP B 5 1.46 -5.59 19.86
OG SEP B 5 2.10 -6.40 20.82
C SEP B 5 0.25 -3.39 19.99
O SEP B 5 -0.52 -3.06 19.07
P SEP B 5 3.25 -5.82 21.76
O1P SEP B 5 3.27 -6.78 22.88
O2P SEP B 5 4.43 -5.89 20.88
O3P SEP B 5 2.83 -4.45 22.11
H SEP B 5 -1.53 -5.01 19.45
HA SEP B 5 0.39 -4.80 21.58
HB2 SEP B 5 1.09 -6.21 19.05
HB3 SEP B 5 2.19 -4.90 19.45
N SEP B 6 1.25 -2.62 20.39
CA SEP B 6 1.43 -1.22 20.04
CB SEP B 6 1.18 -0.36 21.27
OG SEP B 6 0.02 0.43 21.06
C SEP B 6 2.82 -1.06 19.42
O SEP B 6 3.80 -0.74 20.10
P SEP B 6 -0.44 1.49 22.17
O1P SEP B 6 0.81 2.23 22.40
O2P SEP B 6 -1.48 2.24 21.46
O3P SEP B 6 -0.90 0.62 23.28
H SEP B 6 1.84 -2.97 21.15
HA SEP B 6 0.70 -0.95 19.28
HB2 SEP B 6 1.05 -0.97 22.16
HB3 SEP B 6 2.04 0.30 21.44
N GLU B 7 2.93 -1.36 18.14
CA GLU B 7 4.17 -1.27 17.36
C GLU B 7 3.87 -0.49 16.08
N ASP B 8 4.82 -0.49 15.14
CA ASP B 8 4.72 0.20 13.86
C ASP B 8 3.83 -0.60 12.92
N SEP B 9 2.67 -0.07 12.53
CA SEP B 9 1.76 -0.78 11.64
CB SEP B 9 0.30 -0.63 12.13
OG SEP B 9 -0.03 -1.32 13.33
C SEP B 9 1.82 -0.16 10.24
O SEP B 9 2.03 -0.90 9.29
P SEP B 9 -0.64 -2.81 13.32
O1P SEP B 9 -1.74 -2.80 12.32
O2P SEP B 9 0.51 -3.61 12.87
O3P SEP B 9 -1.05 -3.03 14.72
H SEP B 9 2.37 0.80 12.94
HA SEP B 9 2.00 -1.84 11.59
HB2 SEP B 9 0.10 0.42 12.31
HB3 SEP B 9 -0.39 -0.94 11.34
N PHE B 10 1.65 1.15 10.12
CA PHE B 10 1.65 1.83 8.82
C PHE B 10 2.94 2.57 8.56
N VAL B 11 3.27 2.78 7.28
CA VAL B 11 4.46 3.49 6.84
C VAL B 11 4.02 4.72 6.05
N GLU B 12 4.16 5.90 6.65
CA GLU B 12 3.80 7.16 6.02
C GLU B 12 4.81 7.51 4.93
N ILE B 13 4.39 8.26 3.91
CA ILE B 13 5.24 8.69 2.80
C ILE B 13 5.98 9.98 3.19
N ARG B 14 7.23 9.83 3.62
CA ARG B 14 8.12 10.93 4.02
C ARG B 14 8.35 11.90 2.84
N MET B 15 8.94 13.08 3.08
CA MET B 15 9.22 14.07 2.04
C MET B 15 10.14 15.16 2.60
N ALA B 16 10.75 15.95 1.71
CA ALA B 16 11.66 17.04 2.02
C ALA B 16 10.87 18.30 2.42
N GLU B 17 10.11 18.19 3.50
CA GLU B 17 9.28 19.25 4.07
C GLU B 17 10.12 20.46 4.43
N GLY A 1 4.54 -25.40 11.57
CA GLY A 1 4.58 -25.24 10.11
C GLY A 1 5.27 -23.95 9.74
N ALA A 2 5.42 -23.69 8.44
CA ALA A 2 6.04 -22.49 7.93
C ALA A 2 5.10 -21.86 6.92
N MET A 3 4.24 -20.98 7.39
CA MET A 3 3.27 -20.27 6.56
C MET A 3 3.07 -18.92 7.23
N GLY A 4 3.72 -17.89 6.70
CA GLY A 4 3.64 -16.52 7.20
C GLY A 4 2.22 -16.00 7.04
N LYS A 5 1.54 -15.72 8.14
CA LYS A 5 0.18 -15.21 8.14
C LYS A 5 0.15 -13.83 7.49
N THR A 6 -0.80 -13.63 6.57
CA THR A 6 -0.96 -12.40 5.84
C THR A 6 -1.64 -11.33 6.70
N PHE A 7 -1.64 -10.09 6.21
CA PHE A 7 -2.28 -8.97 6.90
C PHE A 7 -3.77 -9.27 7.12
N LYS A 8 -4.47 -9.73 6.07
CA LYS A 8 -5.90 -10.08 6.15
C LYS A 8 -6.10 -11.26 7.10
N GLN A 9 -5.11 -12.15 7.26
CA GLN A 9 -5.23 -13.27 8.19
C GLN A 9 -5.16 -12.70 9.61
N ARG A 10 -4.26 -11.75 9.92
CA ARG A 10 -4.16 -11.17 11.27
C ARG A 10 -5.22 -10.09 11.55
N ARG A 11 -6.14 -9.78 10.61
CA ARG A 11 -7.18 -8.78 10.79
C ARG A 11 -8.48 -9.24 10.14
N THR A 12 -9.47 -9.63 10.95
CA THR A 12 -10.79 -10.07 10.46
C THR A 12 -11.46 -8.89 9.72
N PHE A 13 -12.57 -9.11 9.01
CA PHE A 13 -13.24 -8.03 8.30
C PHE A 13 -13.60 -6.90 9.28
N GLU A 14 -14.17 -7.24 10.45
CA GLU A 14 -14.55 -6.27 11.46
C GLU A 14 -13.35 -5.45 11.90
N GLN A 15 -12.23 -6.11 12.17
CA GLN A 15 -11.02 -5.43 12.58
C GLN A 15 -10.48 -4.60 11.41
N ARG A 16 -10.71 -5.00 10.15
CA ARG A 16 -10.23 -4.25 9.01
C ARG A 16 -10.99 -2.94 8.94
N VAL A 17 -12.33 -2.97 8.94
CA VAL A 17 -13.11 -1.74 8.88
C VAL A 17 -12.74 -0.86 10.09
N GLU A 18 -12.54 -1.46 11.27
CA GLU A 18 -12.18 -0.73 12.48
C GLU A 18 -10.77 -0.15 12.38
N ASP A 19 -9.81 -0.87 11.82
CA ASP A 19 -8.43 -0.40 11.67
C ASP A 19 -8.37 0.76 10.67
N VAL A 20 -9.14 0.71 9.57
CA VAL A 20 -9.12 1.79 8.60
C VAL A 20 -9.84 3.00 9.16
N ARG A 21 -11.05 2.85 9.71
CA ARG A 21 -11.71 4.01 10.28
C ARG A 21 -10.82 4.59 11.38
N LEU A 22 -10.15 3.77 12.20
CA LEU A 22 -9.26 4.22 13.26
C LEU A 22 -8.20 5.14 12.68
N ILE A 23 -7.55 4.73 11.59
CA ILE A 23 -6.53 5.58 11.00
C ILE A 23 -7.15 6.83 10.36
N ARG A 24 -8.36 6.75 9.80
CA ARG A 24 -9.04 7.88 9.18
C ARG A 24 -9.45 8.90 10.26
N GLU A 25 -9.70 8.44 11.49
CA GLU A 25 -10.09 9.24 12.63
C GLU A 25 -8.86 10.00 13.12
N GLN A 26 -7.75 9.31 13.44
CA GLN A 26 -6.55 9.99 13.93
C GLN A 26 -5.80 10.75 12.84
N HIS A 27 -5.83 10.28 11.59
CA HIS A 27 -5.15 10.89 10.45
C HIS A 27 -6.10 11.09 9.26
N PRO A 28 -7.03 12.06 9.33
CA PRO A 28 -7.98 12.35 8.25
C PRO A 28 -7.27 12.92 7.02
N THR A 29 -6.02 13.33 7.16
CA THR A 29 -5.18 13.89 6.13
C THR A 29 -4.40 12.80 5.39
N LYS A 30 -4.60 11.52 5.74
CA LYS A 30 -3.92 10.40 5.13
C LYS A 30 -4.90 9.44 4.47
N ILE A 31 -4.46 8.84 3.39
CA ILE A 31 -5.20 7.89 2.58
C ILE A 31 -4.74 6.48 2.97
N PRO A 32 -5.65 5.63 3.49
CA PRO A 32 -5.35 4.27 3.88
C PRO A 32 -5.32 3.38 2.63
N VAL A 33 -4.11 2.99 2.24
CA VAL A 33 -3.86 2.17 1.08
C VAL A 33 -3.03 0.96 1.47
N ILE A 34 -3.20 -0.14 0.77
CA ILE A 34 -2.51 -1.39 0.98
C ILE A 34 -1.53 -1.55 -0.17
N ILE A 35 -0.29 -1.92 0.15
CA ILE A 35 0.79 -2.15 -0.80
C ILE A 35 1.08 -3.65 -0.66
N GLU A 36 0.92 -4.39 -1.75
CA GLU A 36 1.14 -5.82 -1.80
C GLU A 36 1.96 -6.16 -3.04
N ARG A 37 2.75 -7.22 -2.93
CA ARG A 37 3.59 -7.69 -4.01
C ARG A 37 2.71 -8.66 -4.78
N TYR A 38 2.70 -8.57 -6.12
CA TYR A 38 1.89 -9.47 -6.92
C TYR A 38 2.25 -10.92 -6.64
N LYS A 39 1.31 -11.86 -6.81
CA LYS A 39 1.57 -13.27 -6.56
C LYS A 39 2.56 -13.85 -7.58
N GLY A 40 2.64 -13.30 -8.78
CA GLY A 40 3.56 -13.76 -9.80
C GLY A 40 4.90 -13.05 -9.69
N GLU A 41 5.10 -12.17 -8.72
CA GLU A 41 6.35 -11.46 -8.57
C GLU A 41 7.37 -12.34 -7.86
N LYS A 42 8.58 -12.40 -8.41
CA LYS A 42 9.71 -13.16 -7.90
C LYS A 42 11.02 -12.39 -8.06
N GLN A 43 11.10 -11.38 -8.94
CA GLN A 43 12.30 -10.60 -9.16
C GLN A 43 12.33 -9.35 -8.26
N LEU A 44 11.16 -8.79 -7.90
CA LEU A 44 11.11 -7.61 -7.04
C LEU A 44 11.05 -8.02 -5.56
N PRO A 45 11.64 -7.23 -4.65
CA PRO A 45 11.62 -7.53 -3.22
C PRO A 45 10.23 -7.24 -2.61
N VAL A 46 9.92 -7.87 -1.47
CA VAL A 46 8.66 -7.70 -0.78
C VAL A 46 8.74 -6.51 0.21
N LEU A 47 7.61 -5.88 0.50
CA LEU A 47 7.49 -4.76 1.41
C LEU A 47 7.66 -5.22 2.86
N ASP A 48 7.85 -4.27 3.76
CA ASP A 48 8.01 -4.53 5.19
C ASP A 48 6.65 -4.72 5.86
N LYS A 49 5.66 -3.93 5.41
CA LYS A 49 4.29 -3.92 5.91
C LYS A 49 3.34 -3.72 4.75
N THR A 50 2.04 -3.83 5.02
CA THR A 50 1.01 -3.70 4.01
C THR A 50 0.23 -2.40 4.10
N LYS A 51 -0.19 -1.98 5.31
CA LYS A 51 -0.98 -0.77 5.48
C LYS A 51 -0.10 0.48 5.40
N PHE A 52 -0.33 1.33 4.41
CA PHE A 52 0.37 2.58 4.17
C PHE A 52 -0.59 3.76 4.36
N LEU A 53 -0.01 4.94 4.58
CA LEU A 53 -0.66 6.22 4.79
C LEU A 53 -0.01 7.22 3.85
N VAL A 54 -0.69 7.50 2.75
CA VAL A 54 -0.21 8.43 1.73
C VAL A 54 -0.96 9.74 1.93
N PRO A 55 -0.28 10.90 2.05
CA PRO A 55 -1.00 12.15 2.22
C PRO A 55 -1.72 12.45 0.91
N ASP A 56 -2.96 12.91 0.98
CA ASP A 56 -3.76 13.23 -0.21
C ASP A 56 -3.17 14.33 -1.08
N HIS A 57 -2.18 15.10 -0.61
CA HIS A 57 -1.56 16.17 -1.39
C HIS A 57 -0.54 15.66 -2.42
N VAL A 58 -0.05 14.41 -2.32
CA VAL A 58 0.93 13.87 -3.27
C VAL A 58 0.32 12.99 -4.35
N ASN A 59 1.16 12.68 -5.32
CA ASN A 59 0.90 11.86 -6.49
C ASN A 59 1.62 10.52 -6.38
N MET A 60 1.16 9.61 -7.23
CA MET A 60 1.71 8.27 -7.29
C MET A 60 3.19 8.30 -7.62
N SER A 61 3.70 9.21 -8.47
CA SER A 61 5.12 9.28 -8.78
C SER A 61 5.95 9.41 -7.48
N GLU A 62 5.52 10.26 -6.53
CA GLU A 62 6.19 10.45 -5.26
C GLU A 62 6.13 9.15 -4.47
N LEU A 63 4.93 8.56 -4.36
CA LEU A 63 4.81 7.30 -3.63
C LEU A 63 5.76 6.25 -4.22
N ILE A 64 5.76 6.08 -5.55
CA ILE A 64 6.60 5.15 -6.29
C ILE A 64 8.07 5.41 -5.92
N LYS A 65 8.50 6.67 -5.98
CA LYS A 65 9.88 7.07 -5.67
C LYS A 65 10.25 6.68 -4.24
N ILE A 66 9.44 7.04 -3.24
CA ILE A 66 9.74 6.73 -1.85
C ILE A 66 9.79 5.21 -1.65
N ILE A 67 8.91 4.46 -2.32
CA ILE A 67 8.92 3.00 -2.22
C ILE A 67 10.25 2.51 -2.81
N ARG A 68 10.73 3.09 -3.93
CA ARG A 68 12.00 2.66 -4.50
C ARG A 68 13.13 2.93 -3.53
N ARG A 69 13.10 4.07 -2.82
CA ARG A 69 14.14 4.43 -1.86
C ARG A 69 14.27 3.37 -0.76
N ARG A 70 13.20 3.11 0.01
CA ARG A 70 13.28 2.13 1.10
C ARG A 70 13.57 0.72 0.63
N LEU A 71 13.06 0.27 -0.52
CA LEU A 71 13.34 -1.09 -1.01
C LEU A 71 14.65 -1.16 -1.81
N GLN A 72 15.39 -0.04 -1.93
CA GLN A 72 16.65 0.05 -2.67
C GLN A 72 16.49 -0.49 -4.10
N LEU A 73 15.30 -0.29 -4.69
CA LEU A 73 15.00 -0.76 -6.03
C LEU A 73 16.06 -0.23 -6.99
N ASN A 74 16.54 -1.12 -7.85
CA ASN A 74 17.58 -0.86 -8.82
C ASN A 74 17.29 0.32 -9.74
N ALA A 75 18.34 0.82 -10.36
CA ALA A 75 18.32 1.91 -11.31
C ALA A 75 18.18 1.34 -12.73
N ASN A 76 18.66 0.10 -12.95
CA ASN A 76 18.57 -0.51 -14.27
C ASN A 76 17.29 -1.32 -14.43
N GLN A 77 16.62 -1.67 -13.33
CA GLN A 77 15.39 -2.45 -13.37
C GLN A 77 14.23 -1.50 -13.06
N ALA A 78 13.10 -1.67 -13.75
CA ALA A 78 11.92 -0.84 -13.59
C ALA A 78 10.75 -1.69 -13.07
N PHE A 79 9.66 -1.05 -12.66
CA PHE A 79 8.48 -1.75 -12.15
C PHE A 79 7.21 -0.97 -12.50
N PHE A 80 6.05 -1.59 -12.26
CA PHE A 80 4.73 -1.03 -12.49
C PHE A 80 3.89 -1.27 -11.24
N LEU A 81 2.90 -0.41 -11.04
CA LEU A 81 1.96 -0.45 -9.93
C LEU A 81 0.59 -0.63 -10.59
N LEU A 82 -0.14 -1.66 -10.17
CA LEU A 82 -1.46 -2.00 -10.69
C LEU A 82 -2.44 -1.81 -9.53
N VAL A 83 -3.60 -1.21 -9.78
CA VAL A 83 -4.61 -0.95 -8.76
C VAL A 83 -5.58 -2.12 -8.79
N ASN A 84 -5.75 -2.82 -7.66
CA ASN A 84 -6.62 -4.01 -7.54
C ASN A 84 -6.15 -5.17 -8.44
N GLY A 85 -5.09 -4.98 -9.22
CA GLY A 85 -4.47 -5.89 -10.17
C GLY A 85 -4.58 -5.36 -11.61
N HIS A 86 -5.05 -4.11 -11.79
CA HIS A 86 -5.26 -3.48 -13.08
C HIS A 86 -4.67 -2.06 -13.11
N SER A 87 -3.70 -1.80 -14.00
CA SER A 87 -3.06 -0.49 -14.18
C SER A 87 -3.94 0.31 -15.16
N MET A 88 -4.99 0.95 -14.65
CA MET A 88 -5.95 1.75 -15.42
C MET A 88 -5.55 3.22 -15.44
N VAL A 89 -4.94 3.64 -14.36
CA VAL A 89 -4.49 4.99 -14.07
C VAL A 89 -2.99 5.14 -14.31
N SER A 90 -2.46 6.36 -14.17
CA SER A 90 -1.07 6.71 -14.38
C SER A 90 -0.40 7.13 -13.06
N VAL A 91 0.94 7.11 -13.00
CA VAL A 91 1.68 7.51 -11.80
C VAL A 91 1.62 9.04 -11.58
N SER A 92 1.31 9.80 -12.62
CA SER A 92 1.24 11.25 -12.55
C SER A 92 -0.08 11.76 -11.92
N THR A 93 -1.04 10.87 -11.65
CA THR A 93 -2.36 11.18 -11.09
C THR A 93 -2.29 11.24 -9.55
N PRO A 94 -3.11 12.07 -8.88
CA PRO A 94 -3.10 12.14 -7.43
C PRO A 94 -3.84 10.94 -6.80
N ILE A 95 -3.29 10.48 -5.67
CA ILE A 95 -3.87 9.35 -4.96
C ILE A 95 -5.24 9.72 -4.38
N SER A 96 -5.55 11.01 -4.22
CA SER A 96 -6.82 11.48 -3.71
C SER A 96 -7.94 10.98 -4.64
N GLU A 97 -7.85 11.31 -5.93
CA GLU A 97 -8.84 10.88 -6.91
C GLU A 97 -8.77 9.37 -7.05
N VAL A 98 -7.57 8.76 -7.07
CA VAL A 98 -7.57 7.30 -7.18
C VAL A 98 -8.30 6.66 -5.98
N TYR A 99 -8.15 7.22 -4.77
CA TYR A 99 -8.79 6.74 -3.56
C TYR A 99 -10.30 6.71 -3.75
N GLU A 100 -10.91 7.88 -3.99
CA GLU A 100 -12.37 7.90 -4.16
C GLU A 100 -12.85 7.10 -5.39
N SER A 101 -11.99 6.80 -6.36
CA SER A 101 -12.36 6.07 -7.56
C SER A 101 -12.23 4.54 -7.44
N GLU A 102 -11.44 4.01 -6.50
CA GLU A 102 -11.22 2.57 -6.30
C GLU A 102 -11.53 2.12 -4.87
N LYS A 103 -12.00 3.03 -4.01
CA LYS A 103 -12.37 2.78 -2.62
C LYS A 103 -13.26 1.56 -2.38
N ASP A 104 -12.82 0.66 -1.51
CA ASP A 104 -13.60 -0.52 -1.15
C ASP A 104 -14.70 -0.02 -0.22
N GLU A 105 -15.79 -0.79 -0.07
CA GLU A 105 -16.88 -0.40 0.82
C GLU A 105 -16.41 -0.32 2.28
N ASP A 106 -15.31 -0.98 2.65
CA ASP A 106 -14.78 -0.94 4.02
C ASP A 106 -13.90 0.29 4.27
N GLY A 107 -13.44 0.96 3.20
CA GLY A 107 -12.61 2.16 3.26
C GLY A 107 -11.13 2.01 2.94
N PHE A 108 -10.63 0.80 2.66
CA PHE A 108 -9.22 0.63 2.31
C PHE A 108 -9.07 0.72 0.78
N LEU A 109 -7.88 1.11 0.31
CA LEU A 109 -7.54 1.14 -1.12
C LEU A 109 -6.57 -0.01 -1.36
N TYR A 110 -6.74 -0.93 -2.32
CA TYR A 110 -5.79 -2.04 -2.53
C TYR A 110 -4.91 -1.83 -3.76
N MET A 111 -3.59 -1.83 -3.59
CA MET A 111 -2.61 -1.64 -4.66
C MET A 111 -1.59 -2.78 -4.65
N VAL A 112 -1.18 -3.22 -5.84
CA VAL A 112 -0.20 -4.28 -6.02
C VAL A 112 0.93 -3.76 -6.91
N TYR A 113 2.12 -4.34 -6.80
CA TYR A 113 3.26 -3.95 -7.63
C TYR A 113 3.95 -5.19 -8.18
N ALA A 114 4.44 -5.08 -9.42
CA ALA A 114 5.15 -6.14 -10.12
C ALA A 114 6.05 -5.54 -11.21
N SER A 115 6.88 -6.37 -11.82
CA SER A 115 7.80 -6.02 -12.89
C SER A 115 7.19 -6.63 -14.15
N GLN A 116 6.18 -5.95 -14.69
CA GLN A 116 5.44 -6.31 -15.90
C GLN A 116 4.37 -5.24 -16.09
N GLU A 117 4.16 -4.81 -17.34
CA GLU A 117 3.16 -3.80 -17.64
C GLU A 117 1.78 -4.43 -17.78
N THR A 118 1.73 -5.72 -18.11
CA THR A 118 0.49 -6.46 -18.29
C THR A 118 0.67 -7.89 -17.82
N PHE A 119 -0.43 -8.51 -17.38
CA PHE A 119 -0.48 -9.87 -16.90
C PHE A 119 -1.01 -10.77 -18.02
N ASN B 1 -1.29 -10.03 17.55
CA ASN B 1 -2.33 -10.15 18.58
C ASN B 1 -1.98 -11.20 19.64
N SEP B 2 -0.69 -11.47 19.85
CA SEP B 2 -0.24 -12.44 20.85
CB SEP B 2 1.07 -13.12 20.43
OG SEP B 2 1.83 -12.32 19.53
C SEP B 2 -0.18 -11.70 22.17
O SEP B 2 -1.07 -11.91 23.01
P SEP B 2 2.96 -12.99 18.64
O1P SEP B 2 3.66 -11.82 18.09
O2P SEP B 2 3.74 -13.79 19.60
O3P SEP B 2 2.16 -13.75 17.65
H SEP B 2 0.04 -10.94 19.38
HA SEP B 2 -0.98 -13.23 20.95
HB2 SEP B 2 1.66 -13.36 21.31
HB3 SEP B 2 0.82 -14.06 19.92
N SEP B 3 0.73 -10.74 22.32
CA SEP B 3 0.85 -9.98 23.55
CB SEP B 3 2.33 -9.63 23.80
OG SEP B 3 3.20 -10.70 23.45
C SEP B 3 -0.05 -8.73 23.49
O SEP B 3 -0.46 -8.29 22.41
P SEP B 3 3.29 -12.08 24.29
O1P SEP B 3 4.55 -12.64 23.77
O2P SEP B 3 3.32 -11.66 25.70
O3P SEP B 3 2.11 -12.87 23.88
H SEP B 3 1.45 -10.60 21.62
HA SEP B 3 0.51 -10.61 24.38
HB2 SEP B 3 2.58 -8.77 23.18
HB3 SEP B 3 2.46 -9.36 24.85
N GLY B 4 -0.46 -8.18 24.65
CA GLY B 4 -1.33 -7.02 24.73
C GLY B 4 -0.55 -5.72 24.69
N SEP B 5 0.24 -5.51 23.63
CA SEP B 5 1.05 -4.31 23.44
CB SEP B 5 2.49 -4.60 23.84
OG SEP B 5 2.53 -4.58 25.25
C SEP B 5 0.96 -3.81 22.01
O SEP B 5 0.57 -4.54 21.10
P SEP B 5 3.90 -4.50 26.05
O1P SEP B 5 4.38 -5.89 26.02
O2P SEP B 5 4.70 -3.52 25.30
O3P SEP B 5 3.41 -4.03 27.35
H SEP B 5 0.31 -6.23 22.92
HA SEP B 5 0.66 -3.51 24.08
HB2 SEP B 5 2.83 -5.56 23.47
HB3 SEP B 5 3.13 -3.81 23.45
N SEP B 6 1.36 -2.54 21.84
CA SEP B 6 1.37 -1.86 20.56
CB SEP B 6 1.64 -0.39 20.85
OG SEP B 6 0.52 0.10 21.58
C SEP B 6 2.44 -2.46 19.64
O SEP B 6 3.36 -3.17 20.06
P SEP B 6 0.68 1.19 22.73
O1P SEP B 6 -0.71 1.68 22.88
O2P SEP B 6 1.20 0.40 23.87
O3P SEP B 6 1.62 2.17 22.14
H SEP B 6 1.67 -2.01 22.63
HA SEP B 6 0.39 -1.97 20.10
HB2 SEP B 6 2.55 -0.28 21.44
HB3 SEP B 6 1.73 0.16 19.91
N GLU B 7 2.20 -2.30 18.35
CA GLU B 7 3.03 -2.73 17.25
C GLU B 7 2.67 -1.80 16.10
N ASP B 8 3.59 -1.63 15.15
CA ASP B 8 3.41 -0.80 13.99
C ASP B 8 2.12 -1.22 13.30
N SEP B 9 1.22 -0.27 13.01
CA SEP B 9 -0.04 -0.59 12.35
CB SEP B 9 -1.21 0.07 13.08
OG SEP B 9 -1.77 -0.79 14.06
C SEP B 9 0.04 -0.14 10.89
O SEP B 9 -0.05 -0.98 10.00
P SEP B 9 -3.06 -1.68 13.75
O1P SEP B 9 -3.36 -2.32 15.04
O2P SEP B 9 -4.05 -0.71 13.25
O3P SEP B 9 -2.62 -2.62 12.71
H SEP B 9 1.39 0.67 13.35
HA SEP B 9 -0.21 -1.67 12.35
HB2 SEP B 9 -0.89 1.02 13.54
HB3 SEP B 9 -1.98 0.31 12.35
N PHE B 10 0.42 1.13 10.64
CA PHE B 10 0.52 1.69 9.31
C PHE B 10 1.94 2.20 9.01
N VAL B 11 2.18 2.64 7.77
CA VAL B 11 3.44 3.17 7.27
C VAL B 11 3.18 4.49 6.55
N GLU B 12 3.49 5.64 7.17
CA GLU B 12 3.28 6.91 6.49
C GLU B 12 4.39 7.10 5.45
N ILE B 13 4.12 7.91 4.41
CA ILE B 13 5.16 8.14 3.40
C ILE B 13 6.18 9.11 4.01
N ARG B 14 7.45 8.77 3.89
CA ARG B 14 8.56 9.58 4.37
C ARG B 14 8.80 10.58 3.24
N MET B 15 8.42 11.85 3.42
CA MET B 15 8.59 12.89 2.42
C MET B 15 10.09 13.15 2.17
N ALA B 16 10.41 14.01 1.20
CA ALA B 16 11.78 14.36 0.85
C ALA B 16 11.93 15.88 0.76
N GLU B 17 11.44 16.59 1.78
CA GLU B 17 11.54 18.05 1.86
C GLU B 17 13.00 18.42 2.06
N GLY A 1 2.41 -27.35 10.59
CA GLY A 1 3.31 -26.37 11.17
C GLY A 1 2.71 -24.98 11.18
N ALA A 2 3.20 -24.09 10.32
CA ALA A 2 2.77 -22.71 10.17
C ALA A 2 2.75 -22.34 8.68
N MET A 3 2.08 -21.23 8.35
CA MET A 3 1.96 -20.72 6.98
C MET A 3 1.98 -19.19 7.02
N GLY A 4 2.36 -18.55 5.91
CA GLY A 4 2.44 -17.10 5.82
C GLY A 4 1.05 -16.49 5.71
N LYS A 5 0.48 -16.01 6.82
CA LYS A 5 -0.85 -15.39 6.84
C LYS A 5 -0.67 -13.88 6.74
N THR A 6 -1.34 -13.24 5.79
CA THR A 6 -1.31 -11.80 5.54
C THR A 6 -2.02 -11.04 6.66
N PHE A 7 -1.90 -9.70 6.67
CA PHE A 7 -2.54 -8.79 7.62
C PHE A 7 -4.05 -9.10 7.64
N LYS A 8 -4.65 -9.26 6.45
CA LYS A 8 -6.07 -9.56 6.27
C LYS A 8 -6.46 -10.88 6.95
N GLN A 9 -5.53 -11.82 7.10
CA GLN A 9 -5.82 -13.07 7.79
C GLN A 9 -5.69 -12.83 9.29
N ARG A 10 -4.68 -12.07 9.76
CA ARG A 10 -4.55 -11.83 11.20
C ARG A 10 -5.58 -10.81 11.72
N ARG A 11 -6.35 -10.16 10.85
CA ARG A 11 -7.37 -9.17 11.21
C ARG A 11 -8.65 -9.43 10.44
N THR A 12 -9.72 -9.84 11.10
CA THR A 12 -11.01 -10.07 10.48
C THR A 12 -11.58 -8.74 9.97
N PHE A 13 -12.68 -8.76 9.20
CA PHE A 13 -13.30 -7.55 8.66
C PHE A 13 -13.49 -6.50 9.75
N GLU A 14 -14.03 -6.87 10.91
CA GLU A 14 -14.24 -5.95 12.01
C GLU A 14 -12.95 -5.19 12.32
N GLN A 15 -11.84 -5.91 12.59
CA GLN A 15 -10.58 -5.25 12.87
C GLN A 15 -10.05 -4.49 11.66
N ARG A 16 -10.33 -4.90 10.41
CA ARG A 16 -9.85 -4.17 9.23
C ARG A 16 -10.57 -2.83 9.13
N VAL A 17 -11.90 -2.80 9.16
CA VAL A 17 -12.66 -1.57 9.07
C VAL A 17 -12.37 -0.68 10.29
N GLU A 18 -12.17 -1.30 11.47
CA GLU A 18 -11.85 -0.60 12.73
C GLU A 18 -10.43 -0.01 12.61
N ASP A 19 -9.49 -0.73 12.01
CA ASP A 19 -8.11 -0.30 11.83
C ASP A 19 -8.10 0.89 10.88
N VAL A 20 -8.90 0.86 9.81
CA VAL A 20 -8.96 1.97 8.87
C VAL A 20 -9.40 3.21 9.65
N ARG A 21 -10.57 3.19 10.28
CA ARG A 21 -11.07 4.35 11.03
C ARG A 21 -10.10 4.79 12.13
N LEU A 22 -9.47 3.86 12.86
CA LEU A 22 -8.52 4.20 13.92
C LEU A 22 -7.38 5.02 13.30
N ILE A 23 -6.84 4.52 12.19
CA ILE A 23 -5.76 5.11 11.42
C ILE A 23 -6.19 6.45 10.84
N ARG A 24 -7.41 6.58 10.30
CA ARG A 24 -7.89 7.83 9.74
C ARG A 24 -7.92 8.89 10.83
N GLU A 25 -8.23 8.53 12.08
CA GLU A 25 -8.26 9.51 13.15
C GLU A 25 -6.88 9.84 13.71
N GLN A 26 -5.98 8.86 13.89
CA GLN A 26 -4.64 9.19 14.40
C GLN A 26 -3.83 9.89 13.29
N HIS A 27 -4.12 9.60 12.02
CA HIS A 27 -3.45 10.17 10.86
C HIS A 27 -4.49 10.67 9.84
N PRO A 28 -5.19 11.81 10.09
CA PRO A 28 -6.20 12.32 9.18
C PRO A 28 -5.63 12.81 7.86
N THR A 29 -4.33 13.10 7.82
CA THR A 29 -3.66 13.56 6.63
C THR A 29 -3.11 12.39 5.80
N LYS A 30 -3.33 11.13 6.18
CA LYS A 30 -2.82 10.01 5.43
C LYS A 30 -3.93 9.07 4.98
N ILE A 31 -3.71 8.48 3.81
CA ILE A 31 -4.61 7.56 3.16
C ILE A 31 -4.07 6.15 3.48
N PRO A 32 -4.84 5.31 4.19
CA PRO A 32 -4.46 3.95 4.56
C PRO A 32 -4.45 3.08 3.30
N VAL A 33 -3.29 2.51 2.94
CA VAL A 33 -3.12 1.69 1.75
C VAL A 33 -2.35 0.39 2.05
N ILE A 34 -2.65 -0.66 1.28
CA ILE A 34 -2.02 -1.97 1.35
C ILE A 34 -1.20 -2.07 0.07
N ILE A 35 0.09 -2.34 0.21
CA ILE A 35 1.02 -2.49 -0.90
C ILE A 35 1.53 -3.92 -0.77
N GLU A 36 1.14 -4.77 -1.72
CA GLU A 36 1.51 -6.18 -1.74
C GLU A 36 2.30 -6.50 -3.01
N ARG A 37 3.20 -7.48 -2.93
CA ARG A 37 4.01 -7.93 -4.05
C ARG A 37 3.15 -8.92 -4.83
N TYR A 38 3.14 -8.84 -6.16
CA TYR A 38 2.38 -9.76 -6.99
C TYR A 38 2.81 -11.18 -6.68
N LYS A 39 1.87 -12.12 -6.68
CA LYS A 39 2.15 -13.52 -6.40
C LYS A 39 3.18 -14.11 -7.36
N GLY A 40 3.16 -13.69 -8.63
CA GLY A 40 4.07 -14.17 -9.65
C GLY A 40 5.40 -13.42 -9.68
N GLU A 41 5.59 -12.42 -8.82
CA GLU A 41 6.84 -11.66 -8.79
C GLU A 41 7.96 -12.54 -8.24
N LYS A 42 9.16 -12.38 -8.79
CA LYS A 42 10.36 -13.12 -8.42
C LYS A 42 11.63 -12.29 -8.55
N GLN A 43 11.69 -11.36 -9.50
CA GLN A 43 12.86 -10.53 -9.70
C GLN A 43 12.79 -9.31 -8.78
N LEU A 44 11.60 -8.77 -8.50
CA LEU A 44 11.53 -7.62 -7.62
C LEU A 44 11.55 -8.14 -6.18
N PRO A 45 12.09 -7.37 -5.22
CA PRO A 45 12.13 -7.80 -3.84
C PRO A 45 10.76 -7.64 -3.20
N VAL A 46 10.46 -8.48 -2.20
CA VAL A 46 9.20 -8.40 -1.48
C VAL A 46 9.28 -7.16 -0.58
N LEU A 47 8.13 -6.62 -0.15
CA LEU A 47 8.16 -5.46 0.71
C LEU A 47 8.47 -5.90 2.15
N ASP A 48 8.85 -4.94 2.98
CA ASP A 48 9.18 -5.14 4.39
C ASP A 48 7.90 -5.33 5.24
N LYS A 49 6.78 -4.76 4.82
CA LYS A 49 5.47 -4.82 5.48
C LYS A 49 4.40 -4.57 4.43
N THR A 50 3.11 -4.69 4.77
CA THR A 50 2.02 -4.48 3.83
C THR A 50 1.26 -3.17 4.03
N LYS A 51 1.21 -2.65 5.25
CA LYS A 51 0.47 -1.43 5.59
C LYS A 51 1.30 -0.15 5.38
N PHE A 52 0.82 0.73 4.51
CA PHE A 52 1.46 2.00 4.15
C PHE A 52 0.44 3.13 4.34
N LEU A 53 0.94 4.35 4.47
CA LEU A 53 0.13 5.56 4.64
C LEU A 53 0.66 6.58 3.64
N VAL A 54 -0.17 7.30 2.91
CA VAL A 54 0.31 8.27 1.90
C VAL A 54 -0.45 9.60 1.97
N PRO A 55 0.20 10.78 1.83
CA PRO A 55 -0.50 12.05 1.90
C PRO A 55 -1.55 12.11 0.83
N ASP A 56 -2.73 12.61 1.18
CA ASP A 56 -3.86 12.75 0.26
C ASP A 56 -3.55 13.68 -0.91
N HIS A 57 -2.58 14.59 -0.74
CA HIS A 57 -2.17 15.52 -1.78
C HIS A 57 -1.02 14.98 -2.64
N VAL A 58 -0.33 13.91 -2.24
CA VAL A 58 0.77 13.36 -3.02
C VAL A 58 0.24 12.64 -4.27
N ASN A 59 1.02 12.73 -5.36
CA ASN A 59 0.74 12.09 -6.64
C ASN A 59 1.44 10.74 -6.72
N MET A 60 1.06 9.95 -7.71
CA MET A 60 1.63 8.62 -7.88
C MET A 60 3.13 8.62 -8.12
N SER A 61 3.70 9.66 -8.74
CA SER A 61 5.14 9.66 -8.97
C SER A 61 5.88 9.56 -7.64
N GLU A 62 5.47 10.32 -6.63
CA GLU A 62 6.07 10.33 -5.30
C GLU A 62 5.76 9.02 -4.59
N LEU A 63 4.52 8.52 -4.71
CA LEU A 63 4.14 7.25 -4.07
C LEU A 63 5.15 6.19 -4.51
N ILE A 64 5.27 6.03 -5.82
CA ILE A 64 6.17 5.10 -6.49
C ILE A 64 7.60 5.36 -6.00
N LYS A 65 8.03 6.61 -6.01
CA LYS A 65 9.36 7.02 -5.58
C LYS A 65 9.65 6.59 -4.14
N ILE A 66 8.82 6.87 -3.14
CA ILE A 66 9.12 6.47 -1.76
C ILE A 66 9.23 4.95 -1.68
N ILE A 67 8.38 4.20 -2.39
CA ILE A 67 8.52 2.75 -2.32
C ILE A 67 9.88 2.38 -2.94
N ARG A 68 10.25 2.90 -4.12
CA ARG A 68 11.55 2.56 -4.71
C ARG A 68 12.70 3.03 -3.83
N ARG A 69 12.51 4.12 -3.07
CA ARG A 69 13.50 4.70 -2.16
C ARG A 69 13.89 3.68 -1.11
N ARG A 70 12.92 3.20 -0.32
CA ARG A 70 13.24 2.22 0.71
C ARG A 70 13.63 0.87 0.11
N LEU A 71 13.07 0.50 -1.05
CA LEU A 71 13.42 -0.75 -1.71
C LEU A 71 14.81 -0.68 -2.33
N GLN A 72 15.39 0.51 -2.49
CA GLN A 72 16.69 0.76 -3.09
C GLN A 72 16.75 0.00 -4.43
N LEU A 73 15.68 0.19 -5.22
CA LEU A 73 15.42 -0.43 -6.52
C LEU A 73 16.56 -0.19 -7.52
N ASN A 74 16.75 -1.14 -8.43
CA ASN A 74 17.78 -1.09 -9.47
C ASN A 74 17.53 0.10 -10.39
N ALA A 75 18.57 0.48 -11.13
CA ALA A 75 18.53 1.57 -12.09
C ALA A 75 18.28 1.02 -13.49
N ASN A 76 18.68 -0.23 -13.70
CA ASN A 76 18.60 -1.02 -14.92
C ASN A 76 17.25 -1.73 -15.08
N GLN A 77 16.42 -1.76 -14.03
CA GLN A 77 15.11 -2.39 -14.06
C GLN A 77 14.02 -1.39 -13.67
N ALA A 78 12.82 -1.62 -14.20
CA ALA A 78 11.61 -0.84 -13.97
C ALA A 78 10.57 -1.80 -13.37
N PHE A 79 9.45 -1.26 -12.89
CA PHE A 79 8.35 -2.05 -12.33
C PHE A 79 7.03 -1.31 -12.58
N PHE A 80 5.91 -1.94 -12.20
CA PHE A 80 4.56 -1.42 -12.34
C PHE A 80 3.86 -1.50 -11.00
N LEU A 81 2.95 -0.56 -10.79
CA LEU A 81 2.13 -0.39 -9.61
C LEU A 81 0.69 -0.34 -10.13
N LEU A 82 -0.01 -1.44 -9.93
CA LEU A 82 -1.37 -1.72 -10.36
C LEU A 82 -2.32 -1.52 -9.17
N VAL A 83 -3.55 -1.05 -9.40
CA VAL A 83 -4.57 -0.82 -8.38
C VAL A 83 -5.46 -2.06 -8.40
N ASN A 84 -5.66 -2.73 -7.26
CA ASN A 84 -6.44 -3.96 -7.16
C ASN A 84 -5.89 -5.10 -8.03
N GLY A 85 -4.76 -4.88 -8.71
CA GLY A 85 -4.08 -5.81 -9.60
C GLY A 85 -4.21 -5.37 -11.06
N HIS A 86 -4.70 -4.16 -11.33
CA HIS A 86 -4.92 -3.63 -12.66
C HIS A 86 -4.38 -2.20 -12.78
N SER A 87 -3.51 -1.93 -13.76
CA SER A 87 -2.99 -0.59 -13.98
C SER A 87 -4.20 0.21 -14.51
N MET A 88 -4.78 1.05 -13.64
CA MET A 88 -5.95 1.90 -13.90
C MET A 88 -5.71 3.34 -13.39
N VAL A 89 -4.46 3.72 -13.13
CA VAL A 89 -4.09 5.03 -12.62
C VAL A 89 -2.92 5.61 -13.42
N SER A 90 -2.71 6.93 -13.40
CA SER A 90 -1.64 7.61 -14.09
C SER A 90 -0.66 8.19 -13.07
N VAL A 91 0.59 8.41 -13.50
CA VAL A 91 1.68 8.93 -12.69
C VAL A 91 1.42 10.34 -12.12
N SER A 92 0.39 11.05 -12.61
CA SER A 92 0.02 12.39 -12.19
C SER A 92 -1.33 12.43 -11.44
N THR A 93 -1.98 11.31 -11.17
CA THR A 93 -3.27 11.30 -10.48
C THR A 93 -3.03 11.38 -8.94
N PRO A 94 -3.66 12.32 -8.19
CA PRO A 94 -3.48 12.40 -6.75
C PRO A 94 -4.11 11.18 -6.07
N ILE A 95 -3.45 10.71 -5.00
CA ILE A 95 -3.92 9.54 -4.28
C ILE A 95 -5.31 9.74 -3.66
N SER A 96 -5.75 10.99 -3.44
CA SER A 96 -7.07 11.24 -2.87
C SER A 96 -8.16 10.76 -3.82
N GLU A 97 -8.12 11.16 -5.10
CA GLU A 97 -9.15 10.72 -6.04
C GLU A 97 -8.93 9.24 -6.37
N VAL A 98 -7.68 8.75 -6.45
CA VAL A 98 -7.44 7.33 -6.72
C VAL A 98 -8.15 6.51 -5.63
N TYR A 99 -7.93 6.90 -4.38
CA TYR A 99 -8.52 6.28 -3.21
C TYR A 99 -10.02 6.23 -3.33
N GLU A 100 -10.72 7.36 -3.42
CA GLU A 100 -12.18 7.30 -3.51
C GLU A 100 -12.70 6.65 -4.80
N SER A 101 -11.84 6.44 -5.82
CA SER A 101 -12.22 5.82 -7.08
C SER A 101 -12.17 4.29 -6.98
N GLU A 102 -11.31 3.73 -6.14
CA GLU A 102 -11.18 2.27 -5.99
C GLU A 102 -11.51 1.79 -4.57
N LYS A 103 -11.78 2.71 -3.64
CA LYS A 103 -12.05 2.39 -2.23
C LYS A 103 -12.96 1.22 -1.96
N ASP A 104 -12.53 0.34 -1.05
CA ASP A 104 -13.28 -0.81 -0.62
C ASP A 104 -14.34 -0.33 0.36
N GLU A 105 -15.34 -1.15 0.66
CA GLU A 105 -16.38 -0.82 1.62
C GLU A 105 -15.70 -0.64 3.01
N ASP A 106 -14.57 -1.33 3.23
CA ASP A 106 -13.78 -1.27 4.45
C ASP A 106 -13.08 0.09 4.58
N GLY A 107 -12.87 0.74 3.43
CA GLY A 107 -12.24 2.05 3.33
C GLY A 107 -10.72 1.97 3.19
N PHE A 108 -10.16 0.78 3.04
CA PHE A 108 -8.74 0.52 2.88
C PHE A 108 -8.45 0.52 1.36
N LEU A 109 -7.34 1.15 0.92
CA LEU A 109 -6.91 1.25 -0.49
C LEU A 109 -6.02 0.06 -0.87
N TYR A 110 -6.28 -0.61 -2.00
CA TYR A 110 -5.48 -1.77 -2.45
C TYR A 110 -4.53 -1.50 -3.61
N MET A 111 -3.28 -1.96 -3.46
CA MET A 111 -2.24 -1.82 -4.47
C MET A 111 -1.40 -3.09 -4.53
N VAL A 112 -0.92 -3.43 -5.72
CA VAL A 112 -0.08 -4.58 -6.00
C VAL A 112 1.02 -4.13 -6.97
N TYR A 113 2.22 -4.70 -6.88
CA TYR A 113 3.34 -4.33 -7.78
C TYR A 113 4.06 -5.54 -8.36
N ALA A 114 4.59 -5.41 -9.58
CA ALA A 114 5.32 -6.46 -10.30
C ALA A 114 6.12 -5.87 -11.48
N SER A 115 6.89 -6.69 -12.19
CA SER A 115 7.66 -6.28 -13.36
C SER A 115 6.95 -6.87 -14.59
N GLN A 116 5.82 -6.26 -15.00
CA GLN A 116 5.00 -6.64 -16.15
C GLN A 116 3.93 -5.57 -16.30
N GLU A 117 3.72 -5.06 -17.51
CA GLU A 117 2.72 -4.02 -17.75
C GLU A 117 1.31 -4.64 -17.76
N THR A 118 1.18 -5.89 -18.24
CA THR A 118 -0.07 -6.62 -18.33
C THR A 118 0.17 -8.07 -17.88
N PHE A 119 -0.49 -8.49 -16.79
CA PHE A 119 -0.38 -9.82 -16.21
C PHE A 119 -0.90 -10.91 -17.13
N ASN B 1 -8.26 -7.76 18.48
CA ASN B 1 -8.73 -9.05 19.02
C ASN B 1 -8.44 -9.03 20.50
N SEP B 2 -7.63 -9.93 21.06
CA SEP B 2 -7.29 -9.93 22.48
CB SEP B 2 -6.38 -11.14 22.78
OG SEP B 2 -6.83 -12.30 22.10
C SEP B 2 -6.53 -8.63 22.80
O SEP B 2 -6.87 -7.92 23.76
P SEP B 2 -5.81 -13.47 21.68
O1P SEP B 2 -5.12 -12.90 20.51
O2P SEP B 2 -4.95 -13.65 22.87
O3P SEP B 2 -6.68 -14.62 21.39
H SEP B 2 -7.19 -10.67 20.52
HA SEP B 2 -8.20 -9.98 23.07
HB2 SEP B 2 -5.37 -10.90 22.47
HB3 SEP B 2 -6.36 -11.32 23.86
N SEP B 3 -5.72 -8.19 21.85
CA SEP B 3 -4.88 -6.99 21.89
CB SEP B 3 -3.43 -7.46 21.77
OG SEP B 3 -3.19 -8.64 22.55
C SEP B 3 -5.28 -6.02 20.76
O SEP B 3 -6.01 -6.39 19.84
P SEP B 3 -2.98 -8.62 24.14
O1P SEP B 3 -2.86 -7.19 24.50
O2P SEP B 3 -4.17 -9.29 24.69
O3P SEP B 3 -1.73 -9.38 24.28
H SEP B 3 -5.49 -8.82 21.09
HA SEP B 3 -5.00 -6.49 22.85
HB2 SEP B 3 -3.24 -7.71 20.72
HB3 SEP B 3 -2.75 -6.65 22.06
N GLY B 4 -4.77 -4.79 20.84
CA GLY B 4 -4.99 -3.69 19.89
C GLY B 4 -3.67 -3.19 19.29
N SEP B 5 -3.71 -2.00 18.69
CA SEP B 5 -2.54 -1.37 18.07
CB SEP B 5 -3.00 -0.09 17.35
OG SEP B 5 -3.56 0.88 18.24
C SEP B 5 -1.41 -1.10 19.07
O SEP B 5 -1.67 -0.53 20.14
P SEP B 5 -5.12 1.29 18.21
O1P SEP B 5 -5.33 2.02 19.48
O2P SEP B 5 -5.21 2.15 17.01
O3P SEP B 5 -5.82 0.00 18.13
H SEP B 5 -4.55 -1.44 18.69
HA SEP B 5 -2.16 -2.07 17.31
HB2 SEP B 5 -2.13 0.35 16.86
HB3 SEP B 5 -3.72 -0.34 16.57
N SEP B 6 -0.18 -1.54 18.78
CA SEP B 6 0.98 -1.32 19.63
CB SEP B 6 1.06 -2.33 20.78
OG SEP B 6 0.42 -1.77 21.91
C SEP B 6 2.26 -1.32 18.80
O SEP B 6 2.91 -0.28 18.72
P SEP B 6 0.61 -2.39 23.36
O1P SEP B 6 2.04 -2.10 23.64
O2P SEP B 6 -0.35 -1.60 24.15
O3P SEP B 6 0.25 -3.81 23.20
H SEP B 6 -0.03 -2.01 17.90
HA SEP B 6 0.89 -0.33 20.05
HB2 SEP B 6 0.61 -3.28 20.50
HB3 SEP B 6 2.11 -2.50 21.03
N GLU B 7 2.69 -2.47 18.29
CA GLU B 7 3.91 -2.51 17.49
C GLU B 7 3.66 -1.81 16.15
N ASP B 8 4.72 -1.43 15.45
CA ASP B 8 4.64 -0.75 14.16
C ASP B 8 3.75 -1.50 13.19
N SEP B 9 2.79 -0.78 12.62
CA SEP B 9 1.86 -1.35 11.67
CB SEP B 9 0.40 -1.18 12.11
OG SEP B 9 0.04 -2.09 13.13
C SEP B 9 2.06 -0.74 10.29
O SEP B 9 2.37 -1.45 9.34
P SEP B 9 -1.48 -2.43 13.42
O1P SEP B 9 -1.58 -2.49 14.89
O2P SEP B 9 -2.24 -1.35 12.78
O3P SEP B 9 -1.68 -3.74 12.74
H SEP B 9 2.71 0.20 12.88
HA SEP B 9 2.05 -2.40 11.56
HB2 SEP B 9 0.20 -0.16 12.42
HB3 SEP B 9 -0.22 -1.39 11.24
N PHE B 10 1.90 0.58 10.16
CA PHE B 10 2.01 1.26 8.90
C PHE B 10 3.36 1.95 8.69
N VAL B 11 3.64 2.30 7.43
CA VAL B 11 4.84 3.03 7.04
C VAL B 11 4.38 4.19 6.17
N GLU B 12 4.38 5.40 6.74
CA GLU B 12 3.94 6.60 6.05
C GLU B 12 4.93 7.06 4.95
N ILE B 13 4.39 7.68 3.91
CA ILE B 13 5.13 8.20 2.77
C ILE B 13 5.51 9.66 3.01
N ARG B 14 6.83 9.86 3.00
CA ARG B 14 7.50 11.15 3.16
C ARG B 14 7.43 11.85 1.80
N MET B 15 8.07 13.01 1.62
CA MET B 15 8.05 13.75 0.36
C MET B 15 9.28 14.64 0.24
N ALA B 16 9.15 15.71 -0.54
CA ALA B 16 10.11 16.76 -0.81
C ALA B 16 9.37 18.02 -0.37
N GLU B 17 10.06 18.89 0.36
CA GLU B 17 9.57 20.15 0.90
C GLU B 17 10.21 21.31 0.17
N GLY A 1 1.22 -29.12 5.53
CA GLY A 1 2.16 -28.02 5.28
C GLY A 1 1.75 -26.80 6.08
N ALA A 2 2.18 -25.60 5.69
CA ALA A 2 1.84 -24.37 6.39
C ALA A 2 1.44 -23.27 5.41
N MET A 3 0.85 -22.22 5.97
CA MET A 3 0.35 -21.04 5.27
C MET A 3 0.38 -19.91 6.27
N GLY A 4 1.04 -18.80 5.97
CA GLY A 4 1.10 -17.68 6.88
C GLY A 4 -0.17 -16.84 6.79
N LYS A 5 -0.56 -16.22 7.89
CA LYS A 5 -1.75 -15.37 7.98
C LYS A 5 -1.40 -13.96 7.54
N THR A 6 -2.04 -13.50 6.49
CA THR A 6 -1.85 -12.15 5.96
C THR A 6 -2.41 -11.14 6.99
N PHE A 7 -2.09 -9.85 6.85
CA PHE A 7 -2.57 -8.78 7.74
C PHE A 7 -4.09 -8.88 7.95
N LYS A 8 -4.85 -8.96 6.85
CA LYS A 8 -6.32 -9.05 6.90
C LYS A 8 -6.85 -10.28 7.61
N GLN A 9 -6.06 -11.35 7.69
CA GLN A 9 -6.44 -12.57 8.38
C GLN A 9 -6.18 -12.40 9.88
N ARG A 10 -5.10 -11.69 10.26
CA ARG A 10 -4.81 -11.51 11.68
C ARG A 10 -5.73 -10.48 12.34
N ARG A 11 -6.32 -9.56 11.57
CA ARG A 11 -7.19 -8.51 12.07
C ARG A 11 -8.57 -8.76 11.47
N THR A 12 -9.51 -9.07 12.34
CA THR A 12 -10.92 -9.38 12.06
C THR A 12 -11.61 -8.22 11.34
N PHE A 13 -12.76 -8.45 10.69
CA PHE A 13 -13.50 -7.44 9.96
C PHE A 13 -13.78 -6.20 10.80
N GLU A 14 -14.47 -6.32 11.93
CA GLU A 14 -14.77 -5.16 12.78
C GLU A 14 -13.48 -4.44 13.17
N GLN A 15 -12.46 -5.20 13.59
CA GLN A 15 -11.18 -4.62 13.97
C GLN A 15 -10.54 -3.85 12.81
N ARG A 16 -10.74 -4.27 11.55
CA ARG A 16 -10.17 -3.57 10.41
C ARG A 16 -10.88 -2.24 10.15
N VAL A 17 -12.20 -2.23 10.02
CA VAL A 17 -12.92 -0.98 9.77
C VAL A 17 -12.71 0.00 10.96
N GLU A 18 -12.50 -0.53 12.19
CA GLU A 18 -12.24 0.25 13.39
C GLU A 18 -10.81 0.82 13.36
N ASP A 19 -9.84 0.05 12.87
CA ASP A 19 -8.42 0.43 12.75
C ASP A 19 -8.28 1.56 11.74
N VAL A 20 -8.88 1.36 10.58
CA VAL A 20 -8.86 2.33 9.49
C VAL A 20 -9.52 3.62 9.93
N ARG A 21 -10.76 3.60 10.46
CA ARG A 21 -11.40 4.85 10.87
C ARG A 21 -10.54 5.55 11.92
N LEU A 22 -9.88 4.83 12.83
CA LEU A 22 -9.03 5.45 13.85
C LEU A 22 -7.90 6.18 13.12
N ILE A 23 -7.14 5.48 12.28
CA ILE A 23 -6.01 6.03 11.50
C ILE A 23 -6.50 7.20 10.63
N ARG A 24 -7.72 7.12 10.09
CA ARG A 24 -8.31 8.17 9.26
C ARG A 24 -8.64 9.39 10.10
N GLU A 25 -9.00 9.23 11.38
CA GLU A 25 -9.33 10.35 12.24
C GLU A 25 -8.05 11.03 12.74
N GLN A 26 -7.07 10.26 13.22
CA GLN A 26 -5.80 10.83 13.72
C GLN A 26 -4.97 11.40 12.57
N HIS A 27 -5.05 10.80 11.36
CA HIS A 27 -4.33 11.20 10.16
C HIS A 27 -5.26 11.16 8.93
N PRO A 28 -6.15 12.14 8.79
CA PRO A 28 -7.07 12.22 7.65
C PRO A 28 -6.35 12.61 6.37
N THR A 29 -5.13 13.11 6.49
CA THR A 29 -4.31 13.55 5.38
C THR A 29 -3.45 12.40 4.82
N LYS A 30 -3.60 11.18 5.36
CA LYS A 30 -2.89 9.97 4.93
C LYS A 30 -3.95 9.01 4.42
N ILE A 31 -3.63 8.27 3.37
CA ILE A 31 -4.46 7.31 2.69
C ILE A 31 -4.00 5.89 3.09
N PRO A 32 -4.88 5.04 3.66
CA PRO A 32 -4.53 3.67 4.02
C PRO A 32 -4.57 2.79 2.75
N VAL A 33 -3.38 2.42 2.27
CA VAL A 33 -3.18 1.61 1.07
C VAL A 33 -2.29 0.42 1.42
N ILE A 34 -2.52 -0.73 0.79
CA ILE A 34 -1.74 -1.94 0.99
C ILE A 34 -0.97 -2.12 -0.30
N ILE A 35 0.36 -2.25 -0.24
CA ILE A 35 1.19 -2.43 -1.42
C ILE A 35 1.87 -3.77 -1.22
N GLU A 36 1.52 -4.77 -2.04
CA GLU A 36 2.08 -6.11 -1.95
C GLU A 36 2.75 -6.50 -3.28
N ARG A 37 3.68 -7.46 -3.22
CA ARG A 37 4.40 -7.96 -4.37
C ARG A 37 3.49 -8.94 -5.10
N TYR A 38 3.45 -8.89 -6.43
CA TYR A 38 2.61 -9.81 -7.18
C TYR A 38 3.11 -11.25 -7.00
N LYS A 39 2.21 -12.25 -6.99
CA LYS A 39 2.65 -13.65 -6.86
C LYS A 39 3.52 -14.07 -8.05
N GLY A 40 3.39 -13.38 -9.19
CA GLY A 40 4.14 -13.61 -10.41
C GLY A 40 5.43 -12.80 -10.45
N GLU A 41 5.79 -12.09 -9.38
CA GLU A 41 6.98 -11.27 -9.32
C GLU A 41 8.13 -12.08 -8.70
N LYS A 42 9.16 -12.42 -9.48
CA LYS A 42 10.30 -13.22 -9.03
C LYS A 42 11.65 -12.50 -9.17
N GLN A 43 11.69 -11.34 -9.81
CA GLN A 43 12.92 -10.59 -10.01
C GLN A 43 12.95 -9.40 -9.06
N LEU A 44 11.82 -8.72 -8.85
CA LEU A 44 11.77 -7.60 -7.93
C LEU A 44 11.63 -8.20 -6.53
N PRO A 45 12.22 -7.60 -5.49
CA PRO A 45 12.15 -8.14 -4.15
C PRO A 45 10.77 -7.88 -3.54
N VAL A 46 10.39 -8.71 -2.55
CA VAL A 46 9.12 -8.56 -1.84
C VAL A 46 9.25 -7.34 -0.93
N LEU A 47 8.15 -6.72 -0.52
CA LEU A 47 8.21 -5.56 0.37
C LEU A 47 8.61 -6.02 1.78
N ASP A 48 9.02 -5.07 2.62
CA ASP A 48 9.40 -5.34 4.00
C ASP A 48 8.16 -5.39 4.89
N LYS A 49 7.16 -4.57 4.57
CA LYS A 49 5.88 -4.43 5.28
C LYS A 49 4.78 -4.30 4.20
N THR A 50 3.52 -4.58 4.52
CA THR A 50 2.41 -4.54 3.57
C THR A 50 1.45 -3.34 3.70
N LYS A 51 1.21 -2.79 4.89
CA LYS A 51 0.31 -1.64 5.10
C LYS A 51 1.08 -0.34 4.86
N PHE A 52 0.51 0.69 4.24
CA PHE A 52 1.17 1.97 3.94
C PHE A 52 0.26 3.17 4.21
N LEU A 53 0.87 4.33 4.46
CA LEU A 53 0.21 5.62 4.72
C LEU A 53 0.81 6.61 3.73
N VAL A 54 0.06 6.88 2.68
CA VAL A 54 0.48 7.79 1.62
C VAL A 54 -0.24 9.13 1.77
N PRO A 55 0.44 10.28 1.72
CA PRO A 55 -0.21 11.57 1.84
C PRO A 55 -1.11 11.79 0.63
N ASP A 56 -2.33 12.26 0.87
CA ASP A 56 -3.30 12.50 -0.19
C ASP A 56 -2.82 13.57 -1.19
N HIS A 57 -1.89 14.44 -0.76
CA HIS A 57 -1.34 15.48 -1.60
C HIS A 57 -0.32 14.99 -2.63
N VAL A 58 0.28 13.80 -2.48
CA VAL A 58 1.31 13.35 -3.42
C VAL A 58 0.79 12.38 -4.48
N ASN A 59 1.29 12.55 -5.70
CA ASN A 59 0.94 11.73 -6.85
C ASN A 59 1.66 10.37 -6.81
N MET A 60 1.13 9.45 -7.62
CA MET A 60 1.64 8.09 -7.72
C MET A 60 3.11 8.01 -8.13
N SER A 61 3.59 8.92 -8.96
CA SER A 61 4.97 8.93 -9.42
C SER A 61 5.91 9.00 -8.20
N GLU A 62 5.56 9.87 -7.26
CA GLU A 62 6.31 10.11 -6.04
C GLU A 62 6.19 8.91 -5.12
N LEU A 63 4.99 8.32 -4.97
CA LEU A 63 4.85 7.13 -4.13
C LEU A 63 5.82 6.07 -4.66
N ILE A 64 5.72 5.79 -5.96
CA ILE A 64 6.53 4.84 -6.73
C ILE A 64 8.02 5.14 -6.42
N LYS A 65 8.43 6.40 -6.55
CA LYS A 65 9.80 6.84 -6.28
C LYS A 65 10.22 6.56 -4.83
N ILE A 66 9.37 6.80 -3.82
CA ILE A 66 9.72 6.52 -2.43
C ILE A 66 9.94 5.01 -2.28
N ILE A 67 9.09 4.18 -2.90
CA ILE A 67 9.24 2.73 -2.85
C ILE A 67 10.59 2.40 -3.50
N ARG A 68 10.94 2.96 -4.67
CA ARG A 68 12.22 2.70 -5.33
C ARG A 68 13.37 3.02 -4.40
N ARG A 69 13.28 4.13 -3.65
CA ARG A 69 14.30 4.59 -2.72
C ARG A 69 14.57 3.51 -1.67
N ARG A 70 13.55 3.06 -0.93
CA ARG A 70 13.78 2.03 0.08
C ARG A 70 14.12 0.69 -0.56
N LEU A 71 13.30 0.21 -1.49
CA LEU A 71 13.51 -1.08 -2.15
C LEU A 71 14.79 -1.17 -2.96
N GLN A 72 15.48 -0.05 -3.20
CA GLN A 72 16.73 0.02 -3.95
C GLN A 72 16.60 -0.61 -5.35
N LEU A 73 15.42 -0.44 -5.96
CA LEU A 73 15.08 -0.97 -7.28
C LEU A 73 16.13 -0.50 -8.29
N ASN A 74 16.48 -1.37 -9.24
CA ASN A 74 17.47 -1.10 -10.27
C ASN A 74 17.12 0.16 -11.06
N ALA A 75 18.14 0.73 -11.70
CA ALA A 75 17.99 1.92 -12.51
C ALA A 75 17.80 1.56 -13.99
N ASN A 76 18.22 0.35 -14.39
CA ASN A 76 18.08 -0.11 -15.78
C ASN A 76 16.78 -0.91 -15.92
N GLN A 77 16.22 -1.40 -14.81
CA GLN A 77 14.96 -2.14 -14.83
C GLN A 77 13.88 -1.19 -14.34
N ALA A 78 12.65 -1.40 -14.78
CA ALA A 78 11.48 -0.60 -14.43
C ALA A 78 10.46 -1.50 -13.72
N PHE A 79 9.37 -0.92 -13.25
CA PHE A 79 8.30 -1.66 -12.58
C PHE A 79 6.99 -0.88 -12.70
N PHE A 80 5.88 -1.59 -12.59
CA PHE A 80 4.53 -1.06 -12.68
C PHE A 80 3.81 -1.31 -11.35
N LEU A 81 2.85 -0.45 -11.06
CA LEU A 81 2.02 -0.44 -9.86
C LEU A 81 0.57 -0.47 -10.32
N LEU A 82 -0.08 -1.59 -10.06
CA LEU A 82 -1.45 -1.88 -10.41
C LEU A 82 -2.35 -1.63 -9.21
N VAL A 83 -3.54 -1.10 -9.46
CA VAL A 83 -4.54 -0.77 -8.44
C VAL A 83 -5.60 -1.86 -8.54
N ASN A 84 -5.98 -2.53 -7.44
CA ASN A 84 -6.94 -3.65 -7.38
C ASN A 84 -6.52 -4.84 -8.27
N GLY A 85 -5.34 -4.78 -8.89
CA GLY A 85 -4.77 -5.77 -9.78
C GLY A 85 -4.76 -5.27 -11.24
N HIS A 86 -5.10 -3.99 -11.49
CA HIS A 86 -5.16 -3.37 -12.81
C HIS A 86 -4.44 -2.02 -12.89
N SER A 87 -3.50 -1.90 -13.83
CA SER A 87 -2.76 -0.66 -14.04
C SER A 87 -3.63 0.15 -15.01
N MET A 88 -4.50 1.03 -14.50
CA MET A 88 -5.37 1.86 -15.32
C MET A 88 -5.28 3.35 -14.95
N VAL A 89 -4.32 3.71 -14.10
CA VAL A 89 -4.10 5.07 -13.64
C VAL A 89 -2.67 5.50 -13.97
N SER A 90 -2.51 6.76 -14.40
CA SER A 90 -1.25 7.36 -14.74
C SER A 90 -0.48 7.75 -13.48
N VAL A 91 0.85 7.86 -13.57
CA VAL A 91 1.68 8.19 -12.42
C VAL A 91 1.43 9.61 -11.88
N SER A 92 0.87 10.53 -12.66
CA SER A 92 0.60 11.88 -12.19
C SER A 92 -0.76 12.05 -11.51
N THR A 93 -1.65 11.06 -11.58
CA THR A 93 -2.97 11.12 -10.98
C THR A 93 -2.85 11.12 -9.45
N PRO A 94 -3.71 11.87 -8.72
CA PRO A 94 -3.65 11.95 -7.27
C PRO A 94 -4.17 10.67 -6.58
N ILE A 95 -3.43 10.23 -5.57
CA ILE A 95 -3.79 9.04 -4.79
C ILE A 95 -5.15 9.22 -4.10
N SER A 96 -5.57 10.47 -3.88
CA SER A 96 -6.83 10.80 -3.26
C SER A 96 -7.96 10.26 -4.16
N GLU A 97 -7.94 10.58 -5.46
CA GLU A 97 -8.97 10.12 -6.38
C GLU A 97 -8.84 8.60 -6.53
N VAL A 98 -7.61 8.07 -6.58
CA VAL A 98 -7.42 6.62 -6.70
C VAL A 98 -8.11 5.92 -5.52
N TYR A 99 -7.95 6.46 -4.31
CA TYR A 99 -8.58 5.92 -3.11
C TYR A 99 -10.08 5.85 -3.28
N GLU A 100 -10.73 7.01 -3.49
CA GLU A 100 -12.19 6.98 -3.64
C GLU A 100 -12.66 6.23 -4.90
N SER A 101 -11.77 5.92 -5.85
CA SER A 101 -12.11 5.21 -7.08
C SER A 101 -12.10 3.69 -6.89
N GLU A 102 -11.18 3.13 -6.09
CA GLU A 102 -11.09 1.69 -5.91
C GLU A 102 -11.36 1.22 -4.48
N LYS A 103 -11.76 2.14 -3.60
CA LYS A 103 -12.08 1.89 -2.19
C LYS A 103 -12.86 0.60 -1.95
N ASP A 104 -12.34 -0.27 -1.09
CA ASP A 104 -12.97 -1.54 -0.72
C ASP A 104 -14.19 -1.28 0.17
N GLU A 105 -14.96 -2.31 0.52
CA GLU A 105 -16.12 -2.17 1.42
C GLU A 105 -15.63 -1.74 2.81
N ASP A 106 -14.41 -2.11 3.19
CA ASP A 106 -13.78 -1.74 4.47
C ASP A 106 -13.31 -0.28 4.34
N GLY A 107 -12.93 0.11 3.11
CA GLY A 107 -12.42 1.40 2.70
C GLY A 107 -10.94 1.38 2.33
N PHE A 108 -10.22 0.29 2.59
CA PHE A 108 -8.80 0.14 2.30
C PHE A 108 -8.52 0.12 0.80
N LEU A 109 -7.31 0.52 0.40
CA LEU A 109 -6.94 0.49 -1.02
C LEU A 109 -5.94 -0.63 -1.31
N TYR A 110 -6.32 -1.70 -2.03
CA TYR A 110 -5.40 -2.79 -2.36
C TYR A 110 -4.64 -2.47 -3.65
N MET A 111 -3.30 -2.47 -3.60
CA MET A 111 -2.39 -2.20 -4.71
C MET A 111 -1.32 -3.30 -4.77
N VAL A 112 -0.84 -3.62 -5.98
CA VAL A 112 0.17 -4.67 -6.19
C VAL A 112 1.23 -4.16 -7.19
N TYR A 113 2.45 -4.67 -7.13
CA TYR A 113 3.51 -4.24 -8.06
C TYR A 113 4.28 -5.43 -8.65
N ALA A 114 4.77 -5.24 -9.88
CA ALA A 114 5.55 -6.22 -10.63
C ALA A 114 6.28 -5.57 -11.81
N SER A 115 7.17 -6.30 -12.46
CA SER A 115 7.93 -5.86 -13.62
C SER A 115 7.23 -6.43 -14.85
N GLN A 116 6.13 -5.80 -15.28
CA GLN A 116 5.34 -6.19 -16.44
C GLN A 116 4.32 -5.07 -16.65
N GLU A 117 4.18 -4.57 -17.88
CA GLU A 117 3.23 -3.51 -18.20
C GLU A 117 1.83 -4.09 -18.41
N THR A 118 1.75 -5.35 -18.79
CA THR A 118 0.54 -6.11 -19.06
C THR A 118 0.73 -7.47 -18.40
N PHE A 119 -0.20 -7.88 -17.54
CA PHE A 119 -0.13 -9.15 -16.86
C PHE A 119 -0.51 -10.24 -17.85
N ASN B 1 -3.79 -10.35 23.66
CA ASN B 1 -5.25 -10.44 23.77
C ASN B 1 -5.77 -9.48 24.85
N SEP B 2 -5.42 -9.72 26.12
CA SEP B 2 -5.85 -8.89 27.24
CB SEP B 2 -5.33 -9.55 28.53
OG SEP B 2 -5.81 -10.87 28.59
C SEP B 2 -5.31 -7.46 27.17
O SEP B 2 -5.94 -6.56 27.76
P SEP B 2 -5.07 -11.95 29.51
O1P SEP B 2 -3.80 -12.17 28.78
O2P SEP B 2 -4.92 -11.28 30.82
O3P SEP B 2 -6.00 -13.09 29.48
H SEP B 2 -4.85 -10.52 26.35
HA SEP B 2 -6.93 -8.85 27.26
HB2 SEP B 2 -4.24 -9.53 28.52
HB3 SEP B 2 -5.69 -8.99 29.40
N SEP B 3 -4.18 -7.24 26.51
CA SEP B 3 -3.53 -5.96 26.33
CB SEP B 3 -2.13 -6.02 26.97
OG SEP B 3 -2.15 -6.79 28.16
C SEP B 3 -3.44 -5.68 24.83
O SEP B 3 -3.61 -6.60 24.01
P SEP B 3 -0.79 -7.19 28.91
O1P SEP B 3 0.04 -7.77 27.83
O2P SEP B 3 -0.33 -5.91 29.46
O3P SEP B 3 -1.25 -8.18 29.90
H SEP B 3 -3.70 -8.01 26.05
HA SEP B 3 -4.11 -5.17 26.82
HB2 SEP B 3 -1.46 -6.48 26.25
HB3 SEP B 3 -1.78 -5.01 27.18
N GLY B 4 -3.05 -4.46 24.45
CA GLY B 4 -2.93 -4.11 23.04
C GLY B 4 -2.27 -2.75 22.90
N SEP B 5 -1.68 -2.52 21.73
CA SEP B 5 -0.98 -1.31 21.32
CB SEP B 5 0.50 -1.37 21.76
OG SEP B 5 0.63 -1.55 23.16
C SEP B 5 -1.01 -1.26 19.80
O SEP B 5 -1.39 -2.24 19.14
P SEP B 5 0.73 -0.30 24.15
O1P SEP B 5 0.60 -0.93 25.49
O2P SEP B 5 2.06 0.25 23.83
O3P SEP B 5 -0.40 0.59 23.77
H SEP B 5 -1.70 -3.25 21.03
HA SEP B 5 -1.46 -0.43 21.73
HB2 SEP B 5 0.97 -2.20 21.24
HB3 SEP B 5 1.01 -0.45 21.46
N SEP B 6 -0.75 -0.10 19.22
CA SEP B 6 -0.71 0.08 17.78
CB SEP B 6 -1.59 1.25 17.34
OG SEP B 6 -2.91 0.96 17.74
C SEP B 6 0.78 0.20 17.48
O SEP B 6 1.38 1.22 17.83
P SEP B 6 -4.14 1.85 17.26
O1P SEP B 6 -4.14 1.65 15.79
O2P SEP B 6 -5.27 1.23 17.97
O3P SEP B 6 -3.78 3.21 17.69
H SEP B 6 -0.44 0.70 19.77
HA SEP B 6 -1.09 -0.81 17.26
HB2 SEP B 6 -1.24 2.18 17.79
HB3 SEP B 6 -1.52 1.32 16.25
N GLU B 7 1.39 -0.98 17.43
CA GLU B 7 2.81 -1.18 17.17
C GLU B 7 3.14 -0.74 15.75
N ASP B 8 4.41 -0.85 15.34
CA ASP B 8 4.85 -0.48 13.99
C ASP B 8 4.03 -1.36 13.03
N SEP B 9 3.09 -0.75 12.29
CA SEP B 9 2.20 -1.44 11.38
CB SEP B 9 0.78 -1.28 11.93
OG SEP B 9 0.46 -2.17 12.99
C SEP B 9 2.26 -0.94 9.95
O SEP B 9 2.41 -1.75 9.03
P SEP B 9 -0.99 -2.08 13.68
O1P SEP B 9 -1.06 -0.69 14.17
O2P SEP B 9 -1.87 -2.42 12.54
O3P SEP B 9 -0.95 -3.13 14.72
H SEP B 9 2.99 0.26 12.39
HA SEP B 9 2.44 -2.51 11.36
HB2 SEP B 9 0.65 -0.26 12.28
HB3 SEP B 9 0.07 -1.44 11.12
N PHE B 10 1.92 0.33 9.73
CA PHE B 10 1.89 0.92 8.41
C PHE B 10 3.28 1.48 8.08
N VAL B 11 3.50 1.80 6.80
CA VAL B 11 4.74 2.36 6.32
C VAL B 11 4.33 3.72 5.76
N GLU B 12 4.59 4.78 6.51
CA GLU B 12 4.26 6.12 6.06
C GLU B 12 5.31 6.60 5.08
N ILE B 13 4.95 7.52 4.19
CA ILE B 13 5.93 8.01 3.23
C ILE B 13 6.88 8.99 3.91
N ARG B 14 8.12 9.03 3.42
CA ARG B 14 9.18 9.93 3.89
C ARG B 14 8.89 11.28 3.24
N MET B 15 8.21 12.11 4.02
CA MET B 15 7.75 13.48 3.73
C MET B 15 7.73 14.29 5.03
N ALA B 16 7.35 15.57 4.98
CA ALA B 16 7.27 16.44 6.15
C ALA B 16 5.99 17.27 6.06
N GLU B 17 5.53 17.77 7.21
CA GLU B 17 4.33 18.58 7.26
C GLU B 17 4.63 19.89 6.55
N GLY A 1 10.80 -23.87 10.64
CA GLY A 1 9.64 -24.32 9.86
C GLY A 1 8.38 -23.65 10.38
N ALA A 2 8.08 -22.46 9.87
CA ALA A 2 6.94 -21.62 10.20
C ALA A 2 6.30 -21.13 8.90
N MET A 3 5.23 -20.34 9.01
CA MET A 3 4.51 -19.76 7.89
C MET A 3 4.19 -18.30 8.24
N GLY A 4 4.20 -17.45 7.23
CA GLY A 4 3.95 -16.01 7.32
C GLY A 4 2.49 -15.67 7.56
N LYS A 5 2.12 -15.40 8.81
CA LYS A 5 0.74 -15.05 9.16
C LYS A 5 0.48 -13.63 8.68
N THR A 6 -0.28 -13.56 7.61
CA THR A 6 -0.71 -12.40 6.86
C THR A 6 -1.59 -11.43 7.67
N PHE A 7 -1.56 -10.14 7.34
CA PHE A 7 -2.35 -9.12 8.02
C PHE A 7 -3.85 -9.47 7.94
N LYS A 8 -4.34 -9.84 6.75
CA LYS A 8 -5.74 -10.20 6.57
C LYS A 8 -6.14 -11.44 7.39
N GLN A 9 -5.18 -12.33 7.69
CA GLN A 9 -5.46 -13.51 8.48
C GLN A 9 -5.58 -13.08 9.94
N ARG A 10 -4.64 -12.28 10.48
CA ARG A 10 -4.68 -11.84 11.88
C ARG A 10 -5.70 -10.73 12.18
N ARG A 11 -6.32 -10.12 11.17
CA ARG A 11 -7.30 -9.05 11.33
C ARG A 11 -8.57 -9.51 10.61
N THR A 12 -9.63 -9.87 11.34
CA THR A 12 -10.90 -10.28 10.76
C THR A 12 -11.51 -9.10 9.98
N PHE A 13 -12.57 -9.33 9.21
CA PHE A 13 -13.25 -8.30 8.43
C PHE A 13 -13.57 -7.06 9.28
N GLU A 14 -14.18 -7.28 10.44
CA GLU A 14 -14.57 -6.22 11.38
C GLU A 14 -13.35 -5.43 11.83
N GLN A 15 -12.23 -6.13 12.05
CA GLN A 15 -10.99 -5.49 12.45
C GLN A 15 -10.38 -4.71 11.28
N ARG A 16 -10.57 -5.14 10.03
CA ARG A 16 -10.02 -4.42 8.88
C ARG A 16 -10.73 -3.08 8.76
N VAL A 17 -12.07 -3.08 8.79
CA VAL A 17 -12.87 -1.86 8.70
C VAL A 17 -12.48 -0.92 9.85
N GLU A 18 -12.27 -1.48 11.05
CA GLU A 18 -11.87 -0.72 12.22
C GLU A 18 -10.46 -0.18 12.03
N ASP A 19 -9.51 -0.98 11.56
CA ASP A 19 -8.13 -0.55 11.39
C ASP A 19 -8.07 0.64 10.44
N VAL A 20 -8.78 0.55 9.31
CA VAL A 20 -8.77 1.61 8.33
C VAL A 20 -9.43 2.87 8.87
N ARG A 21 -10.64 2.80 9.42
CA ARG A 21 -11.31 3.99 9.95
C ARG A 21 -10.54 4.59 11.13
N LEU A 22 -9.94 3.77 12.00
CA LEU A 22 -9.15 4.18 13.16
C LEU A 22 -8.04 5.09 12.67
N ILE A 23 -7.29 4.61 11.67
CA ILE A 23 -6.20 5.39 11.10
C ILE A 23 -6.74 6.65 10.42
N ARG A 24 -7.87 6.56 9.70
CA ARG A 24 -8.47 7.72 9.03
C ARG A 24 -8.91 8.77 10.05
N GLU A 25 -9.17 8.38 11.29
CA GLU A 25 -9.59 9.26 12.37
C GLU A 25 -8.39 10.01 12.93
N GLN A 26 -7.32 9.32 13.33
CA GLN A 26 -6.13 9.99 13.89
C GLN A 26 -5.32 10.69 12.80
N HIS A 27 -5.34 10.16 11.58
CA HIS A 27 -4.61 10.69 10.44
C HIS A 27 -5.53 10.84 9.22
N PRO A 28 -6.47 11.81 9.23
CA PRO A 28 -7.39 12.07 8.13
C PRO A 28 -6.69 12.66 6.91
N THR A 29 -5.40 12.92 7.03
CA THR A 29 -4.52 13.47 6.03
C THR A 29 -3.70 12.35 5.37
N LYS A 30 -3.93 11.08 5.78
CA LYS A 30 -3.25 9.91 5.26
C LYS A 30 -4.27 8.97 4.67
N ILE A 31 -3.89 8.34 3.57
CA ILE A 31 -4.69 7.41 2.81
C ILE A 31 -4.14 6.02 3.15
N PRO A 32 -4.98 5.12 3.65
CA PRO A 32 -4.61 3.75 4.01
C PRO A 32 -4.59 2.88 2.74
N VAL A 33 -3.40 2.51 2.27
CA VAL A 33 -3.21 1.70 1.09
C VAL A 33 -2.57 0.36 1.50
N ILE A 34 -3.04 -0.76 0.95
CA ILE A 34 -2.56 -2.12 1.20
C ILE A 34 -1.77 -2.48 -0.05
N ILE A 35 -0.44 -2.60 0.05
CA ILE A 35 0.44 -2.92 -1.06
C ILE A 35 0.82 -4.39 -0.98
N GLU A 36 0.66 -5.13 -2.08
CA GLU A 36 1.00 -6.56 -2.13
C GLU A 36 1.76 -6.90 -3.42
N ARG A 37 2.71 -7.82 -3.31
CA ARG A 37 3.54 -8.29 -4.41
C ARG A 37 2.69 -9.17 -5.34
N TYR A 38 2.77 -8.99 -6.65
CA TYR A 38 1.98 -9.81 -7.58
C TYR A 38 2.40 -11.29 -7.57
N LYS A 39 1.51 -12.19 -8.00
CA LYS A 39 1.83 -13.62 -8.07
C LYS A 39 2.91 -13.87 -9.13
N GLY A 40 2.90 -13.14 -10.24
CA GLY A 40 3.89 -13.29 -11.29
C GLY A 40 5.23 -12.65 -10.92
N GLU A 41 5.28 -11.87 -9.84
CA GLU A 41 6.48 -11.19 -9.38
C GLU A 41 7.46 -12.16 -8.75
N LYS A 42 8.57 -12.41 -9.46
CA LYS A 42 9.65 -13.30 -9.03
C LYS A 42 11.02 -12.65 -9.29
N GLN A 43 11.01 -11.44 -9.84
CA GLN A 43 12.17 -10.65 -10.17
C GLN A 43 12.36 -9.51 -9.17
N LEU A 44 11.25 -8.99 -8.65
CA LEU A 44 11.24 -7.89 -7.70
C LEU A 44 11.08 -8.46 -6.28
N PRO A 45 11.62 -7.77 -5.26
CA PRO A 45 11.54 -8.20 -3.87
C PRO A 45 10.21 -7.81 -3.22
N VAL A 46 9.86 -8.54 -2.16
CA VAL A 46 8.62 -8.31 -1.42
C VAL A 46 8.84 -7.16 -0.42
N LEU A 47 7.87 -6.25 -0.36
CA LEU A 47 7.89 -5.08 0.50
C LEU A 47 8.02 -5.47 1.97
N ASP A 48 8.71 -4.63 2.74
CA ASP A 48 8.96 -4.81 4.17
C ASP A 48 7.68 -4.85 5.01
N LYS A 49 6.60 -4.18 4.58
CA LYS A 49 5.30 -4.13 5.25
C LYS A 49 4.19 -4.26 4.21
N THR A 50 2.93 -4.28 4.65
CA THR A 50 1.78 -4.40 3.78
C THR A 50 0.87 -3.17 3.90
N LYS A 51 0.72 -2.59 5.11
CA LYS A 51 -0.11 -1.42 5.35
C LYS A 51 0.75 -0.15 5.23
N PHE A 52 0.33 0.83 4.42
CA PHE A 52 1.05 2.08 4.21
C PHE A 52 0.10 3.27 4.35
N LEU A 53 0.66 4.45 4.64
CA LEU A 53 -0.06 5.70 4.82
C LEU A 53 0.54 6.73 3.87
N VAL A 54 -0.22 7.05 2.83
CA VAL A 54 0.18 8.00 1.79
C VAL A 54 -0.51 9.33 2.06
N PRO A 55 0.20 10.47 2.08
CA PRO A 55 -0.46 11.75 2.31
C PRO A 55 -1.44 12.03 1.17
N ASP A 56 -2.67 12.43 1.50
CA ASP A 56 -3.73 12.73 0.53
C ASP A 56 -3.48 13.89 -0.41
N HIS A 57 -2.35 14.57 -0.28
CA HIS A 57 -1.95 15.72 -1.06
C HIS A 57 -0.83 15.43 -2.08
N VAL A 58 -0.20 14.24 -2.03
CA VAL A 58 0.88 13.90 -2.97
C VAL A 58 0.39 13.01 -4.13
N ASN A 59 1.21 12.97 -5.18
CA ASN A 59 0.99 12.18 -6.39
C ASN A 59 1.74 10.87 -6.31
N MET A 60 1.22 9.92 -7.09
CA MET A 60 1.77 8.58 -7.14
C MET A 60 3.22 8.56 -7.61
N SER A 61 3.70 9.45 -8.46
CA SER A 61 5.10 9.43 -8.89
C SER A 61 6.05 9.47 -7.68
N GLU A 62 5.80 10.39 -6.75
CA GLU A 62 6.60 10.56 -5.56
C GLU A 62 6.37 9.39 -4.61
N LEU A 63 5.12 8.93 -4.47
CA LEU A 63 4.84 7.78 -3.60
C LEU A 63 5.68 6.59 -4.10
N ILE A 64 5.55 6.26 -5.39
CA ILE A 64 6.23 5.20 -6.11
C ILE A 64 7.72 5.36 -5.83
N LYS A 65 8.27 6.57 -6.03
CA LYS A 65 9.66 6.89 -5.81
C LYS A 65 10.09 6.55 -4.37
N ILE A 66 9.38 6.99 -3.32
CA ILE A 66 9.74 6.67 -1.93
C ILE A 66 9.74 5.13 -1.78
N ILE A 67 8.72 4.44 -2.34
CA ILE A 67 8.63 2.99 -2.28
C ILE A 67 9.85 2.37 -2.97
N ARG A 68 10.29 2.83 -4.15
CA ARG A 68 11.47 2.26 -4.80
C ARG A 68 12.71 2.55 -3.97
N ARG A 69 12.75 3.68 -3.26
CA ARG A 69 13.88 4.08 -2.45
C ARG A 69 14.13 3.04 -1.38
N ARG A 70 13.17 2.80 -0.50
CA ARG A 70 13.31 1.84 0.59
C ARG A 70 13.43 0.41 0.08
N LEU A 71 12.66 0.04 -0.96
CA LEU A 71 12.71 -1.29 -1.56
C LEU A 71 14.02 -1.50 -2.33
N GLN A 72 14.79 -0.42 -2.51
CA GLN A 72 16.06 -0.34 -3.22
C GLN A 72 15.93 -0.97 -4.61
N LEU A 73 14.89 -0.53 -5.32
CA LEU A 73 14.58 -0.98 -6.66
C LEU A 73 15.67 -0.53 -7.62
N ASN A 74 15.96 -1.37 -8.61
CA ASN A 74 16.97 -1.13 -9.62
C ASN A 74 16.64 0.08 -10.46
N ALA A 75 17.62 0.53 -11.21
CA ALA A 75 17.46 1.66 -12.11
C ALA A 75 17.28 1.13 -13.53
N ASN A 76 17.82 -0.05 -13.84
CA ASN A 76 17.71 -0.60 -15.19
C ASN A 76 16.39 -1.31 -15.42
N GLN A 77 15.72 -1.68 -14.34
CA GLN A 77 14.43 -2.36 -14.43
C GLN A 77 13.35 -1.37 -14.04
N ALA A 78 12.16 -1.57 -14.58
CA ALA A 78 11.00 -0.73 -14.31
C ALA A 78 9.95 -1.60 -13.68
N PHE A 79 8.99 -0.95 -13.03
CA PHE A 79 7.89 -1.64 -12.39
C PHE A 79 6.65 -0.78 -12.51
N PHE A 80 5.50 -1.39 -12.27
CA PHE A 80 4.21 -0.73 -12.36
C PHE A 80 3.44 -1.02 -11.09
N LEU A 81 2.44 -0.17 -10.86
CA LEU A 81 1.54 -0.18 -9.71
C LEU A 81 0.15 -0.35 -10.27
N LEU A 82 -0.51 -1.42 -9.86
CA LEU A 82 -1.84 -1.79 -10.26
C LEU A 82 -2.79 -1.46 -9.11
N VAL A 83 -3.85 -0.72 -9.41
CA VAL A 83 -4.85 -0.31 -8.43
C VAL A 83 -5.96 -1.34 -8.51
N ASN A 84 -6.27 -1.96 -7.37
CA ASN A 84 -7.27 -3.01 -7.19
C ASN A 84 -6.97 -4.25 -8.07
N GLY A 85 -5.84 -4.25 -8.79
CA GLY A 85 -5.35 -5.28 -9.69
C GLY A 85 -5.23 -4.79 -11.14
N HIS A 86 -5.44 -3.50 -11.42
CA HIS A 86 -5.41 -2.90 -12.74
C HIS A 86 -4.50 -1.65 -12.86
N SER A 87 -3.49 -1.67 -13.73
CA SER A 87 -2.58 -0.55 -13.96
C SER A 87 -3.23 0.33 -15.04
N MET A 88 -4.01 1.32 -14.63
CA MET A 88 -4.66 2.24 -15.59
C MET A 88 -4.53 3.70 -15.21
N VAL A 89 -4.22 3.94 -13.95
CA VAL A 89 -4.04 5.26 -13.37
C VAL A 89 -2.71 5.83 -13.85
N SER A 90 -2.66 7.15 -14.04
CA SER A 90 -1.45 7.84 -14.48
C SER A 90 -0.56 8.11 -13.26
N VAL A 91 0.76 8.08 -13.43
CA VAL A 91 1.72 8.29 -12.33
C VAL A 91 1.54 9.63 -11.59
N SER A 92 1.22 10.70 -12.29
CA SER A 92 1.06 12.02 -11.71
C SER A 92 -0.26 12.21 -10.95
N THR A 93 -1.20 11.26 -10.97
CA THR A 93 -2.48 11.41 -10.29
C THR A 93 -2.34 11.39 -8.75
N PRO A 94 -3.09 12.24 -8.00
CA PRO A 94 -3.04 12.24 -6.54
C PRO A 94 -3.74 10.99 -5.98
N ILE A 95 -3.13 10.40 -4.93
CA ILE A 95 -3.65 9.20 -4.30
C ILE A 95 -5.08 9.44 -3.75
N SER A 96 -5.46 10.70 -3.53
CA SER A 96 -6.77 11.10 -3.04
C SER A 96 -7.84 10.71 -4.06
N GLU A 97 -7.77 11.23 -5.30
CA GLU A 97 -8.78 10.88 -6.30
C GLU A 97 -8.67 9.40 -6.65
N VAL A 98 -7.46 8.83 -6.60
CA VAL A 98 -7.31 7.40 -6.89
C VAL A 98 -8.09 6.59 -5.83
N TYR A 99 -7.93 6.93 -4.54
CA TYR A 99 -8.61 6.28 -3.41
C TYR A 99 -10.11 6.28 -3.62
N GLU A 100 -10.71 7.47 -3.70
CA GLU A 100 -12.16 7.53 -3.86
C GLU A 100 -12.64 7.00 -5.21
N SER A 101 -11.76 6.82 -6.20
CA SER A 101 -12.18 6.29 -7.48
C SER A 101 -12.24 4.76 -7.42
N GLU A 102 -11.43 4.09 -6.59
CA GLU A 102 -11.46 2.61 -6.53
C GLU A 102 -11.75 2.09 -5.12
N LYS A 103 -12.18 2.95 -4.18
CA LYS A 103 -12.51 2.60 -2.80
C LYS A 103 -13.36 1.34 -2.71
N ASP A 104 -12.86 0.38 -1.93
CA ASP A 104 -13.51 -0.87 -1.63
C ASP A 104 -14.57 -0.52 -0.58
N GLU A 105 -15.51 -1.42 -0.36
CA GLU A 105 -16.56 -1.25 0.62
C GLU A 105 -15.95 -1.19 2.03
N ASP A 106 -14.79 -1.82 2.23
CA ASP A 106 -14.12 -1.86 3.52
C ASP A 106 -13.53 -0.49 3.89
N GLY A 107 -13.12 0.31 2.90
CA GLY A 107 -12.52 1.63 3.10
C GLY A 107 -11.01 1.67 2.84
N PHE A 108 -10.38 0.53 2.55
CA PHE A 108 -8.95 0.37 2.24
C PHE A 108 -8.71 0.49 0.73
N LEU A 109 -7.51 0.91 0.30
CA LEU A 109 -7.14 1.03 -1.11
C LEU A 109 -6.24 -0.18 -1.37
N TYR A 110 -6.73 -1.18 -2.09
CA TYR A 110 -5.95 -2.36 -2.41
C TYR A 110 -5.13 -2.10 -3.66
N MET A 111 -3.82 -2.35 -3.60
CA MET A 111 -2.95 -2.14 -4.73
C MET A 111 -1.91 -3.26 -4.75
N VAL A 112 -1.45 -3.60 -5.94
CA VAL A 112 -0.48 -4.64 -6.16
C VAL A 112 0.57 -4.09 -7.11
N TYR A 113 1.84 -4.42 -6.91
CA TYR A 113 2.95 -3.96 -7.73
C TYR A 113 3.62 -5.16 -8.42
N ALA A 114 4.25 -4.95 -9.58
CA ALA A 114 4.99 -5.99 -10.35
C ALA A 114 5.90 -5.36 -11.41
N SER A 115 6.86 -6.13 -11.95
CA SER A 115 7.75 -5.62 -13.01
C SER A 115 7.16 -6.18 -14.30
N GLN A 116 6.09 -5.54 -14.76
CA GLN A 116 5.34 -5.85 -15.97
C GLN A 116 4.25 -4.81 -16.10
N GLU A 117 4.10 -4.29 -17.31
CA GLU A 117 3.12 -3.29 -17.65
C GLU A 117 1.76 -3.92 -17.95
N THR A 118 1.76 -5.20 -18.30
CA THR A 118 0.60 -5.99 -18.66
C THR A 118 0.64 -7.34 -17.96
N PHE A 119 -0.54 -7.84 -17.58
CA PHE A 119 -0.75 -9.11 -16.91
C PHE A 119 -1.18 -10.15 -17.93
N ASN B 1 -4.14 -8.55 22.66
CA ASN B 1 -4.73 -8.88 21.35
C ASN B 1 -5.64 -7.77 20.87
N SEP B 2 -6.54 -7.29 21.72
CA SEP B 2 -7.50 -6.23 21.44
CB SEP B 2 -8.49 -6.16 22.62
OG SEP B 2 -9.02 -7.46 22.91
C SEP B 2 -6.77 -4.92 21.14
O SEP B 2 -6.71 -4.52 19.98
P SEP B 2 -8.69 -8.22 24.27
O1P SEP B 2 -9.47 -9.46 24.10
O2P SEP B 2 -7.22 -8.42 24.22
O3P SEP B 2 -9.17 -7.32 25.33
H SEP B 2 -6.62 -7.65 22.67
HA SEP B 2 -8.07 -6.52 20.55
HB2 SEP B 2 -8.00 -5.74 23.49
HB3 SEP B 2 -9.32 -5.51 22.33
N SEP B 3 -6.21 -4.25 22.15
CA SEP B 3 -5.49 -2.99 21.98
CB SEP B 3 -5.38 -2.30 23.34
OG SEP B 3 -6.62 -2.37 24.02
C SEP B 3 -4.11 -3.32 21.39
O SEP B 3 -3.33 -4.05 22.01
P SEP B 3 -6.72 -2.08 25.58
O1P SEP B 3 -6.01 -0.80 25.78
O2P SEP B 3 -8.18 -2.03 25.81
O3P SEP B 3 -6.04 -3.25 26.18
H SEP B 3 -6.27 -4.60 23.09
HA SEP B 3 -6.03 -2.35 21.29
HB2 SEP B 3 -4.61 -2.77 23.93
HB3 SEP B 3 -5.10 -1.25 23.20
N GLY B 4 -3.86 -2.99 20.12
CA GLY B 4 -2.60 -3.27 19.45
C GLY B 4 -1.60 -2.14 19.61
N SEP B 5 -0.49 -2.37 20.31
CA SEP B 5 0.54 -1.35 20.52
CB SEP B 5 0.10 -0.47 21.70
OG SEP B 5 -0.13 -1.25 22.86
C SEP B 5 1.93 -1.98 20.71
O SEP B 5 2.53 -1.87 21.78
P SEP B 5 -1.42 -1.01 23.77
O1P SEP B 5 -2.53 -1.00 22.81
O2P SEP B 5 -1.37 -2.18 24.68
O3P SEP B 5 -1.13 0.28 24.44
H SEP B 5 -0.34 -3.28 20.74
HA SEP B 5 0.60 -0.72 19.64
HB2 SEP B 5 0.87 0.28 21.90
HB3 SEP B 5 -0.80 0.06 21.41
N SEP B 6 2.43 -2.71 19.71
CA SEP B 6 3.75 -3.34 19.77
CB SEP B 6 3.68 -4.79 20.24
OG SEP B 6 3.01 -4.96 21.46
C SEP B 6 4.43 -3.30 18.41
O SEP B 6 5.53 -2.75 18.26
P SEP B 6 2.93 -6.43 22.09
O1P SEP B 6 2.48 -7.27 20.95
O2P SEP B 6 4.31 -6.70 22.51
O3P SEP B 6 1.94 -6.28 23.18
H SEP B 6 1.89 -2.76 18.85
HA SEP B 6 4.38 -2.78 20.47
HB2 SEP B 6 3.19 -5.38 19.48
HB3 SEP B 6 4.71 -5.17 20.34
N GLU B 7 3.87 -3.99 17.43
CA GLU B 7 4.42 -4.05 16.09
C GLU B 7 3.95 -2.83 15.31
N ASP B 8 4.62 -2.52 14.22
CA ASP B 8 4.25 -1.42 13.36
C ASP B 8 3.28 -2.06 12.38
N SEP B 9 2.11 -1.47 12.15
CA SEP B 9 1.14 -2.00 11.21
CB SEP B 9 -0.28 -2.12 11.80
OG SEP B 9 -0.38 -3.39 12.45
C SEP B 9 1.25 -1.10 10.00
O SEP B 9 1.86 -1.52 9.02
P SEP B 9 -1.69 -3.87 13.25
O1P SEP B 9 -1.40 -3.61 14.66
O2P SEP B 9 -2.79 -3.10 12.67
O3P SEP B 9 -1.77 -5.31 12.92
H SEP B 9 1.86 -0.63 12.68
HA SEP B 9 1.43 -3.00 10.89
HB2 SEP B 9 -0.51 -1.25 12.44
HB3 SEP B 9 -0.99 -2.11 10.98
N PHE B 10 0.76 0.14 10.06
CA PHE B 10 0.86 1.05 8.94
C PHE B 10 2.19 1.80 8.96
N VAL B 11 2.74 2.15 7.80
CA VAL B 11 3.98 2.92 7.70
C VAL B 11 3.76 4.14 6.79
N GLU B 12 4.02 5.33 7.33
CA GLU B 12 3.86 6.59 6.61
C GLU B 12 5.00 6.81 5.63
N ILE B 13 4.69 7.47 4.52
CA ILE B 13 5.65 7.79 3.48
C ILE B 13 6.48 8.99 3.96
N ARG B 14 7.82 8.87 3.93
CA ARG B 14 8.69 9.98 4.32
C ARG B 14 8.50 11.09 3.30
N MET B 15 8.68 12.34 3.71
CA MET B 15 8.55 13.49 2.83
C MET B 15 9.37 14.60 3.48
N ALA B 16 10.68 14.56 3.23
CA ALA B 16 11.67 15.50 3.75
C ALA B 16 12.85 15.57 2.76
N GLU B 17 13.92 16.24 3.16
CA GLU B 17 15.15 16.38 2.38
C GLU B 17 15.94 15.11 2.55
N GLY A 1 5.83 -26.42 9.11
CA GLY A 1 4.87 -25.71 8.26
C GLY A 1 4.67 -24.29 8.75
N ALA A 2 4.68 -23.33 7.84
CA ALA A 2 4.48 -21.91 8.10
C ALA A 2 4.17 -21.24 6.77
N MET A 3 3.18 -20.37 6.74
CA MET A 3 2.76 -19.63 5.55
C MET A 3 2.68 -18.15 5.95
N GLY A 4 2.92 -17.25 4.99
CA GLY A 4 2.93 -15.81 5.16
C GLY A 4 1.59 -15.27 5.62
N LYS A 5 1.44 -15.02 6.92
CA LYS A 5 0.20 -14.52 7.51
C LYS A 5 0.06 -13.05 7.19
N THR A 6 -0.82 -12.78 6.26
CA THR A 6 -1.10 -11.42 5.81
C THR A 6 -1.87 -10.64 6.86
N PHE A 7 -1.97 -9.32 6.65
CA PHE A 7 -2.68 -8.43 7.54
C PHE A 7 -4.15 -8.83 7.65
N LYS A 8 -4.81 -9.26 6.57
CA LYS A 8 -6.22 -9.65 6.64
C LYS A 8 -6.41 -10.87 7.53
N GLN A 9 -5.42 -11.76 7.62
CA GLN A 9 -5.55 -12.90 8.52
C GLN A 9 -5.20 -12.42 9.94
N ARG A 10 -4.28 -11.45 10.09
CA ARG A 10 -3.87 -10.90 11.39
C ARG A 10 -4.92 -9.94 11.97
N ARG A 11 -5.86 -9.43 11.17
CA ARG A 11 -6.91 -8.49 11.56
C ARG A 11 -8.21 -8.95 10.89
N THR A 12 -9.18 -9.40 11.65
CA THR A 12 -10.49 -9.84 11.13
C THR A 12 -11.17 -8.64 10.46
N PHE A 13 -12.22 -8.85 9.66
CA PHE A 13 -12.94 -7.79 8.95
C PHE A 13 -13.33 -6.63 9.88
N GLU A 14 -13.87 -6.94 11.06
CA GLU A 14 -14.29 -5.93 12.05
C GLU A 14 -13.11 -5.02 12.41
N GLN A 15 -11.96 -5.64 12.67
CA GLN A 15 -10.75 -4.92 13.04
C GLN A 15 -10.22 -4.18 11.80
N ARG A 16 -10.35 -4.72 10.58
CA ARG A 16 -9.88 -4.05 9.37
C ARG A 16 -10.65 -2.75 9.17
N VAL A 17 -11.99 -2.81 9.23
CA VAL A 17 -12.85 -1.64 9.08
C VAL A 17 -12.48 -0.63 10.17
N GLU A 18 -12.27 -1.13 11.41
CA GLU A 18 -11.89 -0.30 12.54
C GLU A 18 -10.51 0.34 12.27
N ASP A 19 -9.60 -0.38 11.61
CA ASP A 19 -8.27 0.14 11.29
C ASP A 19 -8.45 1.30 10.32
N VAL A 20 -9.40 1.22 9.37
CA VAL A 20 -9.64 2.31 8.43
C VAL A 20 -10.11 3.55 9.19
N ARG A 21 -11.26 3.50 9.88
CA ARG A 21 -11.75 4.68 10.61
C ARG A 21 -10.75 5.21 11.64
N LEU A 22 -10.01 4.33 12.33
CA LEU A 22 -9.04 4.73 13.34
C LEU A 22 -7.95 5.57 12.69
N ILE A 23 -7.37 5.07 11.60
CA ILE A 23 -6.33 5.78 10.87
C ILE A 23 -6.90 7.09 10.34
N ARG A 24 -8.15 7.08 9.86
CA ARG A 24 -8.80 8.27 9.35
C ARG A 24 -8.95 9.30 10.46
N GLU A 25 -9.08 8.88 11.73
CA GLU A 25 -9.23 9.79 12.84
C GLU A 25 -7.89 10.37 13.30
N GLN A 26 -6.88 9.52 13.52
CA GLN A 26 -5.57 9.99 13.97
C GLN A 26 -4.80 10.71 12.86
N HIS A 27 -5.02 10.32 11.59
CA HIS A 27 -4.35 10.89 10.43
C HIS A 27 -5.36 11.11 9.28
N PRO A 28 -6.28 12.08 9.39
CA PRO A 28 -7.27 12.39 8.35
C PRO A 28 -6.63 13.05 7.12
N THR A 29 -5.36 13.45 7.25
CA THR A 29 -4.49 14.09 6.28
C THR A 29 -3.72 13.04 5.46
N LYS A 30 -3.96 11.75 5.71
CA LYS A 30 -3.34 10.60 5.05
C LYS A 30 -4.43 9.75 4.45
N ILE A 31 -4.08 8.97 3.44
CA ILE A 31 -4.93 8.08 2.68
C ILE A 31 -4.42 6.66 3.02
N PRO A 32 -5.27 5.79 3.59
CA PRO A 32 -4.93 4.41 3.95
C PRO A 32 -4.88 3.48 2.72
N VAL A 33 -3.69 2.98 2.42
CA VAL A 33 -3.45 2.09 1.28
C VAL A 33 -2.74 0.83 1.75
N ILE A 34 -3.01 -0.25 1.03
CA ILE A 34 -2.51 -1.60 1.19
C ILE A 34 -1.70 -1.88 -0.08
N ILE A 35 -0.43 -2.21 0.08
CA ILE A 35 0.50 -2.53 -1.00
C ILE A 35 0.83 -4.00 -0.86
N GLU A 36 0.77 -4.78 -1.95
CA GLU A 36 1.11 -6.19 -1.91
C GLU A 36 1.92 -6.58 -3.15
N ARG A 37 2.84 -7.53 -3.01
CA ARG A 37 3.64 -7.99 -4.12
C ARG A 37 2.77 -8.95 -4.93
N TYR A 38 2.73 -8.81 -6.27
CA TYR A 38 1.94 -9.70 -7.12
C TYR A 38 2.36 -11.14 -6.84
N LYS A 39 1.41 -12.08 -6.88
CA LYS A 39 1.70 -13.49 -6.63
C LYS A 39 2.69 -14.08 -7.63
N GLY A 40 2.77 -13.55 -8.85
CA GLY A 40 3.69 -14.04 -9.87
C GLY A 40 5.05 -13.33 -9.80
N GLU A 41 5.15 -12.23 -9.05
CA GLU A 41 6.36 -11.45 -8.90
C GLU A 41 7.46 -12.26 -8.22
N LYS A 42 8.51 -12.57 -8.97
CA LYS A 42 9.64 -13.36 -8.51
C LYS A 42 11.01 -12.68 -8.72
N GLN A 43 11.07 -11.48 -9.31
CA GLN A 43 12.29 -10.73 -9.53
C GLN A 43 12.36 -9.55 -8.55
N LEU A 44 11.24 -9.01 -8.09
CA LEU A 44 11.22 -7.91 -7.13
C LEU A 44 11.00 -8.50 -5.73
N PRO A 45 11.57 -7.90 -4.67
CA PRO A 45 11.40 -8.37 -3.31
C PRO A 45 10.07 -7.91 -2.72
N VAL A 46 9.65 -8.53 -1.63
CA VAL A 46 8.43 -8.23 -0.89
C VAL A 46 8.71 -7.00 -0.01
N LEU A 47 7.72 -6.12 0.17
CA LEU A 47 7.87 -4.94 1.02
C LEU A 47 8.10 -5.40 2.46
N ASP A 48 8.59 -4.50 3.30
CA ASP A 48 8.83 -4.84 4.70
C ASP A 48 7.55 -4.67 5.55
N LYS A 49 6.56 -3.95 5.03
CA LYS A 49 5.27 -3.68 5.67
C LYS A 49 4.16 -3.87 4.62
N THR A 50 2.90 -3.67 5.00
CA THR A 50 1.77 -3.83 4.10
C THR A 50 0.87 -2.59 4.06
N LYS A 51 0.62 -1.94 5.21
CA LYS A 51 -0.24 -0.75 5.24
C LYS A 51 0.63 0.50 5.18
N PHE A 52 0.21 1.51 4.43
CA PHE A 52 0.93 2.77 4.26
C PHE A 52 -0.04 3.94 4.43
N LEU A 53 0.50 5.11 4.76
CA LEU A 53 -0.19 6.37 4.99
C LEU A 53 0.39 7.37 4.01
N VAL A 54 -0.33 7.61 2.90
CA VAL A 54 0.12 8.55 1.86
C VAL A 54 -0.69 9.82 1.96
N PRO A 55 -0.09 11.02 2.04
CA PRO A 55 -0.87 12.24 2.13
C PRO A 55 -1.60 12.48 0.80
N ASP A 56 -2.86 12.92 0.87
CA ASP A 56 -3.69 13.16 -0.31
C ASP A 56 -3.15 14.25 -1.24
N HIS A 57 -2.23 15.09 -0.74
CA HIS A 57 -1.66 16.16 -1.54
C HIS A 57 -0.65 15.65 -2.58
N VAL A 58 -0.16 14.42 -2.47
CA VAL A 58 0.85 13.87 -3.37
C VAL A 58 0.26 13.02 -4.51
N ASN A 59 1.11 12.71 -5.49
CA ASN A 59 0.78 11.91 -6.67
C ASN A 59 1.50 10.58 -6.61
N MET A 60 0.98 9.65 -7.40
CA MET A 60 1.52 8.30 -7.47
C MET A 60 2.97 8.21 -7.91
N SER A 61 3.47 9.13 -8.74
CA SER A 61 4.87 9.09 -9.17
C SER A 61 5.76 9.17 -7.92
N GLU A 62 5.44 10.05 -6.98
CA GLU A 62 6.19 10.21 -5.75
C GLU A 62 6.00 8.99 -4.86
N LEU A 63 4.75 8.50 -4.76
CA LEU A 63 4.47 7.34 -3.93
C LEU A 63 5.39 6.19 -4.36
N ILE A 64 5.40 5.93 -5.66
CA ILE A 64 6.22 4.92 -6.33
C ILE A 64 7.67 5.14 -5.91
N LYS A 65 8.17 6.39 -5.97
CA LYS A 65 9.53 6.71 -5.57
C LYS A 65 9.77 6.30 -4.11
N ILE A 66 8.89 6.58 -3.12
CA ILE A 66 9.15 6.18 -1.74
C ILE A 66 9.28 4.65 -1.68
N ILE A 67 8.41 3.91 -2.36
CA ILE A 67 8.50 2.46 -2.35
C ILE A 67 9.85 2.03 -2.95
N ARG A 68 10.29 2.58 -4.09
CA ARG A 68 11.58 2.17 -4.65
C ARG A 68 12.73 2.59 -3.75
N ARG A 69 12.59 3.73 -3.08
CA ARG A 69 13.58 4.32 -2.19
C ARG A 69 13.96 3.34 -1.10
N ARG A 70 12.99 2.91 -0.31
CA ARG A 70 13.27 1.98 0.78
C ARG A 70 13.55 0.56 0.30
N LEU A 71 12.90 0.12 -0.78
CA LEU A 71 13.11 -1.23 -1.33
C LEU A 71 14.55 -1.39 -1.82
N GLN A 72 15.13 -0.32 -2.40
CA GLN A 72 16.49 -0.31 -2.94
C GLN A 72 16.69 -1.41 -3.98
N LEU A 73 15.85 -1.38 -5.01
CA LEU A 73 15.86 -2.32 -6.12
C LEU A 73 17.12 -2.10 -6.97
N ASN A 74 17.32 -2.97 -7.96
CA ASN A 74 18.45 -2.88 -8.86
C ASN A 74 18.36 -1.58 -9.67
N ALA A 75 19.45 -1.27 -10.35
CA ALA A 75 19.56 -0.07 -11.18
C ALA A 75 18.93 -0.30 -12.55
N ASN A 76 19.05 -1.54 -13.05
CA ASN A 76 18.54 -1.92 -14.37
C ASN A 76 17.19 -2.61 -14.31
N GLN A 77 16.74 -3.01 -13.12
CA GLN A 77 15.45 -3.68 -13.01
C GLN A 77 14.37 -2.62 -12.78
N ALA A 78 13.24 -2.70 -13.48
CA ALA A 78 12.14 -1.76 -13.34
C ALA A 78 10.85 -2.46 -12.89
N PHE A 79 9.82 -1.68 -12.55
CA PHE A 79 8.53 -2.21 -12.10
C PHE A 79 7.36 -1.28 -12.44
N PHE A 80 6.16 -1.70 -12.05
CA PHE A 80 4.88 -1.05 -12.22
C PHE A 80 4.08 -1.28 -10.92
N LEU A 81 3.15 -0.37 -10.63
CA LEU A 81 2.26 -0.36 -9.47
C LEU A 81 0.85 -0.29 -10.05
N LEU A 82 0.15 -1.41 -10.02
CA LEU A 82 -1.19 -1.59 -10.54
C LEU A 82 -2.19 -1.48 -9.39
N VAL A 83 -3.43 -1.08 -9.65
CA VAL A 83 -4.45 -0.95 -8.60
C VAL A 83 -5.29 -2.21 -8.72
N ASN A 84 -5.45 -2.96 -7.62
CA ASN A 84 -6.19 -4.23 -7.59
C ASN A 84 -5.49 -5.33 -8.42
N GLY A 85 -4.43 -4.97 -9.15
CA GLY A 85 -3.63 -5.80 -10.04
C GLY A 85 -3.81 -5.34 -11.50
N HIS A 86 -4.44 -4.18 -11.73
CA HIS A 86 -4.72 -3.63 -13.06
C HIS A 86 -4.48 -2.11 -13.04
N SER A 87 -3.58 -1.60 -13.88
CA SER A 87 -3.31 -0.17 -13.95
C SER A 87 -4.43 0.55 -14.71
N MET A 88 -5.47 1.01 -14.01
CA MET A 88 -6.60 1.73 -14.60
C MET A 88 -6.48 3.24 -14.30
N VAL A 89 -5.32 3.70 -13.83
CA VAL A 89 -5.07 5.09 -13.49
C VAL A 89 -3.60 5.40 -13.83
N SER A 90 -3.23 6.68 -14.01
CA SER A 90 -1.87 7.09 -14.36
C SER A 90 -1.05 7.48 -13.12
N VAL A 91 0.29 7.46 -13.21
CA VAL A 91 1.18 7.80 -12.10
C VAL A 91 1.15 9.29 -11.70
N SER A 92 0.81 10.22 -12.60
CA SER A 92 0.76 11.63 -12.23
C SER A 92 -0.56 12.00 -11.52
N THR A 93 -1.48 11.05 -11.36
CA THR A 93 -2.74 11.29 -10.72
C THR A 93 -2.54 11.41 -9.19
N PRO A 94 -3.20 12.38 -8.52
CA PRO A 94 -3.08 12.54 -7.07
C PRO A 94 -3.75 11.35 -6.39
N ILE A 95 -3.16 10.88 -5.28
CA ILE A 95 -3.71 9.74 -4.56
C ILE A 95 -5.14 10.02 -4.04
N SER A 96 -5.53 11.29 -3.93
CA SER A 96 -6.86 11.70 -3.48
C SER A 96 -7.92 11.08 -4.41
N GLU A 97 -7.84 11.41 -5.71
CA GLU A 97 -8.79 10.90 -6.67
C GLU A 97 -8.54 9.42 -6.89
N VAL A 98 -7.29 8.93 -6.83
CA VAL A 98 -7.05 7.49 -7.00
C VAL A 98 -7.82 6.73 -5.91
N TYR A 99 -7.79 7.23 -4.67
CA TYR A 99 -8.49 6.63 -3.55
C TYR A 99 -9.97 6.55 -3.85
N GLU A 100 -10.62 7.71 -4.04
CA GLU A 100 -12.05 7.65 -4.28
C GLU A 100 -12.45 6.98 -5.61
N SER A 101 -11.51 6.76 -6.54
CA SER A 101 -11.81 6.12 -7.81
C SER A 101 -11.66 4.60 -7.75
N GLU A 102 -10.84 4.05 -6.87
CA GLU A 102 -10.61 2.61 -6.79
C GLU A 102 -10.98 2.00 -5.43
N LYS A 103 -11.51 2.81 -4.50
CA LYS A 103 -11.93 2.41 -3.14
C LYS A 103 -12.68 1.10 -3.03
N ASP A 104 -12.23 0.28 -2.06
CA ASP A 104 -12.79 -1.01 -1.73
C ASP A 104 -13.94 -0.83 -0.75
N GLU A 105 -14.72 -1.89 -0.52
CA GLU A 105 -15.84 -1.88 0.42
C GLU A 105 -15.37 -1.65 1.86
N ASP A 106 -14.09 -1.87 2.15
CA ASP A 106 -13.49 -1.68 3.48
C ASP A 106 -13.11 -0.21 3.70
N GLY A 107 -12.97 0.57 2.62
CA GLY A 107 -12.55 1.97 2.68
C GLY A 107 -11.02 2.06 2.57
N PHE A 108 -10.33 0.95 2.31
CA PHE A 108 -8.89 0.84 2.11
C PHE A 108 -8.63 0.98 0.60
N LEU A 109 -7.41 1.33 0.21
CA LEU A 109 -7.02 1.41 -1.20
C LEU A 109 -6.15 0.17 -1.43
N TYR A 110 -6.48 -0.70 -2.39
CA TYR A 110 -5.74 -1.94 -2.67
C TYR A 110 -4.83 -1.77 -3.89
N MET A 111 -3.53 -2.00 -3.77
CA MET A 111 -2.56 -1.91 -4.86
C MET A 111 -1.64 -3.11 -4.84
N VAL A 112 -1.17 -3.50 -6.03
CA VAL A 112 -0.28 -4.63 -6.22
C VAL A 112 0.84 -4.19 -7.15
N TYR A 113 2.07 -4.68 -6.98
CA TYR A 113 3.18 -4.28 -7.83
C TYR A 113 3.93 -5.48 -8.39
N ALA A 114 4.50 -5.30 -9.58
CA ALA A 114 5.29 -6.31 -10.27
C ALA A 114 6.13 -5.68 -11.39
N SER A 115 7.02 -6.47 -11.99
CA SER A 115 7.88 -6.11 -13.08
C SER A 115 7.17 -6.61 -14.34
N GLN A 116 6.14 -5.89 -14.78
CA GLN A 116 5.30 -6.12 -15.94
C GLN A 116 4.21 -5.03 -15.89
N GLU A 117 3.95 -4.36 -17.02
CA GLU A 117 2.97 -3.28 -17.12
C GLU A 117 1.54 -3.74 -16.81
N THR A 118 1.15 -4.90 -17.32
CA THR A 118 -0.16 -5.48 -17.08
C THR A 118 0.06 -6.99 -17.10
N PHE A 119 -0.11 -7.65 -15.95
CA PHE A 119 0.07 -9.09 -15.80
C PHE A 119 -1.28 -9.79 -15.85
N ASN B 1 -2.44 -11.04 16.30
CA ASN B 1 -3.33 -11.77 17.23
C ASN B 1 -2.58 -12.43 18.39
N SEP B 2 -1.26 -12.22 18.55
CA SEP B 2 -0.51 -12.85 19.63
CB SEP B 2 0.92 -13.15 19.15
OG SEP B 2 0.90 -13.95 17.97
C SEP B 2 -0.55 -11.99 20.89
O SEP B 2 -0.95 -12.47 21.95
P SEP B 2 2.12 -14.94 17.65
O1P SEP B 2 3.31 -14.10 17.86
O2P SEP B 2 1.95 -16.02 18.65
O3P SEP B 2 1.86 -15.35 16.27
H SEP B 2 -0.74 -11.59 17.95
HA SEP B 2 -0.97 -13.81 19.87
HB2 SEP B 2 1.45 -12.21 18.95
HB3 SEP B 2 1.44 -13.67 19.94
N SEP B 3 -0.24 -10.70 20.76
CA SEP B 3 -0.21 -9.71 21.82
CB SEP B 3 1.10 -8.94 21.70
OG SEP B 3 2.21 -9.79 21.82
C SEP B 3 -1.41 -8.76 21.72
O SEP B 3 -2.32 -8.96 20.93
P SEP B 3 3.69 -9.23 21.59
O1P SEP B 3 4.01 -9.67 20.23
O2P SEP B 3 3.56 -7.76 21.77
O3P SEP B 3 4.46 -9.90 22.64
H SEP B 3 0.08 -10.38 19.86
HA SEP B 3 -0.24 -10.21 22.80
HB2 SEP B 3 1.13 -8.45 20.73
HB3 SEP B 3 1.15 -8.18 22.48
N GLY B 4 -1.39 -7.68 22.51
CA GLY B 4 -2.43 -6.67 22.54
C GLY B 4 -1.85 -5.29 22.81
N SEP B 5 -1.36 -4.61 21.77
CA SEP B 5 -0.79 -3.27 21.85
CB SEP B 5 0.64 -3.34 22.42
OG SEP B 5 1.27 -2.08 22.48
C SEP B 5 -0.78 -2.64 20.46
O SEP B 5 -0.98 -3.34 19.46
P SEP B 5 0.97 -0.99 23.61
O1P SEP B 5 -0.42 -0.56 23.33
O2P SEP B 5 1.16 -1.72 24.87
O3P SEP B 5 1.98 0.06 23.36
H SEP B 5 -1.44 -4.97 20.83
HA SEP B 5 -1.41 -2.67 22.52
HB2 SEP B 5 0.63 -3.79 23.42
HB3 SEP B 5 1.23 -3.98 21.77
N SEP B 6 -0.77 -1.31 20.41
CA SEP B 6 -0.73 -0.56 19.17
CB SEP B 6 -1.12 0.91 19.38
OG SEP B 6 -2.52 1.12 19.32
C SEP B 6 0.71 -0.69 18.70
O SEP B 6 1.62 -0.20 19.37
P SEP B 6 -3.52 0.68 20.48
O1P SEP B 6 -3.70 -0.77 20.24
O2P SEP B 6 -2.81 1.06 21.72
O3P SEP B 6 -4.71 1.48 20.16
H SEP B 6 -0.61 -0.81 21.28
HA SEP B 6 -1.40 -0.99 18.43
HB2 SEP B 6 -0.70 1.28 20.32
HB3 SEP B 6 -0.67 1.50 18.57
N GLU B 7 0.92 -1.51 17.68
CA GLU B 7 2.24 -1.78 17.12
C GLU B 7 2.31 -1.31 15.68
N ASP B 8 3.50 -1.41 15.11
CA ASP B 8 3.88 -1.02 13.76
C ASP B 8 3.00 -1.64 12.66
N SEP B 9 1.88 -0.98 12.36
CA SEP B 9 0.89 -1.41 11.39
CB SEP B 9 -0.50 -1.33 12.02
OG SEP B 9 -0.74 -2.36 12.98
C SEP B 9 0.97 -0.60 10.10
O SEP B 9 1.03 -1.22 9.03
P SEP B 9 -1.50 -3.72 12.60
O1P SEP B 9 -2.77 -3.27 12.03
O2P SEP B 9 -0.64 -4.37 11.60
O3P SEP B 9 -1.60 -4.46 13.88
H SEP B 9 1.63 -0.20 12.97
HA SEP B 9 1.08 -2.46 11.13
HB2 SEP B 9 -0.62 -0.35 12.51
HB3 SEP B 9 -1.26 -1.39 11.23
N PHE B 10 1.06 0.74 10.13
CA PHE B 10 1.12 1.57 8.94
C PHE B 10 2.40 2.39 8.87
N VAL B 11 2.88 2.70 7.67
CA VAL B 11 4.10 3.50 7.50
C VAL B 11 3.78 4.78 6.74
N GLU B 12 4.17 5.92 7.29
CA GLU B 12 3.92 7.20 6.64
C GLU B 12 4.93 7.47 5.53
N ILE B 13 4.51 8.27 4.57
CA ILE B 13 5.36 8.68 3.47
C ILE B 13 6.29 9.79 3.98
N ARG B 14 7.54 9.77 3.49
CA ARG B 14 8.59 10.72 3.84
C ARG B 14 8.33 11.99 3.04
N MET B 15 7.90 13.05 3.71
CA MET B 15 7.60 14.33 3.09
C MET B 15 7.71 15.47 4.10
N ALA B 16 7.47 16.69 3.64
CA ALA B 16 7.49 17.92 4.41
C ALA B 16 6.11 18.56 4.32
N GLU B 17 5.69 19.21 5.39
CA GLU B 17 4.42 19.90 5.55
C GLU B 17 4.67 21.03 6.52
N GLY A 1 10.41 -23.31 1.67
CA GLY A 1 9.93 -22.01 1.18
C GLY A 1 8.52 -22.18 0.67
N ALA A 2 7.54 -21.64 1.39
CA ALA A 2 6.12 -21.67 1.09
C ALA A 2 5.59 -20.25 1.36
N MET A 3 4.31 -20.10 1.66
CA MET A 3 3.71 -18.81 1.98
C MET A 3 3.27 -18.87 3.44
N GLY A 4 3.19 -17.71 4.08
CA GLY A 4 2.80 -17.56 5.48
C GLY A 4 1.47 -16.84 5.58
N LYS A 5 0.98 -16.68 6.81
CA LYS A 5 -0.28 -15.99 7.06
C LYS A 5 -0.07 -14.52 6.72
N THR A 6 -0.72 -14.05 5.66
CA THR A 6 -0.59 -12.66 5.23
C THR A 6 -1.23 -11.75 6.30
N PHE A 7 -0.97 -10.45 6.21
CA PHE A 7 -1.50 -9.43 7.10
C PHE A 7 -3.01 -9.55 7.23
N LYS A 8 -3.72 -9.76 6.13
CA LYS A 8 -5.17 -9.88 6.13
C LYS A 8 -5.61 -11.11 6.94
N GLN A 9 -4.92 -12.25 6.79
CA GLN A 9 -5.26 -13.46 7.53
C GLN A 9 -5.03 -13.26 9.03
N ARG A 10 -3.96 -12.58 9.42
CA ARG A 10 -3.65 -12.32 10.84
C ARG A 10 -4.50 -11.19 11.45
N ARG A 11 -5.45 -10.58 10.72
CA ARG A 11 -6.29 -9.48 11.21
C ARG A 11 -7.76 -9.69 10.87
N THR A 12 -8.63 -9.70 11.87
CA THR A 12 -10.08 -9.87 11.76
C THR A 12 -10.67 -8.73 10.90
N PHE A 13 -11.92 -8.87 10.42
CA PHE A 13 -12.55 -7.82 9.63
C PHE A 13 -12.64 -6.58 10.52
N GLU A 14 -13.12 -6.76 11.75
CA GLU A 14 -13.26 -5.70 12.75
C GLU A 14 -11.90 -5.02 12.93
N GLN A 15 -10.85 -5.82 13.18
CA GLN A 15 -9.48 -5.36 13.37
C GLN A 15 -9.01 -4.52 12.19
N ARG A 16 -9.43 -4.85 10.96
CA ARG A 16 -9.03 -4.11 9.76
C ARG A 16 -9.74 -2.77 9.74
N VAL A 17 -11.04 -2.70 9.99
CA VAL A 17 -11.74 -1.41 10.00
C VAL A 17 -11.18 -0.56 11.16
N GLU A 18 -10.81 -1.20 12.27
CA GLU A 18 -10.26 -0.58 13.46
C GLU A 18 -8.89 0.04 13.09
N ASP A 19 -8.11 -0.62 12.22
CA ASP A 19 -6.80 -0.12 11.76
C ASP A 19 -7.01 1.14 10.90
N VAL A 20 -7.93 1.09 9.91
CA VAL A 20 -8.15 2.24 9.03
C VAL A 20 -8.69 3.45 9.79
N ARG A 21 -9.76 3.29 10.57
CA ARG A 21 -10.33 4.41 11.32
C ARG A 21 -9.29 4.99 12.27
N LEU A 22 -8.46 4.15 12.91
CA LEU A 22 -7.40 4.59 13.83
C LEU A 22 -6.49 5.53 13.05
N ILE A 23 -5.98 5.08 11.90
CA ILE A 23 -5.11 5.88 11.06
C ILE A 23 -5.83 7.17 10.64
N ARG A 24 -7.11 7.11 10.25
CA ARG A 24 -7.86 8.29 9.84
C ARG A 24 -7.98 9.29 11.00
N GLU A 25 -7.92 8.82 12.24
CA GLU A 25 -7.99 9.69 13.41
C GLU A 25 -6.66 10.40 13.66
N GLN A 26 -5.57 9.65 13.82
CA GLN A 26 -4.25 10.21 14.10
C GLN A 26 -3.62 10.91 12.90
N HIS A 27 -3.97 10.48 11.69
CA HIS A 27 -3.47 11.00 10.43
C HIS A 27 -4.66 11.34 9.53
N PRO A 28 -5.43 12.39 9.85
CA PRO A 28 -6.59 12.81 9.08
C PRO A 28 -6.19 13.48 7.76
N THR A 29 -4.89 13.59 7.51
CA THR A 29 -4.28 14.17 6.33
C THR A 29 -3.62 13.08 5.45
N LYS A 30 -3.79 11.79 5.81
CA LYS A 30 -3.19 10.70 5.07
C LYS A 30 -4.25 9.71 4.61
N ILE A 31 -3.87 8.94 3.59
CA ILE A 31 -4.67 7.93 2.93
C ILE A 31 -4.16 6.55 3.37
N PRO A 32 -5.01 5.73 4.01
CA PRO A 32 -4.69 4.38 4.46
C PRO A 32 -4.75 3.43 3.25
N VAL A 33 -3.59 2.90 2.85
CA VAL A 33 -3.51 2.01 1.69
C VAL A 33 -2.79 0.70 2.03
N ILE A 34 -3.16 -0.38 1.35
CA ILE A 34 -2.63 -1.72 1.48
C ILE A 34 -1.99 -2.04 0.13
N ILE A 35 -0.70 -2.34 0.09
CA ILE A 35 0.04 -2.66 -1.12
C ILE A 35 0.66 -4.03 -0.89
N GLU A 36 0.54 -4.92 -1.87
CA GLU A 36 1.13 -6.25 -1.75
C GLU A 36 1.84 -6.67 -3.05
N ARG A 37 2.78 -7.60 -2.95
CA ARG A 37 3.52 -8.12 -4.08
C ARG A 37 2.59 -9.05 -4.83
N TYR A 38 2.56 -8.95 -6.16
CA TYR A 38 1.71 -9.85 -6.93
C TYR A 38 2.12 -11.28 -6.59
N LYS A 39 1.17 -12.19 -6.38
CA LYS A 39 1.47 -13.57 -6.04
C LYS A 39 2.41 -14.25 -7.05
N GLY A 40 2.34 -13.85 -8.32
CA GLY A 40 3.17 -14.41 -9.38
C GLY A 40 4.52 -13.72 -9.53
N GLU A 41 4.78 -12.61 -8.83
CA GLU A 41 6.02 -11.85 -8.89
C GLU A 41 7.13 -12.73 -8.32
N LYS A 42 8.20 -12.91 -9.10
CA LYS A 42 9.35 -13.73 -8.73
C LYS A 42 10.68 -13.01 -8.89
N GLN A 43 10.76 -11.83 -9.50
CA GLN A 43 11.99 -11.08 -9.67
C GLN A 43 12.03 -9.89 -8.71
N LEU A 44 10.87 -9.33 -8.35
CA LEU A 44 10.87 -8.20 -7.42
C LEU A 44 10.89 -8.69 -5.97
N PRO A 45 11.53 -7.96 -5.05
CA PRO A 45 11.61 -8.33 -3.65
C PRO A 45 10.30 -7.91 -2.96
N VAL A 46 10.02 -8.52 -1.81
CA VAL A 46 8.82 -8.23 -1.02
C VAL A 46 9.14 -7.04 -0.11
N LEU A 47 8.12 -6.28 0.30
CA LEU A 47 8.34 -5.15 1.20
C LEU A 47 8.38 -5.68 2.64
N ASP A 48 8.85 -4.88 3.59
CA ASP A 48 8.93 -5.25 5.00
C ASP A 48 7.53 -5.18 5.66
N LYS A 49 6.66 -4.38 5.05
CA LYS A 49 5.29 -4.09 5.44
C LYS A 49 4.40 -4.16 4.21
N THR A 50 3.09 -4.10 4.41
CA THR A 50 2.08 -4.12 3.34
C THR A 50 1.17 -2.90 3.49
N LYS A 51 0.91 -2.49 4.73
CA LYS A 51 0.11 -1.34 5.09
C LYS A 51 1.01 -0.11 5.00
N PHE A 52 0.66 0.89 4.18
CA PHE A 52 1.45 2.11 4.02
C PHE A 52 0.51 3.31 4.19
N LEU A 53 1.10 4.49 4.39
CA LEU A 53 0.38 5.74 4.57
C LEU A 53 0.88 6.74 3.54
N VAL A 54 -0.02 7.27 2.71
CA VAL A 54 0.33 8.22 1.65
C VAL A 54 -0.43 9.53 1.87
N PRO A 55 0.21 10.71 1.79
CA PRO A 55 -0.48 11.98 1.96
C PRO A 55 -1.33 12.38 0.75
N ASP A 56 -2.51 12.94 1.01
CA ASP A 56 -3.46 13.42 0.00
C ASP A 56 -2.90 14.56 -0.86
N HIS A 57 -1.81 15.21 -0.44
CA HIS A 57 -1.19 16.31 -1.18
C HIS A 57 -0.22 15.81 -2.24
N VAL A 58 0.19 14.54 -2.20
CA VAL A 58 1.12 13.97 -3.16
C VAL A 58 0.44 13.15 -4.25
N ASN A 59 1.23 12.78 -5.26
CA ASN A 59 0.89 12.01 -6.45
C ASN A 59 1.64 10.68 -6.45
N MET A 60 1.15 9.79 -7.30
CA MET A 60 1.71 8.46 -7.45
C MET A 60 3.17 8.47 -7.86
N SER A 61 3.63 9.39 -8.70
CA SER A 61 5.03 9.44 -9.14
C SER A 61 6.00 9.50 -7.94
N GLU A 62 5.66 10.35 -6.98
CA GLU A 62 6.42 10.57 -5.76
C GLU A 62 6.34 9.32 -4.91
N LEU A 63 5.12 8.76 -4.78
CA LEU A 63 4.93 7.53 -4.01
C LEU A 63 5.83 6.43 -4.57
N ILE A 64 5.79 6.20 -5.89
CA ILE A 64 6.58 5.20 -6.59
C ILE A 64 8.05 5.43 -6.21
N LYS A 65 8.52 6.68 -6.23
CA LYS A 65 9.89 7.03 -5.89
C LYS A 65 10.24 6.58 -4.46
N ILE A 66 9.42 6.87 -3.44
CA ILE A 66 9.76 6.44 -2.06
C ILE A 66 9.85 4.93 -2.01
N ILE A 67 8.91 4.25 -2.67
CA ILE A 67 8.93 2.80 -2.70
C ILE A 67 10.25 2.39 -3.35
N ARG A 68 10.73 3.06 -4.41
CA ARG A 68 12.00 2.66 -5.01
C ARG A 68 13.15 2.97 -4.06
N ARG A 69 13.08 4.06 -3.29
CA ARG A 69 14.12 4.44 -2.36
C ARG A 69 14.39 3.32 -1.36
N ARG A 70 13.38 2.92 -0.58
CA ARG A 70 13.56 1.88 0.42
C ARG A 70 13.74 0.49 -0.16
N LEU A 71 13.10 0.19 -1.30
CA LEU A 71 13.21 -1.13 -1.93
C LEU A 71 14.57 -1.29 -2.63
N GLN A 72 15.31 -0.19 -2.78
CA GLN A 72 16.63 -0.09 -3.39
C GLN A 72 16.59 -0.80 -4.75
N LEU A 73 15.52 -0.52 -5.50
CA LEU A 73 15.24 -1.07 -6.82
C LEU A 73 16.36 -0.74 -7.79
N ASN A 74 16.63 -1.67 -8.69
CA ASN A 74 17.65 -1.60 -9.73
C ASN A 74 17.42 -0.42 -10.68
N ALA A 75 18.41 -0.14 -11.50
CA ALA A 75 18.36 0.91 -12.51
C ALA A 75 18.10 0.23 -13.87
N ASN A 76 18.56 -1.01 -13.99
CA ASN A 76 18.46 -1.88 -15.17
C ASN A 76 17.12 -2.61 -15.21
N GLN A 77 16.26 -2.45 -14.20
CA GLN A 77 14.95 -3.10 -14.18
C GLN A 77 13.87 -2.08 -13.85
N ALA A 78 12.67 -2.27 -14.40
CA ALA A 78 11.48 -1.43 -14.22
C ALA A 78 10.32 -2.22 -13.61
N PHE A 79 9.22 -1.54 -13.22
CA PHE A 79 8.03 -2.18 -12.66
C PHE A 79 6.79 -1.33 -12.88
N PHE A 80 5.62 -1.80 -12.42
CA PHE A 80 4.35 -1.10 -12.47
C PHE A 80 3.62 -1.44 -11.15
N LEU A 81 2.63 -0.61 -10.82
CA LEU A 81 1.79 -0.66 -9.64
C LEU A 81 0.34 -0.54 -10.11
N LEU A 82 -0.49 -1.51 -9.78
CA LEU A 82 -1.91 -1.62 -10.12
C LEU A 82 -2.77 -1.21 -8.91
N VAL A 83 -4.00 -0.73 -9.13
CA VAL A 83 -4.94 -0.33 -8.07
C VAL A 83 -6.00 -1.42 -8.03
N ASN A 84 -6.18 -2.08 -6.88
CA ASN A 84 -7.12 -3.19 -6.61
C ASN A 84 -6.82 -4.44 -7.47
N GLY A 85 -5.81 -4.37 -8.34
CA GLY A 85 -5.39 -5.43 -9.24
C GLY A 85 -5.50 -4.97 -10.69
N HIS A 86 -5.75 -3.68 -10.94
CA HIS A 86 -5.91 -3.09 -12.26
C HIS A 86 -5.06 -1.83 -12.47
N SER A 87 -4.11 -1.85 -13.40
CA SER A 87 -3.29 -0.69 -13.71
C SER A 87 -4.13 0.12 -14.69
N MET A 88 -5.00 0.96 -14.13
CA MET A 88 -5.92 1.83 -14.85
C MET A 88 -5.86 3.26 -14.31
N VAL A 89 -4.83 3.58 -13.53
CA VAL A 89 -4.59 4.88 -12.92
C VAL A 89 -3.20 5.34 -13.37
N SER A 90 -3.11 6.60 -13.77
CA SER A 90 -1.89 7.24 -14.22
C SER A 90 -0.99 7.60 -13.03
N VAL A 91 0.31 7.66 -13.30
CA VAL A 91 1.35 7.94 -12.34
C VAL A 91 1.29 9.40 -11.84
N SER A 92 0.49 10.28 -12.45
CA SER A 92 0.35 11.68 -12.04
C SER A 92 -1.04 11.98 -11.45
N THR A 93 -1.87 10.98 -11.18
CA THR A 93 -3.20 11.17 -10.60
C THR A 93 -3.08 11.27 -9.07
N PRO A 94 -3.84 12.16 -8.41
CA PRO A 94 -3.81 12.30 -6.96
C PRO A 94 -4.44 11.05 -6.32
N ILE A 95 -3.70 10.47 -5.38
CA ILE A 95 -4.16 9.28 -4.67
C ILE A 95 -5.49 9.54 -3.94
N SER A 96 -5.86 10.81 -3.64
CA SER A 96 -7.12 11.09 -2.97
C SER A 96 -8.30 10.71 -3.87
N GLU A 97 -8.26 11.05 -5.17
CA GLU A 97 -9.34 10.67 -6.06
C GLU A 97 -9.22 9.18 -6.35
N VAL A 98 -7.99 8.64 -6.47
CA VAL A 98 -7.84 7.20 -6.70
C VAL A 98 -8.52 6.43 -5.55
N TYR A 99 -8.38 6.94 -4.32
CA TYR A 99 -8.96 6.37 -3.12
C TYR A 99 -10.48 6.36 -3.26
N GLU A 100 -11.09 7.52 -3.54
CA GLU A 100 -12.55 7.52 -3.68
C GLU A 100 -13.05 6.75 -4.91
N SER A 101 -12.22 6.38 -5.88
CA SER A 101 -12.66 5.61 -7.03
C SER A 101 -12.57 4.10 -6.75
N GLU A 102 -11.52 3.65 -6.05
CA GLU A 102 -11.28 2.24 -5.78
C GLU A 102 -11.51 1.80 -4.33
N LYS A 103 -12.03 2.67 -3.44
CA LYS A 103 -12.31 2.38 -2.03
C LYS A 103 -12.91 0.98 -1.80
N ASP A 104 -12.26 0.18 -0.96
CA ASP A 104 -12.69 -1.18 -0.58
C ASP A 104 -13.75 -1.04 0.51
N GLU A 105 -14.54 -2.08 0.77
CA GLU A 105 -15.58 -2.06 1.80
C GLU A 105 -15.00 -1.86 3.21
N ASP A 106 -13.72 -2.23 3.39
CA ASP A 106 -13.04 -2.08 4.67
C ASP A 106 -12.81 -0.59 4.94
N GLY A 107 -12.70 0.22 3.88
CA GLY A 107 -12.45 1.66 3.90
C GLY A 107 -10.99 1.99 3.57
N PHE A 108 -10.22 0.97 3.23
CA PHE A 108 -8.82 0.98 2.82
C PHE A 108 -8.72 1.12 1.30
N LEU A 109 -7.57 1.52 0.79
CA LEU A 109 -7.31 1.60 -0.66
C LEU A 109 -6.40 0.40 -0.95
N TYR A 110 -6.66 -0.45 -1.95
CA TYR A 110 -5.84 -1.62 -2.24
C TYR A 110 -4.96 -1.42 -3.49
N MET A 111 -3.75 -1.96 -3.48
CA MET A 111 -2.81 -1.90 -4.58
C MET A 111 -1.94 -3.16 -4.59
N VAL A 112 -1.41 -3.50 -5.75
CA VAL A 112 -0.52 -4.64 -5.94
C VAL A 112 0.58 -4.20 -6.92
N TYR A 113 1.78 -4.79 -6.88
CA TYR A 113 2.88 -4.43 -7.78
C TYR A 113 3.57 -5.64 -8.40
N ALA A 114 4.08 -5.46 -9.62
CA ALA A 114 4.81 -6.49 -10.35
C ALA A 114 5.59 -5.86 -11.51
N SER A 115 6.56 -6.60 -12.04
CA SER A 115 7.39 -6.20 -13.17
C SER A 115 6.76 -6.84 -14.40
N GLN A 116 5.71 -6.22 -14.90
CA GLN A 116 4.93 -6.59 -16.08
C GLN A 116 3.97 -5.42 -16.30
N GLU A 117 3.67 -5.10 -17.56
CA GLU A 117 2.75 -4.00 -17.84
C GLU A 117 1.32 -4.53 -17.89
N THR A 118 1.10 -5.79 -18.26
CA THR A 118 -0.23 -6.41 -18.33
C THR A 118 -0.11 -7.87 -17.90
N PHE A 119 -1.06 -8.33 -17.11
CA PHE A 119 -1.12 -9.71 -16.63
C PHE A 119 -1.64 -10.57 -17.76
N ASN B 1 -15.64 -5.91 23.39
CA ASN B 1 -14.49 -6.76 23.72
C ASN B 1 -13.23 -6.35 22.96
N SEP B 2 -13.11 -5.08 22.60
CA SEP B 2 -11.99 -4.46 21.88
CB SEP B 2 -12.52 -3.18 21.22
OG SEP B 2 -13.54 -2.60 22.04
C SEP B 2 -10.83 -4.22 22.85
O SEP B 2 -10.49 -3.08 23.16
P SEP B 2 -14.58 -1.54 21.49
O1P SEP B 2 -13.78 -0.31 21.32
O2P SEP B 2 -15.07 -2.18 20.26
O3P SEP B 2 -15.55 -1.52 22.61
H SEP B 2 -13.83 -4.41 22.83
HA SEP B 2 -11.65 -5.13 21.10
HB2 SEP B 2 -11.72 -2.46 21.05
HB3 SEP B 2 -12.95 -3.46 20.26
N SEP B 3 -10.36 -5.28 23.50
CA SEP B 3 -9.28 -5.24 24.47
CB SEP B 3 -9.88 -5.64 25.81
OG SEP B 3 -8.98 -5.46 26.87
C SEP B 3 -8.13 -6.13 24.03
O SEP B 3 -8.30 -7.35 23.89
P SEP B 3 -9.49 -5.61 28.37
O1P SEP B 3 -10.29 -4.38 28.54
O2P SEP B 3 -10.24 -6.88 28.32
O3P SEP B 3 -8.22 -5.64 29.12
H SEP B 3 -10.68 -6.19 23.19
HA SEP B 3 -8.92 -4.21 24.56
HB2 SEP B 3 -10.77 -5.02 25.99
HB3 SEP B 3 -10.20 -6.68 25.76
N GLY B 4 -7.01 -5.51 23.63
CA GLY B 4 -5.81 -6.21 23.19
C GLY B 4 -4.75 -5.24 22.72
N SEP B 5 -3.55 -5.74 22.44
CA SEP B 5 -2.44 -4.93 21.94
CB SEP B 5 -1.13 -5.68 22.21
OG SEP B 5 -1.01 -6.10 23.55
C SEP B 5 -2.60 -4.74 20.43
O SEP B 5 -3.33 -5.53 19.81
P SEP B 5 0.18 -7.06 23.97
O1P SEP B 5 -0.02 -7.26 25.42
O2P SEP B 5 -0.02 -8.28 23.17
O3P SEP B 5 1.40 -6.30 23.65
H SEP B 5 -3.40 -6.74 22.52
HA SEP B 5 -2.42 -3.95 22.44
HB2 SEP B 5 -1.10 -6.55 21.56
HB3 SEP B 5 -0.28 -5.03 21.93
N SEP B 6 -1.80 -3.88 19.82
CA SEP B 6 -1.87 -3.65 18.39
CB SEP B 6 -2.91 -2.60 18.03
OG SEP B 6 -2.80 -1.41 18.79
C SEP B 6 -0.47 -3.40 17.82
O SEP B 6 0.01 -2.26 17.74
P SEP B 6 -4.03 -0.40 18.87
O1P SEP B 6 -3.41 0.85 19.34
O2P SEP B 6 -4.58 -0.38 17.50
O3P SEP B 6 -4.89 -1.07 19.87
H SEP B 6 -1.22 -3.24 20.35
HA SEP B 6 -2.21 -4.56 17.91
HB2 SEP B 6 -2.85 -2.35 16.98
HB3 SEP B 6 -3.89 -3.03 18.22
N GLU B 7 0.26 -4.50 17.57
CA GLU B 7 1.61 -4.47 16.97
C GLU B 7 1.33 -4.13 15.52
N ASP B 8 1.15 -2.84 15.24
CA ASP B 8 0.83 -2.30 13.93
C ASP B 8 1.87 -2.60 12.86
N SEP B 9 1.51 -2.34 11.62
CA SEP B 9 2.27 -2.58 10.41
CB SEP B 9 1.82 -3.93 9.84
OG SEP B 9 0.55 -4.36 10.32
C SEP B 9 2.20 -1.44 9.39
O SEP B 9 2.44 -1.69 8.21
P SEP B 9 -0.01 -5.81 9.98
O1P SEP B 9 -1.44 -5.71 10.32
O2P SEP B 9 0.26 -5.94 8.55
O3P SEP B 9 0.75 -6.71 10.87
H SEP B 9 0.58 -1.94 11.51
HA SEP B 9 3.33 -2.66 10.69
HB2 SEP B 9 1.76 -3.86 8.75
HB3 SEP B 9 2.57 -4.69 10.09
N PHE B 10 1.80 -0.23 9.78
CA PHE B 10 1.69 0.89 8.83
C PHE B 10 3.03 1.62 8.68
N VAL B 11 3.39 1.96 7.43
CA VAL B 11 4.61 2.68 7.13
C VAL B 11 4.35 3.89 6.23
N GLU B 12 4.39 5.09 6.82
CA GLU B 12 4.21 6.34 6.10
C GLU B 12 5.33 6.55 5.09
N ILE B 13 5.04 7.33 4.05
CA ILE B 13 6.00 7.65 3.00
C ILE B 13 6.95 8.72 3.53
N ARG B 14 8.22 8.66 3.14
CA ARG B 14 9.19 9.65 3.58
C ARG B 14 9.02 10.89 2.70
N MET B 15 9.13 12.07 3.27
CA MET B 15 8.98 13.33 2.56
C MET B 15 9.63 14.41 3.41
N ALA B 16 9.92 15.55 2.80
CA ALA B 16 10.53 16.70 3.43
C ALA B 16 9.96 17.94 2.76
N GLU B 17 10.28 19.11 3.31
CA GLU B 17 9.85 20.39 2.77
C GLU B 17 10.72 20.62 1.54
N GLY A 1 8.91 -25.00 7.48
CA GLY A 1 8.43 -23.92 6.60
C GLY A 1 7.55 -22.98 7.40
N ALA A 2 7.88 -21.69 7.41
CA ALA A 2 7.16 -20.65 8.12
C ALA A 2 6.52 -19.69 7.12
N MET A 3 5.64 -18.81 7.60
CA MET A 3 4.96 -17.81 6.78
C MET A 3 4.47 -16.65 7.66
N GLY A 4 4.07 -15.55 7.02
CA GLY A 4 3.54 -14.35 7.65
C GLY A 4 2.01 -14.38 7.55
N LYS A 5 1.30 -13.72 8.46
CA LYS A 5 -0.17 -13.69 8.41
C LYS A 5 -0.62 -12.40 7.76
N THR A 6 -1.44 -12.55 6.74
CA THR A 6 -2.00 -11.46 5.96
C THR A 6 -2.78 -10.48 6.83
N PHE A 7 -2.88 -9.21 6.43
CA PHE A 7 -3.62 -8.19 7.16
C PHE A 7 -5.06 -8.67 7.35
N LYS A 8 -5.73 -9.12 6.27
CA LYS A 8 -7.10 -9.62 6.33
C LYS A 8 -7.26 -10.87 7.22
N GLN A 9 -6.17 -11.60 7.47
CA GLN A 9 -6.18 -12.78 8.33
C GLN A 9 -6.10 -12.33 9.79
N ARG A 10 -5.19 -11.40 10.12
CA ARG A 10 -5.01 -10.91 11.49
C ARG A 10 -6.09 -9.91 11.91
N ARG A 11 -6.79 -9.29 10.96
CA ARG A 11 -7.87 -8.33 11.20
C ARG A 11 -8.95 -8.75 10.22
N THR A 12 -10.03 -9.35 10.72
CA THR A 12 -11.16 -9.79 9.90
C THR A 12 -11.87 -8.60 9.26
N PHE A 13 -12.83 -8.84 8.34
CA PHE A 13 -13.58 -7.79 7.66
C PHE A 13 -14.06 -6.72 8.63
N GLU A 14 -14.72 -7.12 9.71
CA GLU A 14 -15.25 -6.21 10.73
C GLU A 14 -14.14 -5.28 11.23
N GLN A 15 -13.05 -5.88 11.68
CA GLN A 15 -11.89 -5.15 12.18
C GLN A 15 -11.33 -4.24 11.08
N ARG A 16 -11.35 -4.65 9.81
CA ARG A 16 -10.81 -3.87 8.70
C ARG A 16 -11.68 -2.69 8.38
N VAL A 17 -12.99 -2.86 8.19
CA VAL A 17 -13.84 -1.73 7.88
C VAL A 17 -13.74 -0.72 9.03
N GLU A 18 -13.64 -1.23 10.28
CA GLU A 18 -13.50 -0.42 11.47
C GLU A 18 -12.12 0.27 11.46
N ASP A 19 -11.07 -0.41 10.99
CA ASP A 19 -9.73 0.14 10.89
C ASP A 19 -9.73 1.26 9.85
N VAL A 20 -10.49 1.13 8.75
CA VAL A 20 -10.56 2.17 7.73
C VAL A 20 -11.19 3.41 8.33
N ARG A 21 -12.44 3.33 8.80
CA ARG A 21 -13.13 4.49 9.38
C ARG A 21 -12.34 5.08 10.56
N LEU A 22 -11.74 4.26 11.42
CA LEU A 22 -10.97 4.75 12.57
C LEU A 22 -9.77 5.55 12.05
N ILE A 23 -9.01 5.00 11.11
CA ILE A 23 -7.85 5.70 10.53
C ILE A 23 -8.33 6.97 9.84
N ARG A 24 -9.47 6.94 9.14
CA ARG A 24 -10.01 8.13 8.47
C ARG A 24 -10.40 9.19 9.50
N GLU A 25 -10.73 8.79 10.72
CA GLU A 25 -11.10 9.70 11.79
C GLU A 25 -9.87 10.32 12.44
N GLN A 26 -8.89 9.52 12.84
CA GLN A 26 -7.67 9.98 13.50
C GLN A 26 -6.67 10.63 12.52
N HIS A 27 -6.64 10.16 11.27
CA HIS A 27 -5.75 10.64 10.22
C HIS A 27 -6.53 10.90 8.90
N PRO A 28 -7.47 11.86 8.88
CA PRO A 28 -8.25 12.18 7.68
C PRO A 28 -7.39 12.73 6.56
N THR A 29 -6.17 13.18 6.89
CA THR A 29 -5.22 13.75 5.96
C THR A 29 -4.33 12.66 5.34
N LYS A 30 -4.54 11.38 5.67
CA LYS A 30 -3.79 10.27 5.14
C LYS A 30 -4.79 9.30 4.51
N ILE A 31 -4.31 8.58 3.51
CA ILE A 31 -5.07 7.63 2.73
C ILE A 31 -4.61 6.22 3.10
N PRO A 32 -5.52 5.34 3.55
CA PRO A 32 -5.19 3.96 3.91
C PRO A 32 -5.05 3.12 2.63
N VAL A 33 -3.84 2.61 2.36
CA VAL A 33 -3.58 1.80 1.18
C VAL A 33 -2.85 0.51 1.53
N ILE A 34 -3.23 -0.58 0.86
CA ILE A 34 -2.70 -1.93 0.97
C ILE A 34 -1.70 -2.07 -0.16
N ILE A 35 -0.44 -2.33 0.16
CA ILE A 35 0.61 -2.52 -0.82
C ILE A 35 1.00 -3.99 -0.67
N GLU A 36 0.66 -4.78 -1.68
CA GLU A 36 0.93 -6.23 -1.70
C GLU A 36 1.79 -6.58 -2.91
N ARG A 37 2.62 -7.62 -2.81
CA ARG A 37 3.47 -8.05 -3.91
C ARG A 37 2.59 -8.96 -4.77
N TYR A 38 2.69 -8.90 -6.10
CA TYR A 38 1.88 -9.78 -6.92
C TYR A 38 2.22 -11.24 -6.62
N LYS A 39 1.25 -12.15 -6.81
CA LYS A 39 1.49 -13.56 -6.54
C LYS A 39 2.51 -14.14 -7.52
N GLY A 40 2.55 -13.65 -8.76
CA GLY A 40 3.48 -14.10 -9.77
C GLY A 40 4.83 -13.39 -9.67
N GLU A 41 5.03 -12.49 -8.71
CA GLU A 41 6.27 -11.77 -8.53
C GLU A 41 7.24 -12.67 -7.77
N LYS A 42 8.48 -12.75 -8.22
CA LYS A 42 9.53 -13.57 -7.63
C LYS A 42 10.88 -12.86 -7.58
N GLN A 43 11.07 -11.84 -8.42
CA GLN A 43 12.31 -11.08 -8.49
C GLN A 43 12.25 -9.88 -7.56
N LEU A 44 11.09 -9.24 -7.38
CA LEU A 44 11.02 -8.09 -6.49
C LEU A 44 10.93 -8.56 -5.03
N PRO A 45 11.42 -7.76 -4.08
CA PRO A 45 11.37 -8.11 -2.67
C PRO A 45 9.97 -7.91 -2.10
N VAL A 46 9.67 -8.60 -1.01
CA VAL A 46 8.40 -8.53 -0.32
C VAL A 46 8.42 -7.22 0.48
N LEU A 47 7.35 -6.42 0.40
CA LEU A 47 7.26 -5.16 1.12
C LEU A 47 7.30 -5.46 2.61
N ASP A 48 8.09 -4.70 3.37
CA ASP A 48 8.27 -4.82 4.81
C ASP A 48 6.96 -4.77 5.60
N LYS A 49 6.01 -3.96 5.13
CA LYS A 49 4.69 -3.75 5.71
C LYS A 49 3.69 -3.74 4.56
N THR A 50 2.43 -4.02 4.88
CA THR A 50 1.37 -4.07 3.89
C THR A 50 0.46 -2.83 3.99
N LYS A 51 0.29 -2.21 5.17
CA LYS A 51 -0.58 -1.04 5.34
C LYS A 51 0.23 0.26 5.39
N PHE A 52 -0.09 1.23 4.53
CA PHE A 52 0.59 2.53 4.46
C PHE A 52 -0.42 3.68 4.65
N LEU A 53 0.10 4.84 5.06
CA LEU A 53 -0.62 6.09 5.27
C LEU A 53 0.07 7.06 4.33
N VAL A 54 -0.57 7.30 3.19
CA VAL A 54 -0.03 8.16 2.15
C VAL A 54 -0.78 9.51 2.15
N PRO A 55 -0.09 10.67 2.10
CA PRO A 55 -0.72 12.00 2.12
C PRO A 55 -1.51 12.28 0.85
N ASP A 56 -2.69 12.89 0.99
CA ASP A 56 -3.58 13.20 -0.12
C ASP A 56 -3.01 14.16 -1.17
N HIS A 57 -2.01 14.99 -0.81
CA HIS A 57 -1.40 15.94 -1.74
C HIS A 57 -0.37 15.32 -2.68
N VAL A 58 0.18 14.15 -2.35
CA VAL A 58 1.20 13.49 -3.17
C VAL A 58 0.57 12.87 -4.42
N ASN A 59 1.39 12.81 -5.47
CA ASN A 59 1.09 12.26 -6.77
C ASN A 59 1.87 10.97 -6.94
N MET A 60 1.33 10.07 -7.75
CA MET A 60 1.87 8.75 -8.05
C MET A 60 3.38 8.75 -8.34
N SER A 61 3.91 9.76 -9.02
CA SER A 61 5.33 9.89 -9.35
C SER A 61 6.20 9.76 -8.09
N GLU A 62 5.99 10.65 -7.12
CA GLU A 62 6.75 10.62 -5.88
C GLU A 62 6.36 9.42 -5.01
N LEU A 63 5.07 9.02 -5.02
CA LEU A 63 4.59 7.87 -4.25
C LEU A 63 5.44 6.64 -4.62
N ILE A 64 5.50 6.32 -5.92
CA ILE A 64 6.27 5.20 -6.45
C ILE A 64 7.74 5.41 -6.06
N LYS A 65 8.26 6.63 -6.23
CA LYS A 65 9.65 6.95 -5.88
C LYS A 65 9.95 6.61 -4.41
N ILE A 66 9.05 6.94 -3.48
CA ILE A 66 9.21 6.68 -2.05
C ILE A 66 9.25 5.16 -1.80
N ILE A 67 8.36 4.38 -2.45
CA ILE A 67 8.39 2.92 -2.27
C ILE A 67 9.72 2.43 -2.84
N ARG A 68 10.19 2.90 -4.02
CA ARG A 68 11.47 2.44 -4.54
C ARG A 68 12.59 2.83 -3.59
N ARG A 69 12.46 3.98 -2.89
CA ARG A 69 13.46 4.46 -1.95
C ARG A 69 13.67 3.45 -0.84
N ARG A 70 12.63 3.11 -0.08
CA ARG A 70 12.78 2.16 1.02
C ARG A 70 13.15 0.75 0.57
N LEU A 71 12.66 0.32 -0.60
CA LEU A 71 12.96 -1.00 -1.13
C LEU A 71 14.37 -1.11 -1.70
N GLN A 72 14.98 -0.01 -2.13
CA GLN A 72 16.33 0.04 -2.71
C GLN A 72 16.58 -1.13 -3.68
N LEU A 73 15.79 -1.16 -4.74
CA LEU A 73 15.83 -2.15 -5.82
C LEU A 73 17.10 -1.97 -6.64
N ASN A 74 17.31 -2.89 -7.59
CA ASN A 74 18.41 -2.93 -8.53
C ASN A 74 18.47 -1.62 -9.33
N ALA A 75 19.57 -1.40 -10.04
CA ALA A 75 19.77 -0.21 -10.87
C ALA A 75 19.41 -0.50 -12.31
N ASN A 76 19.46 -1.78 -12.68
CA ASN A 76 19.17 -2.27 -14.02
C ASN A 76 17.72 -2.76 -14.16
N GLN A 77 16.96 -2.90 -13.06
CA GLN A 77 15.57 -3.38 -13.17
C GLN A 77 14.53 -2.36 -12.74
N ALA A 78 13.35 -2.45 -13.36
CA ALA A 78 12.20 -1.60 -13.14
C ALA A 78 11.00 -2.39 -12.63
N PHE A 79 9.91 -1.69 -12.32
CA PHE A 79 8.66 -2.28 -11.86
C PHE A 79 7.49 -1.38 -12.21
N PHE A 80 6.29 -1.88 -11.94
CA PHE A 80 5.01 -1.23 -12.16
C PHE A 80 4.14 -1.49 -10.93
N LEU A 81 3.04 -0.75 -10.85
CA LEU A 81 2.05 -0.84 -9.80
C LEU A 81 0.71 -0.91 -10.49
N LEU A 82 -0.15 -1.77 -9.99
CA LEU A 82 -1.48 -2.03 -10.50
C LEU A 82 -2.47 -1.87 -9.33
N VAL A 83 -3.60 -1.20 -9.54
CA VAL A 83 -4.61 -0.98 -8.51
C VAL A 83 -5.62 -2.10 -8.67
N ASN A 84 -5.94 -2.83 -7.59
CA ASN A 84 -6.85 -3.97 -7.61
C ASN A 84 -6.36 -5.03 -8.62
N GLY A 85 -5.08 -4.98 -9.03
CA GLY A 85 -4.46 -5.88 -9.99
C GLY A 85 -4.50 -5.37 -11.44
N HIS A 86 -4.91 -4.11 -11.68
CA HIS A 86 -5.01 -3.50 -13.00
C HIS A 86 -4.43 -2.09 -12.97
N SER A 87 -3.49 -1.74 -13.85
CA SER A 87 -2.89 -0.40 -13.87
C SER A 87 -3.70 0.46 -14.84
N MET A 88 -4.55 1.32 -14.28
CA MET A 88 -5.41 2.25 -15.00
C MET A 88 -5.13 3.69 -14.52
N VAL A 89 -4.18 3.86 -13.59
CA VAL A 89 -3.79 5.11 -12.97
C VAL A 89 -2.57 5.74 -13.64
N SER A 90 -2.60 7.06 -13.82
CA SER A 90 -1.49 7.79 -14.43
C SER A 90 -0.45 8.18 -13.38
N VAL A 91 0.80 8.34 -13.79
CA VAL A 91 1.92 8.67 -12.91
C VAL A 91 1.87 10.11 -12.38
N SER A 92 1.14 11.03 -13.00
CA SER A 92 1.06 12.41 -12.53
C SER A 92 -0.33 12.77 -11.98
N THR A 93 -1.00 11.81 -11.35
CA THR A 93 -2.33 11.95 -10.75
C THR A 93 -2.23 11.96 -9.21
N PRO A 94 -3.00 12.79 -8.48
CA PRO A 94 -2.95 12.82 -7.02
C PRO A 94 -3.63 11.57 -6.42
N ILE A 95 -3.07 11.08 -5.31
CA ILE A 95 -3.60 9.90 -4.65
C ILE A 95 -5.02 10.13 -4.12
N SER A 96 -5.45 11.38 -3.87
CA SER A 96 -6.78 11.64 -3.35
C SER A 96 -7.83 11.16 -4.38
N GLU A 97 -7.69 11.56 -5.64
CA GLU A 97 -8.64 11.11 -6.64
C GLU A 97 -8.43 9.64 -6.92
N VAL A 98 -7.18 9.15 -6.96
CA VAL A 98 -6.95 7.72 -7.22
C VAL A 98 -7.68 6.91 -6.14
N TYR A 99 -7.69 7.36 -4.89
CA TYR A 99 -8.36 6.71 -3.80
C TYR A 99 -9.84 6.63 -4.08
N GLU A 100 -10.50 7.79 -4.22
CA GLU A 100 -11.94 7.73 -4.45
C GLU A 100 -12.34 7.05 -5.78
N SER A 101 -11.46 6.97 -6.77
CA SER A 101 -11.72 6.38 -8.08
C SER A 101 -11.52 4.86 -8.11
N GLU A 102 -10.71 4.29 -7.21
CA GLU A 102 -10.44 2.86 -7.16
C GLU A 102 -10.86 2.21 -5.83
N LYS A 103 -11.44 3.01 -4.92
CA LYS A 103 -11.94 2.69 -3.58
C LYS A 103 -12.76 1.40 -3.50
N ASP A 104 -12.46 0.53 -2.53
CA ASP A 104 -13.20 -0.71 -2.33
C ASP A 104 -14.48 -0.44 -1.55
N GLU A 105 -15.39 -1.41 -1.48
CA GLU A 105 -16.62 -1.27 -0.72
C GLU A 105 -16.27 -1.12 0.78
N ASP A 106 -15.13 -1.67 1.25
CA ASP A 106 -14.72 -1.53 2.66
C ASP A 106 -13.95 -0.24 2.91
N GLY A 107 -13.57 0.47 1.84
CA GLY A 107 -12.88 1.74 1.90
C GLY A 107 -11.36 1.68 1.81
N PHE A 108 -10.71 0.53 1.98
CA PHE A 108 -9.25 0.50 1.85
C PHE A 108 -8.92 0.57 0.35
N LEU A 109 -7.75 1.12 0.01
CA LEU A 109 -7.31 1.20 -1.39
C LEU A 109 -6.38 0.01 -1.58
N TYR A 110 -6.70 -0.89 -2.50
CA TYR A 110 -5.91 -2.09 -2.77
C TYR A 110 -5.00 -1.89 -3.96
N MET A 111 -3.69 -2.09 -3.77
CA MET A 111 -2.67 -1.96 -4.80
C MET A 111 -1.74 -3.16 -4.73
N VAL A 112 -1.17 -3.51 -5.87
CA VAL A 112 -0.25 -4.62 -6.03
C VAL A 112 0.91 -4.11 -6.89
N TYR A 113 2.12 -4.64 -6.68
CA TYR A 113 3.27 -4.23 -7.47
C TYR A 113 3.99 -5.46 -8.00
N ALA A 114 4.57 -5.32 -9.20
CA ALA A 114 5.30 -6.37 -9.87
C ALA A 114 6.20 -5.80 -10.97
N SER A 115 7.11 -6.60 -11.49
CA SER A 115 8.03 -6.27 -12.55
C SER A 115 7.47 -7.01 -13.78
N GLN A 116 6.39 -6.44 -14.35
CA GLN A 116 5.67 -6.93 -15.52
C GLN A 116 4.68 -5.81 -15.88
N GLU A 117 4.60 -5.39 -17.14
CA GLU A 117 3.67 -4.31 -17.53
C GLU A 117 2.31 -4.88 -17.94
N THR A 118 2.20 -6.19 -18.22
CA THR A 118 0.97 -6.86 -18.60
C THR A 118 0.90 -8.22 -17.91
N PHE A 119 -0.05 -8.40 -16.98
CA PHE A 119 -0.25 -9.65 -16.28
C PHE A 119 -0.86 -10.60 -17.29
N ASN B 1 3.97 -13.55 20.56
CA ASN B 1 3.57 -12.14 20.44
C ASN B 1 3.88 -11.36 21.73
N SEP B 2 4.89 -11.74 22.53
CA SEP B 2 5.24 -11.06 23.77
CB SEP B 2 5.18 -12.06 24.94
OG SEP B 2 5.83 -13.27 24.64
C SEP B 2 6.60 -10.35 23.72
O SEP B 2 7.03 -9.80 24.74
P SEP B 2 5.84 -14.46 25.70
O1P SEP B 2 4.41 -14.71 25.94
O2P SEP B 2 6.52 -15.53 24.94
O3P SEP B 2 6.58 -13.92 26.86
H SEP B 2 5.46 -12.56 22.33
HA SEP B 2 4.50 -10.29 23.99
HB2 SEP B 2 5.63 -11.62 25.82
HB3 SEP B 2 4.13 -12.26 25.17
N SEP B 3 7.34 -10.41 22.60
CA SEP B 3 8.63 -9.74 22.50
CB SEP B 3 9.30 -10.12 21.18
OG SEP B 3 9.44 -11.53 21.11
C SEP B 3 8.43 -8.22 22.62
O SEP B 3 7.37 -7.69 22.28
P SEP B 3 10.25 -12.21 19.91
O1P SEP B 3 10.31 -13.64 20.29
O2P SEP B 3 9.43 -11.93 18.72
O3P SEP B 3 11.56 -11.52 19.97
H SEP B 3 6.97 -10.86 21.79
HA SEP B 3 9.26 -10.07 23.31
HB2 SEP B 3 8.72 -9.75 20.33
HB3 SEP B 3 10.29 -9.65 21.15
N GLY B 4 9.44 -7.52 23.14
CA GLY B 4 9.42 -6.08 23.33
C GLY B 4 9.46 -5.33 22.01
N SEP B 5 8.30 -4.88 21.55
CA SEP B 5 7.99 -4.12 20.35
CB SEP B 5 8.08 -4.99 19.08
OG SEP B 5 9.40 -5.07 18.62
C SEP B 5 6.56 -3.62 20.49
O SEP B 5 5.71 -4.34 21.03
P SEP B 5 9.75 -5.97 17.37
O1P SEP B 5 11.16 -5.60 17.10
O2P SEP B 5 9.56 -7.34 17.88
O3P SEP B 5 8.80 -5.54 16.32
H SEP B 5 7.46 -5.05 22.10
HA SEP B 5 8.68 -3.27 20.26
HB2 SEP B 5 7.69 -5.98 19.30
HB3 SEP B 5 7.46 -4.53 18.31
N SEP B 6 6.31 -2.39 20.03
CA SEP B 6 5.01 -1.73 20.06
CB SEP B 6 5.23 -0.29 19.59
OG SEP B 6 4.14 0.56 19.88
C SEP B 6 4.04 -2.46 19.13
O SEP B 6 4.47 -3.18 18.21
P SEP B 6 4.23 2.14 19.58
O1P SEP B 6 4.88 2.66 20.79
O2P SEP B 6 5.02 2.25 18.35
O3P SEP B 6 2.81 2.50 19.43
H SEP B 6 7.08 -1.88 19.60
HA SEP B 6 4.63 -1.74 21.08
HB2 SEP B 6 6.11 0.12 20.08
HB3 SEP B 6 5.41 -0.30 18.51
N GLU B 7 2.73 -2.28 19.32
CA GLU B 7 1.70 -2.88 18.49
C GLU B 7 1.44 -1.90 17.33
N ASP B 8 2.51 -1.72 16.55
CA ASP B 8 2.64 -0.86 15.37
C ASP B 8 1.85 -1.47 14.20
N SEP B 9 1.32 -0.66 13.28
CA SEP B 9 0.55 -1.15 12.13
CB SEP B 9 -0.95 -1.15 12.48
OG SEP B 9 -1.25 -2.26 13.31
C SEP B 9 0.82 -0.44 10.82
O SEP B 9 1.26 -1.12 9.88
P SEP B 9 -2.73 -2.80 13.46
O1P SEP B 9 -3.51 -1.63 13.89
O2P SEP B 9 -3.06 -3.30 12.11
O3P SEP B 9 -2.60 -3.87 14.47
H SEP B 9 1.43 0.35 13.37
HA SEP B 9 0.81 -2.18 11.92
HB2 SEP B 9 -1.26 -0.22 12.94
HB3 SEP B 9 -1.51 -1.27 11.56
N PHE B 10 0.38 0.80 10.64
CA PHE B 10 0.55 1.51 9.37
C PHE B 10 1.90 2.22 9.31
N VAL B 11 2.38 2.45 8.08
CA VAL B 11 3.64 3.15 7.83
C VAL B 11 3.35 4.41 7.02
N GLU B 12 3.56 5.58 7.62
CA GLU B 12 3.35 6.83 6.90
C GLU B 12 4.44 6.96 5.86
N ILE B 13 4.15 7.73 4.82
CA ILE B 13 5.11 7.95 3.76
C ILE B 13 6.18 8.93 4.25
N ARG B 14 7.30 9.02 3.50
CA ARG B 14 8.40 9.91 3.81
C ARG B 14 8.14 11.21 3.07
N MET B 15 7.72 12.20 3.83
CA MET B 15 7.36 13.56 3.47
C MET B 15 7.68 14.48 4.65
N ALA B 16 7.50 15.79 4.48
CA ALA B 16 7.74 16.79 5.51
C ALA B 16 6.47 17.59 5.73
N GLU B 17 6.33 18.14 6.93
CA GLU B 17 5.21 18.97 7.35
C GLU B 17 5.20 20.25 6.54
N GLY A 1 3.38 -24.44 17.56
CA GLY A 1 3.82 -24.39 16.16
C GLY A 1 3.80 -22.95 15.67
N ALA A 2 3.80 -22.78 14.35
CA ALA A 2 3.78 -21.48 13.69
C ALA A 2 3.02 -21.63 12.38
N MET A 3 2.51 -20.51 11.87
CA MET A 3 1.76 -20.35 10.64
C MET A 3 2.00 -18.93 10.12
N GLY A 4 1.66 -18.68 8.85
CA GLY A 4 1.79 -17.39 8.20
C GLY A 4 0.36 -16.93 7.98
N LYS A 5 -0.16 -16.07 8.85
CA LYS A 5 -1.52 -15.53 8.76
C LYS A 5 -1.44 -14.13 8.18
N THR A 6 -2.09 -13.87 7.06
CA THR A 6 -2.06 -12.56 6.41
C THR A 6 -2.79 -11.48 7.24
N PHE A 7 -2.69 -10.22 6.79
CA PHE A 7 -3.35 -9.08 7.43
C PHE A 7 -4.87 -9.35 7.53
N LYS A 8 -5.48 -9.97 6.51
CA LYS A 8 -6.90 -10.30 6.49
C LYS A 8 -7.21 -11.39 7.51
N GLN A 9 -6.29 -12.33 7.72
CA GLN A 9 -6.50 -13.41 8.68
C GLN A 9 -6.30 -12.94 10.12
N ARG A 10 -5.34 -12.04 10.41
CA ARG A 10 -5.14 -11.59 11.80
C ARG A 10 -6.19 -10.59 12.26
N ARG A 11 -6.92 -9.93 11.35
CA ARG A 11 -7.97 -8.95 11.65
C ARG A 11 -9.07 -9.17 10.60
N THR A 12 -10.21 -9.71 11.00
CA THR A 12 -11.39 -9.99 10.18
C THR A 12 -12.06 -8.72 9.66
N PHE A 13 -13.04 -8.84 8.73
CA PHE A 13 -13.78 -7.73 8.10
C PHE A 13 -14.22 -6.65 9.09
N GLU A 14 -14.87 -7.05 10.20
CA GLU A 14 -15.35 -6.10 11.19
C GLU A 14 -14.21 -5.21 11.69
N GLN A 15 -13.10 -5.85 12.05
CA GLN A 15 -11.89 -5.21 12.55
C GLN A 15 -11.17 -4.46 11.43
N ARG A 16 -11.27 -4.91 10.18
CA ARG A 16 -10.62 -4.26 9.04
C ARG A 16 -11.24 -2.90 8.83
N VAL A 17 -12.57 -2.83 8.70
CA VAL A 17 -13.24 -1.56 8.46
C VAL A 17 -13.09 -0.64 9.66
N GLU A 18 -13.14 -1.19 10.88
CA GLU A 18 -12.98 -0.40 12.09
C GLU A 18 -11.58 0.23 12.08
N ASP A 19 -10.56 -0.52 11.64
CA ASP A 19 -9.19 -0.03 11.57
C ASP A 19 -9.08 1.12 10.56
N VAL A 20 -9.71 1.01 9.36
CA VAL A 20 -9.65 2.09 8.37
C VAL A 20 -10.34 3.33 8.91
N ARG A 21 -11.59 3.25 9.37
CA ARG A 21 -12.27 4.45 9.88
C ARG A 21 -11.51 5.07 11.05
N LEU A 22 -10.99 4.28 11.98
CA LEU A 22 -10.24 4.78 13.13
C LEU A 22 -9.08 5.63 12.64
N ILE A 23 -8.24 5.06 11.76
CA ILE A 23 -7.10 5.78 11.22
C ILE A 23 -7.61 7.01 10.44
N ARG A 24 -8.72 6.93 9.69
CA ARG A 24 -9.24 8.08 8.95
C ARG A 24 -9.69 9.19 9.89
N GLU A 25 -10.05 8.90 11.13
CA GLU A 25 -10.45 9.94 12.09
C GLU A 25 -9.20 10.62 12.65
N GLN A 26 -8.23 9.86 13.18
CA GLN A 26 -7.01 10.43 13.77
C GLN A 26 -5.98 10.94 12.75
N HIS A 27 -5.90 10.32 11.57
CA HIS A 27 -5.02 10.67 10.46
C HIS A 27 -6.00 11.00 9.32
N PRO A 28 -6.68 12.16 9.38
CA PRO A 28 -7.67 12.52 8.37
C PRO A 28 -7.15 12.73 6.97
N THR A 29 -5.93 13.22 6.85
CA THR A 29 -5.27 13.52 5.59
C THR A 29 -4.50 12.32 5.02
N LYS A 30 -4.65 11.12 5.59
CA LYS A 30 -3.95 9.93 5.10
C LYS A 30 -4.91 9.00 4.38
N ILE A 31 -4.41 8.39 3.33
CA ILE A 31 -5.12 7.47 2.45
C ILE A 31 -4.56 6.06 2.73
N PRO A 32 -5.34 5.18 3.38
CA PRO A 32 -4.95 3.81 3.70
C PRO A 32 -4.94 2.93 2.44
N VAL A 33 -3.74 2.53 2.01
CA VAL A 33 -3.50 1.71 0.85
C VAL A 33 -2.70 0.46 1.22
N ILE A 34 -2.91 -0.64 0.49
CA ILE A 34 -2.22 -1.91 0.67
C ILE A 34 -1.31 -2.01 -0.55
N ILE A 35 -0.02 -2.20 -0.31
CA ILE A 35 1.00 -2.31 -1.34
C ILE A 35 1.52 -3.74 -1.20
N GLU A 36 1.25 -4.60 -2.17
CA GLU A 36 1.66 -5.97 -2.17
C GLU A 36 2.41 -6.33 -3.46
N ARG A 37 3.16 -7.42 -3.36
CA ARG A 37 3.96 -7.98 -4.42
C ARG A 37 3.06 -8.90 -5.24
N TYR A 38 3.03 -8.77 -6.57
CA TYR A 38 2.20 -9.64 -7.40
C TYR A 38 2.55 -11.10 -7.17
N LYS A 39 1.57 -12.01 -7.24
CA LYS A 39 1.86 -13.44 -7.04
C LYS A 39 2.86 -13.94 -8.10
N GLY A 40 2.79 -13.41 -9.32
CA GLY A 40 3.68 -13.81 -10.40
C GLY A 40 5.11 -13.31 -10.19
N GLU A 41 5.31 -12.28 -9.36
CA GLU A 41 6.61 -11.67 -9.09
C GLU A 41 7.61 -12.64 -8.44
N LYS A 42 8.77 -12.79 -9.08
CA LYS A 42 9.89 -13.65 -8.68
C LYS A 42 11.25 -12.99 -8.88
N GLN A 43 11.33 -11.86 -9.59
CA GLN A 43 12.57 -11.16 -9.83
C GLN A 43 12.76 -10.07 -8.80
N LEU A 44 11.70 -9.31 -8.48
CA LEU A 44 11.81 -8.22 -7.53
C LEU A 44 11.72 -8.68 -6.06
N PRO A 45 12.22 -7.91 -5.09
CA PRO A 45 12.17 -8.26 -3.68
C PRO A 45 10.81 -7.90 -3.08
N VAL A 46 10.41 -8.62 -2.03
CA VAL A 46 9.16 -8.46 -1.29
C VAL A 46 9.15 -7.12 -0.52
N LEU A 47 8.00 -6.79 0.06
CA LEU A 47 7.79 -5.57 0.84
C LEU A 47 7.80 -5.95 2.33
N ASP A 48 8.41 -5.11 3.15
CA ASP A 48 8.59 -5.20 4.61
C ASP A 48 7.29 -5.06 5.39
N LYS A 49 6.25 -4.52 4.76
CA LYS A 49 4.92 -4.30 5.32
C LYS A 49 3.90 -4.40 4.19
N THR A 50 2.62 -4.20 4.49
CA THR A 50 1.53 -4.25 3.52
C THR A 50 0.76 -2.93 3.57
N LYS A 51 0.35 -2.51 4.77
CA LYS A 51 -0.41 -1.30 5.05
C LYS A 51 0.49 -0.04 5.03
N PHE A 52 0.24 0.88 4.08
CA PHE A 52 0.94 2.16 3.92
C PHE A 52 -0.09 3.31 3.99
N LEU A 53 0.36 4.51 4.36
CA LEU A 53 -0.45 5.73 4.49
C LEU A 53 0.18 6.77 3.58
N VAL A 54 -0.59 7.23 2.62
CA VAL A 54 -0.18 8.23 1.64
C VAL A 54 -0.92 9.52 1.98
N PRO A 55 -0.25 10.67 2.12
CA PRO A 55 -0.93 11.91 2.41
C PRO A 55 -1.65 12.37 1.15
N ASP A 56 -2.85 12.93 1.31
CA ASP A 56 -3.66 13.42 0.20
C ASP A 56 -3.03 14.63 -0.53
N HIS A 57 -1.91 15.17 -0.02
CA HIS A 57 -1.23 16.29 -0.63
C HIS A 57 -0.24 15.87 -1.71
N VAL A 58 0.24 14.63 -1.68
CA VAL A 58 1.23 14.12 -2.63
C VAL A 58 0.63 13.28 -3.76
N ASN A 59 1.31 13.22 -4.91
CA ASN A 59 0.87 12.44 -6.08
C ASN A 59 1.57 11.08 -6.14
N MET A 60 1.01 10.20 -6.96
CA MET A 60 1.49 8.84 -7.16
C MET A 60 2.96 8.74 -7.61
N SER A 61 3.53 9.78 -8.22
CA SER A 61 4.91 9.77 -8.66
C SER A 61 5.81 9.67 -7.41
N GLU A 62 5.47 10.43 -6.36
CA GLU A 62 6.16 10.43 -5.09
C GLU A 62 5.86 9.13 -4.37
N LEU A 63 4.60 8.65 -4.42
CA LEU A 63 4.25 7.37 -3.77
C LEU A 63 5.22 6.31 -4.30
N ILE A 64 5.37 6.24 -5.63
CA ILE A 64 6.26 5.30 -6.30
C ILE A 64 7.68 5.56 -5.81
N LYS A 65 8.17 6.80 -5.81
CA LYS A 65 9.51 7.13 -5.34
C LYS A 65 9.77 6.62 -3.91
N ILE A 66 8.90 6.85 -2.92
CA ILE A 66 9.14 6.37 -1.55
C ILE A 66 9.22 4.83 -1.60
N ILE A 67 8.31 4.18 -2.33
CA ILE A 67 8.31 2.74 -2.44
C ILE A 67 9.63 2.25 -3.05
N ARG A 68 10.14 2.87 -4.13
CA ARG A 68 11.41 2.45 -4.72
C ARG A 68 12.56 2.72 -3.77
N ARG A 69 12.46 3.78 -2.95
CA ARG A 69 13.51 4.13 -2.02
C ARG A 69 13.72 3.07 -0.96
N ARG A 70 12.70 2.76 -0.17
CA ARG A 70 12.85 1.77 0.88
C ARG A 70 13.10 0.37 0.33
N LEU A 71 12.42 -0.01 -0.76
CA LEU A 71 12.61 -1.32 -1.38
C LEU A 71 14.01 -1.45 -1.99
N GLN A 72 14.63 -0.31 -2.30
CA GLN A 72 15.94 -0.14 -2.90
C GLN A 72 15.88 -0.70 -4.33
N LEU A 73 14.85 -0.29 -5.08
CA LEU A 73 14.66 -0.72 -6.46
C LEU A 73 15.91 -0.29 -7.23
N ASN A 74 16.41 -1.27 -7.96
CA ASN A 74 17.58 -1.25 -8.82
C ASN A 74 17.54 -0.11 -9.84
N ALA A 75 18.68 0.18 -10.44
CA ALA A 75 18.83 1.17 -11.49
C ALA A 75 18.91 0.43 -12.83
N ASN A 76 19.27 -0.86 -12.80
CA ASN A 76 19.37 -1.68 -14.00
C ASN A 76 18.03 -2.34 -14.33
N GLN A 77 17.05 -2.31 -13.41
CA GLN A 77 15.74 -2.89 -13.63
C GLN A 77 14.66 -1.89 -13.27
N ALA A 78 13.52 -2.02 -13.92
CA ALA A 78 12.38 -1.15 -13.72
C ALA A 78 11.18 -1.95 -13.23
N PHE A 79 10.13 -1.25 -12.78
CA PHE A 79 8.92 -1.88 -12.30
C PHE A 79 7.72 -0.98 -12.57
N PHE A 80 6.54 -1.54 -12.33
CA PHE A 80 5.27 -0.86 -12.49
C PHE A 80 4.43 -1.16 -11.26
N LEU A 81 3.50 -0.24 -11.00
CA LEU A 81 2.56 -0.26 -9.91
C LEU A 81 1.18 -0.33 -10.56
N LEU A 82 0.38 -1.28 -10.10
CA LEU A 82 -0.98 -1.52 -10.58
C LEU A 82 -1.95 -1.16 -9.47
N VAL A 83 -3.17 -0.78 -9.85
CA VAL A 83 -4.23 -0.41 -8.92
C VAL A 83 -5.31 -1.46 -9.16
N ASN A 84 -5.85 -2.07 -8.10
CA ASN A 84 -6.85 -3.15 -8.17
C ASN A 84 -6.36 -4.32 -9.06
N GLY A 85 -5.05 -4.40 -9.32
CA GLY A 85 -4.40 -5.40 -10.16
C GLY A 85 -4.28 -4.98 -11.63
N HIS A 86 -4.58 -3.72 -11.99
CA HIS A 86 -4.50 -3.21 -13.35
C HIS A 86 -3.79 -1.85 -13.39
N SER A 87 -2.73 -1.73 -14.19
CA SER A 87 -1.98 -0.50 -14.35
C SER A 87 -2.72 0.30 -15.42
N MET A 88 -3.64 1.16 -15.02
CA MET A 88 -4.42 2.00 -15.95
C MET A 88 -4.48 3.47 -15.52
N VAL A 89 -3.81 3.83 -14.42
CA VAL A 89 -3.80 5.16 -13.84
C VAL A 89 -2.46 5.83 -14.10
N SER A 90 -2.49 7.13 -14.40
CA SER A 90 -1.31 7.92 -14.66
C SER A 90 -0.56 8.16 -13.35
N VAL A 91 0.76 7.94 -13.31
CA VAL A 91 1.56 8.12 -12.09
C VAL A 91 1.54 9.55 -11.53
N SER A 92 1.22 10.58 -12.32
CA SER A 92 1.20 11.95 -11.82
C SER A 92 -0.16 12.36 -11.22
N THR A 93 -1.09 11.41 -11.05
CA THR A 93 -2.44 11.64 -10.51
C THR A 93 -2.40 11.65 -8.96
N PRO A 94 -3.19 12.51 -8.28
CA PRO A 94 -3.24 12.57 -6.82
C PRO A 94 -3.91 11.30 -6.26
N ILE A 95 -3.35 10.77 -5.18
CA ILE A 95 -3.87 9.57 -4.53
C ILE A 95 -5.33 9.76 -4.07
N SER A 96 -5.77 11.00 -3.78
CA SER A 96 -7.13 11.27 -3.36
C SER A 96 -8.13 10.87 -4.45
N GLU A 97 -7.92 11.30 -5.69
CA GLU A 97 -8.85 10.91 -6.75
C GLU A 97 -8.67 9.43 -7.07
N VAL A 98 -7.44 8.90 -7.00
CA VAL A 98 -7.24 7.47 -7.24
C VAL A 98 -8.04 6.69 -6.18
N TYR A 99 -8.07 7.18 -4.93
CA TYR A 99 -8.79 6.58 -3.82
C TYR A 99 -10.27 6.49 -4.15
N GLU A 100 -10.93 7.63 -4.42
CA GLU A 100 -12.35 7.56 -4.72
C GLU A 100 -12.69 6.84 -6.02
N SER A 101 -11.74 6.67 -6.93
CA SER A 101 -11.96 6.00 -8.20
C SER A 101 -11.78 4.48 -8.09
N GLU A 102 -10.84 4.01 -7.27
CA GLU A 102 -10.53 2.58 -7.14
C GLU A 102 -10.85 1.98 -5.76
N LYS A 103 -11.48 2.74 -4.86
CA LYS A 103 -11.87 2.35 -3.48
C LYS A 103 -12.53 0.98 -3.36
N ASP A 104 -12.10 0.20 -2.37
CA ASP A 104 -12.67 -1.12 -2.10
C ASP A 104 -13.91 -0.98 -1.22
N GLU A 105 -14.66 -2.06 -1.12
CA GLU A 105 -15.84 -2.18 -0.30
C GLU A 105 -15.44 -2.03 1.17
N ASP A 106 -14.22 -2.42 1.58
CA ASP A 106 -13.81 -2.27 2.98
C ASP A 106 -13.50 -0.79 3.24
N GLY A 107 -13.01 -0.11 2.19
CA GLY A 107 -12.61 1.28 2.20
C GLY A 107 -11.10 1.44 1.96
N PHE A 108 -10.32 0.36 2.06
CA PHE A 108 -8.88 0.39 1.81
C PHE A 108 -8.68 0.45 0.28
N LEU A 109 -7.49 0.88 -0.15
CA LEU A 109 -7.14 0.95 -1.56
C LEU A 109 -6.16 -0.20 -1.83
N TYR A 110 -6.39 -1.05 -2.83
CA TYR A 110 -5.51 -2.17 -3.17
C TYR A 110 -4.59 -1.82 -4.34
N MET A 111 -3.29 -2.04 -4.19
CA MET A 111 -2.27 -1.78 -5.20
C MET A 111 -1.25 -2.93 -5.20
N VAL A 112 -0.88 -3.43 -6.38
CA VAL A 112 0.09 -4.52 -6.52
C VAL A 112 1.27 -3.98 -7.34
N TYR A 113 2.46 -4.55 -7.21
CA TYR A 113 3.63 -4.13 -7.97
C TYR A 113 4.35 -5.36 -8.53
N ALA A 114 4.96 -5.18 -9.72
CA ALA A 114 5.73 -6.21 -10.41
C ALA A 114 6.64 -5.59 -11.48
N SER A 115 7.57 -6.38 -12.03
CA SER A 115 8.47 -5.94 -13.08
C SER A 115 7.82 -6.44 -14.38
N GLN A 116 6.75 -5.75 -14.82
CA GLN A 116 5.97 -6.03 -16.01
C GLN A 116 4.89 -4.94 -16.12
N GLU A 117 4.60 -4.45 -17.32
CA GLU A 117 3.61 -3.39 -17.56
C GLU A 117 2.19 -3.93 -17.44
N THR A 118 1.96 -5.12 -17.99
CA THR A 118 0.69 -5.83 -18.00
C THR A 118 1.01 -7.29 -17.69
N PHE A 119 0.29 -7.89 -16.74
CA PHE A 119 0.47 -9.27 -16.29
C PHE A 119 0.28 -10.26 -17.44
N ASN B 1 1.54 -11.34 19.69
CA ASN B 1 1.19 -11.20 21.12
C ASN B 1 2.34 -11.63 22.06
N SEP B 2 3.59 -11.50 21.61
CA SEP B 2 4.78 -11.89 22.36
CB SEP B 2 5.33 -13.20 21.76
OG SEP B 2 4.40 -14.27 21.97
C SEP B 2 5.77 -10.74 22.40
O SEP B 2 5.95 -10.11 23.45
P SEP B 2 3.59 -15.01 20.79
O1P SEP B 2 2.95 -16.12 21.53
O2P SEP B 2 2.65 -14.00 20.24
O3P SEP B 2 4.63 -15.46 19.85
H SEP B 2 3.77 -11.10 20.70
HA SEP B 2 4.49 -12.10 23.40
HB2 SEP B 2 5.53 -13.06 20.69
HB3 SEP B 2 6.25 -13.44 22.27
N SEP B 3 6.38 -10.37 21.26
CA SEP B 3 7.34 -9.27 21.21
CB SEP B 3 8.01 -9.23 19.82
OG SEP B 3 9.01 -10.22 19.64
C SEP B 3 6.65 -7.94 21.53
O SEP B 3 5.48 -7.74 21.23
P SEP B 3 8.70 -11.80 19.43
O1P SEP B 3 8.92 -12.36 20.77
O2P SEP B 3 7.31 -11.84 18.97
O3P SEP B 3 9.72 -12.16 18.41
H SEP B 3 6.23 -10.89 20.41
HA SEP B 3 8.12 -9.45 21.95
HB2 SEP B 3 7.25 -9.29 19.03
HB3 SEP B 3 8.49 -8.26 19.72
N GLY B 4 7.35 -7.07 22.24
CA GLY B 4 6.86 -5.76 22.64
C GLY B 4 7.08 -4.79 21.51
N SEP B 5 6.00 -4.22 20.96
CA SEP B 5 6.05 -3.25 19.87
CB SEP B 5 5.82 -3.94 18.52
OG SEP B 5 6.81 -4.94 18.31
C SEP B 5 4.98 -2.20 20.13
O SEP B 5 4.30 -2.25 21.16
P SEP B 5 7.42 -5.18 16.87
O1P SEP B 5 8.40 -6.27 17.08
O2P SEP B 5 6.25 -5.56 16.04
O3P SEP B 5 8.02 -3.88 16.53
H SEP B 5 5.09 -4.42 21.31
HA SEP B 5 7.02 -2.76 19.85
HB2 SEP B 5 4.83 -4.41 18.51
HB3 SEP B 5 5.86 -3.20 17.74
N SEP B 6 5.02 -1.10 19.36
CA SEP B 6 4.05 -0.04 19.48
CB SEP B 6 4.71 1.29 19.10
OG SEP B 6 4.21 2.29 19.98
C SEP B 6 2.89 -0.40 18.57
O SEP B 6 2.69 -1.58 18.23
P SEP B 6 4.77 3.78 19.96
O1P SEP B 6 6.20 3.57 20.24
O2P SEP B 6 4.46 4.25 18.58
O3P SEP B 6 4.00 4.41 21.04
H SEP B 6 5.59 -1.09 18.53
HA SEP B 6 3.69 0.03 20.51
HB2 SEP B 6 5.79 1.23 19.23
HB3 SEP B 6 4.51 1.55 18.06
N GLU B 7 2.05 0.57 18.20
CA GLU B 7 0.94 0.35 17.29
C GLU B 7 1.56 0.35 15.89
N ASP B 8 2.44 -0.64 15.64
CA ASP B 8 3.19 -0.86 14.41
C ASP B 8 2.31 -1.58 13.42
N SEP B 9 1.43 -0.83 12.74
CA SEP B 9 0.51 -1.38 11.76
CB SEP B 9 -0.86 -1.54 12.39
OG SEP B 9 -0.75 -2.53 13.41
C SEP B 9 0.39 -0.57 10.48
O SEP B 9 0.06 -1.17 9.46
P SEP B 9 -2.02 -3.22 14.07
O1P SEP B 9 -2.59 -2.21 14.99
O2P SEP B 9 -2.85 -3.63 12.91
O3P SEP B 9 -1.46 -4.40 14.77
H SEP B 9 1.38 0.16 12.96
HA SEP B 9 0.85 -2.37 11.46
HB2 SEP B 9 -1.25 -0.58 12.74
HB3 SEP B 9 -1.54 -1.90 11.63
N PHE B 10 0.80 0.70 10.46
CA PHE B 10 0.70 1.55 9.29
C PHE B 10 2.03 2.27 9.06
N VAL B 11 2.57 2.21 7.83
CA VAL B 11 3.81 2.89 7.47
C VAL B 11 3.53 4.07 6.53
N GLU B 12 3.59 5.27 7.07
CA GLU B 12 3.35 6.53 6.36
C GLU B 12 4.53 6.94 5.49
N ILE B 13 4.23 7.75 4.48
CA ILE B 13 5.23 8.26 3.55
C ILE B 13 6.04 9.38 4.23
N ARG B 14 7.30 9.50 3.80
CA ARG B 14 8.22 10.50 4.31
C ARG B 14 8.00 11.83 3.62
N MET B 15 7.98 12.89 4.42
CA MET B 15 7.76 14.29 4.07
C MET B 15 7.90 15.07 5.38
N ALA B 16 7.42 16.32 5.41
CA ALA B 16 7.40 17.22 6.55
C ALA B 16 6.08 17.99 6.49
N GLU B 17 5.44 18.28 7.62
CA GLU B 17 4.18 19.01 7.73
C GLU B 17 4.07 19.64 9.11
N GLY A 1 10.14 -23.17 6.11
CA GLY A 1 9.04 -22.81 5.21
C GLY A 1 7.74 -22.70 5.97
N ALA A 2 7.55 -21.61 6.71
CA ALA A 2 6.34 -21.32 7.48
C ALA A 2 5.34 -20.58 6.59
N MET A 3 4.16 -20.25 7.14
CA MET A 3 3.10 -19.53 6.45
C MET A 3 2.66 -18.41 7.39
N GLY A 4 3.04 -17.17 7.09
CA GLY A 4 2.74 -15.99 7.90
C GLY A 4 1.29 -15.52 7.76
N LYS A 5 0.80 -14.85 8.80
CA LYS A 5 -0.54 -14.31 8.87
C LYS A 5 -0.44 -12.83 8.52
N THR A 6 -1.00 -12.45 7.38
CA THR A 6 -0.99 -11.07 6.90
C THR A 6 -1.95 -10.19 7.71
N PHE A 7 -2.04 -8.92 7.30
CA PHE A 7 -2.90 -7.91 7.91
C PHE A 7 -4.33 -8.43 8.08
N LYS A 8 -4.88 -9.02 7.01
CA LYS A 8 -6.25 -9.56 7.02
C LYS A 8 -6.43 -10.72 8.00
N GLN A 9 -5.36 -11.47 8.29
CA GLN A 9 -5.42 -12.57 9.22
C GLN A 9 -5.30 -12.06 10.65
N ARG A 10 -4.48 -11.03 10.89
CA ARG A 10 -4.34 -10.53 12.26
C ARG A 10 -5.55 -9.67 12.68
N ARG A 11 -6.23 -8.99 11.75
CA ARG A 11 -7.39 -8.15 12.06
C ARG A 11 -8.57 -8.60 11.20
N THR A 12 -9.64 -9.10 11.83
CA THR A 12 -10.85 -9.54 11.15
C THR A 12 -11.52 -8.33 10.48
N PHE A 13 -12.50 -8.56 9.60
CA PHE A 13 -13.23 -7.51 8.89
C PHE A 13 -13.75 -6.41 9.81
N GLU A 14 -14.35 -6.77 10.95
CA GLU A 14 -14.89 -5.83 11.93
C GLU A 14 -13.77 -4.90 12.43
N GLN A 15 -12.63 -5.50 12.77
CA GLN A 15 -11.44 -4.80 13.25
C GLN A 15 -10.86 -3.94 12.12
N ARG A 16 -10.97 -4.39 10.86
CA ARG A 16 -10.47 -3.68 9.70
C ARG A 16 -11.33 -2.44 9.47
N VAL A 17 -12.66 -2.55 9.46
CA VAL A 17 -13.54 -1.41 9.28
C VAL A 17 -13.26 -0.38 10.39
N GLU A 18 -13.07 -0.83 11.63
CA GLU A 18 -12.76 0.02 12.78
C GLU A 18 -11.40 0.68 12.57
N ASP A 19 -10.41 -0.08 12.11
CA ASP A 19 -9.06 0.37 11.88
C ASP A 19 -9.03 1.47 10.81
N VAL A 20 -9.74 1.27 9.69
CA VAL A 20 -9.75 2.28 8.64
C VAL A 20 -10.41 3.56 9.15
N ARG A 21 -11.64 3.49 9.70
CA ARG A 21 -12.30 4.70 10.19
C ARG A 21 -11.47 5.39 11.28
N LEU A 22 -10.80 4.61 12.15
CA LEU A 22 -10.00 5.16 13.22
C LEU A 22 -8.83 5.95 12.61
N ILE A 23 -8.10 5.32 11.68
CA ILE A 23 -6.98 5.94 10.98
C ILE A 23 -7.49 7.17 10.22
N ARG A 24 -8.66 7.11 9.57
CA ARG A 24 -9.22 8.23 8.81
C ARG A 24 -9.53 9.41 9.71
N GLU A 25 -9.90 9.18 10.96
CA GLU A 25 -10.23 10.25 11.87
C GLU A 25 -8.97 10.95 12.37
N GLN A 26 -8.00 10.17 12.85
CA GLN A 26 -6.76 10.76 13.36
C GLN A 26 -5.91 11.31 12.23
N HIS A 27 -5.94 10.70 11.03
CA HIS A 27 -5.16 11.12 9.87
C HIS A 27 -6.03 11.17 8.60
N PRO A 28 -6.93 12.15 8.45
CA PRO A 28 -7.78 12.29 7.27
C PRO A 28 -7.01 12.85 6.08
N THR A 29 -5.81 13.39 6.34
CA THR A 29 -4.86 14.01 5.44
C THR A 29 -3.90 12.98 4.82
N LYS A 30 -4.11 11.71 5.16
CA LYS A 30 -3.39 10.53 4.70
C LYS A 30 -4.50 9.64 4.14
N ILE A 31 -4.14 8.70 3.28
CA ILE A 31 -5.03 7.77 2.64
C ILE A 31 -4.55 6.36 2.99
N PRO A 32 -5.45 5.45 3.42
CA PRO A 32 -5.11 4.10 3.80
C PRO A 32 -5.04 3.19 2.55
N VAL A 33 -3.83 2.79 2.16
CA VAL A 33 -3.59 1.93 1.00
C VAL A 33 -2.78 0.70 1.44
N ILE A 34 -2.98 -0.43 0.77
CA ILE A 34 -2.31 -1.71 0.96
C ILE A 34 -1.43 -1.90 -0.27
N ILE A 35 -0.18 -2.28 -0.07
CA ILE A 35 0.79 -2.52 -1.13
C ILE A 35 1.31 -3.94 -0.86
N GLU A 36 0.96 -4.87 -1.73
CA GLU A 36 1.39 -6.27 -1.62
C GLU A 36 2.16 -6.65 -2.87
N ARG A 37 3.16 -7.53 -2.73
CA ARG A 37 3.96 -7.99 -3.86
C ARG A 37 3.08 -8.98 -4.62
N TYR A 38 3.01 -8.87 -5.95
CA TYR A 38 2.20 -9.79 -6.74
C TYR A 38 2.64 -11.22 -6.48
N LYS A 39 1.68 -12.17 -6.43
CA LYS A 39 2.04 -13.56 -6.19
C LYS A 39 2.91 -14.11 -7.31
N GLY A 40 2.81 -13.56 -8.51
CA GLY A 40 3.62 -14.00 -9.64
C GLY A 40 5.01 -13.37 -9.62
N GLU A 41 5.25 -12.35 -8.79
CA GLU A 41 6.52 -11.66 -8.67
C GLU A 41 7.51 -12.59 -7.96
N LYS A 42 8.77 -12.55 -8.39
CA LYS A 42 9.90 -13.32 -7.87
C LYS A 42 11.23 -12.61 -8.05
N GLN A 43 11.36 -11.66 -8.99
CA GLN A 43 12.58 -10.92 -9.20
C GLN A 43 12.58 -9.73 -8.26
N LEU A 44 11.42 -9.14 -7.96
CA LEU A 44 11.36 -8.00 -7.05
C LEU A 44 11.14 -8.53 -5.62
N PRO A 45 11.67 -7.86 -4.58
CA PRO A 45 11.53 -8.27 -3.19
C PRO A 45 10.17 -7.87 -2.62
N VAL A 46 9.76 -8.49 -1.51
CA VAL A 46 8.51 -8.21 -0.82
C VAL A 46 8.68 -6.86 -0.09
N LEU A 47 7.60 -6.07 -0.03
CA LEU A 47 7.60 -4.75 0.60
C LEU A 47 7.95 -4.86 2.09
N ASP A 48 8.41 -3.74 2.62
CA ASP A 48 8.85 -3.51 3.98
C ASP A 48 7.71 -3.60 5.01
N LYS A 49 6.50 -3.22 4.60
CA LYS A 49 5.25 -3.21 5.37
C LYS A 49 4.12 -3.38 4.34
N THR A 50 2.88 -3.57 4.80
CA THR A 50 1.74 -3.78 3.90
C THR A 50 0.88 -2.52 3.79
N LYS A 51 0.64 -1.83 4.91
CA LYS A 51 -0.20 -0.65 5.00
C LYS A 51 0.62 0.64 4.95
N PHE A 52 0.31 1.53 4.00
CA PHE A 52 0.99 2.81 3.85
C PHE A 52 -0.04 3.93 4.04
N LEU A 53 0.41 5.05 4.61
CA LEU A 53 -0.35 6.27 4.87
C LEU A 53 0.20 7.26 3.84
N VAL A 54 -0.52 7.47 2.75
CA VAL A 54 -0.04 8.36 1.67
C VAL A 54 -0.82 9.68 1.70
N PRO A 55 -0.16 10.86 1.63
CA PRO A 55 -0.85 12.13 1.68
C PRO A 55 -1.60 12.42 0.38
N ASP A 56 -2.81 12.93 0.50
CA ASP A 56 -3.71 13.26 -0.60
C ASP A 56 -3.20 14.35 -1.54
N HIS A 57 -2.25 15.19 -1.10
CA HIS A 57 -1.72 16.23 -1.95
C HIS A 57 -0.65 15.69 -2.91
N VAL A 58 -0.16 14.47 -2.69
CA VAL A 58 0.89 13.88 -3.51
C VAL A 58 0.36 12.92 -4.58
N ASN A 59 1.04 12.97 -5.70
CA ASN A 59 0.84 12.21 -6.93
C ASN A 59 1.49 10.83 -6.84
N MET A 60 1.05 9.98 -7.77
CA MET A 60 1.55 8.63 -7.84
C MET A 60 3.02 8.54 -8.14
N SER A 61 3.59 9.40 -8.99
CA SER A 61 5.03 9.33 -9.27
C SER A 61 5.83 9.35 -7.97
N GLU A 62 5.43 10.23 -7.05
CA GLU A 62 6.08 10.38 -5.77
C GLU A 62 5.85 9.14 -4.93
N LEU A 63 4.60 8.61 -4.85
CA LEU A 63 4.38 7.38 -4.08
C LEU A 63 5.34 6.28 -4.58
N ILE A 64 5.42 6.10 -5.92
CA ILE A 64 6.30 5.12 -6.56
C ILE A 64 7.74 5.39 -6.05
N LYS A 65 8.19 6.64 -6.06
CA LYS A 65 9.52 7.05 -5.62
C LYS A 65 9.78 6.67 -4.15
N ILE A 66 8.85 6.85 -3.21
CA ILE A 66 9.14 6.46 -1.82
C ILE A 66 9.35 4.96 -1.78
N ILE A 67 8.53 4.19 -2.51
CA ILE A 67 8.73 2.75 -2.52
C ILE A 67 10.10 2.46 -3.16
N ARG A 68 10.49 3.09 -4.28
CA ARG A 68 11.79 2.84 -4.90
C ARG A 68 12.90 3.11 -3.89
N ARG A 69 12.76 4.18 -3.09
CA ARG A 69 13.75 4.56 -2.08
C ARG A 69 13.92 3.49 -1.01
N ARG A 70 12.86 3.11 -0.29
CA ARG A 70 13.03 2.09 0.76
C ARG A 70 13.35 0.71 0.20
N LEU A 71 12.60 0.25 -0.80
CA LEU A 71 12.79 -1.06 -1.40
C LEU A 71 14.15 -1.21 -2.11
N GLN A 72 14.88 -0.09 -2.30
CA GLN A 72 16.18 -0.02 -2.97
C GLN A 72 16.10 -0.74 -4.32
N LEU A 73 15.10 -0.34 -5.11
CA LEU A 73 14.86 -0.88 -6.44
C LEU A 73 16.13 -0.65 -7.27
N ASN A 74 16.50 -1.61 -8.11
CA ASN A 74 17.68 -1.54 -8.98
C ASN A 74 17.60 -0.27 -9.84
N ALA A 75 18.75 0.17 -10.34
CA ALA A 75 18.87 1.38 -11.16
C ALA A 75 18.75 1.05 -12.65
N ASN A 76 18.84 -0.24 -12.96
CA ASN A 76 18.76 -0.87 -14.26
C ASN A 76 17.41 -1.57 -14.43
N GLN A 77 16.57 -1.68 -13.39
CA GLN A 77 15.27 -2.34 -13.50
C GLN A 77 14.14 -1.42 -13.03
N ALA A 78 12.94 -1.57 -13.61
CA ALA A 78 11.75 -0.77 -13.29
C ALA A 78 10.61 -1.66 -12.79
N PHE A 79 9.48 -1.07 -12.39
CA PHE A 79 8.35 -1.84 -11.89
C PHE A 79 7.03 -1.12 -12.14
N PHE A 80 5.89 -1.80 -11.94
CA PHE A 80 4.54 -1.27 -12.11
C PHE A 80 3.78 -1.48 -10.81
N LEU A 81 2.91 -0.53 -10.46
CA LEU A 81 2.07 -0.54 -9.27
C LEU A 81 0.65 -0.49 -9.83
N LEU A 82 0.00 -1.63 -9.78
CA LEU A 82 -1.31 -1.94 -10.29
C LEU A 82 -2.35 -1.82 -9.17
N VAL A 83 -3.56 -1.37 -9.50
CA VAL A 83 -4.65 -1.21 -8.53
C VAL A 83 -5.53 -2.44 -8.70
N ASN A 84 -5.83 -3.17 -7.61
CA ASN A 84 -6.64 -4.40 -7.67
C ASN A 84 -6.08 -5.44 -8.67
N GLY A 85 -4.83 -5.27 -9.14
CA GLY A 85 -4.17 -6.14 -10.10
C GLY A 85 -4.22 -5.59 -11.53
N HIS A 86 -4.49 -4.28 -11.72
CA HIS A 86 -4.58 -3.64 -13.03
C HIS A 86 -3.97 -2.23 -13.04
N SER A 87 -3.01 -1.96 -13.93
CA SER A 87 -2.37 -0.66 -14.10
C SER A 87 -3.46 0.22 -14.74
N MET A 88 -4.10 1.06 -13.93
CA MET A 88 -5.18 1.94 -14.37
C MET A 88 -5.04 3.37 -13.86
N VAL A 89 -3.92 3.68 -13.22
CA VAL A 89 -3.61 5.00 -12.67
C VAL A 89 -2.21 5.35 -13.15
N SER A 90 -2.09 6.46 -13.88
CA SER A 90 -0.81 6.93 -14.38
C SER A 90 -0.14 7.75 -13.28
N VAL A 91 1.18 7.89 -13.35
CA VAL A 91 1.97 8.61 -12.34
C VAL A 91 1.58 10.08 -12.11
N SER A 92 0.86 10.74 -13.03
CA SER A 92 0.46 12.14 -12.92
C SER A 92 -0.94 12.33 -12.30
N THR A 93 -1.63 11.27 -11.89
CA THR A 93 -2.97 11.35 -11.31
C THR A 93 -2.89 11.46 -9.78
N PRO A 94 -3.77 12.24 -9.11
CA PRO A 94 -3.76 12.35 -7.67
C PRO A 94 -4.39 11.13 -7.00
N ILE A 95 -3.67 10.62 -5.98
CA ILE A 95 -4.09 9.45 -5.25
C ILE A 95 -5.42 9.67 -4.50
N SER A 96 -5.83 10.91 -4.27
CA SER A 96 -7.07 11.25 -3.61
C SER A 96 -8.25 10.74 -4.43
N GLU A 97 -8.31 11.14 -5.70
CA GLU A 97 -9.39 10.71 -6.57
C GLU A 97 -9.23 9.22 -6.86
N VAL A 98 -8.01 8.74 -7.08
CA VAL A 98 -7.81 7.32 -7.38
C VAL A 98 -8.36 6.47 -6.22
N TYR A 99 -8.15 6.91 -4.98
CA TYR A 99 -8.63 6.23 -3.79
C TYR A 99 -10.15 6.19 -3.81
N GLU A 100 -10.81 7.34 -3.90
CA GLU A 100 -12.27 7.34 -3.90
C GLU A 100 -12.91 6.68 -5.14
N SER A 101 -12.15 6.40 -6.21
CA SER A 101 -12.67 5.77 -7.40
C SER A 101 -12.48 4.24 -7.35
N GLU A 102 -11.37 3.73 -6.81
CA GLU A 102 -11.08 2.28 -6.74
C GLU A 102 -11.23 1.67 -5.34
N LYS A 103 -11.61 2.46 -4.33
CA LYS A 103 -11.81 2.04 -2.94
C LYS A 103 -12.57 0.72 -2.84
N ASP A 104 -12.09 -0.20 -2.01
CA ASP A 104 -12.76 -1.48 -1.82
C ASP A 104 -13.99 -1.20 -0.94
N GLU A 105 -14.92 -2.16 -0.81
CA GLU A 105 -16.12 -1.97 0.02
C GLU A 105 -15.76 -1.73 1.50
N ASP A 106 -14.54 -2.10 1.91
CA ASP A 106 -14.01 -1.94 3.26
C ASP A 106 -13.61 -0.48 3.47
N GLY A 107 -13.41 0.28 2.38
CA GLY A 107 -12.99 1.68 2.38
C GLY A 107 -11.47 1.81 2.31
N PHE A 108 -10.75 0.69 2.21
CA PHE A 108 -9.30 0.57 2.10
C PHE A 108 -8.90 0.57 0.61
N LEU A 109 -7.64 0.86 0.27
CA LEU A 109 -7.20 0.82 -1.13
C LEU A 109 -6.31 -0.41 -1.39
N TYR A 110 -6.77 -1.45 -2.09
CA TYR A 110 -5.93 -2.61 -2.37
C TYR A 110 -5.08 -2.39 -3.62
N MET A 111 -3.74 -2.52 -3.52
CA MET A 111 -2.82 -2.35 -4.64
C MET A 111 -1.78 -3.47 -4.62
N VAL A 112 -1.28 -3.83 -5.81
CA VAL A 112 -0.31 -4.90 -5.98
C VAL A 112 0.78 -4.44 -6.95
N TYR A 113 2.03 -4.87 -6.78
CA TYR A 113 3.13 -4.46 -7.67
C TYR A 113 3.91 -5.64 -8.23
N ALA A 114 4.49 -5.47 -9.43
CA ALA A 114 5.30 -6.47 -10.13
C ALA A 114 6.13 -5.83 -11.25
N SER A 115 6.95 -6.63 -11.93
CA SER A 115 7.79 -6.26 -13.04
C SER A 115 7.11 -6.81 -14.31
N GLN A 116 6.06 -6.14 -14.77
CA GLN A 116 5.25 -6.44 -15.95
C GLN A 116 4.38 -5.20 -16.14
N GLU A 117 4.23 -4.69 -17.37
CA GLU A 117 3.40 -3.52 -17.60
C GLU A 117 1.92 -3.90 -17.51
N THR A 118 1.58 -5.13 -17.92
CA THR A 118 0.24 -5.68 -17.90
C THR A 118 0.39 -7.20 -17.63
N PHE A 119 -0.59 -7.84 -16.99
CA PHE A 119 -0.52 -9.27 -16.72
C PHE A 119 -1.08 -9.99 -17.92
N ASN B 1 -4.64 -15.62 23.91
CA ASN B 1 -3.74 -16.28 24.86
C ASN B 1 -2.46 -15.47 24.93
N SEP B 2 -1.32 -16.01 24.50
CA SEP B 2 0.00 -15.38 24.51
CB SEP B 2 1.01 -16.52 24.33
OG SEP B 2 0.72 -17.62 25.20
C SEP B 2 0.19 -14.26 23.47
O SEP B 2 1.22 -14.25 22.79
P SEP B 2 0.87 -17.51 26.78
O1P SEP B 2 2.01 -16.59 26.97
O2P SEP B 2 -0.43 -16.97 27.23
O3P SEP B 2 1.13 -18.92 27.17
H SEP B 2 -1.30 -16.98 24.21
HA SEP B 2 0.14 -14.93 25.49
HB2 SEP B 2 0.96 -16.88 23.30
HB3 SEP B 2 2.02 -16.15 24.50
N SEP B 3 -0.90 -13.62 23.04
CA SEP B 3 -0.86 -12.55 22.05
CB SEP B 3 -2.29 -12.19 21.63
OG SEP B 3 -3.27 -12.58 22.59
C SEP B 3 -0.06 -11.36 22.59
O SEP B 3 0.12 -11.22 23.80
P SEP B 3 -4.83 -12.57 22.23
O1P SEP B 3 -5.46 -12.93 23.52
O2P SEP B 3 -5.11 -11.22 21.73
O3P SEP B 3 -4.92 -13.64 21.21
H SEP B 3 -1.73 -13.64 23.61
HA SEP B 3 -0.35 -12.92 21.17
HB2 SEP B 3 -2.37 -11.11 21.45
HB3 SEP B 3 -2.50 -12.70 20.70
N GLY B 4 0.57 -10.63 21.68
CA GLY B 4 1.36 -9.45 21.99
C GLY B 4 0.52 -8.21 21.75
N SEP B 5 1.18 -7.06 21.70
CA SEP B 5 0.54 -5.77 21.50
CB SEP B 5 0.62 -4.99 22.81
OG SEP B 5 -0.58 -4.29 23.05
C SEP B 5 1.25 -5.11 20.32
O SEP B 5 2.47 -4.92 20.35
P SEP B 5 -0.82 -3.61 24.47
O1P SEP B 5 -2.20 -3.11 24.33
O2P SEP B 5 -0.64 -4.71 25.43
O3P SEP B 5 0.22 -2.55 24.51
H SEP B 5 2.19 -7.04 21.81
HA SEP B 5 -0.51 -5.92 21.25
HB2 SEP B 5 0.79 -5.68 23.63
HB3 SEP B 5 1.46 -4.30 22.79
N SEP B 6 0.52 -4.88 19.23
CA SEP B 6 1.05 -4.28 18.02
CB SEP B 6 -0.02 -4.33 16.94
OG SEP B 6 -0.20 -5.65 16.42
C SEP B 6 1.56 -2.85 18.29
O SEP B 6 1.24 -2.23 19.31
P SEP B 6 -0.92 -6.86 17.20
O1P SEP B 6 -1.43 -7.69 16.09
O2P SEP B 6 0.21 -7.47 17.94
O3P SEP B 6 -1.95 -6.19 18.03
H SEP B 6 -0.47 -5.05 19.26
HA SEP B 6 1.90 -4.87 17.69
HB2 SEP B 6 -0.97 -3.93 17.32
HB3 SEP B 6 0.30 -3.69 16.11
N GLU B 7 2.36 -2.34 17.36
CA GLU B 7 2.97 -1.03 17.41
C GLU B 7 2.73 -0.33 16.08
N ASP B 8 3.72 -0.34 15.19
CA ASP B 8 3.65 0.27 13.88
C ASP B 8 2.84 -0.63 12.97
N SEP B 9 1.62 -0.23 12.62
CA SEP B 9 0.75 -1.00 11.74
CB SEP B 9 -0.67 -1.06 12.30
OG SEP B 9 -0.87 -2.13 13.23
C SEP B 9 0.73 -0.36 10.36
O SEP B 9 0.51 -1.08 9.39
P SEP B 9 -1.31 -3.59 12.77
O1P SEP B 9 -2.51 -3.39 11.94
O2P SEP B 9 -0.16 -4.08 11.99
O3P SEP B 9 -1.56 -4.33 14.02
H SEP B 9 1.27 0.64 13.02
HA SEP B 9 1.13 -2.01 11.61
HB2 SEP B 9 -0.91 -0.10 12.77
HB3 SEP B 9 -1.37 -1.19 11.47
N PHE B 10 1.21 0.88 10.21
CA PHE B 10 1.25 1.64 8.97
C PHE B 10 2.60 2.32 8.78
N VAL B 11 2.88 2.73 7.54
CA VAL B 11 4.10 3.45 7.19
C VAL B 11 3.75 4.68 6.36
N GLU B 12 3.90 5.86 6.94
CA GLU B 12 3.61 7.08 6.20
C GLU B 12 4.67 7.35 5.14
N ILE B 13 4.26 8.09 4.13
CA ILE B 13 5.14 8.50 3.05
C ILE B 13 5.99 9.64 3.64
N ARG B 14 7.14 9.88 3.02
CA ARG B 14 8.11 10.90 3.37
C ARG B 14 8.32 11.75 2.13
N MET B 15 8.98 12.91 2.22
CA MET B 15 9.20 13.75 1.04
C MET B 15 10.67 14.09 0.87
N ALA B 16 11.00 14.64 -0.30
CA ALA B 16 12.33 15.08 -0.64
C ALA B 16 12.45 16.41 0.08
N GLU B 17 13.15 16.42 1.22
CA GLU B 17 13.35 17.59 2.04
C GLU B 17 14.68 18.18 1.62
#